data_5UQY
#
_entry.id   5UQY
#
_cell.length_a   204.653
_cell.length_b   204.653
_cell.length_c   192.963
_cell.angle_alpha   90.00
_cell.angle_beta   90.00
_cell.angle_gamma   120.00
#
_symmetry.space_group_name_H-M   'P 63'
#
loop_
_entity.id
_entity.type
_entity.pdbx_description
1 polymer 'ENVELOPE GLYCOPROTEIN GP1'
2 polymer 'ENVELOPE GLYCOPROTEIN GP2'
3 polymer 'MR78 Fab light chain'
4 polymer 'MR78 Fab heavy chain'
5 branched 2-acetamido-2-deoxy-beta-D-glucopyranose-(1-4)-2-acetamido-2-deoxy-beta-D-glucopyranose
6 branched alpha-D-mannopyranose-(1-2)-alpha-D-mannopyranose-(1-3)-[alpha-D-mannopyranose-(1-6)]beta-D-mannopyranose-(1-4)-2-acetamido-2-deoxy-beta-D-glucopyranose-(1-4)-2-acetamido-2-deoxy-beta-D-glucopyranose
7 branched alpha-D-mannopyranose-(1-3)-beta-D-mannopyranose-(1-4)-2-acetamido-2-deoxy-beta-D-glucopyranose-(1-4)-2-acetamido-2-deoxy-beta-D-glucopyranose
8 branched alpha-D-mannopyranose-(1-2)-alpha-D-mannopyranose-(1-3)-beta-D-mannopyranose-(1-4)-2-acetamido-2-deoxy-beta-D-glucopyranose-(1-4)-2-acetamido-2-deoxy-beta-D-glucopyranose
9 non-polymer 2-acetamido-2-deoxy-beta-D-glucopyranose
10 non-polymer alpha-D-mannopyranose
#
loop_
_entity_poly.entity_id
_entity_poly.type
_entity_poly.pdbx_seq_one_letter_code
_entity_poly.pdbx_strand_id
1 'polypeptide(L)'
;KTLPVLEIASNSQPQDVDSVCSGTLQKTEDVHLMGFTLSGQKVADSPLEASKRWAFRTGVPPKNVEYTEGEEAKTCYNIS
VTDPSGKSLLLDPPSNIRDYPKCKTVHHIQGQNPHAQGIALHLWGAFFLYDRVASTTMYRGKVFTEGNIAAMIVNKTVHR
MIFSRQGQGYRHMNLTSTNKYWTSSNETQRNDTGCFGILQEYNSTNNQTCPPSLKPPSLPTVTPSIHSTNTQINTAKSGT
RPPIYFRKKR
;
A,E,I,M
2 'polypeptide(L)'
;SILAKEGDIGPNLDGLINTEIDFDPIPNTETIFDESPSFNTSTNEEQHTPPNISLTFSYFPDKNGDTAYSGENENDCDAE
LRIWSVQEDDLAAGLSWIPFFGPGIEGLYTAGLIKNQNNLVCRLRRLANQTAKSLELLLRVTTEERTFSLINRHAIDFLL
TRWGGTCKVLGPDCCIGIEDLSKNISEQIDKIRKDEQKEETGDDDDKAGWSHPQFEKGGGSGGGSGGGSWSHPQFEK
;
B,F,J,N
3 'polypeptide(L)'
;DIQMTQSPSSLSASVGDRVTITCQASQVISNYLNWYQQKPGKAPKLLIYDTSNLKTGVPSRFSGSGSGTDFTFTISSLQP
EDIATYYCQQYENLQFTFGPGTKVDIKRTVAAPSVFIFPPSDEQLKSGTASVVCLLNNFYPREAKVQWKVDNALQSGNSQ
ESVTEQDSKDSTYSLSSTLTLSKADYEKHKVYACEVTHQGLRSPVTKSFNR
;
C,G,K,O
4 'polypeptide(L)'
;QLQLQESGPGLVKPSETLSLTCTVSGGSISSSSYYWGWIRQPPGKGLEWIGSVYYSGGASYNPSLKSRATISVDTSKNQF
SLNLDSVSAADTAIYYCASIYGSGTFYYYFYMDVWGKGSTVTVSSASTKGPSVFPLAPSSKSTSGGTAALGCLVKDYFPE
PVTVSWNSGALTSGVHTFPAVLQSSGLYSLSSVVTVPSSSLGTQTYICNVNHKPSNTKVDKKVEPK
;
D,H,L,P
#
# COMPACT_ATOMS: atom_id res chain seq x y z
N VAL A 20 -5.41 -51.80 -87.13
CA VAL A 20 -5.99 -52.45 -85.96
C VAL A 20 -5.06 -53.52 -85.43
N CYS A 21 -4.55 -54.37 -86.31
CA CYS A 21 -3.61 -55.42 -85.92
C CYS A 21 -2.26 -54.87 -85.47
N SER A 22 -2.05 -53.56 -85.52
CA SER A 22 -0.80 -52.98 -85.09
C SER A 22 -0.63 -53.12 -83.58
N GLY A 23 0.53 -53.59 -83.15
CA GLY A 23 0.80 -53.76 -81.74
C GLY A 23 0.33 -55.09 -81.20
N THR A 24 1.05 -55.65 -80.23
CA THR A 24 0.71 -56.93 -79.63
C THR A 24 0.91 -56.86 -78.14
N LEU A 25 0.03 -57.52 -77.39
CA LEU A 25 0.08 -57.56 -75.94
C LEU A 25 0.38 -58.99 -75.51
N GLN A 26 1.48 -59.18 -74.79
CA GLN A 26 1.94 -60.51 -74.40
C GLN A 26 1.31 -60.98 -73.09
N LYS A 27 1.58 -60.26 -72.00
CA LYS A 27 1.04 -60.59 -70.69
C LYS A 27 0.21 -59.43 -70.16
N THR A 28 -0.71 -59.75 -69.25
CA THR A 28 -1.56 -58.71 -68.66
C THR A 28 -0.78 -57.77 -67.75
N GLU A 29 0.45 -58.12 -67.37
CA GLU A 29 1.27 -57.22 -66.60
C GLU A 29 1.82 -56.08 -67.45
N ASP A 30 1.87 -56.25 -68.78
CA ASP A 30 2.49 -55.26 -69.65
C ASP A 30 1.61 -54.04 -69.89
N VAL A 31 0.30 -54.15 -69.70
CA VAL A 31 -0.58 -53.01 -69.84
C VAL A 31 -0.50 -52.16 -68.57
N HIS A 32 -0.12 -50.90 -68.73
CA HIS A 32 0.13 -50.01 -67.61
C HIS A 32 -0.73 -48.76 -67.72
N LEU A 33 -1.08 -48.21 -66.55
CA LEU A 33 -1.85 -46.99 -66.46
C LEU A 33 -0.98 -45.93 -65.81
N MET A 34 -0.62 -44.89 -66.57
CA MET A 34 0.28 -43.85 -66.11
C MET A 34 -0.52 -42.60 -65.75
N GLY A 35 -0.33 -42.12 -64.52
CA GLY A 35 -0.98 -40.90 -64.09
C GLY A 35 -0.12 -39.67 -64.30
N PHE A 36 -0.62 -38.73 -65.11
CA PHE A 36 0.11 -37.50 -65.41
C PHE A 36 -0.49 -36.35 -64.62
N THR A 37 0.36 -35.63 -63.90
CA THR A 37 -0.10 -34.53 -63.07
C THR A 37 -0.57 -33.36 -63.93
N LEU A 38 -1.53 -32.59 -63.41
CA LEU A 38 -1.90 -31.34 -64.05
C LEU A 38 -0.79 -30.31 -64.01
N SER A 39 0.23 -30.51 -63.17
CA SER A 39 1.39 -29.63 -63.18
C SER A 39 2.11 -29.67 -64.52
N GLY A 40 2.20 -30.86 -65.12
CA GLY A 40 2.78 -30.98 -66.45
C GLY A 40 1.95 -30.34 -67.53
N GLN A 41 0.65 -30.18 -67.31
CA GLN A 41 -0.22 -29.47 -68.23
C GLN A 41 -0.11 -27.95 -68.08
N LYS A 42 0.83 -27.47 -67.28
CA LYS A 42 1.09 -26.04 -67.11
C LYS A 42 -0.15 -25.30 -66.61
N VAL A 43 -0.79 -25.86 -65.60
CA VAL A 43 -1.88 -25.21 -64.90
C VAL A 43 -1.34 -24.64 -63.60
N ALA A 44 -2.13 -23.78 -62.95
CA ALA A 44 -1.69 -23.07 -61.76
C ALA A 44 -1.45 -24.05 -60.61
N ASP A 45 -0.23 -24.08 -60.10
CA ASP A 45 0.14 -24.93 -58.98
C ASP A 45 -0.15 -24.30 -57.62
N SER A 46 -0.45 -23.00 -57.58
CA SER A 46 -0.65 -22.32 -56.32
C SER A 46 -1.88 -22.89 -55.60
N PRO A 47 -1.80 -23.06 -54.28
CA PRO A 47 -2.95 -23.65 -53.56
C PRO A 47 -4.19 -22.78 -53.58
N LEU A 48 -4.05 -21.46 -53.75
CA LEU A 48 -5.22 -20.60 -53.84
C LEU A 48 -6.00 -20.87 -55.13
N GLU A 49 -5.30 -20.90 -56.26
CA GLU A 49 -5.97 -21.21 -57.53
C GLU A 49 -6.34 -22.68 -57.61
N ALA A 50 -5.58 -23.55 -56.95
CA ALA A 50 -5.93 -24.97 -56.96
C ALA A 50 -7.17 -25.26 -56.11
N SER A 51 -7.37 -24.50 -55.03
CA SER A 51 -8.57 -24.67 -54.22
C SER A 51 -9.82 -24.23 -54.96
N LYS A 52 -9.68 -23.45 -56.03
CA LYS A 52 -10.83 -23.05 -56.84
C LYS A 52 -11.30 -24.15 -57.78
N ARG A 53 -10.54 -25.25 -57.90
CA ARG A 53 -10.88 -26.33 -58.79
C ARG A 53 -11.69 -27.44 -58.12
N TRP A 54 -11.94 -27.34 -56.82
CA TRP A 54 -12.67 -28.36 -56.08
C TRP A 54 -13.91 -27.76 -55.44
N ALA A 55 -14.89 -28.63 -55.17
CA ALA A 55 -16.14 -28.20 -54.56
C ALA A 55 -16.81 -29.41 -53.91
N PHE A 56 -17.68 -29.12 -52.95
CA PHE A 56 -18.38 -30.13 -52.18
C PHE A 56 -19.77 -30.34 -52.72
N ARG A 57 -20.16 -31.61 -52.89
CA ARG A 57 -21.50 -31.92 -53.39
C ARG A 57 -22.00 -33.22 -52.77
N THR A 58 -23.28 -33.22 -52.38
CA THR A 58 -23.95 -34.39 -51.83
C THR A 58 -24.64 -35.19 -52.94
N GLY A 59 -24.82 -36.48 -52.67
CA GLY A 59 -25.53 -37.37 -53.59
C GLY A 59 -24.71 -37.98 -54.69
N VAL A 60 -23.38 -38.04 -54.53
CA VAL A 60 -22.50 -38.64 -55.53
C VAL A 60 -21.59 -39.64 -54.82
N PRO A 61 -21.57 -40.90 -55.23
CA PRO A 61 -20.72 -41.89 -54.57
C PRO A 61 -19.27 -41.73 -54.99
N PRO A 62 -18.33 -41.99 -54.10
CA PRO A 62 -16.91 -41.89 -54.46
C PRO A 62 -16.41 -43.17 -55.10
N LYS A 63 -15.65 -43.01 -56.19
CA LYS A 63 -15.14 -44.14 -56.96
C LYS A 63 -13.62 -44.05 -57.02
N ASN A 64 -12.97 -45.20 -57.13
CA ASN A 64 -11.52 -45.30 -57.14
C ASN A 64 -11.05 -46.23 -58.25
N VAL A 65 -9.91 -45.87 -58.85
CA VAL A 65 -9.28 -46.67 -59.89
C VAL A 65 -7.79 -46.75 -59.57
N GLU A 66 -7.24 -47.96 -59.58
CA GLU A 66 -5.82 -48.16 -59.33
C GLU A 66 -5.05 -48.06 -60.64
N TYR A 67 -3.86 -47.44 -60.57
CA TYR A 67 -2.96 -47.35 -61.71
C TYR A 67 -1.59 -47.84 -61.30
N THR A 68 -0.72 -47.99 -62.29
CA THR A 68 0.59 -48.62 -62.10
C THR A 68 1.71 -47.60 -61.92
N GLU A 69 1.82 -46.62 -62.81
CA GLU A 69 2.88 -45.63 -62.75
C GLU A 69 2.30 -44.23 -62.68
N GLY A 70 3.15 -43.28 -62.25
CA GLY A 70 2.73 -41.90 -62.11
C GLY A 70 3.90 -40.97 -62.26
N GLU A 71 3.57 -39.69 -62.45
CA GLU A 71 4.58 -38.65 -62.65
C GLU A 71 5.02 -38.07 -61.32
N GLU A 72 6.23 -37.54 -61.28
CA GLU A 72 6.72 -36.83 -60.11
C GLU A 72 6.06 -35.46 -60.04
N ALA A 73 5.32 -35.21 -58.96
CA ALA A 73 4.49 -34.02 -58.86
C ALA A 73 5.31 -32.80 -58.46
N LYS A 74 4.93 -31.64 -59.00
CA LYS A 74 5.61 -30.40 -58.66
C LYS A 74 5.08 -29.81 -57.36
N THR A 75 3.77 -29.87 -57.14
CA THR A 75 3.17 -29.37 -55.91
C THR A 75 2.14 -30.37 -55.42
N CYS A 76 2.18 -30.68 -54.12
CA CYS A 76 1.24 -31.58 -53.49
C CYS A 76 0.55 -30.86 -52.34
N TYR A 77 -0.61 -31.38 -51.94
CA TYR A 77 -1.47 -30.70 -50.97
C TYR A 77 -1.92 -31.67 -49.89
N ASN A 78 -1.84 -31.22 -48.64
CA ASN A 78 -2.32 -31.93 -47.46
C ASN A 78 -3.33 -31.00 -46.79
N ILE A 79 -4.59 -31.10 -47.18
CA ILE A 79 -5.62 -30.16 -46.77
C ILE A 79 -6.48 -30.78 -45.67
N SER A 80 -7.02 -29.92 -44.81
CA SER A 80 -7.90 -30.33 -43.71
C SER A 80 -8.98 -29.26 -43.58
N VAL A 81 -10.08 -29.44 -44.32
CA VAL A 81 -11.21 -28.53 -44.26
C VAL A 81 -12.14 -28.99 -43.14
N THR A 82 -12.45 -28.08 -42.21
CA THR A 82 -13.18 -28.42 -41.02
C THR A 82 -14.41 -27.55 -40.85
N ASP A 83 -15.38 -28.08 -40.12
CA ASP A 83 -16.53 -27.32 -39.67
C ASP A 83 -16.09 -26.25 -38.68
N PRO A 84 -16.86 -25.17 -38.53
CA PRO A 84 -16.56 -24.23 -37.44
C PRO A 84 -16.59 -24.90 -36.07
N SER A 85 -17.32 -26.00 -35.92
CA SER A 85 -17.27 -26.77 -34.68
C SER A 85 -15.95 -27.53 -34.56
N GLY A 86 -15.36 -27.93 -35.70
CA GLY A 86 -14.14 -28.68 -35.69
C GLY A 86 -14.24 -29.96 -36.51
N LYS A 87 -15.46 -30.28 -36.94
CA LYS A 87 -15.70 -31.50 -37.71
C LYS A 87 -15.06 -31.40 -39.09
N SER A 88 -14.18 -32.34 -39.41
CA SER A 88 -13.56 -32.36 -40.72
C SER A 88 -14.54 -32.90 -41.76
N LEU A 89 -14.71 -32.16 -42.86
CA LEU A 89 -15.69 -32.50 -43.87
C LEU A 89 -15.16 -33.46 -44.93
N LEU A 90 -13.86 -33.72 -44.95
CA LEU A 90 -13.28 -34.65 -45.91
C LEU A 90 -13.57 -36.09 -45.50
N LEU A 91 -13.64 -36.98 -46.49
CA LEU A 91 -13.99 -38.37 -46.23
C LEU A 91 -12.85 -39.10 -45.52
N ASP A 92 -13.22 -40.15 -44.82
CA ASP A 92 -12.24 -41.01 -44.18
C ASP A 92 -11.54 -41.84 -45.23
N PRO A 93 -10.20 -41.80 -45.30
CA PRO A 93 -9.49 -42.55 -46.34
C PRO A 93 -9.52 -44.03 -46.06
N PRO A 94 -9.91 -44.85 -47.05
CA PRO A 94 -9.79 -46.30 -46.89
C PRO A 94 -8.34 -46.71 -46.77
N SER A 95 -8.14 -47.98 -46.37
CA SER A 95 -6.81 -48.47 -46.05
C SER A 95 -5.87 -48.41 -47.26
N ASN A 96 -6.39 -48.68 -48.46
CA ASN A 96 -5.55 -48.71 -49.66
C ASN A 96 -5.04 -47.34 -50.06
N ILE A 97 -5.63 -46.26 -49.54
CA ILE A 97 -5.23 -44.91 -49.93
C ILE A 97 -4.01 -44.50 -49.11
N ARG A 98 -2.96 -44.06 -49.80
CA ARG A 98 -1.74 -43.60 -49.15
C ARG A 98 -1.24 -42.35 -49.86
N ASP A 99 -0.33 -41.65 -49.18
CA ASP A 99 0.20 -40.40 -49.70
C ASP A 99 0.86 -40.60 -51.07
N TYR A 100 0.83 -39.55 -51.89
CA TYR A 100 1.46 -39.60 -53.18
C TYR A 100 2.97 -39.78 -53.01
N PRO A 101 3.62 -40.60 -53.82
CA PRO A 101 5.02 -40.96 -53.54
C PRO A 101 5.99 -39.80 -53.63
N LYS A 102 6.03 -39.10 -54.76
CA LYS A 102 7.06 -38.11 -55.03
C LYS A 102 6.43 -36.73 -55.20
N CYS A 103 6.81 -35.80 -54.33
CA CYS A 103 6.34 -34.42 -54.39
C CYS A 103 7.52 -33.48 -54.20
N LYS A 104 7.56 -32.42 -55.01
CA LYS A 104 8.61 -31.41 -54.85
C LYS A 104 8.33 -30.51 -53.65
N THR A 105 7.09 -30.05 -53.51
CA THR A 105 6.66 -29.23 -52.38
C THR A 105 5.26 -29.66 -51.95
N VAL A 106 5.05 -29.74 -50.64
CA VAL A 106 3.78 -30.17 -50.07
C VAL A 106 3.18 -29.00 -49.31
N HIS A 107 2.06 -28.49 -49.79
CA HIS A 107 1.36 -27.39 -49.14
C HIS A 107 0.48 -27.92 -48.02
N HIS A 108 0.73 -27.46 -46.79
CA HIS A 108 -0.08 -27.83 -45.63
C HIS A 108 -1.13 -26.75 -45.42
N ILE A 109 -2.39 -27.10 -45.66
CA ILE A 109 -3.49 -26.16 -45.66
C ILE A 109 -4.54 -26.61 -44.65
N GLN A 110 -5.09 -25.65 -43.91
CA GLN A 110 -6.19 -25.90 -42.98
C GLN A 110 -7.30 -24.90 -43.29
N GLY A 111 -8.43 -25.39 -43.78
CA GLY A 111 -9.52 -24.56 -44.21
C GLY A 111 -10.76 -24.69 -43.34
N GLN A 112 -11.78 -23.91 -43.70
CA GLN A 112 -13.06 -23.92 -43.01
C GLN A 112 -14.19 -23.75 -44.02
N ASN A 113 -15.29 -24.44 -43.78
CA ASN A 113 -16.48 -24.31 -44.63
C ASN A 113 -17.71 -24.71 -43.84
N PRO A 114 -18.53 -23.74 -43.41
CA PRO A 114 -19.71 -24.07 -42.60
C PRO A 114 -20.87 -24.61 -43.44
N HIS A 115 -21.06 -24.06 -44.64
CA HIS A 115 -22.15 -24.47 -45.50
C HIS A 115 -21.90 -25.80 -46.19
N ALA A 116 -20.68 -26.34 -46.09
CA ALA A 116 -20.29 -27.50 -46.89
C ALA A 116 -21.21 -28.69 -46.65
N GLN A 117 -21.57 -29.36 -47.74
CA GLN A 117 -22.39 -30.57 -47.70
C GLN A 117 -21.76 -31.61 -48.62
N GLY A 118 -22.03 -32.88 -48.32
CA GLY A 118 -21.56 -33.94 -49.20
C GLY A 118 -20.06 -34.16 -49.10
N ILE A 119 -19.43 -34.35 -50.25
CA ILE A 119 -18.01 -34.70 -50.33
C ILE A 119 -17.33 -33.89 -51.42
N ALA A 120 -16.02 -33.75 -51.31
CA ALA A 120 -15.24 -32.91 -52.21
C ALA A 120 -15.01 -33.63 -53.53
N LEU A 121 -15.34 -32.96 -54.63
CA LEU A 121 -15.13 -33.50 -55.97
C LEU A 121 -14.29 -32.52 -56.78
N HIS A 122 -13.86 -32.96 -57.96
CA HIS A 122 -13.07 -32.13 -58.86
C HIS A 122 -13.99 -31.51 -59.91
N LEU A 123 -13.89 -30.19 -60.08
CA LEU A 123 -14.75 -29.48 -61.03
C LEU A 123 -14.34 -29.72 -62.48
N TRP A 124 -13.05 -30.00 -62.73
CA TRP A 124 -12.58 -30.23 -64.08
C TRP A 124 -12.85 -31.65 -64.57
N GLY A 125 -13.18 -32.57 -63.66
CA GLY A 125 -13.26 -33.97 -64.00
C GLY A 125 -11.97 -34.73 -63.78
N ALA A 126 -10.91 -34.07 -63.34
CA ALA A 126 -9.65 -34.74 -63.06
C ALA A 126 -9.78 -35.60 -61.80
N PHE A 127 -8.69 -36.28 -61.46
CA PHE A 127 -8.67 -37.19 -60.31
C PHE A 127 -7.68 -36.71 -59.28
N PHE A 128 -8.03 -36.95 -58.01
CA PHE A 128 -7.10 -36.72 -56.91
C PHE A 128 -6.17 -37.92 -56.84
N LEU A 129 -4.95 -37.75 -57.34
CA LEU A 129 -4.02 -38.86 -57.47
C LEU A 129 -3.39 -39.18 -56.11
N TYR A 130 -3.57 -40.41 -55.67
CA TYR A 130 -2.86 -40.96 -54.52
C TYR A 130 -1.92 -42.05 -55.01
N ASP A 131 -1.17 -42.64 -54.08
CA ASP A 131 -0.21 -43.68 -54.41
C ASP A 131 -0.90 -44.84 -55.12
N ARG A 132 -0.66 -44.98 -56.42
CA ARG A 132 -1.20 -46.06 -57.24
C ARG A 132 -2.73 -46.07 -57.23
N VAL A 133 -3.37 -44.95 -56.88
CA VAL A 133 -4.82 -44.86 -56.82
C VAL A 133 -5.24 -43.49 -57.33
N ALA A 134 -6.25 -43.46 -58.19
CA ALA A 134 -6.92 -42.23 -58.60
C ALA A 134 -8.31 -42.21 -57.99
N SER A 135 -8.70 -41.08 -57.40
CA SER A 135 -9.94 -41.00 -56.65
C SER A 135 -10.81 -39.88 -57.17
N THR A 136 -12.13 -40.05 -56.99
CA THR A 136 -13.08 -39.00 -57.29
C THR A 136 -13.16 -37.98 -56.17
N THR A 137 -12.84 -38.39 -54.93
CA THR A 137 -12.96 -37.55 -53.76
C THR A 137 -11.60 -37.34 -53.12
N MET A 138 -11.43 -36.18 -52.48
CA MET A 138 -10.24 -35.88 -51.70
C MET A 138 -10.42 -36.42 -50.29
N TYR A 139 -9.51 -37.29 -49.86
CA TYR A 139 -9.63 -37.93 -48.56
C TYR A 139 -8.91 -37.14 -47.48
N ARG A 140 -9.32 -37.38 -46.24
CA ARG A 140 -8.84 -36.60 -45.12
C ARG A 140 -7.40 -36.98 -44.76
N GLY A 141 -6.56 -35.97 -44.58
CA GLY A 141 -5.20 -36.18 -44.10
C GLY A 141 -4.34 -37.06 -45.00
N LYS A 142 -4.47 -36.89 -46.31
CA LYS A 142 -3.69 -37.67 -47.26
C LYS A 142 -3.22 -36.78 -48.38
N VAL A 143 -1.91 -36.82 -48.66
CA VAL A 143 -1.32 -35.97 -49.69
C VAL A 143 -1.75 -36.46 -51.07
N PHE A 144 -2.04 -35.53 -51.96
CA PHE A 144 -2.53 -35.86 -53.30
C PHE A 144 -1.96 -34.87 -54.31
N THR A 145 -2.29 -35.10 -55.58
CA THR A 145 -1.99 -34.17 -56.64
C THR A 145 -3.05 -34.32 -57.73
N GLU A 146 -3.37 -33.21 -58.39
CA GLU A 146 -4.36 -33.23 -59.47
C GLU A 146 -3.75 -33.86 -60.70
N GLY A 147 -4.47 -34.78 -61.32
CA GLY A 147 -3.96 -35.43 -62.52
C GLY A 147 -4.97 -36.37 -63.11
N ASN A 148 -4.57 -36.95 -64.25
CA ASN A 148 -5.36 -37.94 -64.97
C ASN A 148 -4.47 -39.12 -65.32
N ILE A 149 -5.09 -40.24 -65.68
CA ILE A 149 -4.36 -41.46 -66.00
C ILE A 149 -4.61 -41.83 -67.45
N ALA A 150 -3.68 -42.60 -68.01
CA ALA A 150 -3.73 -43.00 -69.41
C ALA A 150 -3.34 -44.46 -69.54
N ALA A 151 -4.05 -45.18 -70.42
CA ALA A 151 -3.79 -46.59 -70.65
C ALA A 151 -2.81 -46.76 -71.79
N MET A 152 -1.78 -47.58 -71.57
CA MET A 152 -0.74 -47.81 -72.57
C MET A 152 -0.13 -49.18 -72.33
N ILE A 153 0.59 -49.66 -73.33
CA ILE A 153 1.22 -50.98 -73.29
C ILE A 153 2.72 -50.80 -73.46
N VAL A 154 3.49 -51.36 -72.52
CA VAL A 154 4.94 -51.43 -72.63
C VAL A 154 5.39 -52.81 -72.19
N ASN A 155 6.16 -53.50 -73.03
CA ASN A 155 6.52 -54.86 -72.68
C ASN A 155 7.65 -54.86 -71.64
N LYS A 156 7.98 -56.07 -71.18
CA LYS A 156 8.93 -56.21 -70.08
C LYS A 156 10.27 -55.56 -70.42
N THR A 157 10.72 -55.71 -71.67
CA THR A 157 12.03 -55.19 -72.05
C THR A 157 12.01 -53.66 -72.14
N VAL A 158 10.93 -53.09 -72.68
CA VAL A 158 10.85 -51.64 -72.82
C VAL A 158 10.73 -50.97 -71.46
N HIS A 159 9.91 -51.53 -70.57
CA HIS A 159 9.74 -50.96 -69.25
C HIS A 159 11.05 -50.97 -68.47
N ARG A 160 11.84 -52.02 -68.64
CA ARG A 160 13.11 -52.11 -67.93
C ARG A 160 14.10 -51.03 -68.39
N MET A 161 14.00 -50.60 -69.65
CA MET A 161 14.95 -49.63 -70.19
C MET A 161 14.71 -48.25 -69.62
N ILE A 162 13.45 -47.85 -69.44
CA ILE A 162 13.14 -46.50 -69.00
C ILE A 162 13.58 -46.29 -67.55
N PHE A 163 13.33 -47.27 -66.69
CA PHE A 163 13.62 -47.14 -65.27
C PHE A 163 15.00 -47.67 -64.89
N SER A 164 15.68 -48.38 -65.79
CA SER A 164 17.02 -48.90 -65.54
C SER A 164 17.07 -49.77 -64.28
N SER B 36 -5.95 -49.45 -78.00
CA SER B 36 -5.00 -49.16 -76.92
C SER B 36 -3.59 -48.96 -77.48
N PRO B 37 -3.00 -47.80 -77.20
CA PRO B 37 -1.66 -47.51 -77.72
C PRO B 37 -0.61 -48.35 -77.03
N SER B 38 0.62 -48.24 -77.54
CA SER B 38 1.75 -48.98 -77.00
C SER B 38 3.03 -48.20 -77.24
N PHE B 39 3.91 -48.19 -76.25
CA PHE B 39 5.21 -47.52 -76.33
C PHE B 39 6.31 -48.56 -76.45
N ASN B 40 7.28 -48.28 -77.30
CA ASN B 40 8.27 -49.27 -77.68
C ASN B 40 9.57 -48.58 -78.07
N THR B 41 10.66 -49.34 -78.04
CA THR B 41 11.93 -48.83 -78.54
C THR B 41 11.84 -48.55 -80.03
N SER B 42 12.53 -47.50 -80.47
CA SER B 42 12.41 -47.07 -81.86
C SER B 42 13.02 -48.10 -82.80
N THR B 43 12.27 -48.44 -83.85
CA THR B 43 12.75 -49.33 -84.90
C THR B 43 13.25 -48.59 -86.13
N ASN B 44 13.03 -47.28 -86.22
CA ASN B 44 13.49 -46.44 -87.32
C ASN B 44 13.15 -47.00 -88.69
N ILE B 53 18.26 -43.71 -75.51
CA ILE B 53 17.38 -44.78 -75.96
C ILE B 53 16.04 -44.20 -76.40
N SER B 54 15.87 -44.02 -77.70
CA SER B 54 14.66 -43.42 -78.23
C SER B 54 13.49 -44.40 -78.16
N LEU B 55 12.32 -43.87 -77.82
CA LEU B 55 11.09 -44.66 -77.74
C LEU B 55 10.08 -44.12 -78.75
N THR B 56 9.04 -44.91 -79.00
CA THR B 56 7.97 -44.54 -79.92
C THR B 56 6.63 -44.84 -79.28
N PHE B 57 5.62 -44.06 -79.67
CA PHE B 57 4.24 -44.27 -79.24
C PHE B 57 3.36 -44.37 -80.47
N SER B 58 2.49 -45.39 -80.51
CA SER B 58 1.67 -45.64 -81.69
C SER B 58 0.54 -44.64 -81.84
N TYR B 59 0.18 -43.93 -80.78
CA TYR B 59 -1.00 -43.08 -80.80
C TYR B 59 -0.70 -41.71 -81.39
N PHE B 60 -1.67 -41.18 -82.14
CA PHE B 60 -1.62 -39.84 -82.69
C PHE B 60 -3.04 -39.27 -82.70
N PRO B 61 -3.20 -37.96 -82.46
CA PRO B 61 -4.51 -37.43 -82.04
C PRO B 61 -5.55 -37.21 -83.13
N ASP B 62 -5.13 -36.87 -84.35
CA ASP B 62 -6.07 -36.51 -85.41
C ASP B 62 -7.07 -37.63 -85.73
N ASN B 75 3.18 -26.50 -77.04
CA ASN B 75 3.89 -25.74 -76.00
C ASN B 75 3.10 -25.74 -74.70
N ASP B 76 1.89 -26.30 -74.74
CA ASP B 76 1.07 -26.42 -73.54
C ASP B 76 1.59 -27.51 -72.62
N CYS B 77 2.24 -28.53 -73.16
CA CYS B 77 2.76 -29.66 -72.39
C CYS B 77 4.07 -29.29 -71.71
N ASP B 78 4.52 -30.20 -70.84
CA ASP B 78 5.83 -30.10 -70.20
C ASP B 78 6.80 -31.04 -70.89
N ALA B 79 8.03 -30.56 -71.11
CA ALA B 79 9.01 -31.35 -71.85
C ALA B 79 9.50 -32.53 -71.03
N GLU B 80 10.07 -32.26 -69.85
CA GLU B 80 10.58 -33.33 -69.01
C GLU B 80 9.43 -34.13 -68.40
N LEU B 81 9.68 -35.43 -68.23
CA LEU B 81 8.66 -36.36 -67.72
C LEU B 81 9.36 -37.38 -66.82
N ARG B 82 9.47 -37.04 -65.54
CA ARG B 82 9.97 -37.96 -64.54
C ARG B 82 8.82 -38.83 -64.03
N ILE B 83 9.09 -40.13 -63.88
CA ILE B 83 8.06 -41.09 -63.48
C ILE B 83 8.62 -42.01 -62.40
N TRP B 84 7.72 -42.74 -61.75
CA TRP B 84 8.07 -43.69 -60.71
C TRP B 84 7.27 -44.97 -60.91
N SER B 85 7.89 -46.10 -60.56
CA SER B 85 7.26 -47.40 -60.71
C SER B 85 7.72 -48.31 -59.58
N VAL B 86 6.99 -49.41 -59.41
CA VAL B 86 7.23 -50.37 -58.34
C VAL B 86 7.85 -51.66 -58.85
N GLN B 87 7.98 -51.82 -60.15
CA GLN B 87 8.51 -53.07 -60.71
C GLN B 87 9.91 -53.36 -60.19
N GLU B 88 10.15 -54.61 -59.83
CA GLU B 88 11.41 -55.05 -59.24
C GLU B 88 12.17 -55.90 -60.25
N ASP B 89 13.48 -55.69 -60.33
CA ASP B 89 14.32 -56.45 -61.23
C ASP B 89 14.39 -57.91 -60.79
N ASP B 90 14.39 -58.81 -61.77
CA ASP B 90 14.41 -60.25 -61.50
C ASP B 90 15.84 -60.76 -61.38
N GLY B 94 17.37 -61.77 -54.84
CA GLY B 94 17.46 -63.04 -54.14
C GLY B 94 16.58 -63.10 -52.91
N LEU B 95 16.72 -62.12 -52.02
CA LEU B 95 15.92 -62.02 -50.82
C LEU B 95 14.92 -60.87 -50.85
N SER B 96 14.94 -60.06 -51.91
CA SER B 96 14.12 -58.85 -51.96
C SER B 96 12.63 -59.15 -52.13
N TRP B 97 12.27 -60.30 -52.71
CA TRP B 97 10.87 -60.60 -52.97
C TRP B 97 10.08 -60.91 -51.71
N ILE B 98 10.75 -61.34 -50.65
CA ILE B 98 10.05 -61.64 -49.39
C ILE B 98 9.50 -60.36 -48.80
N PRO B 99 8.25 -60.33 -48.32
CA PRO B 99 7.69 -59.06 -47.83
C PRO B 99 8.43 -58.49 -46.62
N PHE B 100 8.90 -59.33 -45.71
CA PHE B 100 9.63 -58.82 -44.55
C PHE B 100 10.91 -58.11 -44.98
N PHE B 101 11.61 -58.67 -45.95
CA PHE B 101 12.84 -58.07 -46.45
C PHE B 101 12.54 -57.16 -47.63
N GLY B 102 13.57 -56.73 -48.35
CA GLY B 102 13.40 -55.86 -49.47
C GLY B 102 12.89 -54.49 -49.07
N PRO B 103 12.16 -53.84 -49.96
CA PRO B 103 11.71 -52.48 -49.70
C PRO B 103 10.54 -52.44 -48.71
N GLY B 104 10.31 -51.25 -48.18
CA GLY B 104 9.13 -50.99 -47.37
C GLY B 104 8.17 -50.09 -48.09
N ILE B 105 7.89 -48.91 -47.51
CA ILE B 105 7.10 -47.89 -48.19
C ILE B 105 7.94 -46.70 -48.64
N GLU B 106 9.20 -46.63 -48.23
CA GLU B 106 10.07 -45.52 -48.60
C GLU B 106 10.86 -45.82 -49.88
N GLY B 107 11.74 -46.83 -49.82
CA GLY B 107 12.54 -47.20 -50.97
C GLY B 107 11.86 -48.22 -51.87
N LEU B 108 10.59 -47.99 -52.18
CA LEU B 108 9.81 -48.90 -53.00
C LEU B 108 9.70 -48.48 -54.45
N TYR B 109 9.83 -47.18 -54.74
CA TYR B 109 9.60 -46.65 -56.07
C TYR B 109 10.93 -46.45 -56.81
N THR B 110 10.94 -46.79 -58.10
CA THR B 110 12.11 -46.64 -58.94
C THR B 110 11.89 -45.47 -59.90
N ALA B 111 12.94 -44.68 -60.09
CA ALA B 111 12.85 -43.47 -60.89
C ALA B 111 12.99 -43.79 -62.38
N GLY B 112 12.29 -43.01 -63.20
CA GLY B 112 12.39 -43.13 -64.64
C GLY B 112 12.30 -41.78 -65.32
N LEU B 113 12.63 -41.76 -66.60
CA LEU B 113 12.63 -40.53 -67.37
C LEU B 113 12.32 -40.83 -68.82
N ILE B 114 11.38 -40.10 -69.40
CA ILE B 114 10.96 -40.27 -70.79
C ILE B 114 11.24 -38.96 -71.52
N LYS B 115 12.01 -39.05 -72.61
CA LYS B 115 12.36 -37.88 -73.39
C LYS B 115 11.29 -37.59 -74.42
N ASN B 116 11.05 -36.30 -74.66
CA ASN B 116 10.06 -35.87 -75.65
C ASN B 116 10.69 -35.95 -77.03
N GLN B 117 10.29 -36.95 -77.82
CA GLN B 117 10.80 -37.17 -79.16
C GLN B 117 9.63 -37.12 -80.12
N ASN B 118 9.56 -36.06 -80.93
CA ASN B 118 8.41 -35.78 -81.79
C ASN B 118 7.14 -35.68 -80.96
N ASN B 119 7.14 -34.70 -80.05
CA ASN B 119 6.11 -34.49 -79.03
C ASN B 119 5.59 -35.82 -78.49
N LEU B 120 6.52 -36.62 -77.97
CA LEU B 120 6.18 -37.91 -77.38
C LEU B 120 5.47 -37.73 -76.05
N VAL B 121 6.04 -36.93 -75.16
CA VAL B 121 5.44 -36.71 -73.84
C VAL B 121 4.11 -35.97 -73.99
N CYS B 122 4.01 -35.07 -74.97
CA CYS B 122 2.79 -34.30 -75.15
C CYS B 122 1.64 -35.16 -75.66
N ARG B 123 1.93 -36.16 -76.49
CA ARG B 123 0.87 -37.09 -76.90
C ARG B 123 0.46 -37.98 -75.74
N LEU B 124 1.38 -38.31 -74.84
CA LEU B 124 1.02 -39.04 -73.63
C LEU B 124 0.16 -38.17 -72.72
N ARG B 125 0.56 -36.92 -72.51
CA ARG B 125 -0.17 -36.05 -71.60
C ARG B 125 -1.55 -35.70 -72.14
N ARG B 126 -1.65 -35.50 -73.46
CA ARG B 126 -2.96 -35.25 -74.06
C ARG B 126 -3.82 -36.51 -74.14
N LEU B 127 -3.23 -37.69 -73.97
CA LEU B 127 -4.02 -38.91 -73.93
C LEU B 127 -4.73 -39.06 -72.59
N ALA B 128 -4.02 -38.80 -71.48
CA ALA B 128 -4.65 -38.87 -70.17
C ALA B 128 -5.70 -37.78 -69.98
N ASN B 129 -5.48 -36.60 -70.58
CA ASN B 129 -6.47 -35.55 -70.51
C ASN B 129 -7.77 -35.94 -71.19
N GLN B 130 -7.69 -36.83 -72.18
CA GLN B 130 -8.86 -37.26 -72.94
C GLN B 130 -9.48 -38.55 -72.43
N THR B 131 -8.65 -39.52 -72.02
CA THR B 131 -9.17 -40.80 -71.55
C THR B 131 -9.93 -40.67 -70.25
N ALA B 132 -9.65 -39.63 -69.45
CA ALA B 132 -10.36 -39.45 -68.20
C ALA B 132 -11.83 -39.14 -68.42
N LYS B 133 -12.17 -38.55 -69.56
CA LYS B 133 -13.56 -38.22 -69.84
C LYS B 133 -14.40 -39.48 -70.03
N SER B 134 -13.83 -40.54 -70.58
CA SER B 134 -14.54 -41.81 -70.66
C SER B 134 -14.41 -42.61 -69.37
N LEU B 135 -13.28 -42.46 -68.67
CA LEU B 135 -13.06 -43.21 -67.43
C LEU B 135 -14.07 -42.80 -66.35
N GLU B 136 -14.43 -41.51 -66.31
CA GLU B 136 -15.42 -41.05 -65.34
C GLU B 136 -16.78 -41.68 -65.61
N LEU B 137 -17.15 -41.79 -66.89
CA LEU B 137 -18.41 -42.44 -67.23
C LEU B 137 -18.37 -43.93 -66.95
N LEU B 138 -17.21 -44.56 -67.14
CA LEU B 138 -17.09 -45.99 -66.84
C LEU B 138 -17.15 -46.27 -65.35
N LEU B 139 -16.92 -45.26 -64.51
CA LEU B 139 -17.01 -45.43 -63.06
C LEU B 139 -18.40 -45.18 -62.51
N ARG B 140 -19.28 -44.53 -63.28
CA ARG B 140 -20.62 -44.27 -62.78
C ARG B 140 -21.46 -45.53 -62.66
N VAL B 141 -21.17 -46.54 -63.48
CA VAL B 141 -22.00 -47.74 -63.49
C VAL B 141 -21.65 -48.67 -62.33
N THR B 142 -20.35 -48.85 -62.04
CA THR B 142 -19.95 -49.74 -60.97
C THR B 142 -20.29 -49.13 -59.61
N THR B 143 -20.92 -49.91 -58.75
CA THR B 143 -21.36 -49.43 -57.45
C THR B 143 -20.32 -49.58 -56.35
N GLU B 144 -19.23 -50.32 -56.60
CA GLU B 144 -18.24 -50.54 -55.57
C GLU B 144 -17.45 -49.26 -55.30
N GLU B 145 -17.45 -48.82 -54.04
CA GLU B 145 -16.67 -47.64 -53.66
C GLU B 145 -15.18 -47.94 -53.62
N ARG B 146 -14.80 -49.19 -53.37
CA ARG B 146 -13.39 -49.56 -53.27
C ARG B 146 -12.74 -49.50 -54.65
N THR B 147 -11.47 -49.92 -54.68
CA THR B 147 -10.71 -49.87 -55.92
C THR B 147 -11.29 -50.84 -56.94
N PHE B 148 -11.05 -50.53 -58.22
CA PHE B 148 -11.60 -51.29 -59.33
C PHE B 148 -10.51 -51.49 -60.37
N SER B 149 -10.15 -52.75 -60.62
CA SER B 149 -9.02 -53.05 -61.50
C SER B 149 -9.35 -52.72 -62.94
N LEU B 150 -8.59 -51.79 -63.53
CA LEU B 150 -8.78 -51.40 -64.91
C LEU B 150 -7.89 -52.16 -65.87
N ILE B 151 -6.74 -52.67 -65.40
CA ILE B 151 -5.83 -53.38 -66.30
C ILE B 151 -6.45 -54.68 -66.77
N ASN B 152 -7.25 -55.34 -65.93
CA ASN B 152 -7.93 -56.56 -66.36
C ASN B 152 -8.98 -56.28 -67.43
N ARG B 153 -9.62 -55.11 -67.35
CA ARG B 153 -10.66 -54.78 -68.32
C ARG B 153 -10.06 -54.39 -69.67
N HIS B 154 -8.96 -53.63 -69.66
CA HIS B 154 -8.29 -53.31 -70.92
C HIS B 154 -7.75 -54.56 -71.60
N ALA B 155 -7.32 -55.55 -70.81
CA ALA B 155 -6.77 -56.77 -71.38
C ALA B 155 -7.85 -57.57 -72.11
N ILE B 156 -9.03 -57.72 -71.49
CA ILE B 156 -10.08 -58.49 -72.13
C ILE B 156 -10.70 -57.72 -73.28
N ASP B 157 -10.69 -56.38 -73.20
CA ASP B 157 -11.12 -55.58 -74.34
C ASP B 157 -10.17 -55.74 -75.51
N PHE B 158 -8.88 -55.94 -75.23
CA PHE B 158 -7.92 -56.16 -76.30
C PHE B 158 -8.15 -57.52 -76.97
N LEU B 159 -8.51 -58.54 -76.19
CA LEU B 159 -8.76 -59.85 -76.78
C LEU B 159 -10.08 -59.87 -77.55
N LEU B 160 -11.08 -59.14 -77.07
CA LEU B 160 -12.39 -59.14 -77.72
C LEU B 160 -12.38 -58.33 -79.02
N THR B 161 -11.56 -57.28 -79.09
CA THR B 161 -11.49 -56.50 -80.32
C THR B 161 -10.68 -57.21 -81.41
N ARG B 162 -9.92 -58.25 -81.05
CA ARG B 162 -9.16 -59.02 -82.03
C ARG B 162 -9.80 -60.36 -82.38
N TRP B 163 -10.61 -60.92 -81.48
CA TRP B 163 -11.15 -62.26 -81.69
C TRP B 163 -12.64 -62.33 -81.37
N GLY B 164 -13.09 -61.51 -80.42
CA GLY B 164 -14.49 -61.52 -80.00
C GLY B 164 -15.45 -61.08 -81.08
N THR B 166 -15.68 -64.87 -84.75
CA THR B 166 -15.80 -65.04 -86.19
C THR B 166 -15.08 -63.91 -86.94
N CYS B 167 -14.12 -64.27 -87.78
CA CYS B 167 -13.44 -63.28 -88.60
C CYS B 167 -12.87 -63.95 -89.85
N LYS B 168 -12.99 -63.27 -90.99
CA LYS B 168 -12.54 -63.82 -92.25
C LYS B 168 -11.02 -63.77 -92.34
N VAL B 169 -10.41 -64.88 -92.74
CA VAL B 169 -8.95 -64.96 -92.82
C VAL B 169 -8.39 -63.87 -93.72
N LEU B 170 -9.11 -63.51 -94.78
CA LEU B 170 -8.70 -62.44 -95.67
C LEU B 170 -9.34 -61.13 -95.25
N GLY B 171 -8.59 -60.04 -95.44
CA GLY B 171 -9.07 -58.71 -95.11
C GLY B 171 -8.78 -58.33 -93.67
N PRO B 172 -9.28 -57.17 -93.26
CA PRO B 172 -9.04 -56.69 -91.90
C PRO B 172 -9.92 -57.40 -90.88
N ASP B 173 -9.83 -56.93 -89.63
CA ASP B 173 -10.60 -57.43 -88.49
C ASP B 173 -10.30 -58.88 -88.16
N CYS B 174 -9.14 -59.41 -88.58
CA CYS B 174 -8.81 -60.81 -88.33
C CYS B 174 -7.29 -60.93 -88.51
N CYS B 175 -6.56 -60.86 -87.39
CA CYS B 175 -5.10 -60.84 -87.41
C CYS B 175 -4.58 -62.28 -87.39
N ILE B 176 -4.53 -62.88 -88.58
CA ILE B 176 -4.02 -64.22 -88.77
C ILE B 176 -2.97 -64.18 -89.87
N GLY B 177 -1.78 -64.73 -89.60
CA GLY B 177 -0.68 -64.68 -90.54
C GLY B 177 -0.64 -65.84 -91.51
N ILE B 178 -0.91 -65.56 -92.79
CA ILE B 178 -0.92 -66.56 -93.83
C ILE B 178 0.22 -66.38 -94.83
N GLU B 179 1.10 -65.39 -94.62
CA GLU B 179 2.18 -65.15 -95.56
C GLU B 179 3.11 -66.35 -95.67
N ASP B 180 3.29 -67.10 -94.59
CA ASP B 180 4.05 -68.34 -94.64
C ASP B 180 3.20 -69.53 -95.05
N LEU B 181 1.87 -69.40 -94.99
CA LEU B 181 0.98 -70.46 -95.47
C LEU B 181 0.83 -70.42 -96.98
N SER B 182 0.91 -69.24 -97.60
CA SER B 182 0.77 -69.13 -99.05
C SER B 182 1.98 -69.68 -99.80
N LYS B 183 3.15 -69.70 -99.15
CA LYS B 183 4.34 -70.26 -99.77
C LYS B 183 4.44 -71.77 -99.58
N ASN B 184 3.89 -72.30 -98.48
CA ASN B 184 3.93 -73.74 -98.24
C ASN B 184 2.94 -74.50 -99.10
N ILE B 185 1.87 -73.85 -99.58
CA ILE B 185 0.91 -74.53 -100.43
C ILE B 185 1.47 -74.72 -101.83
N SER B 186 2.20 -73.73 -102.35
CA SER B 186 2.81 -73.83 -103.66
C SER B 186 3.97 -74.82 -103.66
N ILE C 2 5.47 -17.85 -39.04
CA ILE C 2 6.92 -17.82 -39.06
C ILE C 2 7.42 -16.38 -39.00
N GLN C 3 7.12 -15.63 -40.07
CA GLN C 3 7.48 -14.23 -40.15
C GLN C 3 6.68 -13.51 -41.24
N MET C 4 5.97 -12.44 -40.88
CA MET C 4 5.21 -11.64 -41.82
C MET C 4 5.72 -10.22 -41.77
N THR C 5 6.20 -9.71 -42.91
CA THR C 5 6.85 -8.41 -42.97
C THR C 5 6.14 -7.52 -43.97
N GLN C 6 6.31 -6.20 -43.78
CA GLN C 6 5.72 -5.19 -44.66
C GLN C 6 6.71 -4.05 -44.78
N SER C 7 7.13 -3.76 -46.01
CA SER C 7 8.11 -2.71 -46.25
C SER C 7 7.60 -1.68 -47.25
N PRO C 8 7.93 -0.40 -47.04
CA PRO C 8 8.73 0.09 -45.92
C PRO C 8 7.92 0.33 -44.65
N SER C 9 8.61 0.58 -43.54
CA SER C 9 7.93 0.89 -42.29
C SER C 9 7.25 2.26 -42.36
N SER C 10 7.99 3.27 -42.80
CA SER C 10 7.46 4.62 -42.96
C SER C 10 7.72 5.10 -44.37
N LEU C 11 6.99 6.13 -44.77
CA LEU C 11 7.12 6.65 -46.12
C LEU C 11 6.69 8.11 -46.16
N SER C 12 7.29 8.86 -47.08
CA SER C 12 6.98 10.27 -47.25
C SER C 12 7.15 10.62 -48.73
N ALA C 13 6.04 10.91 -49.40
CA ALA C 13 6.05 11.22 -50.82
C ALA C 13 5.05 12.32 -51.12
N SER C 14 5.43 13.24 -52.01
CA SER C 14 4.60 14.39 -52.33
C SER C 14 3.32 13.96 -53.04
N VAL C 15 2.36 14.88 -53.09
CA VAL C 15 1.08 14.60 -53.73
C VAL C 15 1.29 14.40 -55.23
N GLY C 16 0.63 13.38 -55.79
CA GLY C 16 0.75 13.06 -57.18
C GLY C 16 1.74 11.97 -57.51
N ASP C 17 2.46 11.45 -56.52
CA ASP C 17 3.47 10.42 -56.75
C ASP C 17 2.85 9.04 -56.72
N ARG C 18 3.37 8.16 -57.57
CA ARG C 18 3.00 6.75 -57.56
C ARG C 18 3.90 6.02 -56.57
N VAL C 19 3.30 5.49 -55.50
CA VAL C 19 4.04 4.79 -54.47
C VAL C 19 3.53 3.36 -54.38
N THR C 20 4.46 2.40 -54.30
CA THR C 20 4.14 0.99 -54.17
C THR C 20 4.69 0.45 -52.85
N ILE C 21 3.93 -0.45 -52.24
CA ILE C 21 4.28 -1.06 -50.96
C ILE C 21 4.27 -2.57 -51.14
N THR C 22 5.14 -3.25 -50.41
CA THR C 22 5.28 -4.70 -50.50
C THR C 22 4.84 -5.37 -49.21
N CYS C 23 4.36 -6.61 -49.34
CA CYS C 23 3.92 -7.44 -48.24
C CYS C 23 4.41 -8.86 -48.47
N GLN C 24 4.97 -9.48 -47.42
CA GLN C 24 5.48 -10.84 -47.50
C GLN C 24 4.73 -11.70 -46.51
N ALA C 25 3.96 -12.67 -47.02
CA ALA C 25 3.21 -13.56 -46.17
C ALA C 25 4.13 -14.58 -45.49
N SER C 26 3.64 -15.15 -44.40
CA SER C 26 4.41 -16.16 -43.67
C SER C 26 4.56 -17.44 -44.48
N GLN C 27 3.55 -17.79 -45.26
CA GLN C 27 3.55 -19.00 -46.07
C GLN C 27 3.14 -18.65 -47.50
N VAL C 28 3.10 -19.66 -48.36
CA VAL C 28 2.53 -19.49 -49.69
C VAL C 28 1.03 -19.25 -49.56
N ILE C 29 0.50 -18.33 -50.35
CA ILE C 29 -0.88 -17.89 -50.21
C ILE C 29 -1.83 -19.07 -50.35
N SER C 30 -2.75 -19.20 -49.39
CA SER C 30 -3.79 -20.23 -49.44
C SER C 30 -5.19 -19.69 -49.30
N ASN C 31 -5.38 -18.45 -48.85
CA ASN C 31 -6.68 -17.80 -48.79
C ASN C 31 -6.52 -16.38 -49.29
N TYR C 32 -7.64 -15.67 -49.43
CA TYR C 32 -7.64 -14.31 -49.94
C TYR C 32 -6.67 -13.43 -49.17
N LEU C 33 -5.86 -12.66 -49.91
CA LEU C 33 -5.03 -11.62 -49.34
C LEU C 33 -5.72 -10.28 -49.55
N ASN C 34 -5.83 -9.49 -48.48
CA ASN C 34 -6.57 -8.25 -48.51
C ASN C 34 -5.67 -7.11 -48.03
N TRP C 35 -6.07 -5.90 -48.39
CA TRP C 35 -5.34 -4.68 -48.02
C TRP C 35 -6.31 -3.71 -47.36
N TYR C 36 -5.88 -3.13 -46.23
CA TYR C 36 -6.73 -2.25 -45.44
C TYR C 36 -6.08 -0.87 -45.30
N GLN C 37 -6.94 0.15 -45.26
CA GLN C 37 -6.52 1.53 -45.07
C GLN C 37 -7.10 2.04 -43.76
N GLN C 38 -6.23 2.43 -42.83
CA GLN C 38 -6.65 2.92 -41.52
C GLN C 38 -6.13 4.33 -41.33
N LYS C 39 -6.98 5.32 -41.56
CA LYS C 39 -6.65 6.70 -41.26
C LYS C 39 -6.49 6.88 -39.75
N PRO C 40 -5.72 7.88 -39.32
CA PRO C 40 -5.48 8.06 -37.87
C PRO C 40 -6.78 8.29 -37.12
N GLY C 41 -7.03 7.43 -36.13
CA GLY C 41 -8.20 7.55 -35.30
C GLY C 41 -9.34 6.60 -35.67
N LYS C 42 -9.62 6.50 -36.97
CA LYS C 42 -10.75 5.71 -37.42
C LYS C 42 -10.39 4.23 -37.48
N ALA C 43 -11.33 3.40 -37.95
CA ALA C 43 -11.18 1.97 -38.07
C ALA C 43 -10.68 1.59 -39.46
N PRO C 44 -10.05 0.42 -39.60
CA PRO C 44 -9.56 0.01 -40.92
C PRO C 44 -10.69 -0.19 -41.91
N LYS C 45 -10.36 0.02 -43.19
CA LYS C 45 -11.30 -0.14 -44.29
C LYS C 45 -10.57 -0.82 -45.44
N LEU C 46 -11.06 -1.99 -45.86
CA LEU C 46 -10.38 -2.71 -46.92
C LEU C 46 -10.62 -2.03 -48.27
N LEU C 47 -9.57 -1.96 -49.07
CA LEU C 47 -9.65 -1.44 -50.42
C LEU C 47 -9.50 -2.52 -51.49
N ILE C 48 -8.59 -3.46 -51.28
CA ILE C 48 -8.30 -4.52 -52.23
C ILE C 48 -8.46 -5.87 -51.53
N TYR C 49 -9.17 -6.78 -52.18
CA TYR C 49 -9.35 -8.13 -51.69
C TYR C 49 -8.96 -9.11 -52.79
N ASP C 50 -8.47 -10.28 -52.38
CA ASP C 50 -7.97 -11.31 -53.30
C ASP C 50 -6.84 -10.74 -54.17
N THR C 51 -5.89 -10.07 -53.51
CA THR C 51 -4.67 -9.53 -54.11
C THR C 51 -4.93 -8.46 -55.17
N SER C 52 -5.92 -8.68 -56.03
CA SER C 52 -6.16 -7.79 -57.16
C SER C 52 -7.47 -7.03 -57.07
N ASN C 53 -8.57 -7.71 -56.79
CA ASN C 53 -9.89 -7.10 -56.83
C ASN C 53 -9.99 -5.97 -55.80
N LEU C 54 -10.83 -4.98 -56.11
CA LEU C 54 -11.07 -3.85 -55.22
C LEU C 54 -12.56 -3.76 -54.91
N LYS C 55 -12.86 -3.30 -53.70
CA LYS C 55 -14.24 -3.20 -53.26
C LYS C 55 -14.96 -2.08 -54.01
N THR C 56 -16.28 -2.23 -54.15
CA THR C 56 -17.09 -1.24 -54.84
C THR C 56 -17.07 0.08 -54.07
N GLY C 57 -16.75 1.17 -54.78
CA GLY C 57 -16.62 2.48 -54.19
C GLY C 57 -15.18 2.93 -54.01
N VAL C 58 -14.24 2.01 -53.93
CA VAL C 58 -12.82 2.37 -53.79
C VAL C 58 -12.36 3.07 -55.06
N PRO C 59 -11.60 4.15 -54.96
CA PRO C 59 -11.17 4.87 -56.17
C PRO C 59 -10.33 4.00 -57.09
N SER C 60 -10.34 4.33 -58.37
CA SER C 60 -9.61 3.56 -59.37
C SER C 60 -8.09 3.69 -59.20
N ARG C 61 -7.63 4.71 -58.48
CA ARG C 61 -6.19 4.91 -58.32
C ARG C 61 -5.55 3.80 -57.48
N PHE C 62 -6.33 3.08 -56.67
CA PHE C 62 -5.80 1.98 -55.89
C PHE C 62 -5.74 0.72 -56.74
N SER C 63 -4.64 -0.02 -56.61
CA SER C 63 -4.45 -1.26 -57.35
C SER C 63 -3.51 -2.17 -56.57
N GLY C 64 -3.51 -3.44 -56.94
CA GLY C 64 -2.69 -4.41 -56.25
C GLY C 64 -2.43 -5.63 -57.11
N SER C 65 -1.30 -6.28 -56.86
CA SER C 65 -0.92 -7.48 -57.60
C SER C 65 0.08 -8.27 -56.76
N GLY C 66 0.32 -9.50 -57.19
CA GLY C 66 1.26 -10.36 -56.50
C GLY C 66 0.88 -11.81 -56.64
N SER C 67 1.81 -12.68 -56.22
CA SER C 67 1.60 -14.11 -56.27
C SER C 67 2.58 -14.79 -55.33
N GLY C 68 2.23 -16.00 -54.93
CA GLY C 68 3.15 -16.77 -54.10
C GLY C 68 3.24 -16.15 -52.72
N THR C 69 4.47 -15.79 -52.33
CA THR C 69 4.75 -15.19 -51.02
C THR C 69 5.08 -13.71 -51.09
N ASP C 70 5.15 -13.14 -52.29
CA ASP C 70 5.49 -11.73 -52.48
C ASP C 70 4.28 -11.02 -53.09
N PHE C 71 3.94 -9.86 -52.55
CA PHE C 71 2.77 -9.11 -53.00
C PHE C 71 3.07 -7.62 -52.96
N THR C 72 2.29 -6.85 -53.73
CA THR C 72 2.50 -5.42 -53.88
C THR C 72 1.18 -4.68 -53.77
N PHE C 73 1.26 -3.45 -53.28
CA PHE C 73 0.11 -2.54 -53.19
C PHE C 73 0.52 -1.21 -53.80
N THR C 74 -0.19 -0.79 -54.85
CA THR C 74 0.21 0.37 -55.63
C THR C 74 -0.96 1.34 -55.76
N ILE C 75 -0.66 2.63 -55.65
CA ILE C 75 -1.63 3.70 -55.90
C ILE C 75 -1.07 4.58 -57.01
N SER C 76 -1.90 4.83 -58.04
CA SER C 76 -1.42 5.48 -59.24
C SER C 76 -1.07 6.94 -58.99
N SER C 77 -2.00 7.70 -58.43
CA SER C 77 -1.82 9.13 -58.19
C SER C 77 -2.25 9.46 -56.77
N LEU C 78 -1.27 9.79 -55.92
CA LEU C 78 -1.53 10.03 -54.51
C LEU C 78 -2.30 11.35 -54.33
N GLN C 79 -3.24 11.35 -53.40
CA GLN C 79 -4.06 12.50 -53.06
C GLN C 79 -4.05 12.71 -51.56
N PRO C 80 -4.42 13.92 -51.09
CA PRO C 80 -4.14 14.27 -49.68
C PRO C 80 -4.89 13.42 -48.66
N GLU C 81 -6.01 12.80 -49.02
CA GLU C 81 -6.75 11.99 -48.07
C GLU C 81 -6.37 10.52 -48.14
N ASP C 82 -5.31 10.16 -48.85
CA ASP C 82 -4.79 8.80 -48.85
C ASP C 82 -3.72 8.59 -47.79
N ILE C 83 -3.55 9.54 -46.87
CA ILE C 83 -2.57 9.40 -45.79
C ILE C 83 -3.17 8.50 -44.72
N ALA C 84 -2.53 7.35 -44.51
CA ALA C 84 -3.00 6.36 -43.54
C ALA C 84 -1.94 5.29 -43.38
N THR C 85 -2.15 4.41 -42.41
CA THR C 85 -1.30 3.24 -42.21
C THR C 85 -1.95 2.05 -42.90
N TYR C 86 -1.26 1.48 -43.87
CA TYR C 86 -1.81 0.41 -44.71
C TYR C 86 -1.33 -0.94 -44.20
N TYR C 87 -2.27 -1.87 -44.05
CA TYR C 87 -1.99 -3.22 -43.58
C TYR C 87 -2.39 -4.24 -44.63
N CYS C 88 -1.71 -5.39 -44.61
CA CYS C 88 -2.05 -6.51 -45.47
C CYS C 88 -2.47 -7.69 -44.61
N GLN C 89 -3.58 -8.31 -44.97
CA GLN C 89 -4.16 -9.40 -44.19
C GLN C 89 -3.85 -10.74 -44.83
N GLN C 90 -3.68 -11.75 -43.98
CA GLN C 90 -3.36 -13.10 -44.38
C GLN C 90 -4.09 -14.07 -43.47
N TYR C 91 -4.76 -15.07 -44.05
CA TYR C 91 -5.49 -16.09 -43.29
C TYR C 91 -4.86 -17.45 -43.57
N GLU C 92 -4.00 -17.89 -42.66
CA GLU C 92 -3.33 -19.18 -42.76
C GLU C 92 -3.37 -19.89 -41.41
N ASN C 93 -3.59 -21.20 -41.46
CA ASN C 93 -3.59 -22.04 -40.25
C ASN C 93 -4.64 -21.56 -39.24
N LEU C 94 -5.83 -21.23 -39.75
CA LEU C 94 -6.95 -20.79 -38.92
C LEU C 94 -6.62 -19.52 -38.13
N GLN C 95 -5.74 -18.68 -38.67
CA GLN C 95 -5.30 -17.47 -37.99
C GLN C 95 -5.32 -16.29 -38.96
N PHE C 96 -5.99 -15.22 -38.57
CA PHE C 96 -5.93 -13.95 -39.29
C PHE C 96 -4.74 -13.16 -38.76
N THR C 97 -3.74 -12.95 -39.61
CA THR C 97 -2.53 -12.24 -39.23
C THR C 97 -2.39 -10.98 -40.07
N PHE C 98 -2.18 -9.85 -39.40
CA PHE C 98 -2.02 -8.56 -40.06
C PHE C 98 -0.54 -8.20 -40.16
N GLY C 99 -0.19 -7.53 -41.25
CA GLY C 99 1.17 -7.10 -41.47
C GLY C 99 1.57 -5.97 -40.54
N PRO C 100 2.87 -5.71 -40.43
CA PRO C 100 3.32 -4.61 -39.55
C PRO C 100 2.71 -3.26 -39.91
N GLY C 101 2.44 -3.02 -41.19
CA GLY C 101 1.84 -1.77 -41.58
C GLY C 101 2.84 -0.81 -42.22
N THR C 102 2.33 0.07 -43.07
CA THR C 102 3.16 1.03 -43.80
C THR C 102 2.53 2.42 -43.64
N LYS C 103 3.22 3.29 -42.90
CA LYS C 103 2.77 4.65 -42.68
C LYS C 103 3.24 5.52 -43.84
N VAL C 104 2.30 6.13 -44.56
CA VAL C 104 2.61 6.98 -45.70
C VAL C 104 2.28 8.43 -45.34
N ASP C 105 3.20 9.32 -45.65
CA ASP C 105 3.05 10.75 -45.41
C ASP C 105 3.23 11.52 -46.71
N ILE C 106 2.74 12.76 -46.72
CA ILE C 106 2.76 13.61 -47.90
C ILE C 106 3.83 14.67 -47.73
N LYS C 107 4.67 14.84 -48.76
CA LYS C 107 5.66 15.91 -48.77
C LYS C 107 5.01 17.19 -49.28
N ARG C 108 5.05 18.24 -48.47
CA ARG C 108 4.39 19.50 -48.76
C ARG C 108 5.40 20.63 -48.80
N THR C 109 5.02 21.74 -49.41
CA THR C 109 5.85 22.94 -49.38
C THR C 109 5.89 23.50 -47.96
N VAL C 110 7.07 23.97 -47.56
CA VAL C 110 7.28 24.43 -46.19
C VAL C 110 6.32 25.57 -45.88
N ALA C 111 5.48 25.38 -44.88
CA ALA C 111 4.48 26.35 -44.48
C ALA C 111 4.80 26.92 -43.11
N ALA C 112 4.38 28.21 -42.89
CA ALA C 112 4.62 28.94 -41.64
C ALA C 112 3.45 28.77 -40.68
N PRO C 113 3.74 28.59 -39.40
CA PRO C 113 2.66 28.39 -38.42
C PRO C 113 1.97 29.69 -38.01
N SER C 114 0.67 29.57 -37.75
CA SER C 114 -0.13 30.67 -37.20
C SER C 114 -0.15 30.52 -35.69
N VAL C 115 0.52 31.43 -34.99
CA VAL C 115 0.70 31.32 -33.55
C VAL C 115 -0.41 32.07 -32.83
N PHE C 116 -1.01 31.43 -31.83
CA PHE C 116 -2.02 32.04 -30.98
C PHE C 116 -1.72 31.70 -29.54
N ILE C 117 -1.91 32.66 -28.64
CA ILE C 117 -1.72 32.47 -27.21
C ILE C 117 -3.04 32.78 -26.51
N PHE C 118 -3.47 31.89 -25.63
CA PHE C 118 -4.74 32.00 -24.93
C PHE C 118 -4.52 32.14 -23.43
N PRO C 119 -5.04 33.18 -22.79
CA PRO C 119 -4.89 33.31 -21.34
C PRO C 119 -5.82 32.35 -20.62
N PRO C 120 -5.54 32.03 -19.35
CA PRO C 120 -6.43 31.13 -18.61
C PRO C 120 -7.77 31.78 -18.30
N SER C 121 -8.83 30.98 -18.39
CA SER C 121 -10.18 31.47 -18.17
C SER C 121 -10.38 31.82 -16.70
N ASP C 122 -11.38 32.68 -16.45
CA ASP C 122 -11.71 33.07 -15.09
C ASP C 122 -12.26 31.90 -14.29
N GLU C 123 -12.92 30.96 -14.96
CA GLU C 123 -13.46 29.78 -14.27
C GLU C 123 -12.33 28.91 -13.73
N GLN C 124 -11.27 28.70 -14.52
CA GLN C 124 -10.16 27.88 -14.08
C GLN C 124 -9.39 28.56 -12.95
N LEU C 125 -9.17 29.88 -13.06
CA LEU C 125 -8.48 30.60 -12.00
C LEU C 125 -9.25 30.54 -10.69
N LYS C 126 -10.58 30.49 -10.76
CA LYS C 126 -11.38 30.37 -9.54
C LYS C 126 -11.20 28.99 -8.89
N SER C 127 -10.93 27.96 -9.69
CA SER C 127 -10.75 26.63 -9.13
C SER C 127 -9.42 26.48 -8.41
N GLY C 128 -8.41 27.27 -8.80
CA GLY C 128 -7.14 27.24 -8.12
C GLY C 128 -5.97 26.82 -8.99
N THR C 129 -6.18 26.77 -10.30
CA THR C 129 -5.13 26.42 -11.24
C THR C 129 -5.26 27.29 -12.48
N ALA C 130 -4.16 27.40 -13.23
CA ALA C 130 -4.12 28.24 -14.41
C ALA C 130 -3.34 27.54 -15.51
N SER C 131 -3.93 27.45 -16.70
CA SER C 131 -3.31 26.83 -17.86
C SER C 131 -3.37 27.79 -19.03
N VAL C 132 -2.20 28.15 -19.57
CA VAL C 132 -2.10 29.04 -20.72
C VAL C 132 -1.65 28.19 -21.92
N VAL C 133 -2.34 28.35 -23.04
CA VAL C 133 -2.14 27.50 -24.21
C VAL C 133 -1.50 28.34 -25.32
N CYS C 134 -0.56 27.74 -26.03
CA CYS C 134 0.09 28.34 -27.19
C CYS C 134 -0.19 27.45 -28.40
N LEU C 135 -0.91 27.99 -29.38
CA LEU C 135 -1.39 27.24 -30.52
C LEU C 135 -0.56 27.52 -31.76
N LEU C 136 -0.21 26.46 -32.50
CA LEU C 136 0.56 26.56 -33.74
C LEU C 136 -0.26 25.89 -34.84
N ASN C 137 -0.86 26.71 -35.71
CA ASN C 137 -1.83 26.24 -36.69
C ASN C 137 -1.17 25.95 -38.03
N ASN C 138 -1.35 24.72 -38.52
CA ASN C 138 -1.01 24.33 -39.89
C ASN C 138 0.42 24.70 -40.30
N PHE C 139 1.39 23.93 -39.83
CA PHE C 139 2.80 24.15 -40.13
C PHE C 139 3.46 22.87 -40.61
N TYR C 140 4.31 23.01 -41.63
CA TYR C 140 5.08 21.90 -42.16
C TYR C 140 6.55 22.31 -42.21
N PRO C 141 7.47 21.40 -41.82
CA PRO C 141 7.23 20.02 -41.40
C PRO C 141 6.83 19.92 -39.93
N ARG C 142 6.75 18.68 -39.41
CA ARG C 142 6.28 18.47 -38.05
C ARG C 142 7.25 19.05 -37.01
N GLU C 143 8.52 19.17 -37.37
CA GLU C 143 9.54 19.61 -36.41
C GLU C 143 9.39 21.10 -36.11
N ALA C 144 9.10 21.41 -34.84
CA ALA C 144 9.01 22.80 -34.39
C ALA C 144 9.34 22.84 -32.90
N LYS C 145 9.88 23.98 -32.47
CA LYS C 145 10.33 24.18 -31.11
C LYS C 145 9.55 25.33 -30.48
N VAL C 146 8.99 25.09 -29.28
CA VAL C 146 8.24 26.09 -28.56
C VAL C 146 8.84 26.24 -27.17
N GLN C 147 9.08 27.49 -26.75
CA GLN C 147 9.67 27.79 -25.45
C GLN C 147 8.81 28.81 -24.74
N TRP C 148 8.53 28.56 -23.46
CA TRP C 148 7.74 29.47 -22.64
C TRP C 148 8.65 30.42 -21.88
N LYS C 149 8.31 31.71 -21.90
CA LYS C 149 9.08 32.74 -21.20
C LYS C 149 8.11 33.54 -20.34
N VAL C 150 8.23 33.40 -19.02
CA VAL C 150 7.42 34.13 -18.07
C VAL C 150 8.26 35.29 -17.54
N ASP C 151 7.84 36.53 -17.84
CA ASP C 151 8.58 37.74 -17.51
C ASP C 151 10.00 37.68 -18.08
N ASN C 152 10.08 37.29 -19.36
CA ASN C 152 11.36 37.16 -20.07
C ASN C 152 12.31 36.22 -19.33
N ALA C 153 11.77 35.11 -18.85
CA ALA C 153 12.55 34.09 -18.17
C ALA C 153 12.07 32.72 -18.60
N LEU C 154 13.01 31.88 -19.05
CA LEU C 154 12.65 30.57 -19.58
C LEU C 154 12.00 29.70 -18.50
N GLN C 155 11.07 28.84 -18.93
CA GLN C 155 10.39 27.90 -18.06
C GLN C 155 10.56 26.50 -18.61
N SER C 156 10.72 25.53 -17.71
CA SER C 156 10.96 24.14 -18.10
C SER C 156 10.28 23.21 -17.12
N GLY C 157 9.66 22.14 -17.66
CA GLY C 157 9.05 21.10 -16.88
C GLY C 157 7.56 21.26 -16.67
N ASN C 158 7.07 22.49 -16.54
CA ASN C 158 5.67 22.75 -16.25
C ASN C 158 4.83 22.93 -17.52
N SER C 159 5.30 22.42 -18.65
CA SER C 159 4.55 22.54 -19.90
C SER C 159 4.74 21.28 -20.74
N GLN C 160 3.66 20.85 -21.38
CA GLN C 160 3.67 19.68 -22.25
C GLN C 160 2.86 20.00 -23.50
N GLU C 161 3.34 19.50 -24.64
CA GLU C 161 2.77 19.83 -25.94
C GLU C 161 2.17 18.60 -26.59
N SER C 162 1.32 18.82 -27.60
CA SER C 162 0.67 17.76 -28.33
C SER C 162 0.49 18.19 -29.79
N VAL C 163 0.82 17.29 -30.71
CA VAL C 163 0.77 17.59 -32.14
C VAL C 163 -0.28 16.70 -32.79
N THR C 164 -1.04 17.29 -33.71
CA THR C 164 -2.04 16.52 -34.44
C THR C 164 -1.41 15.70 -35.55
N GLU C 165 -2.17 14.74 -36.06
CA GLU C 165 -1.75 14.00 -37.23
C GLU C 165 -1.95 14.85 -38.48
N GLN C 166 -1.20 14.50 -39.53
CA GLN C 166 -1.20 15.31 -40.74
C GLN C 166 -2.61 15.45 -41.31
N ASP C 167 -2.93 16.65 -41.78
CA ASP C 167 -4.28 16.95 -42.23
C ASP C 167 -4.60 16.21 -43.52
N SER C 168 -5.89 16.02 -43.76
CA SER C 168 -6.38 15.36 -44.97
C SER C 168 -6.74 16.33 -46.08
N LYS C 169 -6.74 17.63 -45.82
CA LYS C 169 -7.06 18.65 -46.81
C LYS C 169 -5.85 19.47 -47.24
N ASP C 170 -5.13 20.08 -46.29
CA ASP C 170 -3.94 20.87 -46.60
C ASP C 170 -2.66 20.19 -46.16
N SER C 171 -2.74 18.98 -45.57
CA SER C 171 -1.57 18.16 -45.27
C SER C 171 -0.59 18.87 -44.32
N THR C 172 -1.13 19.50 -43.28
CA THR C 172 -0.31 20.26 -42.34
C THR C 172 -0.58 19.78 -40.92
N TYR C 173 0.42 19.94 -40.06
CA TYR C 173 0.33 19.59 -38.65
C TYR C 173 -0.06 20.80 -37.81
N SER C 174 -0.51 20.53 -36.59
CA SER C 174 -0.89 21.59 -35.65
C SER C 174 -0.43 21.20 -34.25
N LEU C 175 0.12 22.18 -33.54
CA LEU C 175 0.71 21.95 -32.22
C LEU C 175 -0.06 22.73 -31.16
N SER C 176 0.06 22.27 -29.91
CA SER C 176 -0.59 22.93 -28.79
C SER C 176 0.18 22.61 -27.52
N SER C 177 0.86 23.60 -26.97
CA SER C 177 1.61 23.46 -25.72
C SER C 177 0.86 24.18 -24.62
N THR C 178 0.70 23.51 -23.47
CA THR C 178 -0.07 24.04 -22.35
C THR C 178 0.84 24.19 -21.14
N LEU C 179 1.01 25.43 -20.69
CA LEU C 179 1.79 25.74 -19.49
C LEU C 179 0.85 25.87 -18.31
N THR C 180 1.08 25.07 -17.27
CA THR C 180 0.19 25.01 -16.12
C THR C 180 0.92 25.49 -14.87
N LEU C 181 0.32 26.43 -14.15
CA LEU C 181 0.85 26.95 -12.90
C LEU C 181 -0.31 27.17 -11.94
N SER C 182 0.04 27.27 -10.65
CA SER C 182 -0.99 27.52 -9.64
C SER C 182 -1.48 28.96 -9.74
N LYS C 183 -2.64 29.21 -9.14
CA LYS C 183 -3.21 30.56 -9.16
C LYS C 183 -2.33 31.53 -8.40
N ALA C 184 -1.68 31.08 -7.33
CA ALA C 184 -0.75 31.95 -6.60
C ALA C 184 0.46 32.30 -7.44
N ASP C 185 1.01 31.31 -8.16
CA ASP C 185 2.17 31.57 -9.01
C ASP C 185 1.78 32.38 -10.24
N TYR C 186 0.53 32.28 -10.69
CA TYR C 186 0.09 33.06 -11.84
C TYR C 186 -0.08 34.53 -11.47
N GLU C 187 -0.47 34.82 -10.24
CA GLU C 187 -0.61 36.20 -9.79
C GLU C 187 0.73 36.87 -9.52
N LYS C 188 1.80 36.09 -9.35
CA LYS C 188 3.11 36.66 -9.05
C LYS C 188 3.74 37.36 -10.25
N HIS C 189 3.28 37.05 -11.47
CA HIS C 189 3.88 37.57 -12.68
C HIS C 189 2.81 38.27 -13.52
N LYS C 190 3.23 38.87 -14.63
CA LYS C 190 2.33 39.64 -15.47
C LYS C 190 2.42 39.25 -16.94
N VAL C 191 3.63 39.17 -17.47
CA VAL C 191 3.86 38.94 -18.90
C VAL C 191 4.09 37.45 -19.12
N TYR C 192 3.37 36.88 -20.08
CA TYR C 192 3.51 35.47 -20.44
C TYR C 192 3.62 35.36 -21.95
N ALA C 193 4.65 34.65 -22.43
CA ALA C 193 4.90 34.56 -23.85
C ALA C 193 5.40 33.15 -24.20
N CYS C 194 5.23 32.78 -25.46
CA CYS C 194 5.71 31.50 -25.98
C CYS C 194 6.45 31.76 -27.29
N GLU C 195 7.72 31.38 -27.34
CA GLU C 195 8.56 31.58 -28.52
C GLU C 195 8.45 30.38 -29.44
N VAL C 196 8.14 30.64 -30.71
CA VAL C 196 7.99 29.59 -31.72
C VAL C 196 9.19 29.66 -32.66
N THR C 197 9.93 28.56 -32.73
CA THR C 197 11.10 28.44 -33.60
C THR C 197 10.82 27.36 -34.64
N HIS C 198 10.65 27.78 -35.89
CA HIS C 198 10.32 26.86 -36.97
C HIS C 198 11.26 27.09 -38.14
N GLN C 199 11.53 26.00 -38.89
CA GLN C 199 12.42 26.10 -40.04
C GLN C 199 11.82 26.90 -41.19
N GLY C 200 10.49 27.02 -41.22
CA GLY C 200 9.84 27.85 -42.23
C GLY C 200 9.52 29.23 -41.70
N LEU C 201 10.24 29.62 -40.64
CA LEU C 201 10.03 30.91 -39.98
C LEU C 201 11.39 31.61 -39.90
N ARG C 202 11.54 32.72 -40.62
CA ARG C 202 12.83 33.39 -40.67
C ARG C 202 13.18 34.05 -39.34
N SER C 203 12.18 34.53 -38.60
CA SER C 203 12.41 35.12 -37.29
C SER C 203 11.61 34.38 -36.24
N PRO C 204 12.21 34.08 -35.07
CA PRO C 204 11.46 33.37 -34.02
C PRO C 204 10.27 34.17 -33.51
N VAL C 205 9.08 33.85 -34.03
CA VAL C 205 7.88 34.61 -33.69
C VAL C 205 7.47 34.29 -32.25
N THR C 206 7.21 35.34 -31.48
CA THR C 206 6.76 35.22 -30.09
C THR C 206 5.50 36.04 -29.89
N LYS C 207 4.53 35.48 -29.19
CA LYS C 207 3.27 36.15 -28.88
C LYS C 207 3.08 36.16 -27.38
N SER C 208 2.60 37.28 -26.85
CA SER C 208 2.55 37.49 -25.40
C SER C 208 1.23 38.15 -25.01
N PHE C 209 1.05 38.31 -23.71
CA PHE C 209 -0.08 39.04 -23.13
C PHE C 209 0.32 39.45 -21.72
N ASN C 210 -0.56 40.17 -21.05
CA ASN C 210 -0.28 40.72 -19.73
C ASN C 210 -1.34 40.29 -18.72
N ARG C 211 -1.20 40.78 -17.50
CA ARG C 211 -2.03 40.44 -16.34
C ARG C 211 -1.84 38.99 -15.91
N GLN D 1 -27.30 -2.03 -45.63
CA GLN D 1 -25.86 -1.96 -45.33
C GLN D 1 -25.57 -2.41 -43.90
N LEU D 2 -24.52 -3.20 -43.74
CA LEU D 2 -24.14 -3.68 -42.41
C LEU D 2 -23.47 -2.59 -41.60
N GLN D 3 -23.74 -2.56 -40.30
CA GLN D 3 -23.17 -1.59 -39.40
C GLN D 3 -23.00 -2.23 -38.03
N LEU D 4 -21.76 -2.32 -37.56
CA LEU D 4 -21.45 -2.88 -36.25
C LEU D 4 -21.16 -1.76 -35.26
N GLN D 5 -21.59 -1.95 -34.02
CA GLN D 5 -21.40 -0.96 -32.97
C GLN D 5 -20.97 -1.65 -31.69
N GLU D 6 -19.82 -1.26 -31.15
CA GLU D 6 -19.33 -1.82 -29.90
C GLU D 6 -20.01 -1.16 -28.72
N SER D 7 -19.98 -1.85 -27.58
CA SER D 7 -20.57 -1.35 -26.34
C SER D 7 -19.83 -2.02 -25.17
N GLY D 8 -18.76 -1.38 -24.72
CA GLY D 8 -17.96 -1.91 -23.65
C GLY D 8 -17.94 -1.01 -22.43
N PRO D 9 -17.15 -1.38 -21.42
CA PRO D 9 -17.10 -0.57 -20.20
C PRO D 9 -16.15 0.61 -20.32
N GLY D 10 -15.09 0.46 -21.10
CA GLY D 10 -14.07 1.49 -21.26
C GLY D 10 -12.91 1.37 -20.29
N LEU D 11 -13.21 1.07 -19.02
CA LEU D 11 -12.20 0.90 -18.00
C LEU D 11 -12.44 -0.40 -17.26
N VAL D 12 -11.41 -1.23 -17.16
CA VAL D 12 -11.45 -2.47 -16.39
C VAL D 12 -10.23 -2.51 -15.48
N LYS D 13 -10.45 -2.94 -14.23
CA LYS D 13 -9.37 -2.99 -13.26
C LYS D 13 -8.46 -4.18 -13.56
N PRO D 14 -7.21 -4.13 -13.09
CA PRO D 14 -6.28 -5.23 -13.37
C PRO D 14 -6.75 -6.54 -12.75
N SER D 15 -6.33 -7.65 -13.36
CA SER D 15 -6.67 -9.00 -12.93
C SER D 15 -8.17 -9.28 -13.01
N GLU D 16 -8.96 -8.28 -13.42
CA GLU D 16 -10.39 -8.45 -13.58
C GLU D 16 -10.69 -9.05 -14.96
N THR D 17 -11.91 -8.83 -15.46
CA THR D 17 -12.30 -9.35 -16.75
C THR D 17 -12.88 -8.23 -17.61
N LEU D 18 -12.63 -8.32 -18.91
CA LEU D 18 -13.10 -7.34 -19.88
C LEU D 18 -14.22 -7.96 -20.70
N SER D 19 -15.32 -7.23 -20.87
CA SER D 19 -16.47 -7.72 -21.61
C SER D 19 -16.97 -6.61 -22.54
N LEU D 20 -16.95 -6.90 -23.84
CA LEU D 20 -17.46 -6.00 -24.86
C LEU D 20 -18.54 -6.72 -25.66
N THR D 21 -19.50 -5.95 -26.18
CA THR D 21 -20.58 -6.50 -26.98
C THR D 21 -20.72 -5.70 -28.26
N CYS D 22 -20.81 -6.41 -29.38
CA CYS D 22 -20.88 -5.82 -30.71
C CYS D 22 -22.24 -6.15 -31.32
N THR D 23 -23.05 -5.13 -31.54
CA THR D 23 -24.41 -5.31 -32.05
C THR D 23 -24.43 -5.01 -33.55
N VAL D 24 -24.86 -5.99 -34.34
CA VAL D 24 -24.94 -5.85 -35.78
C VAL D 24 -26.30 -5.26 -36.15
N SER D 25 -26.28 -4.31 -37.07
CA SER D 25 -27.50 -3.61 -37.51
C SER D 25 -27.53 -3.56 -39.03
N GLY D 26 -28.74 -3.58 -39.58
CA GLY D 26 -28.90 -3.61 -41.02
C GLY D 26 -28.71 -4.97 -41.64
N GLY D 27 -28.74 -6.02 -40.84
CA GLY D 27 -28.53 -7.37 -41.32
C GLY D 27 -28.44 -8.38 -40.19
N SER D 28 -28.91 -9.59 -40.42
CA SER D 28 -28.97 -10.60 -39.37
C SER D 28 -27.58 -11.20 -39.12
N ILE D 29 -27.29 -11.44 -37.84
CA ILE D 29 -26.05 -12.14 -37.48
C ILE D 29 -26.10 -13.60 -37.91
N SER D 30 -27.30 -14.15 -38.12
CA SER D 30 -27.47 -15.55 -38.45
C SER D 30 -27.46 -15.72 -39.98
N SER D 31 -26.30 -15.45 -40.56
CA SER D 31 -26.10 -15.57 -42.00
C SER D 31 -25.05 -16.63 -42.29
N SER D 32 -25.22 -17.32 -43.41
CA SER D 32 -24.32 -18.42 -43.76
C SER D 32 -22.95 -17.92 -44.21
N SER D 33 -22.90 -16.71 -44.78
CA SER D 33 -21.69 -16.24 -45.45
C SER D 33 -20.83 -15.33 -44.58
N TYR D 34 -21.06 -15.30 -43.26
CA TYR D 34 -20.34 -14.35 -42.41
C TYR D 34 -19.81 -15.02 -41.14
N TYR D 35 -18.59 -14.64 -40.78
CA TYR D 35 -18.01 -14.90 -39.47
C TYR D 35 -17.84 -13.56 -38.76
N TRP D 36 -17.94 -13.58 -37.43
CA TRP D 36 -17.89 -12.38 -36.62
C TRP D 36 -16.71 -12.46 -35.67
N GLY D 37 -15.79 -11.49 -35.75
CA GLY D 37 -14.54 -11.57 -35.04
C GLY D 37 -14.22 -10.29 -34.29
N TRP D 38 -13.14 -10.36 -33.51
CA TRP D 38 -12.66 -9.26 -32.69
C TRP D 38 -11.18 -9.03 -32.99
N ILE D 39 -10.80 -7.76 -33.17
CA ILE D 39 -9.42 -7.37 -33.42
C ILE D 39 -9.10 -6.19 -32.51
N ARG D 40 -7.96 -6.26 -31.82
CA ARG D 40 -7.54 -5.19 -30.92
C ARG D 40 -6.28 -4.53 -31.46
N GLN D 41 -6.14 -3.24 -31.13
CA GLN D 41 -5.00 -2.44 -31.57
C GLN D 41 -4.42 -1.70 -30.38
N PRO D 42 -3.28 -2.14 -29.84
CA PRO D 42 -2.64 -1.44 -28.73
C PRO D 42 -2.19 -0.05 -29.15
N PRO D 43 -1.88 0.83 -28.19
CA PRO D 43 -1.43 2.18 -28.55
C PRO D 43 -0.13 2.16 -29.34
N GLY D 44 -0.19 2.68 -30.56
CA GLY D 44 1.00 2.77 -31.40
C GLY D 44 1.49 1.45 -31.95
N LYS D 45 0.64 0.42 -31.97
CA LYS D 45 1.00 -0.89 -32.49
C LYS D 45 0.05 -1.27 -33.62
N GLY D 46 0.30 -2.44 -34.21
CA GLY D 46 -0.50 -2.94 -35.30
C GLY D 46 -1.76 -3.64 -34.82
N LEU D 47 -2.41 -4.34 -35.75
CA LEU D 47 -3.66 -5.03 -35.48
C LEU D 47 -3.40 -6.46 -35.05
N GLU D 48 -4.09 -6.89 -34.00
CA GLU D 48 -3.98 -8.26 -33.48
C GLU D 48 -5.36 -8.89 -33.46
N TRP D 49 -5.53 -9.97 -34.22
CA TRP D 49 -6.81 -10.67 -34.31
C TRP D 49 -6.99 -11.53 -33.07
N ILE D 50 -8.06 -11.26 -32.31
CA ILE D 50 -8.32 -12.00 -31.09
C ILE D 50 -8.99 -13.34 -31.39
N GLY D 51 -10.14 -13.29 -32.06
CA GLY D 51 -10.85 -14.51 -32.39
C GLY D 51 -11.99 -14.23 -33.34
N SER D 52 -12.79 -15.26 -33.59
CA SER D 52 -13.92 -15.14 -34.48
C SER D 52 -14.87 -16.30 -34.22
N VAL D 53 -16.17 -16.05 -34.40
CA VAL D 53 -17.20 -17.04 -34.16
C VAL D 53 -18.20 -17.05 -35.30
N TYR D 54 -18.83 -18.19 -35.50
CA TYR D 54 -19.91 -18.38 -36.46
C TYR D 54 -21.25 -18.33 -35.72
N TYR D 55 -22.31 -18.02 -36.47
CA TYR D 55 -23.60 -17.80 -35.83
C TYR D 55 -24.12 -19.05 -35.13
N SER D 56 -23.65 -20.24 -35.52
CA SER D 56 -24.04 -21.45 -34.81
C SER D 56 -23.33 -21.59 -33.48
N GLY D 57 -22.11 -21.06 -33.37
CA GLY D 57 -21.37 -21.12 -32.12
C GLY D 57 -19.93 -21.57 -32.27
N GLY D 58 -19.50 -21.80 -33.52
CA GLY D 58 -18.15 -22.26 -33.78
C GLY D 58 -17.10 -21.21 -33.45
N ALA D 59 -16.40 -21.41 -32.34
CA ALA D 59 -15.40 -20.46 -31.87
C ALA D 59 -14.05 -20.74 -32.50
N SER D 60 -13.23 -19.69 -32.56
CA SER D 60 -11.87 -19.76 -33.09
C SER D 60 -11.08 -18.61 -32.51
N TYR D 61 -9.88 -18.89 -32.00
CA TYR D 61 -9.11 -17.87 -31.28
C TYR D 61 -7.66 -17.89 -31.71
N ASN D 62 -6.96 -16.80 -31.38
CA ASN D 62 -5.52 -16.70 -31.53
C ASN D 62 -4.82 -17.50 -30.44
N PRO D 63 -3.74 -18.22 -30.78
CA PRO D 63 -3.11 -19.10 -29.77
C PRO D 63 -2.70 -18.40 -28.50
N SER D 64 -2.25 -17.14 -28.59
CA SER D 64 -1.80 -16.44 -27.39
C SER D 64 -2.97 -16.08 -26.49
N LEU D 65 -4.10 -15.69 -27.07
CA LEU D 65 -5.27 -15.27 -26.30
C LEU D 65 -6.30 -16.37 -26.12
N LYS D 66 -6.08 -17.55 -26.73
CA LYS D 66 -7.04 -18.63 -26.60
C LYS D 66 -7.20 -19.08 -25.15
N SER D 67 -6.17 -18.88 -24.33
CA SER D 67 -6.24 -19.26 -22.93
C SER D 67 -7.15 -18.35 -22.12
N ARG D 68 -7.50 -17.17 -22.64
CA ARG D 68 -8.29 -16.19 -21.92
C ARG D 68 -9.56 -15.77 -22.65
N ALA D 69 -9.47 -15.52 -23.95
CA ALA D 69 -10.60 -14.96 -24.68
C ALA D 69 -11.66 -16.03 -24.93
N THR D 70 -12.92 -15.65 -24.74
CA THR D 70 -14.06 -16.51 -25.05
C THR D 70 -15.12 -15.63 -25.70
N ILE D 71 -15.38 -15.87 -26.99
CA ILE D 71 -16.32 -15.08 -27.76
C ILE D 71 -17.60 -15.89 -27.96
N SER D 72 -18.73 -15.29 -27.59
CA SER D 72 -20.03 -15.92 -27.70
C SER D 72 -20.95 -15.08 -28.57
N VAL D 73 -21.97 -15.73 -29.14
CA VAL D 73 -22.92 -15.08 -30.03
C VAL D 73 -24.31 -15.21 -29.44
N ASP D 74 -25.15 -14.20 -29.72
CA ASP D 74 -26.52 -14.15 -29.23
C ASP D 74 -27.42 -13.87 -30.43
N THR D 75 -28.07 -14.93 -30.94
CA THR D 75 -28.91 -14.77 -32.12
C THR D 75 -30.18 -13.99 -31.80
N SER D 76 -30.76 -14.22 -30.61
CA SER D 76 -32.01 -13.57 -30.25
C SER D 76 -31.83 -12.07 -30.07
N LYS D 77 -30.62 -11.62 -29.72
CA LYS D 77 -30.33 -10.20 -29.58
C LYS D 77 -29.55 -9.62 -30.74
N ASN D 78 -29.11 -10.47 -31.68
CA ASN D 78 -28.39 -10.02 -32.88
C ASN D 78 -27.10 -9.29 -32.51
N GLN D 79 -26.24 -9.99 -31.78
CA GLN D 79 -24.99 -9.42 -31.31
C GLN D 79 -24.04 -10.54 -30.92
N PHE D 80 -22.76 -10.20 -30.80
CA PHE D 80 -21.74 -11.13 -30.36
C PHE D 80 -20.78 -10.42 -29.42
N SER D 81 -20.34 -11.13 -28.38
CA SER D 81 -19.62 -10.51 -27.27
C SER D 81 -18.29 -11.22 -27.04
N LEU D 82 -17.32 -10.45 -26.54
CA LEU D 82 -15.99 -10.94 -26.23
C LEU D 82 -15.74 -10.86 -24.73
N ASN D 83 -15.11 -11.89 -24.17
CA ASN D 83 -14.79 -11.95 -22.75
C ASN D 83 -13.33 -12.35 -22.60
N LEU D 84 -12.50 -11.40 -22.17
CA LEU D 84 -11.06 -11.60 -22.03
C LEU D 84 -10.72 -11.67 -20.55
N ASP D 85 -10.49 -12.87 -20.04
CA ASP D 85 -10.27 -13.08 -18.62
C ASP D 85 -8.86 -12.68 -18.21
N SER D 86 -8.72 -12.37 -16.91
CA SER D 86 -7.45 -12.01 -16.30
C SER D 86 -6.74 -10.92 -17.10
N VAL D 87 -7.44 -9.81 -17.27
CA VAL D 87 -6.92 -8.70 -18.07
C VAL D 87 -5.73 -8.07 -17.35
N SER D 88 -4.73 -7.66 -18.13
CA SER D 88 -3.53 -7.04 -17.61
C SER D 88 -3.32 -5.69 -18.27
N ALA D 89 -2.28 -4.98 -17.81
CA ALA D 89 -2.00 -3.66 -18.36
C ALA D 89 -1.66 -3.73 -19.84
N ALA D 90 -1.07 -4.85 -20.28
CA ALA D 90 -0.69 -4.99 -21.68
C ALA D 90 -1.88 -5.18 -22.61
N ASP D 91 -3.09 -5.35 -22.08
CA ASP D 91 -4.28 -5.50 -22.88
C ASP D 91 -5.01 -4.19 -23.12
N THR D 92 -4.45 -3.07 -22.69
CA THR D 92 -5.01 -1.76 -23.00
C THR D 92 -4.89 -1.51 -24.50
N ALA D 93 -6.02 -1.46 -25.20
CA ALA D 93 -6.02 -1.35 -26.64
C ALA D 93 -7.36 -0.78 -27.10
N ILE D 94 -7.50 -0.64 -28.42
CA ILE D 94 -8.75 -0.23 -29.05
C ILE D 94 -9.32 -1.47 -29.73
N TYR D 95 -10.41 -2.00 -29.18
CA TYR D 95 -10.97 -3.27 -29.62
C TYR D 95 -12.00 -3.02 -30.73
N TYR D 96 -11.70 -3.54 -31.93
CA TYR D 96 -12.59 -3.44 -33.08
C TYR D 96 -13.28 -4.77 -33.31
N CYS D 97 -14.60 -4.72 -33.48
CA CYS D 97 -15.36 -5.89 -33.93
C CYS D 97 -15.64 -5.74 -35.42
N ALA D 98 -15.44 -6.82 -36.17
CA ALA D 98 -15.50 -6.77 -37.63
C ALA D 98 -16.39 -7.88 -38.16
N SER D 99 -16.88 -7.66 -39.37
CA SER D 99 -17.70 -8.63 -40.09
C SER D 99 -16.85 -9.30 -41.16
N ILE D 100 -16.64 -10.60 -41.03
CA ILE D 100 -15.76 -11.35 -41.92
C ILE D 100 -16.64 -12.09 -42.92
N TYR D 101 -16.59 -11.68 -44.19
CA TYR D 101 -17.36 -12.32 -45.23
C TYR D 101 -16.64 -13.55 -45.74
N GLY D 102 -17.39 -14.64 -45.92
CA GLY D 102 -16.82 -15.88 -46.40
C GLY D 102 -17.62 -16.52 -47.51
N SER D 103 -16.96 -16.82 -48.63
CA SER D 103 -17.58 -17.50 -49.75
C SER D 103 -16.57 -18.48 -50.33
N GLY D 104 -17.04 -19.67 -50.68
CA GLY D 104 -16.14 -20.68 -51.21
C GLY D 104 -16.80 -21.96 -51.68
N THR D 105 -16.27 -22.54 -52.76
CA THR D 105 -16.75 -23.82 -53.24
C THR D 105 -16.16 -24.97 -52.42
N PHE D 106 -14.84 -24.95 -52.20
CA PHE D 106 -14.16 -25.97 -51.42
C PHE D 106 -14.04 -25.54 -49.95
N TYR D 107 -13.40 -24.39 -49.71
CA TYR D 107 -13.42 -23.76 -48.40
C TYR D 107 -13.63 -22.26 -48.57
N TYR D 108 -14.11 -21.63 -47.49
CA TYR D 108 -14.46 -20.22 -47.55
C TYR D 108 -13.23 -19.34 -47.71
N TYR D 109 -13.35 -18.32 -48.56
CA TYR D 109 -12.32 -17.30 -48.72
C TYR D 109 -12.79 -16.05 -47.98
N PHE D 110 -11.96 -15.55 -47.06
CA PHE D 110 -12.38 -14.54 -46.10
C PHE D 110 -11.77 -13.18 -46.40
N TYR D 111 -12.56 -12.14 -46.15
CA TYR D 111 -12.09 -10.76 -46.07
C TYR D 111 -13.06 -9.99 -45.19
N MET D 112 -12.53 -9.11 -44.35
CA MET D 112 -13.31 -8.47 -43.30
C MET D 112 -14.10 -7.31 -43.90
N ASP D 113 -15.33 -7.61 -44.33
CA ASP D 113 -16.22 -6.69 -45.03
C ASP D 113 -16.42 -5.38 -44.27
N VAL D 114 -17.11 -5.43 -43.14
CA VAL D 114 -17.45 -4.24 -42.38
C VAL D 114 -16.73 -4.27 -41.04
N TRP D 115 -16.36 -3.09 -40.56
CA TRP D 115 -15.68 -2.93 -39.29
C TRP D 115 -16.51 -2.06 -38.36
N GLY D 116 -16.21 -2.16 -37.06
CA GLY D 116 -16.88 -1.36 -36.05
C GLY D 116 -16.19 -0.02 -35.85
N LYS D 117 -16.67 0.70 -34.83
CA LYS D 117 -16.12 2.01 -34.53
C LYS D 117 -14.87 1.91 -33.66
N GLY D 118 -14.87 1.01 -32.69
CA GLY D 118 -13.73 0.82 -31.81
C GLY D 118 -14.04 1.29 -30.40
N SER D 119 -13.57 0.52 -29.42
CA SER D 119 -13.78 0.84 -28.01
C SER D 119 -12.42 0.99 -27.34
N THR D 120 -12.15 2.17 -26.80
CA THR D 120 -10.89 2.46 -26.13
C THR D 120 -10.95 1.88 -24.72
N VAL D 121 -10.36 0.70 -24.54
CA VAL D 121 -10.36 0.00 -23.26
C VAL D 121 -9.05 0.30 -22.54
N THR D 122 -9.15 0.81 -21.31
CA THR D 122 -7.99 1.12 -20.49
C THR D 122 -8.01 0.23 -19.26
N VAL D 123 -6.93 -0.50 -19.05
CA VAL D 123 -6.80 -1.43 -17.93
C VAL D 123 -6.06 -0.69 -16.82
N SER D 124 -6.79 -0.22 -15.82
CA SER D 124 -6.20 0.53 -14.72
C SER D 124 -7.06 0.39 -13.47
N SER D 125 -6.39 0.40 -12.32
CA SER D 125 -7.09 0.38 -11.04
C SER D 125 -7.62 1.74 -10.64
N ALA D 126 -7.20 2.81 -11.31
CA ALA D 126 -7.65 4.15 -10.98
C ALA D 126 -9.13 4.30 -11.28
N SER D 127 -9.78 5.21 -10.56
CA SER D 127 -11.21 5.45 -10.69
C SER D 127 -11.50 6.44 -11.81
N THR D 128 -12.76 6.49 -12.22
CA THR D 128 -13.19 7.37 -13.30
C THR D 128 -13.31 8.80 -12.81
N LYS D 129 -12.98 9.75 -13.68
CA LYS D 129 -13.11 11.17 -13.36
C LYS D 129 -13.61 11.90 -14.59
N GLY D 130 -14.69 12.67 -14.43
CA GLY D 130 -15.23 13.45 -15.51
C GLY D 130 -14.44 14.71 -15.76
N PRO D 131 -14.63 15.31 -16.94
CA PRO D 131 -13.79 16.44 -17.35
C PRO D 131 -14.37 17.79 -16.95
N SER D 132 -13.52 18.81 -17.05
CA SER D 132 -13.90 20.19 -16.84
C SER D 132 -13.55 20.98 -18.09
N VAL D 133 -14.54 21.68 -18.65
CA VAL D 133 -14.38 22.40 -19.91
C VAL D 133 -14.20 23.89 -19.63
N PHE D 134 -13.16 24.47 -20.20
CA PHE D 134 -12.88 25.90 -20.09
C PHE D 134 -12.77 26.52 -21.48
N PRO D 135 -13.25 27.74 -21.67
CA PRO D 135 -13.19 28.36 -22.98
C PRO D 135 -11.83 28.99 -23.26
N LEU D 136 -11.45 28.95 -24.54
CA LEU D 136 -10.24 29.61 -25.03
C LEU D 136 -10.69 30.83 -25.85
N ALA D 137 -11.01 31.91 -25.14
CA ALA D 137 -11.60 33.07 -25.79
C ALA D 137 -10.59 33.73 -26.74
N PRO D 138 -11.05 34.19 -27.91
CA PRO D 138 -10.19 34.87 -28.89
C PRO D 138 -10.01 36.36 -28.56
N THR D 147 -8.38 36.47 -39.52
CA THR D 147 -8.81 35.20 -38.93
C THR D 147 -8.32 35.07 -37.49
N ALA D 148 -9.25 34.75 -36.58
CA ALA D 148 -8.96 34.58 -35.17
C ALA D 148 -9.32 33.18 -34.73
N ALA D 149 -8.61 32.68 -33.72
CA ALA D 149 -8.74 31.30 -33.26
C ALA D 149 -9.41 31.27 -31.88
N LEU D 150 -10.22 30.23 -31.67
CA LEU D 150 -10.89 30.02 -30.39
C LEU D 150 -11.04 28.52 -30.18
N GLY D 151 -11.21 28.12 -28.93
CA GLY D 151 -11.32 26.71 -28.65
C GLY D 151 -11.81 26.42 -27.25
N CYS D 152 -11.66 25.16 -26.86
CA CYS D 152 -12.08 24.67 -25.55
C CYS D 152 -10.97 23.82 -24.94
N LEU D 153 -10.86 23.88 -23.62
CA LEU D 153 -9.86 23.12 -22.87
C LEU D 153 -10.58 22.08 -22.02
N VAL D 154 -10.33 20.80 -22.31
CA VAL D 154 -10.97 19.70 -21.60
C VAL D 154 -9.90 19.13 -20.66
N LYS D 155 -9.88 19.62 -19.43
CA LYS D 155 -8.82 19.34 -18.49
C LYS D 155 -9.27 18.32 -17.44
N ASP D 156 -8.35 17.46 -17.03
CA ASP D 156 -8.51 16.56 -15.89
C ASP D 156 -9.69 15.59 -16.09
N TYR D 157 -9.44 14.61 -16.95
CA TYR D 157 -10.42 13.54 -17.15
C TYR D 157 -9.70 12.20 -17.27
N PHE D 158 -10.41 11.14 -16.89
CA PHE D 158 -9.87 9.79 -16.93
C PHE D 158 -11.02 8.78 -16.91
N PRO D 159 -10.97 7.78 -17.80
CA PRO D 159 -9.92 7.57 -18.79
C PRO D 159 -10.25 8.16 -20.15
N GLU D 160 -9.47 7.79 -21.16
CA GLU D 160 -9.73 8.16 -22.55
C GLU D 160 -10.93 7.36 -23.06
N PRO D 161 -11.62 7.86 -24.10
CA PRO D 161 -11.38 9.08 -24.87
C PRO D 161 -12.44 10.18 -24.64
N VAL D 162 -12.26 11.30 -25.32
CA VAL D 162 -13.20 12.42 -25.29
C VAL D 162 -13.43 12.88 -26.72
N THR D 163 -14.70 13.07 -27.08
CA THR D 163 -15.08 13.52 -28.42
C THR D 163 -15.67 14.92 -28.32
N VAL D 164 -15.05 15.86 -29.03
CA VAL D 164 -15.44 17.26 -29.00
C VAL D 164 -16.00 17.64 -30.36
N SER D 165 -17.26 18.05 -30.40
CA SER D 165 -17.89 18.58 -31.60
C SER D 165 -18.00 20.10 -31.50
N TRP D 166 -18.37 20.72 -32.61
CA TRP D 166 -18.49 22.17 -32.68
C TRP D 166 -19.79 22.55 -33.37
N ASN D 167 -20.59 23.38 -32.70
CA ASN D 167 -21.90 23.82 -33.20
C ASN D 167 -22.78 22.64 -33.59
N SER D 168 -22.75 21.61 -32.72
CA SER D 168 -23.56 20.40 -32.91
C SER D 168 -23.25 19.71 -34.24
N GLY D 169 -21.97 19.73 -34.63
CA GLY D 169 -21.54 19.06 -35.84
C GLY D 169 -21.59 19.92 -37.09
N ALA D 170 -22.17 21.11 -37.03
CA ALA D 170 -22.24 21.97 -38.21
C ALA D 170 -20.86 22.53 -38.57
N LEU D 171 -20.11 22.97 -37.57
CA LEU D 171 -18.78 23.52 -37.81
C LEU D 171 -17.78 22.38 -37.91
N THR D 172 -17.17 22.21 -39.08
CA THR D 172 -16.22 21.14 -39.31
C THR D 172 -14.91 21.61 -39.94
N SER D 173 -14.97 22.58 -40.84
CA SER D 173 -13.76 23.03 -41.52
C SER D 173 -12.84 23.79 -40.57
N GLY D 174 -11.54 23.51 -40.68
CA GLY D 174 -10.56 24.21 -39.87
C GLY D 174 -10.59 23.87 -38.40
N VAL D 175 -11.18 22.75 -38.02
CA VAL D 175 -11.25 22.32 -36.62
C VAL D 175 -10.11 21.35 -36.36
N HIS D 176 -9.36 21.60 -35.29
CA HIS D 176 -8.22 20.76 -34.91
C HIS D 176 -8.41 20.30 -33.46
N THR D 177 -8.67 19.01 -33.28
CA THR D 177 -8.82 18.41 -31.96
C THR D 177 -7.52 17.70 -31.61
N PHE D 178 -6.76 18.29 -30.68
CA PHE D 178 -5.43 17.78 -30.38
C PHE D 178 -5.51 16.48 -29.58
N PRO D 179 -4.53 15.59 -29.77
CA PRO D 179 -4.51 14.35 -28.99
C PRO D 179 -4.32 14.65 -27.51
N ALA D 180 -4.92 13.79 -26.68
CA ALA D 180 -4.82 13.98 -25.24
C ALA D 180 -3.39 13.77 -24.76
N VAL D 181 -3.07 14.41 -23.64
CA VAL D 181 -1.78 14.26 -22.99
C VAL D 181 -2.01 13.91 -21.53
N LEU D 182 -1.24 12.97 -21.00
CA LEU D 182 -1.36 12.54 -19.62
C LEU D 182 -0.51 13.45 -18.74
N GLN D 183 -1.16 14.11 -17.78
CA GLN D 183 -0.48 15.02 -16.88
C GLN D 183 0.19 14.23 -15.75
N SER D 184 1.00 14.94 -14.96
CA SER D 184 1.63 14.31 -13.81
C SER D 184 0.63 13.77 -12.81
N SER D 185 -0.60 14.30 -12.79
CA SER D 185 -1.65 13.85 -11.90
C SER D 185 -2.26 12.51 -12.33
N GLY D 186 -1.84 11.96 -13.47
CA GLY D 186 -2.46 10.75 -13.99
C GLY D 186 -3.74 10.97 -14.77
N LEU D 187 -4.14 12.22 -14.97
CA LEU D 187 -5.35 12.54 -15.72
C LEU D 187 -4.97 13.12 -17.07
N TYR D 188 -5.87 12.95 -18.03
CA TYR D 188 -5.64 13.43 -19.38
C TYR D 188 -6.15 14.85 -19.55
N SER D 189 -5.58 15.56 -20.53
CA SER D 189 -5.97 16.92 -20.85
C SER D 189 -6.02 17.06 -22.36
N LEU D 190 -7.14 17.58 -22.87
CA LEU D 190 -7.37 17.69 -24.30
C LEU D 190 -7.72 19.13 -24.67
N SER D 191 -7.39 19.50 -25.91
CA SER D 191 -7.66 20.84 -26.41
C SER D 191 -8.17 20.74 -27.84
N SER D 192 -9.22 21.50 -28.14
CA SER D 192 -9.84 21.50 -29.46
C SER D 192 -10.12 22.94 -29.88
N VAL D 193 -9.51 23.38 -30.97
CA VAL D 193 -9.61 24.76 -31.43
C VAL D 193 -10.18 24.78 -32.84
N VAL D 194 -10.56 25.97 -33.28
CA VAL D 194 -11.09 26.18 -34.62
C VAL D 194 -10.74 27.60 -35.06
N THR D 195 -10.40 27.75 -36.33
CA THR D 195 -10.03 29.04 -36.91
C THR D 195 -11.19 29.52 -37.79
N VAL D 196 -11.81 30.62 -37.38
CA VAL D 196 -12.93 31.21 -38.11
C VAL D 196 -12.59 32.67 -38.42
N PRO D 197 -13.22 33.24 -39.45
CA PRO D 197 -12.93 34.64 -39.79
C PRO D 197 -13.32 35.59 -38.66
N SER D 198 -12.54 36.67 -38.54
CA SER D 198 -12.76 37.63 -37.46
C SER D 198 -14.08 38.37 -37.60
N SER D 199 -14.63 38.46 -38.81
CA SER D 199 -15.87 39.20 -39.01
C SER D 199 -17.05 38.49 -38.35
N SER D 200 -17.04 37.15 -38.38
CA SER D 200 -18.15 36.36 -37.84
C SER D 200 -18.10 36.23 -36.32
N LEU D 201 -17.12 36.87 -35.66
CA LEU D 201 -16.99 36.72 -34.21
C LEU D 201 -18.22 37.27 -33.48
N GLY D 202 -18.67 38.46 -33.87
CA GLY D 202 -19.80 39.05 -33.19
C GLY D 202 -21.12 38.41 -33.58
N THR D 203 -21.31 38.15 -34.87
CA THR D 203 -22.58 37.60 -35.36
C THR D 203 -22.77 36.16 -34.96
N GLN D 204 -21.95 35.26 -35.51
CA GLN D 204 -22.14 33.83 -35.30
C GLN D 204 -21.75 33.44 -33.88
N THR D 205 -22.50 32.48 -33.32
CA THR D 205 -22.23 31.93 -32.01
C THR D 205 -21.50 30.59 -32.15
N TYR D 206 -20.62 30.31 -31.20
CA TYR D 206 -19.79 29.11 -31.24
C TYR D 206 -19.92 28.35 -29.92
N ILE D 207 -20.16 27.05 -30.02
CA ILE D 207 -20.23 26.16 -28.86
C ILE D 207 -19.50 24.87 -29.20
N CYS D 208 -18.76 24.34 -28.22
CA CYS D 208 -18.10 23.05 -28.36
C CYS D 208 -18.87 22.00 -27.57
N ASN D 209 -19.17 20.88 -28.23
CA ASN D 209 -19.96 19.80 -27.63
C ASN D 209 -18.99 18.72 -27.13
N VAL D 210 -18.51 18.90 -25.90
CA VAL D 210 -17.61 17.93 -25.29
C VAL D 210 -18.41 16.78 -24.71
N ASN D 211 -17.95 15.56 -24.96
CA ASN D 211 -18.64 14.37 -24.50
C ASN D 211 -17.62 13.37 -23.99
N HIS D 212 -17.82 12.89 -22.76
CA HIS D 212 -16.94 11.92 -22.11
C HIS D 212 -17.79 10.70 -21.74
N LYS D 213 -17.81 9.72 -22.63
CA LYS D 213 -18.63 8.53 -22.41
C LYS D 213 -18.24 7.73 -21.17
N PRO D 214 -16.96 7.50 -20.86
CA PRO D 214 -16.63 6.69 -19.67
C PRO D 214 -17.24 7.22 -18.38
N SER D 215 -17.43 8.54 -18.26
CA SER D 215 -18.06 9.13 -17.09
C SER D 215 -19.48 9.58 -17.35
N ASN D 216 -19.98 9.43 -18.59
CA ASN D 216 -21.33 9.86 -18.96
C ASN D 216 -21.52 11.35 -18.72
N THR D 217 -20.63 12.15 -19.30
CA THR D 217 -20.64 13.60 -19.12
C THR D 217 -20.73 14.26 -20.49
N LYS D 218 -21.67 15.21 -20.63
CA LYS D 218 -21.88 15.95 -21.87
C LYS D 218 -21.98 17.43 -21.52
N VAL D 219 -21.01 18.22 -21.96
CA VAL D 219 -20.91 19.63 -21.61
C VAL D 219 -20.94 20.45 -22.90
N ASP D 220 -21.78 21.48 -22.91
CA ASP D 220 -21.92 22.39 -24.05
C ASP D 220 -21.47 23.78 -23.59
N LYS D 221 -20.19 24.07 -23.78
CA LYS D 221 -19.60 25.32 -23.32
C LYS D 221 -19.68 26.37 -24.43
N LYS D 222 -20.14 27.57 -24.07
CA LYS D 222 -20.24 28.69 -24.99
C LYS D 222 -18.96 29.51 -24.93
N VAL D 223 -18.29 29.67 -26.06
CA VAL D 223 -17.05 30.43 -26.15
C VAL D 223 -17.37 31.82 -26.67
N GLU D 224 -17.07 32.83 -25.85
CA GLU D 224 -17.34 34.23 -26.18
C GLU D 224 -16.07 35.05 -26.04
N PRO D 225 -15.93 36.11 -26.82
CA PRO D 225 -14.72 36.94 -26.72
C PRO D 225 -14.70 37.76 -25.44
N LYS D 226 -13.52 38.32 -25.17
CA LYS D 226 -13.26 39.12 -23.97
C LYS D 226 -13.57 38.37 -22.68
N CYS E 21 24.47 54.70 20.68
CA CYS E 21 23.80 55.98 20.82
C CYS E 21 23.69 56.39 22.28
N SER E 22 22.54 56.99 22.63
CA SER E 22 22.36 57.54 23.97
C SER E 22 21.82 56.53 24.97
N GLY E 23 20.97 55.60 24.52
CA GLY E 23 20.41 54.59 25.40
C GLY E 23 21.41 53.51 25.80
N THR E 24 21.03 52.71 26.79
CA THR E 24 21.88 51.66 27.31
C THR E 24 21.05 50.42 27.63
N LEU E 25 21.65 49.26 27.40
CA LEU E 25 21.05 47.97 27.74
C LEU E 25 21.88 47.33 28.85
N GLN E 26 21.26 47.14 30.01
CA GLN E 26 22.00 46.63 31.16
C GLN E 26 22.13 45.11 31.13
N LYS E 27 21.07 44.40 30.77
CA LYS E 27 21.07 42.95 30.76
C LYS E 27 20.29 42.44 29.57
N THR E 28 20.57 41.18 29.19
CA THR E 28 19.77 40.52 28.17
C THR E 28 18.35 40.26 28.65
N GLU E 29 18.12 40.29 29.97
CA GLU E 29 16.76 40.18 30.49
C GLU E 29 15.94 41.42 30.21
N ASP E 30 16.58 42.56 29.91
CA ASP E 30 15.86 43.81 29.73
C ASP E 30 15.29 43.98 28.34
N VAL E 31 15.83 43.29 27.33
CA VAL E 31 15.30 43.40 25.98
C VAL E 31 14.03 42.56 25.87
N HIS E 32 12.94 43.18 25.45
CA HIS E 32 11.64 42.54 25.39
C HIS E 32 11.07 42.61 23.98
N LEU E 33 10.30 41.57 23.64
CA LEU E 33 9.59 41.47 22.36
C LEU E 33 8.10 41.43 22.67
N MET E 34 7.39 42.51 22.31
CA MET E 34 5.97 42.61 22.61
C MET E 34 5.15 42.36 21.35
N GLY E 35 4.19 41.45 21.45
CA GLY E 35 3.31 41.14 20.34
C GLY E 35 2.01 41.92 20.38
N PHE E 36 1.76 42.71 19.35
CA PHE E 36 0.57 43.55 19.27
C PHE E 36 -0.42 42.93 18.28
N THR E 37 -1.65 42.74 18.73
CA THR E 37 -2.67 42.10 17.90
C THR E 37 -3.08 43.01 16.75
N LEU E 38 -3.50 42.38 15.64
CA LEU E 38 -4.10 43.13 14.55
C LEU E 38 -5.45 43.73 14.94
N SER E 39 -6.04 43.26 16.04
CA SER E 39 -7.27 43.87 16.53
C SER E 39 -7.04 45.33 16.90
N GLY E 40 -5.87 45.64 17.48
CA GLY E 40 -5.53 47.01 17.78
C GLY E 40 -5.26 47.87 16.57
N GLN E 41 -4.92 47.25 15.43
CA GLN E 41 -4.75 47.96 14.18
C GLN E 41 -6.08 48.23 13.48
N LYS E 42 -7.19 47.94 14.15
CA LYS E 42 -8.54 48.19 13.62
C LYS E 42 -8.76 47.47 12.29
N VAL E 43 -8.42 46.19 12.27
CA VAL E 43 -8.74 45.32 11.16
C VAL E 43 -9.95 44.48 11.55
N ALA E 44 -10.59 43.88 10.55
CA ALA E 44 -11.81 43.13 10.79
C ALA E 44 -11.54 41.93 11.70
N ASP E 45 -12.24 41.89 12.83
CA ASP E 45 -12.11 40.79 13.79
C ASP E 45 -13.03 39.62 13.47
N SER E 46 -13.98 39.80 12.54
CA SER E 46 -14.94 38.74 12.26
C SER E 46 -14.23 37.53 11.67
N PRO E 47 -14.63 36.31 12.03
CA PRO E 47 -13.93 35.13 11.52
C PRO E 47 -14.09 34.95 10.02
N LEU E 48 -15.18 35.45 9.42
CA LEU E 48 -15.33 35.34 7.97
C LEU E 48 -14.30 36.19 7.25
N GLU E 49 -14.17 37.46 7.64
CA GLU E 49 -13.17 38.33 7.03
C GLU E 49 -11.76 37.93 7.44
N ALA E 50 -11.60 37.34 8.62
CA ALA E 50 -10.28 36.89 9.05
C ALA E 50 -9.85 35.63 8.31
N SER E 51 -10.81 34.76 7.95
CA SER E 51 -10.47 33.57 7.18
C SER E 51 -10.02 33.90 5.77
N LYS E 52 -10.38 35.07 5.25
CA LYS E 52 -9.91 35.51 3.94
C LYS E 52 -8.45 35.97 3.97
N ARG E 53 -7.84 36.04 5.15
CA ARG E 53 -6.47 36.50 5.31
C ARG E 53 -5.46 35.38 5.35
N TRP E 54 -5.90 34.12 5.33
CA TRP E 54 -5.01 32.97 5.40
C TRP E 54 -5.21 32.08 4.18
N ALA E 55 -4.17 31.31 3.87
CA ALA E 55 -4.21 30.41 2.71
C ALA E 55 -3.17 29.31 2.88
N PHE E 56 -3.42 28.18 2.24
CA PHE E 56 -2.52 27.05 2.26
C PHE E 56 -1.52 27.14 1.11
N ARG E 57 -0.29 26.69 1.36
CA ARG E 57 0.70 26.62 0.30
C ARG E 57 1.74 25.55 0.62
N THR E 58 2.13 24.79 -0.40
CA THR E 58 3.15 23.75 -0.28
C THR E 58 4.52 24.30 -0.60
N GLY E 59 5.54 23.75 0.08
CA GLY E 59 6.92 24.11 -0.21
C GLY E 59 7.49 25.24 0.62
N VAL E 60 6.91 25.52 1.79
CA VAL E 60 7.40 26.57 2.67
C VAL E 60 7.53 26.00 4.07
N PRO E 61 8.73 26.03 4.67
CA PRO E 61 8.89 25.47 6.02
C PRO E 61 8.28 26.39 7.07
N PRO E 62 7.76 25.82 8.16
CA PRO E 62 7.20 26.66 9.23
C PRO E 62 8.30 27.12 10.18
N LYS E 63 8.28 28.40 10.51
CA LYS E 63 9.28 29.01 11.39
C LYS E 63 8.58 29.61 12.61
N ASN E 64 9.29 29.64 13.73
CA ASN E 64 8.74 30.13 14.99
C ASN E 64 9.72 31.04 15.68
N VAL E 65 9.19 32.07 16.35
CA VAL E 65 9.97 33.01 17.14
C VAL E 65 9.28 33.19 18.48
N GLU E 66 10.04 33.07 19.57
CA GLU E 66 9.49 33.28 20.90
C GLU E 66 9.58 34.76 21.27
N TYR E 67 8.56 35.25 21.95
CA TYR E 67 8.53 36.63 22.44
C TYR E 67 8.21 36.62 23.93
N THR E 68 8.33 37.80 24.54
CA THR E 68 8.22 37.94 25.99
C THR E 68 6.83 38.39 26.44
N GLU E 69 6.31 39.48 25.89
CA GLU E 69 5.02 40.01 26.29
C GLU E 69 4.08 40.09 25.08
N GLY E 70 2.78 40.18 25.37
CA GLY E 70 1.80 40.27 24.32
C GLY E 70 0.59 41.07 24.78
N GLU E 71 -0.20 41.50 23.81
CA GLU E 71 -1.41 42.27 24.06
C GLU E 71 -2.58 41.35 24.35
N GLU E 72 -3.55 41.87 25.12
CA GLU E 72 -4.79 41.14 25.37
C GLU E 72 -5.63 41.15 24.10
N ALA E 73 -5.94 39.96 23.58
CA ALA E 73 -6.58 39.83 22.28
C ALA E 73 -8.07 40.11 22.36
N LYS E 74 -8.59 40.79 21.34
CA LYS E 74 -10.01 41.07 21.27
C LYS E 74 -10.80 39.88 20.77
N THR E 75 -10.28 39.18 19.76
CA THR E 75 -10.92 37.99 19.21
C THR E 75 -9.86 36.92 18.94
N CYS E 76 -10.16 35.69 19.34
CA CYS E 76 -9.30 34.55 19.11
C CYS E 76 -10.07 33.48 18.36
N TYR E 77 -9.33 32.57 17.73
CA TYR E 77 -9.94 31.56 16.86
C TYR E 77 -9.37 30.18 17.16
N ASN E 78 -10.26 29.19 17.22
CA ASN E 78 -9.89 27.78 17.38
C ASN E 78 -10.46 27.05 16.17
N ILE E 79 -9.65 26.93 15.13
CA ILE E 79 -10.10 26.43 13.83
C ILE E 79 -9.62 25.00 13.63
N SER E 80 -10.41 24.23 12.88
CA SER E 80 -10.09 22.83 12.56
C SER E 80 -10.58 22.56 11.13
N VAL E 81 -9.71 22.82 10.16
CA VAL E 81 -10.03 22.59 8.75
C VAL E 81 -9.68 21.14 8.40
N THR E 82 -10.65 20.42 7.85
CA THR E 82 -10.53 19.00 7.61
C THR E 82 -10.78 18.65 6.16
N ASP E 83 -10.17 17.55 5.71
CA ASP E 83 -10.44 16.97 4.41
C ASP E 83 -11.88 16.45 4.39
N PRO E 84 -12.49 16.35 3.20
CA PRO E 84 -13.81 15.69 3.13
C PRO E 84 -13.78 14.28 3.68
N SER E 85 -12.63 13.61 3.66
CA SER E 85 -12.52 12.31 4.32
C SER E 85 -12.51 12.46 5.84
N GLY E 86 -11.95 13.56 6.35
CA GLY E 86 -11.86 13.78 7.78
C GLY E 86 -10.47 14.15 8.23
N LYS E 87 -9.52 14.08 7.31
CA LYS E 87 -8.12 14.37 7.62
C LYS E 87 -7.93 15.87 7.85
N SER E 88 -7.39 16.23 9.02
CA SER E 88 -7.14 17.63 9.33
C SER E 88 -5.88 18.09 8.62
N LEU E 89 -5.97 19.23 7.92
CA LEU E 89 -4.87 19.75 7.12
C LEU E 89 -3.91 20.62 7.92
N LEU E 90 -4.27 21.02 9.13
CA LEU E 90 -3.40 21.86 9.93
C LEU E 90 -2.24 21.06 10.51
N LEU E 91 -1.12 21.74 10.72
CA LEU E 91 0.07 21.07 11.21
C LEU E 91 -0.09 20.63 12.66
N ASP E 92 0.69 19.62 13.03
CA ASP E 92 0.71 19.16 14.41
C ASP E 92 1.52 20.12 15.26
N PRO E 93 0.97 20.65 16.35
CA PRO E 93 1.68 21.64 17.15
C PRO E 93 2.76 21.00 17.99
N PRO E 94 3.99 21.53 17.96
CA PRO E 94 5.04 21.04 18.85
C PRO E 94 4.70 21.35 20.31
N SER E 95 5.53 20.81 21.21
CA SER E 95 5.25 20.89 22.63
C SER E 95 5.22 22.33 23.14
N ASN E 96 6.10 23.18 22.58
CA ASN E 96 6.21 24.55 23.07
C ASN E 96 5.01 25.42 22.71
N ILE E 97 4.19 25.00 21.75
CA ILE E 97 3.06 25.80 21.31
C ILE E 97 1.89 25.55 22.27
N ARG E 98 1.37 26.63 22.86
CA ARG E 98 0.22 26.55 23.75
C ARG E 98 -0.78 27.65 23.40
N ASP E 99 -1.99 27.50 23.93
CA ASP E 99 -3.08 28.43 23.65
C ASP E 99 -2.69 29.85 24.03
N TYR E 100 -3.28 30.82 23.32
CA TYR E 100 -3.03 32.21 23.63
C TYR E 100 -3.56 32.54 25.02
N PRO E 101 -2.82 33.29 25.83
CA PRO E 101 -3.20 33.48 27.24
C PRO E 101 -4.51 34.21 27.44
N LYS E 102 -4.65 35.41 26.87
CA LYS E 102 -5.78 36.29 27.16
C LYS E 102 -6.56 36.55 25.88
N CYS E 103 -7.81 36.09 25.84
CA CYS E 103 -8.73 36.35 24.74
C CYS E 103 -10.07 36.78 25.30
N LYS E 104 -10.66 37.82 24.71
CA LYS E 104 -11.98 38.26 25.14
C LYS E 104 -13.08 37.33 24.62
N THR E 105 -12.97 36.92 23.35
CA THR E 105 -13.91 36.00 22.74
C THR E 105 -13.14 35.02 21.86
N VAL E 106 -13.50 33.74 21.94
CA VAL E 106 -12.83 32.67 21.21
C VAL E 106 -13.83 32.06 20.24
N HIS E 107 -13.56 32.19 18.94
CA HIS E 107 -14.43 31.65 17.90
C HIS E 107 -14.05 30.20 17.62
N HIS E 108 -15.02 29.30 17.79
CA HIS E 108 -14.84 27.88 17.50
C HIS E 108 -15.50 27.59 16.16
N ILE E 109 -14.68 27.26 15.15
CA ILE E 109 -15.16 27.07 13.79
C ILE E 109 -14.51 25.82 13.20
N GLN E 110 -15.28 25.08 12.42
CA GLN E 110 -14.82 23.86 11.75
C GLN E 110 -15.06 24.00 10.26
N GLY E 111 -13.98 23.95 9.48
CA GLY E 111 -14.05 24.16 8.05
C GLY E 111 -13.70 22.92 7.24
N GLN E 112 -13.74 23.11 5.91
CA GLN E 112 -13.43 22.04 4.97
C GLN E 112 -12.71 22.62 3.77
N ASN E 113 -11.73 21.86 3.25
CA ASN E 113 -10.99 22.25 2.06
C ASN E 113 -10.43 21.00 1.38
N PRO E 114 -11.02 20.56 0.26
CA PRO E 114 -10.52 19.36 -0.41
C PRO E 114 -9.29 19.62 -1.27
N HIS E 115 -9.24 20.79 -1.91
CA HIS E 115 -8.12 21.16 -2.76
C HIS E 115 -6.86 21.51 -1.97
N ALA E 116 -6.98 21.70 -0.66
CA ALA E 116 -5.89 22.23 0.13
C ALA E 116 -4.69 21.28 0.14
N GLN E 117 -3.50 21.86 -0.04
CA GLN E 117 -2.24 21.15 0.10
C GLN E 117 -1.27 22.03 0.86
N GLY E 118 -0.25 21.42 1.43
CA GLY E 118 0.74 22.21 2.14
C GLY E 118 0.24 22.62 3.51
N ILE E 119 0.56 23.85 3.90
CA ILE E 119 0.29 24.35 5.25
C ILE E 119 -0.25 25.77 5.17
N ALA E 120 -0.95 26.17 6.23
CA ALA E 120 -1.59 27.47 6.27
C ALA E 120 -0.59 28.57 6.58
N LEU E 121 -0.59 29.62 5.76
CA LEU E 121 0.29 30.76 5.95
C LEU E 121 -0.55 32.03 5.97
N HIS E 122 0.08 33.14 6.35
CA HIS E 122 -0.57 34.44 6.44
C HIS E 122 -0.32 35.22 5.17
N LEU E 123 -1.40 35.72 4.56
CA LEU E 123 -1.29 36.46 3.31
C LEU E 123 -0.74 37.87 3.51
N TRP E 124 -0.91 38.45 4.69
CA TRP E 124 -0.39 39.78 4.98
C TRP E 124 1.07 39.77 5.41
N GLY E 125 1.60 38.61 5.81
CA GLY E 125 2.91 38.53 6.41
C GLY E 125 2.90 38.58 7.92
N ALA E 126 1.74 38.67 8.55
CA ALA E 126 1.65 38.69 9.99
C ALA E 126 1.94 37.30 10.55
N PHE E 127 1.86 37.18 11.88
CA PHE E 127 2.18 35.95 12.57
C PHE E 127 0.98 35.46 13.35
N PHE E 128 0.84 34.14 13.44
CA PHE E 128 -0.18 33.50 14.27
C PHE E 128 0.37 33.46 15.70
N LEU E 129 -0.13 34.35 16.55
CA LEU E 129 0.43 34.52 17.88
C LEU E 129 -0.07 33.43 18.82
N TYR E 130 0.86 32.73 19.44
CA TYR E 130 0.59 31.78 20.50
C TYR E 130 1.24 32.30 21.79
N ASP E 131 1.04 31.56 22.88
CA ASP E 131 1.60 31.96 24.16
C ASP E 131 3.12 32.08 24.03
N ARG E 132 3.62 33.32 24.09
CA ARG E 132 5.05 33.61 24.05
C ARG E 132 5.71 33.08 22.77
N VAL E 133 4.92 32.79 21.74
CA VAL E 133 5.43 32.26 20.48
C VAL E 133 4.67 32.89 19.33
N ALA E 134 5.40 33.33 18.30
CA ALA E 134 4.81 33.78 17.04
C ALA E 134 5.18 32.77 15.96
N SER E 135 4.21 32.43 15.11
CA SER E 135 4.37 31.34 14.17
C SER E 135 4.06 31.78 12.75
N THR E 136 4.71 31.12 11.79
CA THR E 136 4.39 31.32 10.38
C THR E 136 3.17 30.51 9.95
N THR E 137 2.91 29.39 10.63
CA THR E 137 1.84 28.48 10.29
C THR E 137 0.83 28.39 11.42
N MET E 138 -0.43 28.14 11.05
CA MET E 138 -1.49 27.90 12.01
C MET E 138 -1.50 26.43 12.40
N TYR E 139 -1.32 26.16 13.69
CA TYR E 139 -1.24 24.79 14.19
C TYR E 139 -2.61 24.26 14.57
N ARG E 140 -2.74 22.93 14.55
CA ARG E 140 -4.03 22.29 14.75
C ARG E 140 -4.46 22.39 16.22
N GLY E 141 -5.73 22.77 16.43
CA GLY E 141 -6.32 22.71 17.76
C GLY E 141 -5.65 23.60 18.79
N LYS E 142 -5.23 24.80 18.40
CA LYS E 142 -4.62 25.75 19.31
C LYS E 142 -5.13 27.14 18.98
N VAL E 143 -5.67 27.83 19.99
CA VAL E 143 -6.22 29.16 19.77
C VAL E 143 -5.08 30.15 19.52
N PHE E 144 -5.36 31.15 18.69
CA PHE E 144 -4.34 32.10 18.27
C PHE E 144 -4.99 33.45 18.01
N THR E 145 -4.17 34.43 17.65
CA THR E 145 -4.64 35.72 17.20
C THR E 145 -3.64 36.29 16.22
N GLU E 146 -4.14 37.05 15.25
CA GLU E 146 -3.29 37.68 14.25
C GLU E 146 -2.56 38.86 14.88
N GLY E 147 -1.24 38.93 14.68
CA GLY E 147 -0.49 40.04 15.25
C GLY E 147 0.94 40.01 14.79
N ASN E 148 1.67 41.05 15.20
CA ASN E 148 3.09 41.20 14.93
C ASN E 148 3.81 41.53 16.23
N ILE E 149 5.12 41.34 16.23
CA ILE E 149 5.92 41.61 17.42
C ILE E 149 6.88 42.75 17.12
N ALA E 150 7.31 43.43 18.19
CA ALA E 150 8.25 44.52 18.10
C ALA E 150 9.29 44.38 19.21
N ALA E 151 10.51 44.83 18.92
CA ALA E 151 11.63 44.72 19.84
C ALA E 151 11.84 46.06 20.55
N MET E 152 11.89 46.01 21.88
CA MET E 152 12.04 47.23 22.68
C MET E 152 12.85 46.92 23.93
N ILE E 153 13.35 47.97 24.57
CA ILE E 153 14.15 47.87 25.78
C ILE E 153 13.41 48.56 26.91
N VAL E 154 13.12 47.82 27.97
CA VAL E 154 12.60 48.38 29.22
C VAL E 154 13.34 47.73 30.37
N ASN E 155 13.88 48.55 31.27
CA ASN E 155 14.71 47.99 32.33
C ASN E 155 13.82 47.46 33.46
N LYS E 156 14.47 46.86 34.46
CA LYS E 156 13.76 46.14 35.51
C LYS E 156 12.79 47.05 36.25
N THR E 157 13.17 48.31 36.47
CA THR E 157 12.35 49.21 37.27
C THR E 157 11.08 49.61 36.52
N VAL E 158 11.17 49.83 35.20
CA VAL E 158 10.00 50.22 34.43
C VAL E 158 9.02 49.06 34.32
N HIS E 159 9.54 47.83 34.16
CA HIS E 159 8.67 46.66 34.04
C HIS E 159 7.83 46.46 35.29
N ARG E 160 8.41 46.66 36.46
CA ARG E 160 7.67 46.49 37.71
C ARG E 160 6.64 47.60 37.91
N MET E 161 6.78 48.73 37.19
CA MET E 161 5.82 49.82 37.31
C MET E 161 4.60 49.61 36.42
N ILE E 162 4.81 49.10 35.20
CA ILE E 162 3.72 48.93 34.27
C ILE E 162 2.76 47.85 34.74
N PHE E 163 3.30 46.72 35.18
CA PHE E 163 2.49 45.59 35.61
C PHE E 163 2.14 45.65 37.10
N SER E 164 2.20 46.83 37.70
CA SER E 164 1.80 47.02 39.09
C SER E 164 0.30 47.25 39.18
N SER F 36 17.65 50.00 18.06
CA SER F 36 16.63 49.43 18.93
C SER F 36 16.07 50.49 19.88
N PRO F 37 14.75 50.66 19.87
CA PRO F 37 14.12 51.67 20.74
C PRO F 37 14.08 51.20 22.18
N SER F 38 13.69 52.13 23.06
CA SER F 38 13.62 51.85 24.49
C SER F 38 12.54 52.73 25.11
N PHE F 39 11.75 52.13 26.00
CA PHE F 39 10.69 52.83 26.71
C PHE F 39 11.12 53.07 28.15
N ASN F 40 11.10 54.32 28.57
CA ASN F 40 11.52 54.72 29.90
C ASN F 40 10.49 55.67 30.51
N THR F 41 10.63 55.90 31.81
CA THR F 41 9.74 56.80 32.53
C THR F 41 9.95 58.25 32.11
N LEU F 55 5.38 57.40 30.64
CA LEU F 55 6.31 56.61 29.84
C LEU F 55 6.71 57.33 28.56
N THR F 56 7.92 57.05 28.09
CA THR F 56 8.46 57.68 26.88
C THR F 56 9.21 56.63 26.08
N PHE F 57 8.98 56.61 24.77
CA PHE F 57 9.63 55.68 23.86
C PHE F 57 10.54 56.43 22.90
N SER F 58 11.74 55.89 22.69
CA SER F 58 12.71 56.50 21.79
C SER F 58 12.56 55.95 20.37
N ASN F 75 -6.10 57.60 13.66
CA ASN F 75 -7.31 56.84 13.96
C ASN F 75 -7.12 55.35 13.65
N ASP F 76 -5.97 55.00 13.09
CA ASP F 76 -5.71 53.60 12.76
C ASP F 76 -5.40 52.77 14.01
N CYS F 77 -4.68 53.34 14.96
CA CYS F 77 -4.28 52.63 16.16
C CYS F 77 -5.39 52.62 17.20
N ASP F 78 -5.18 51.80 18.23
CA ASP F 78 -6.09 51.73 19.37
C ASP F 78 -5.47 52.45 20.56
N ALA F 79 -6.29 53.21 21.28
CA ALA F 79 -5.79 54.02 22.39
C ALA F 79 -5.34 53.13 23.55
N GLU F 80 -6.26 52.31 24.06
CA GLU F 80 -5.93 51.44 25.20
C GLU F 80 -5.05 50.29 24.75
N LEU F 81 -4.14 49.89 25.65
CA LEU F 81 -3.17 48.82 25.38
C LEU F 81 -2.98 48.01 26.65
N ARG F 82 -3.75 46.93 26.78
CA ARG F 82 -3.61 46.01 27.88
C ARG F 82 -2.66 44.88 27.49
N ILE F 83 -1.72 44.56 28.38
CA ILE F 83 -0.66 43.61 28.08
C ILE F 83 -0.54 42.61 29.22
N TRP F 84 0.17 41.52 28.95
CA TRP F 84 0.40 40.45 29.93
C TRP F 84 1.86 40.03 29.89
N SER F 85 2.39 39.67 31.06
CA SER F 85 3.77 39.24 31.20
C SER F 85 3.82 38.08 32.19
N VAL F 86 5.04 37.63 32.52
CA VAL F 86 5.23 36.49 33.40
C VAL F 86 6.26 36.84 34.48
N GLN F 87 7.26 37.64 34.13
CA GLN F 87 8.39 37.88 35.03
C GLN F 87 7.93 38.52 36.33
N GLU F 88 8.36 37.94 37.45
CA GLU F 88 8.00 38.41 38.78
C GLU F 88 9.19 38.34 39.73
N GLY F 94 8.54 34.49 48.28
CA GLY F 94 9.27 33.61 49.18
C GLY F 94 9.34 32.18 48.69
N LEU F 95 8.17 31.60 48.40
CA LEU F 95 8.07 30.23 47.90
C LEU F 95 7.55 30.17 46.47
N SER F 96 7.20 31.30 45.86
CA SER F 96 6.62 31.30 44.53
C SER F 96 7.63 30.86 43.46
N TRP F 97 8.93 31.05 43.72
CA TRP F 97 9.94 30.72 42.73
C TRP F 97 10.08 29.22 42.50
N ILE F 98 9.70 28.40 43.48
CA ILE F 98 9.76 26.94 43.31
C ILE F 98 8.75 26.50 42.27
N PRO F 99 9.11 25.64 41.31
CA PRO F 99 8.16 25.27 40.25
C PRO F 99 6.90 24.59 40.77
N PHE F 100 7.04 23.71 41.78
CA PHE F 100 5.86 23.04 42.32
C PHE F 100 4.89 24.04 42.92
N PHE F 101 5.39 25.03 43.65
CA PHE F 101 4.54 26.06 44.23
C PHE F 101 4.36 27.19 43.21
N GLY F 102 3.81 28.31 43.68
CA GLY F 102 3.61 29.47 42.85
C GLY F 102 2.56 29.23 41.77
N PRO F 103 2.72 29.89 40.63
CA PRO F 103 1.73 29.80 39.57
C PRO F 103 1.88 28.52 38.75
N GLY F 104 0.80 28.20 38.03
CA GLY F 104 0.83 27.11 37.08
C GLY F 104 0.77 27.63 35.66
N ILE F 105 -0.27 27.24 34.92
CA ILE F 105 -0.51 27.79 33.58
C ILE F 105 -1.67 28.78 33.57
N GLU F 106 -2.51 28.80 34.59
CA GLU F 106 -3.67 29.70 34.63
C GLU F 106 -3.26 31.05 35.21
N GLY F 107 -2.92 31.07 36.50
CA GLY F 107 -2.54 32.30 37.17
C GLY F 107 -1.08 32.65 37.00
N LEU F 108 -0.57 32.52 35.78
CA LEU F 108 0.83 32.81 35.47
C LEU F 108 1.06 34.21 34.94
N TYR F 109 0.05 34.80 34.29
CA TYR F 109 0.21 36.05 33.56
C TYR F 109 -0.25 37.23 34.41
N THR F 110 0.51 38.31 34.37
CA THR F 110 0.22 39.52 35.12
C THR F 110 -0.22 40.63 34.18
N ALA F 111 -1.28 41.33 34.56
CA ALA F 111 -1.87 42.33 33.70
C ALA F 111 -1.07 43.64 33.73
N GLY F 112 -1.11 44.36 32.61
CA GLY F 112 -0.43 45.64 32.51
C GLY F 112 -1.22 46.56 31.60
N LEU F 113 -0.90 47.85 31.71
CA LEU F 113 -1.61 48.87 30.95
C LEU F 113 -0.64 49.98 30.55
N ILE F 114 -0.64 50.33 29.27
CA ILE F 114 0.22 51.38 28.74
C ILE F 114 -0.66 52.49 28.18
N LYS F 115 -0.41 53.72 28.63
CA LYS F 115 -1.22 54.87 28.24
C LYS F 115 -0.62 55.56 27.02
N ASN F 116 -1.50 56.01 26.13
CA ASN F 116 -1.09 56.66 24.88
C ASN F 116 -0.73 58.10 25.18
N GLN F 117 0.58 58.38 25.29
CA GLN F 117 1.08 59.71 25.58
C GLN F 117 1.90 60.17 24.38
N ASN F 118 1.35 61.13 23.62
CA ASN F 118 1.92 61.58 22.35
C ASN F 118 2.04 60.41 21.37
N ASN F 119 0.88 59.86 21.02
CA ASN F 119 0.73 58.64 20.22
C ASN F 119 1.80 57.61 20.60
N LEU F 120 1.89 57.33 21.90
CA LEU F 120 2.87 56.37 22.40
C LEU F 120 2.51 54.95 21.96
N VAL F 121 1.28 54.53 22.22
CA VAL F 121 0.82 53.20 21.81
C VAL F 121 0.84 53.07 20.30
N CYS F 122 0.53 54.15 19.58
CA CYS F 122 0.49 54.10 18.13
C CYS F 122 1.88 53.90 17.54
N ARG F 123 2.91 54.50 18.15
CA ARG F 123 4.26 54.26 17.66
C ARG F 123 4.73 52.85 17.97
N LEU F 124 4.25 52.26 19.06
CA LEU F 124 4.55 50.86 19.34
C LEU F 124 3.88 49.94 18.33
N ARG F 125 2.62 50.21 18.01
CA ARG F 125 1.89 49.34 17.10
C ARG F 125 2.43 49.42 15.68
N ARG F 126 2.82 50.62 15.24
CA ARG F 126 3.40 50.77 13.90
C ARG F 126 4.80 50.20 13.82
N LEU F 127 5.46 50.00 14.97
CA LEU F 127 6.78 49.37 14.97
C LEU F 127 6.66 47.87 14.68
N ALA F 128 5.70 47.20 15.32
CA ALA F 128 5.50 45.78 15.06
C ALA F 128 5.05 45.54 13.62
N ASN F 129 4.24 46.46 13.07
CA ASN F 129 3.81 46.34 11.68
C ASN F 129 4.97 46.44 10.72
N GLN F 130 6.03 47.16 11.10
CA GLN F 130 7.19 47.34 10.23
C GLN F 130 8.28 46.30 10.48
N THR F 131 8.53 45.97 11.75
CA THR F 131 9.59 45.02 12.07
C THR F 131 9.28 43.61 11.58
N ALA F 132 8.00 43.29 11.36
CA ALA F 132 7.65 41.96 10.86
C ALA F 132 8.15 41.74 9.44
N LYS F 133 8.28 42.81 8.65
CA LYS F 133 8.74 42.67 7.28
C LYS F 133 10.20 42.22 7.23
N SER F 134 11.00 42.63 8.20
CA SER F 134 12.39 42.16 8.27
C SER F 134 12.49 40.84 9.03
N LEU F 135 11.61 40.64 10.02
CA LEU F 135 11.65 39.40 10.81
C LEU F 135 11.31 38.20 9.94
N GLU F 136 10.41 38.37 8.96
CA GLU F 136 10.06 37.27 8.06
C GLU F 136 11.26 36.84 7.22
N LEU F 137 12.01 37.81 6.69
CA LEU F 137 13.20 37.48 5.93
C LEU F 137 14.30 36.90 6.80
N LEU F 138 14.37 37.33 8.06
CA LEU F 138 15.36 36.77 8.98
C LEU F 138 15.06 35.33 9.35
N LEU F 139 13.82 34.88 9.15
CA LEU F 139 13.45 33.50 9.45
C LEU F 139 13.67 32.55 8.28
N ARG F 140 13.79 33.06 7.06
CA ARG F 140 13.99 32.18 5.90
C ARG F 140 15.32 31.46 5.96
N VAL F 141 16.35 32.10 6.52
CA VAL F 141 17.69 31.51 6.48
C VAL F 141 17.80 30.35 7.47
N THR F 142 17.26 30.52 8.67
CA THR F 142 17.37 29.49 9.70
C THR F 142 16.48 28.30 9.34
N THR F 143 17.06 27.09 9.39
CA THR F 143 16.34 25.88 9.03
C THR F 143 15.57 25.27 10.19
N GLU F 144 15.88 25.67 11.43
CA GLU F 144 15.22 25.07 12.58
C GLU F 144 13.74 25.42 12.60
N GLU F 145 12.89 24.39 12.67
CA GLU F 145 11.45 24.61 12.76
C GLU F 145 11.05 25.06 14.16
N ARG F 146 11.82 24.70 15.18
CA ARG F 146 11.48 25.01 16.55
C ARG F 146 11.69 26.50 16.82
N THR F 147 11.48 26.89 18.08
CA THR F 147 11.62 28.30 18.47
C THR F 147 13.04 28.79 18.27
N PHE F 148 13.15 30.08 17.98
CA PHE F 148 14.44 30.74 17.73
C PHE F 148 14.52 31.97 18.63
N SER F 149 15.53 32.01 19.50
CA SER F 149 15.66 33.10 20.45
C SER F 149 16.09 34.37 19.73
N LEU F 150 15.23 35.39 19.75
CA LEU F 150 15.53 36.66 19.10
C LEU F 150 16.13 37.68 20.04
N ILE F 151 15.93 37.53 21.36
CA ILE F 151 16.46 38.51 22.31
C ILE F 151 17.98 38.43 22.38
N ASN F 152 18.55 37.25 22.18
CA ASN F 152 20.01 37.12 22.19
C ASN F 152 20.63 37.76 20.96
N ARG F 153 19.90 37.83 19.85
CA ARG F 153 20.44 38.44 18.63
C ARG F 153 20.33 39.96 18.67
N HIS F 154 19.26 40.50 19.26
CA HIS F 154 19.16 41.94 19.42
C HIS F 154 20.20 42.45 20.40
N ALA F 155 20.59 41.65 21.38
CA ALA F 155 21.59 42.07 22.36
C ALA F 155 22.98 42.16 21.74
N ILE F 156 23.35 41.17 20.93
CA ILE F 156 24.67 41.19 20.32
C ILE F 156 24.74 42.20 19.17
N ASP F 157 23.62 42.47 18.50
CA ASP F 157 23.60 43.54 17.51
C ASP F 157 23.77 44.90 18.17
N PHE F 158 23.27 45.04 19.40
CA PHE F 158 23.46 46.29 20.14
C PHE F 158 24.91 46.48 20.54
N LEU F 159 25.59 45.39 20.92
CA LEU F 159 27.00 45.50 21.29
C LEU F 159 27.87 45.73 20.07
N LEU F 160 27.52 45.13 18.94
CA LEU F 160 28.33 45.29 17.73
C LEU F 160 28.17 46.68 17.12
N THR F 161 26.98 47.26 17.20
CA THR F 161 26.76 48.60 16.66
C THR F 161 27.36 49.68 17.56
N ARG F 162 27.65 49.36 18.82
CA ARG F 162 28.29 50.29 19.74
C ARG F 162 29.80 50.14 19.77
N TRP F 163 30.31 48.92 19.61
CA TRP F 163 31.74 48.66 19.68
C TRP F 163 32.25 47.97 18.41
N ILE G 2 -27.51 26.46 18.28
CA ILE G 2 -28.11 27.07 19.47
C ILE G 2 -29.51 27.57 19.15
N GLN G 3 -29.60 28.55 18.24
CA GLN G 3 -30.88 29.13 17.86
C GLN G 3 -30.73 29.97 16.60
N MET G 4 -31.46 29.61 15.55
CA MET G 4 -31.47 30.36 14.30
C MET G 4 -32.90 30.80 14.01
N THR G 5 -33.13 32.11 13.96
CA THR G 5 -34.46 32.67 13.81
C THR G 5 -34.53 33.56 12.58
N GLN G 6 -35.76 33.78 12.11
CA GLN G 6 -36.02 34.60 10.94
C GLN G 6 -37.34 35.33 11.17
N SER G 7 -37.29 36.65 11.15
CA SER G 7 -38.49 37.46 11.39
C SER G 7 -38.72 38.44 10.25
N PRO G 8 -40.00 38.68 9.89
CA PRO G 8 -41.18 38.07 10.51
C PRO G 8 -41.53 36.71 9.92
N SER G 9 -42.48 36.01 10.55
CA SER G 9 -42.92 34.71 10.02
C SER G 9 -43.74 34.90 8.75
N SER G 10 -44.68 35.82 8.77
CA SER G 10 -45.51 36.12 7.61
C SER G 10 -45.46 37.62 7.34
N LEU G 11 -45.85 38.00 6.12
CA LEU G 11 -45.79 39.39 5.73
C LEU G 11 -46.78 39.66 4.61
N SER G 12 -47.29 40.88 4.56
CA SER G 12 -48.24 41.30 3.52
C SER G 12 -47.99 42.77 3.24
N ALA G 13 -47.47 43.06 2.04
CA ALA G 13 -47.17 44.43 1.64
C ALA G 13 -47.58 44.63 0.19
N SER G 14 -48.14 45.81 -0.10
CA SER G 14 -48.62 46.10 -1.44
C SER G 14 -47.46 46.19 -2.43
N VAL G 15 -47.82 46.09 -3.73
CA VAL G 15 -46.81 46.14 -4.78
C VAL G 15 -46.17 47.52 -4.82
N GLY G 16 -44.85 47.54 -4.97
CA GLY G 16 -44.10 48.78 -4.97
C GLY G 16 -43.55 49.19 -3.62
N ASP G 17 -43.84 48.45 -2.56
CA ASP G 17 -43.35 48.77 -1.23
C ASP G 17 -41.97 48.18 -1.02
N ARG G 18 -41.13 48.92 -0.29
CA ARG G 18 -39.85 48.40 0.15
C ARG G 18 -40.06 47.60 1.42
N VAL G 19 -39.69 46.32 1.39
CA VAL G 19 -39.82 45.45 2.54
C VAL G 19 -38.47 44.82 2.84
N THR G 20 -38.11 44.78 4.12
CA THR G 20 -36.87 44.18 4.59
C THR G 20 -37.20 43.07 5.58
N ILE G 21 -36.36 42.04 5.58
CA ILE G 21 -36.51 40.91 6.50
C ILE G 21 -35.17 40.62 7.14
N THR G 22 -35.22 40.04 8.34
CA THR G 22 -34.02 39.83 9.15
C THR G 22 -33.77 38.34 9.36
N CYS G 23 -32.50 38.01 9.54
CA CYS G 23 -32.05 36.64 9.79
C CYS G 23 -30.99 36.67 10.87
N GLN G 24 -31.10 35.77 11.84
CA GLN G 24 -30.16 35.69 12.95
C GLN G 24 -29.53 34.29 12.96
N ALA G 25 -28.22 34.25 12.76
CA ALA G 25 -27.49 33.00 12.78
C ALA G 25 -27.28 32.50 14.20
N SER G 26 -26.99 31.20 14.33
CA SER G 26 -26.77 30.63 15.65
C SER G 26 -25.45 31.11 16.25
N GLN G 27 -24.46 31.39 15.42
CA GLN G 27 -23.15 31.84 15.86
C GLN G 27 -22.76 33.06 15.03
N VAL G 28 -21.55 33.57 15.31
CA VAL G 28 -21.00 34.64 14.47
C VAL G 28 -20.62 34.04 13.12
N ILE G 29 -20.94 34.78 12.05
CA ILE G 29 -20.79 34.25 10.69
C ILE G 29 -19.32 33.91 10.44
N SER G 30 -19.09 32.71 9.92
CA SER G 30 -17.76 32.28 9.50
C SER G 30 -17.72 31.74 8.09
N ASN G 31 -18.85 31.38 7.49
CA ASN G 31 -18.95 30.98 6.10
C ASN G 31 -20.05 31.79 5.44
N TYR G 32 -20.13 31.71 4.11
CA TYR G 32 -21.11 32.51 3.36
C TYR G 32 -22.51 32.36 3.92
N LEU G 33 -23.17 33.49 4.15
CA LEU G 33 -24.60 33.52 4.46
C LEU G 33 -25.34 33.93 3.21
N ASN G 34 -26.31 33.12 2.81
CA ASN G 34 -26.99 33.26 1.53
C ASN G 34 -28.49 33.40 1.74
N TRP G 35 -29.18 33.80 0.67
CA TRP G 35 -30.62 34.02 0.70
C TRP G 35 -31.26 33.31 -0.49
N TYR G 36 -32.33 32.57 -0.23
CA TYR G 36 -33.00 31.76 -1.24
C TYR G 36 -34.46 32.19 -1.38
N GLN G 37 -34.96 32.11 -2.61
CA GLN G 37 -36.35 32.42 -2.93
C GLN G 37 -37.03 31.16 -3.44
N GLN G 38 -38.08 30.74 -2.75
CA GLN G 38 -38.83 29.53 -3.11
C GLN G 38 -40.29 29.89 -3.36
N LYS G 39 -40.64 30.06 -4.63
CA LYS G 39 -42.04 30.26 -4.99
C LYS G 39 -42.84 28.99 -4.68
N PRO G 40 -44.15 29.12 -4.47
CA PRO G 40 -44.95 27.96 -4.07
C PRO G 40 -44.88 26.84 -5.11
N GLY G 41 -44.47 25.65 -4.67
CA GLY G 41 -44.40 24.50 -5.54
C GLY G 41 -43.01 24.22 -6.08
N LYS G 42 -42.30 25.25 -6.51
CA LYS G 42 -41.01 25.06 -7.15
C LYS G 42 -39.91 24.88 -6.10
N ALA G 43 -38.67 24.77 -6.59
CA ALA G 43 -37.49 24.56 -5.77
C ALA G 43 -36.83 25.89 -5.41
N PRO G 44 -36.08 25.94 -4.31
CA PRO G 44 -35.43 27.20 -3.92
C PRO G 44 -34.42 27.67 -4.95
N LYS G 45 -34.21 28.99 -4.99
CA LYS G 45 -33.27 29.63 -5.90
C LYS G 45 -32.56 30.73 -5.15
N LEU G 46 -31.24 30.66 -5.05
CA LEU G 46 -30.51 31.68 -4.31
C LEU G 46 -30.45 32.97 -5.11
N LEU G 47 -30.62 34.09 -4.40
CA LEU G 47 -30.50 35.42 -4.99
C LEU G 47 -29.25 36.15 -4.52
N ILE G 48 -28.92 36.07 -3.24
CA ILE G 48 -27.79 36.76 -2.65
C ILE G 48 -26.89 35.75 -1.97
N TYR G 49 -25.57 35.88 -2.18
CA TYR G 49 -24.58 35.06 -1.52
C TYR G 49 -23.53 35.95 -0.86
N ASP G 50 -22.99 35.47 0.25
CA ASP G 50 -22.04 36.24 1.07
C ASP G 50 -22.64 37.56 1.51
N THR G 51 -23.88 37.50 2.03
CA THR G 51 -24.61 38.62 2.61
C THR G 51 -24.92 39.72 1.61
N SER G 52 -23.94 40.13 0.79
CA SER G 52 -24.11 41.27 -0.09
C SER G 52 -24.19 40.89 -1.56
N ASN G 53 -23.23 40.10 -2.05
CA ASN G 53 -23.17 39.79 -3.48
C ASN G 53 -24.42 39.03 -3.92
N LEU G 54 -24.77 39.21 -5.19
CA LEU G 54 -25.95 38.57 -5.77
C LEU G 54 -25.57 37.80 -7.03
N LYS G 55 -26.30 36.74 -7.29
CA LYS G 55 -26.00 35.86 -8.42
C LYS G 55 -26.35 36.55 -9.74
N THR G 56 -25.65 36.16 -10.79
CA THR G 56 -25.91 36.72 -12.12
C THR G 56 -27.32 36.35 -12.57
N GLY G 57 -28.08 37.37 -12.99
CA GLY G 57 -29.43 37.20 -13.47
C GLY G 57 -30.49 37.70 -12.52
N VAL G 58 -30.19 37.76 -11.23
CA VAL G 58 -31.19 38.24 -10.27
C VAL G 58 -31.43 39.72 -10.51
N PRO G 59 -32.65 40.22 -10.33
CA PRO G 59 -32.92 41.64 -10.58
C PRO G 59 -32.14 42.52 -9.62
N SER G 60 -31.89 43.75 -10.07
CA SER G 60 -31.16 44.71 -9.25
C SER G 60 -31.94 45.12 -8.01
N ARG G 61 -33.27 44.92 -8.00
CA ARG G 61 -34.07 45.33 -6.85
C ARG G 61 -33.77 44.49 -5.61
N PHE G 62 -33.22 43.30 -5.77
CA PHE G 62 -32.85 42.48 -4.62
C PHE G 62 -31.50 42.92 -4.08
N SER G 63 -31.39 42.95 -2.75
CA SER G 63 -30.16 43.37 -2.09
C SER G 63 -30.09 42.73 -0.71
N GLY G 64 -28.91 42.79 -0.11
CA GLY G 64 -28.70 42.24 1.20
C GLY G 64 -27.51 42.87 1.88
N SER G 65 -27.56 42.92 3.21
CA SER G 65 -26.47 43.48 3.99
C SER G 65 -26.55 42.92 5.40
N GLY G 66 -25.46 43.09 6.14
CA GLY G 66 -25.41 42.62 7.52
C GLY G 66 -23.99 42.27 7.92
N SER G 67 -23.84 41.96 9.20
CA SER G 67 -22.55 41.60 9.76
C SER G 67 -22.78 40.87 11.08
N GLY G 68 -21.78 40.09 11.48
CA GLY G 68 -21.86 39.44 12.79
C GLY G 68 -22.93 38.37 12.78
N THR G 69 -23.91 38.54 13.67
CA THR G 69 -25.02 37.59 13.80
C THR G 69 -26.35 38.17 13.34
N ASP G 70 -26.39 39.43 12.91
CA ASP G 70 -27.59 40.08 12.43
C ASP G 70 -27.46 40.36 10.94
N PHE G 71 -28.49 40.03 10.18
CA PHE G 71 -28.46 40.20 8.73
C PHE G 71 -29.83 40.64 8.24
N THR G 72 -29.84 41.30 7.08
CA THR G 72 -31.06 41.82 6.48
C THR G 72 -31.11 41.46 5.00
N PHE G 73 -32.34 41.30 4.51
CA PHE G 73 -32.62 41.05 3.09
C PHE G 73 -33.65 42.06 2.64
N THR G 74 -33.27 42.93 1.70
CA THR G 74 -34.11 44.06 1.31
C THR G 74 -34.36 44.03 -0.19
N ILE G 75 -35.60 44.32 -0.58
CA ILE G 75 -35.98 44.48 -1.97
C ILE G 75 -36.47 45.91 -2.17
N SER G 76 -35.93 46.59 -3.18
CA SER G 76 -36.18 48.03 -3.34
C SER G 76 -37.62 48.31 -3.75
N SER G 77 -38.09 47.67 -4.81
CA SER G 77 -39.45 47.88 -5.32
C SER G 77 -40.11 46.54 -5.55
N LEU G 78 -41.10 46.22 -4.72
CA LEU G 78 -41.78 44.94 -4.83
C LEU G 78 -42.62 44.87 -6.09
N GLN G 79 -42.58 43.72 -6.76
CA GLN G 79 -43.34 43.43 -7.96
C GLN G 79 -44.15 42.16 -7.71
N PRO G 80 -45.20 41.91 -8.51
CA PRO G 80 -45.99 40.69 -8.29
C PRO G 80 -45.20 39.41 -8.49
N GLU G 81 -44.05 39.47 -9.14
CA GLU G 81 -43.21 38.31 -9.40
C GLU G 81 -42.44 37.84 -8.17
N ASP G 82 -42.47 38.58 -7.07
CA ASP G 82 -41.59 38.35 -5.93
C ASP G 82 -42.30 37.70 -4.75
N ILE G 83 -43.49 37.14 -4.95
CA ILE G 83 -44.19 36.47 -3.86
C ILE G 83 -43.62 35.06 -3.69
N ALA G 84 -43.03 34.80 -2.53
CA ALA G 84 -42.39 33.51 -2.25
C ALA G 84 -42.01 33.47 -0.77
N THR G 85 -41.58 32.30 -0.34
CA THR G 85 -41.05 32.11 1.01
C THR G 85 -39.53 32.21 0.95
N TYR G 86 -38.95 33.14 1.69
CA TYR G 86 -37.53 33.44 1.62
C TYR G 86 -36.80 32.81 2.81
N TYR G 87 -35.70 32.12 2.51
CA TYR G 87 -34.90 31.45 3.52
C TYR G 87 -33.48 32.01 3.52
N CYS G 88 -32.85 31.97 4.69
CA CYS G 88 -31.45 32.32 4.83
C CYS G 88 -30.65 31.10 5.25
N GLN G 89 -29.49 30.91 4.62
CA GLN G 89 -28.67 29.73 4.82
C GLN G 89 -27.43 30.08 5.63
N GLN G 90 -26.94 29.10 6.38
CA GLN G 90 -25.78 29.28 7.24
C GLN G 90 -24.99 27.97 7.25
N TYR G 91 -23.67 28.07 7.10
CA TYR G 91 -22.80 26.90 7.14
C TYR G 91 -21.83 27.05 8.30
N GLU G 92 -22.14 26.40 9.43
CA GLU G 92 -21.29 26.42 10.61
C GLU G 92 -21.22 25.01 11.18
N ASN G 93 -20.03 24.62 11.65
CA ASN G 93 -19.80 23.32 12.30
C ASN G 93 -20.21 22.16 11.40
N LEU G 94 -19.77 22.22 10.14
CA LEU G 94 -19.98 21.15 9.16
C LEU G 94 -21.46 20.90 8.90
N GLN G 95 -22.32 21.90 9.10
CA GLN G 95 -23.75 21.72 8.95
C GLN G 95 -24.35 22.89 8.19
N PHE G 96 -25.13 22.58 7.16
CA PHE G 96 -25.93 23.58 6.44
C PHE G 96 -27.27 23.69 7.13
N THR G 97 -27.55 24.85 7.71
CA THR G 97 -28.79 25.10 8.44
C THR G 97 -29.57 26.21 7.76
N PHE G 98 -30.85 25.95 7.48
CA PHE G 98 -31.73 26.91 6.85
C PHE G 98 -32.60 27.59 7.89
N GLY G 99 -32.89 28.87 7.64
CA GLY G 99 -33.71 29.65 8.54
C GLY G 99 -35.16 29.21 8.52
N PRO G 100 -35.93 29.65 9.52
CA PRO G 100 -37.36 29.30 9.54
C PRO G 100 -38.13 29.73 8.31
N GLY G 101 -37.77 30.86 7.71
CA GLY G 101 -38.41 31.28 6.49
C GLY G 101 -39.39 32.43 6.72
N THR G 102 -39.56 33.25 5.69
CA THR G 102 -40.46 34.39 5.73
C THR G 102 -41.39 34.35 4.52
N LYS G 103 -42.69 34.24 4.77
CA LYS G 103 -43.69 34.23 3.70
C LYS G 103 -44.15 35.66 3.46
N VAL G 104 -44.02 36.12 2.21
CA VAL G 104 -44.41 37.47 1.83
C VAL G 104 -45.61 37.39 0.90
N ASP G 105 -46.60 38.24 1.14
CA ASP G 105 -47.80 38.33 0.31
C ASP G 105 -47.97 39.77 -0.17
N ILE G 106 -48.77 39.92 -1.23
CA ILE G 106 -49.00 41.22 -1.85
C ILE G 106 -50.40 41.71 -1.46
N LYS G 107 -50.48 42.97 -1.02
CA LYS G 107 -51.76 43.60 -0.76
C LYS G 107 -52.33 44.16 -2.06
N ARG G 108 -53.52 43.71 -2.43
CA ARG G 108 -54.13 44.05 -3.70
C ARG G 108 -55.49 44.71 -3.48
N THR G 109 -55.95 45.43 -4.50
CA THR G 109 -57.30 45.99 -4.46
C THR G 109 -58.33 44.87 -4.50
N VAL G 110 -59.43 45.06 -3.76
CA VAL G 110 -60.43 44.01 -3.61
C VAL G 110 -61.01 43.66 -4.98
N ALA G 111 -60.92 42.39 -5.34
CA ALA G 111 -61.38 41.90 -6.63
C ALA G 111 -62.53 40.93 -6.45
N ALA G 112 -63.45 40.90 -7.46
CA ALA G 112 -64.65 40.08 -7.46
C ALA G 112 -64.40 38.75 -8.16
N PRO G 113 -64.93 37.65 -7.63
CA PRO G 113 -64.70 36.35 -8.24
C PRO G 113 -65.63 36.09 -9.43
N SER G 114 -65.09 35.38 -10.41
CA SER G 114 -65.87 34.88 -11.54
C SER G 114 -66.32 33.46 -11.21
N VAL G 115 -67.63 33.31 -10.98
CA VAL G 115 -68.18 32.04 -10.50
C VAL G 115 -68.59 31.18 -11.68
N PHE G 116 -68.21 29.91 -11.64
CA PHE G 116 -68.59 28.94 -12.66
C PHE G 116 -69.02 27.65 -11.97
N ILE G 117 -70.05 27.01 -12.50
CA ILE G 117 -70.56 25.75 -11.99
C ILE G 117 -70.49 24.71 -13.10
N PHE G 118 -69.97 23.53 -12.78
CA PHE G 118 -69.77 22.46 -13.75
C PHE G 118 -70.60 21.24 -13.36
N PRO G 119 -71.45 20.73 -14.24
CA PRO G 119 -72.20 19.50 -13.93
C PRO G 119 -71.30 18.28 -14.09
N PRO G 120 -71.66 17.16 -13.46
CA PRO G 120 -70.83 15.97 -13.58
C PRO G 120 -70.88 15.39 -14.99
N SER G 121 -69.74 14.86 -15.43
CA SER G 121 -69.63 14.32 -16.78
C SER G 121 -70.37 12.99 -16.89
N ASP G 122 -70.73 12.64 -18.13
CA ASP G 122 -71.45 11.39 -18.37
C ASP G 122 -70.57 10.18 -18.09
N GLU G 123 -69.25 10.31 -18.27
CA GLU G 123 -68.36 9.19 -17.99
C GLU G 123 -68.34 8.88 -16.50
N GLN G 124 -68.31 9.92 -15.66
CA GLN G 124 -68.28 9.69 -14.21
C GLN G 124 -69.59 9.13 -13.71
N LEU G 125 -70.72 9.63 -14.23
CA LEU G 125 -72.02 9.10 -13.84
C LEU G 125 -72.17 7.63 -14.21
N LYS G 126 -71.55 7.21 -15.31
CA LYS G 126 -71.59 5.81 -15.69
C LYS G 126 -70.80 4.95 -14.71
N SER G 127 -69.75 5.49 -14.10
CA SER G 127 -68.95 4.70 -13.17
C SER G 127 -69.66 4.51 -11.84
N GLY G 128 -70.56 5.42 -11.46
CA GLY G 128 -71.35 5.25 -10.26
C GLY G 128 -71.16 6.34 -9.23
N THR G 129 -70.54 7.45 -9.61
CA THR G 129 -70.33 8.58 -8.72
C THR G 129 -70.53 9.87 -9.49
N ALA G 130 -70.80 10.95 -8.75
CA ALA G 130 -71.07 12.25 -9.35
C ALA G 130 -70.36 13.33 -8.57
N SER G 131 -69.62 14.20 -9.27
CA SER G 131 -68.90 15.30 -8.65
C SER G 131 -69.28 16.60 -9.36
N VAL G 132 -69.76 17.57 -8.59
CA VAL G 132 -70.12 18.89 -9.09
C VAL G 132 -69.13 19.89 -8.53
N VAL G 133 -68.53 20.69 -9.40
CA VAL G 133 -67.48 21.62 -9.03
C VAL G 133 -67.99 23.05 -9.18
N CYS G 134 -67.59 23.91 -8.24
CA CYS G 134 -67.93 25.34 -8.25
C CYS G 134 -66.62 26.11 -8.20
N LEU G 135 -66.32 26.85 -9.27
CA LEU G 135 -65.05 27.54 -9.43
C LEU G 135 -65.21 29.03 -9.12
N LEU G 136 -64.25 29.59 -8.41
CA LEU G 136 -64.20 31.02 -8.06
C LEU G 136 -62.89 31.57 -8.61
N ASN G 137 -62.97 32.31 -9.72
CA ASN G 137 -61.78 32.73 -10.45
C ASN G 137 -61.30 34.11 -9.99
N ASN G 138 -60.03 34.18 -9.61
CA ASN G 138 -59.32 35.44 -9.38
C ASN G 138 -60.08 36.39 -8.46
N PHE G 139 -60.05 36.13 -7.16
CA PHE G 139 -60.72 36.95 -6.16
C PHE G 139 -59.76 37.29 -5.03
N TYR G 140 -59.81 38.55 -4.60
CA TYR G 140 -59.02 39.01 -3.45
C TYR G 140 -59.97 39.67 -2.45
N PRO G 141 -59.78 39.40 -1.16
CA PRO G 141 -58.74 38.58 -0.54
C PRO G 141 -59.11 37.10 -0.51
N ARG G 142 -58.30 36.30 0.20
CA ARG G 142 -58.49 34.86 0.20
C ARG G 142 -59.80 34.43 0.87
N GLU G 143 -60.31 35.25 1.79
CA GLU G 143 -61.49 34.87 2.56
C GLU G 143 -62.73 34.90 1.68
N ALA G 144 -63.40 33.75 1.55
CA ALA G 144 -64.62 33.64 0.79
C ALA G 144 -65.42 32.45 1.29
N LYS G 145 -66.74 32.56 1.21
CA LYS G 145 -67.66 31.54 1.71
C LYS G 145 -68.48 30.98 0.56
N VAL G 146 -68.51 29.65 0.46
CA VAL G 146 -69.25 28.95 -0.57
C VAL G 146 -70.22 27.98 0.10
N GLN G 147 -71.48 28.00 -0.33
CA GLN G 147 -72.51 27.14 0.24
C GLN G 147 -73.23 26.42 -0.89
N TRP G 148 -73.36 25.09 -0.77
CA TRP G 148 -74.04 24.29 -1.76
C TRP G 148 -75.51 24.16 -1.39
N LYS G 149 -76.40 24.35 -2.38
CA LYS G 149 -77.83 24.24 -2.19
C LYS G 149 -78.39 23.29 -3.24
N VAL G 150 -78.87 22.14 -2.80
CA VAL G 150 -79.50 21.15 -3.67
C VAL G 150 -81.00 21.27 -3.49
N ASP G 151 -81.70 21.69 -4.55
CA ASP G 151 -83.14 21.96 -4.51
C ASP G 151 -83.48 22.97 -3.41
N ASN G 152 -82.69 24.06 -3.39
CA ASN G 152 -82.86 25.14 -2.40
C ASN G 152 -82.80 24.60 -0.97
N ALA G 153 -81.85 23.70 -0.72
CA ALA G 153 -81.65 23.12 0.60
C ALA G 153 -80.15 22.99 0.85
N LEU G 154 -79.71 23.50 1.99
CA LEU G 154 -78.27 23.52 2.29
C LEU G 154 -77.73 22.10 2.43
N GLN G 155 -76.46 21.94 2.04
CA GLN G 155 -75.74 20.68 2.14
C GLN G 155 -74.46 20.90 2.93
N SER G 156 -74.08 19.91 3.73
CA SER G 156 -72.90 20.01 4.58
C SER G 156 -72.22 18.66 4.69
N GLY G 157 -70.88 18.68 4.66
CA GLY G 157 -70.06 17.51 4.87
C GLY G 157 -69.63 16.81 3.60
N ASN G 158 -70.46 16.81 2.57
CA ASN G 158 -70.19 16.09 1.33
C ASN G 158 -69.45 16.93 0.31
N SER G 159 -68.81 18.02 0.73
CA SER G 159 -68.08 18.89 -0.17
C SER G 159 -66.83 19.41 0.53
N GLN G 160 -65.73 19.49 -0.22
CA GLN G 160 -64.47 20.03 0.27
C GLN G 160 -63.88 20.95 -0.78
N GLU G 161 -63.29 22.05 -0.34
CA GLU G 161 -62.77 23.08 -1.23
C GLU G 161 -61.26 23.16 -1.14
N SER G 162 -60.66 23.82 -2.14
CA SER G 162 -59.22 24.01 -2.22
C SER G 162 -58.94 25.35 -2.87
N VAL G 163 -57.99 26.09 -2.29
CA VAL G 163 -57.65 27.43 -2.74
C VAL G 163 -56.22 27.43 -3.26
N THR G 164 -56.01 28.10 -4.39
CA THR G 164 -54.68 28.21 -4.97
C THR G 164 -53.84 29.24 -4.22
N GLU G 165 -52.54 29.20 -4.45
CA GLU G 165 -51.65 30.22 -3.92
C GLU G 165 -51.79 31.50 -4.75
N GLN G 166 -51.40 32.62 -4.15
CA GLN G 166 -51.59 33.92 -4.78
C GLN G 166 -50.88 33.98 -6.13
N ASP G 167 -51.54 34.61 -7.10
CA ASP G 167 -51.04 34.64 -8.47
C ASP G 167 -49.79 35.49 -8.58
N SER G 168 -48.99 35.20 -9.61
CA SER G 168 -47.78 35.96 -9.89
C SER G 168 -48.00 37.08 -10.90
N LYS G 169 -49.19 37.17 -11.49
CA LYS G 169 -49.50 38.22 -12.46
C LYS G 169 -50.51 39.23 -11.92
N ASP G 170 -51.68 38.78 -11.49
CA ASP G 170 -52.69 39.68 -10.95
C ASP G 170 -52.86 39.54 -9.44
N SER G 171 -52.06 38.69 -8.79
CA SER G 171 -52.01 38.60 -7.33
C SER G 171 -53.38 38.28 -6.74
N THR G 172 -54.10 37.34 -7.35
CA THR G 172 -55.43 36.95 -6.90
C THR G 172 -55.47 35.45 -6.64
N TYR G 173 -56.38 35.05 -5.77
CA TYR G 173 -56.58 33.65 -5.41
C TYR G 173 -57.73 33.07 -6.23
N SER G 174 -57.80 31.73 -6.23
CA SER G 174 -58.86 31.02 -6.94
C SER G 174 -59.29 29.82 -6.12
N LEU G 175 -60.61 29.58 -6.08
CA LEU G 175 -61.20 28.55 -5.23
C LEU G 175 -61.89 27.50 -6.09
N SER G 176 -62.04 26.31 -5.52
CA SER G 176 -62.71 25.21 -6.20
C SER G 176 -63.30 24.28 -5.15
N SER G 177 -64.62 24.26 -5.05
CA SER G 177 -65.34 23.38 -4.13
C SER G 177 -66.02 22.28 -4.92
N THR G 178 -65.84 21.03 -4.48
CA THR G 178 -66.34 19.86 -5.18
C THR G 178 -67.36 19.14 -4.31
N LEU G 179 -68.61 19.11 -4.77
CA LEU G 179 -69.68 18.38 -4.11
C LEU G 179 -69.79 17.00 -4.75
N THR G 180 -69.59 15.95 -3.95
CA THR G 180 -69.53 14.58 -4.44
C THR G 180 -70.72 13.80 -3.91
N LEU G 181 -71.49 13.20 -4.81
CA LEU G 181 -72.64 12.38 -4.46
C LEU G 181 -72.63 11.12 -5.32
N SER G 182 -73.29 10.08 -4.82
CA SER G 182 -73.47 8.88 -5.60
C SER G 182 -74.45 9.14 -6.74
N LYS G 183 -74.42 8.24 -7.75
CA LYS G 183 -75.30 8.42 -8.90
C LYS G 183 -76.77 8.31 -8.50
N ALA G 184 -77.08 7.50 -7.48
CA ALA G 184 -78.46 7.38 -7.04
C ALA G 184 -78.95 8.67 -6.38
N ASP G 185 -78.08 9.31 -5.59
CA ASP G 185 -78.45 10.57 -4.95
C ASP G 185 -78.54 11.71 -5.95
N TYR G 186 -77.76 11.63 -7.04
CA TYR G 186 -77.79 12.70 -8.04
C TYR G 186 -79.07 12.65 -8.86
N GLU G 187 -79.65 11.46 -9.06
CA GLU G 187 -80.89 11.34 -9.80
C GLU G 187 -82.11 11.72 -8.98
N LYS G 188 -81.98 11.79 -7.66
CA LYS G 188 -83.12 12.10 -6.80
C LYS G 188 -83.53 13.56 -6.86
N HIS G 189 -82.65 14.45 -7.33
CA HIS G 189 -82.90 15.88 -7.34
C HIS G 189 -82.68 16.44 -8.74
N LYS G 190 -82.96 17.72 -8.90
CA LYS G 190 -82.84 18.36 -10.21
C LYS G 190 -82.04 19.65 -10.19
N VAL G 191 -82.23 20.49 -9.18
CA VAL G 191 -81.59 21.81 -9.13
C VAL G 191 -80.37 21.73 -8.21
N TYR G 192 -79.23 22.21 -8.72
CA TYR G 192 -77.98 22.25 -7.97
C TYR G 192 -77.36 23.63 -8.12
N ALA G 193 -77.02 24.26 -6.99
CA ALA G 193 -76.47 25.61 -7.00
C ALA G 193 -75.43 25.76 -5.90
N CYS G 194 -74.51 26.71 -6.11
CA CYS G 194 -73.50 27.06 -5.12
C CYS G 194 -73.54 28.57 -4.89
N GLU G 195 -73.76 28.96 -3.64
CA GLU G 195 -73.87 30.37 -3.27
C GLU G 195 -72.50 30.89 -2.85
N VAL G 196 -72.06 31.97 -3.49
CA VAL G 196 -70.77 32.58 -3.21
C VAL G 196 -71.00 33.87 -2.43
N THR G 197 -70.42 33.95 -1.23
CA THR G 197 -70.50 35.14 -0.39
C THR G 197 -69.10 35.70 -0.21
N HIS G 198 -68.83 36.83 -0.85
CA HIS G 198 -67.51 37.46 -0.83
C HIS G 198 -67.64 38.91 -0.40
N GLN G 199 -66.60 39.40 0.29
CA GLN G 199 -66.63 40.78 0.76
C GLN G 199 -66.48 41.78 -0.37
N GLY G 200 -66.04 41.35 -1.55
CA GLY G 200 -65.99 42.22 -2.71
C GLY G 200 -67.19 41.99 -3.62
N LEU G 201 -68.24 41.40 -3.06
CA LEU G 201 -69.46 41.06 -3.80
C LEU G 201 -70.64 41.67 -3.05
N ARG G 202 -71.32 42.63 -3.67
CA ARG G 202 -72.42 43.31 -3.01
C ARG G 202 -73.60 42.38 -2.79
N SER G 203 -73.85 41.47 -3.73
CA SER G 203 -74.93 40.51 -3.61
C SER G 203 -74.39 39.09 -3.68
N PRO G 204 -74.88 38.17 -2.83
CA PRO G 204 -74.39 36.79 -2.88
C PRO G 204 -74.73 36.11 -4.19
N VAL G 205 -73.75 36.08 -5.11
CA VAL G 205 -73.99 35.51 -6.43
C VAL G 205 -74.12 34.00 -6.33
N THR G 206 -75.13 33.46 -7.00
CA THR G 206 -75.38 32.01 -7.04
C THR G 206 -75.58 31.58 -8.48
N LYS G 207 -74.97 30.46 -8.85
CA LYS G 207 -75.09 29.89 -10.18
C LYS G 207 -75.60 28.46 -10.07
N SER G 208 -76.50 28.07 -10.97
CA SER G 208 -77.21 26.80 -10.85
C SER G 208 -77.34 26.13 -12.20
N PHE G 209 -77.88 24.92 -12.19
CA PHE G 209 -78.22 24.17 -13.39
C PHE G 209 -79.28 23.14 -13.01
N ASN G 210 -79.78 22.43 -14.02
CA ASN G 210 -80.88 21.48 -13.83
C ASN G 210 -80.45 20.08 -14.27
N ARG G 211 -81.40 19.14 -14.15
CA ARG G 211 -81.22 17.72 -14.48
C ARG G 211 -80.22 17.02 -13.54
N GLN H 1 -24.33 24.77 -18.66
CA GLN H 1 -25.11 25.03 -17.46
C GLN H 1 -25.43 23.73 -16.72
N LEU H 2 -25.26 23.75 -15.40
CA LEU H 2 -25.55 22.57 -14.59
C LEU H 2 -27.05 22.35 -14.46
N GLN H 3 -27.45 21.09 -14.48
CA GLN H 3 -28.86 20.72 -14.34
C GLN H 3 -28.93 19.39 -13.61
N LEU H 4 -29.59 19.37 -12.45
CA LEU H 4 -29.77 18.16 -11.65
C LEU H 4 -31.20 17.66 -11.80
N GLN H 5 -31.34 16.33 -11.80
CA GLN H 5 -32.65 15.69 -11.96
C GLN H 5 -32.74 14.51 -11.01
N GLU H 6 -33.74 14.53 -10.14
CA GLU H 6 -33.97 13.43 -9.21
C GLU H 6 -34.68 12.28 -9.91
N SER H 7 -34.55 11.09 -9.32
CA SER H 7 -35.21 9.89 -9.83
C SER H 7 -35.40 8.94 -8.66
N GLY H 8 -36.55 9.06 -8.00
CA GLY H 8 -36.86 8.23 -6.86
C GLY H 8 -38.08 7.35 -7.09
N PRO H 9 -38.50 6.63 -6.05
CA PRO H 9 -39.66 5.74 -6.19
C PRO H 9 -40.98 6.47 -6.05
N GLY H 10 -41.00 7.53 -5.24
CA GLY H 10 -42.21 8.29 -4.97
C GLY H 10 -42.99 7.79 -3.77
N LEU H 11 -43.09 6.47 -3.62
CA LEU H 11 -43.79 5.85 -2.49
C LEU H 11 -42.91 4.77 -1.91
N VAL H 12 -42.68 4.83 -0.59
CA VAL H 12 -41.92 3.83 0.14
C VAL H 12 -42.70 3.45 1.38
N LYS H 13 -42.77 2.14 1.65
CA LYS H 13 -43.55 1.66 2.77
C LYS H 13 -42.85 1.96 4.09
N PRO H 14 -43.60 2.02 5.19
CA PRO H 14 -42.97 2.31 6.49
C PRO H 14 -42.00 1.21 6.89
N SER H 15 -41.03 1.58 7.72
CA SER H 15 -39.95 0.72 8.21
C SER H 15 -39.04 0.22 7.09
N GLU H 16 -39.30 0.59 5.84
CA GLU H 16 -38.47 0.20 4.71
C GLU H 16 -37.32 1.19 4.54
N THR H 17 -36.74 1.25 3.34
CA THR H 17 -35.66 2.18 3.08
C THR H 17 -35.98 3.01 1.85
N LEU H 18 -35.57 4.28 1.88
CA LEU H 18 -35.80 5.21 0.79
C LEU H 18 -34.52 5.40 -0.01
N SER H 19 -34.63 5.34 -1.34
CA SER H 19 -33.47 5.48 -2.22
C SER H 19 -33.82 6.43 -3.35
N LEU H 20 -33.04 7.50 -3.48
CA LEU H 20 -33.20 8.48 -4.56
C LEU H 20 -31.86 8.66 -5.25
N THR H 21 -31.91 8.98 -6.54
CA THR H 21 -30.71 9.19 -7.35
C THR H 21 -30.82 10.51 -8.08
N CYS H 22 -29.76 11.30 -8.03
CA CYS H 22 -29.70 12.64 -8.63
C CYS H 22 -28.63 12.63 -9.71
N THR H 23 -29.05 12.79 -10.96
CA THR H 23 -28.15 12.74 -12.11
C THR H 23 -27.81 14.16 -12.56
N VAL H 24 -26.53 14.49 -12.53
CA VAL H 24 -26.06 15.80 -12.95
C VAL H 24 -25.83 15.79 -14.46
N SER H 25 -26.27 16.84 -15.13
CA SER H 25 -26.14 16.97 -16.57
C SER H 25 -25.60 18.35 -16.92
N GLY H 26 -24.88 18.43 -18.02
CA GLY H 26 -24.23 19.65 -18.41
C GLY H 26 -22.95 19.96 -17.65
N GLY H 27 -22.39 18.98 -16.94
CA GLY H 27 -21.19 19.18 -16.17
C GLY H 27 -20.83 17.96 -15.35
N SER H 28 -19.54 17.72 -15.16
CA SER H 28 -19.08 16.51 -14.48
C SER H 28 -19.30 16.61 -12.98
N ILE H 29 -19.69 15.49 -12.38
CA ILE H 29 -19.78 15.40 -10.93
C ILE H 29 -18.39 15.40 -10.29
N SER H 30 -17.36 15.07 -11.06
CA SER H 30 -16.00 14.96 -10.54
C SER H 30 -15.27 16.29 -10.72
N SER H 31 -15.76 17.29 -9.99
CA SER H 31 -15.20 18.64 -10.01
C SER H 31 -14.69 19.01 -8.63
N SER H 32 -13.61 19.79 -8.61
CA SER H 32 -12.97 20.15 -7.34
C SER H 32 -13.80 21.17 -6.56
N SER H 33 -14.56 22.02 -7.25
CA SER H 33 -15.21 23.16 -6.62
C SER H 33 -16.65 22.90 -6.23
N TYR H 34 -17.07 21.64 -6.16
CA TYR H 34 -18.47 21.33 -5.89
C TYR H 34 -18.62 20.22 -4.86
N TYR H 35 -19.59 20.41 -3.96
CA TYR H 35 -20.12 19.37 -3.09
C TYR H 35 -21.56 19.09 -3.50
N TRP H 36 -21.98 17.85 -3.36
CA TRP H 36 -23.29 17.41 -3.80
C TRP H 36 -24.08 16.93 -2.60
N GLY H 37 -25.23 17.58 -2.35
CA GLY H 37 -25.98 17.37 -1.13
C GLY H 37 -27.45 17.11 -1.38
N TRP H 38 -28.14 16.75 -0.30
CA TRP H 38 -29.58 16.46 -0.30
C TRP H 38 -30.26 17.29 0.77
N ILE H 39 -31.38 17.91 0.41
CA ILE H 39 -32.19 18.69 1.34
C ILE H 39 -33.65 18.28 1.14
N ARG H 40 -34.34 18.00 2.25
CA ARG H 40 -35.75 17.62 2.21
C ARG H 40 -36.61 18.69 2.84
N GLN H 41 -37.85 18.79 2.36
CA GLN H 41 -38.80 19.79 2.82
C GLN H 41 -40.14 19.12 3.12
N PRO H 42 -40.46 18.90 4.39
CA PRO H 42 -41.75 18.29 4.75
C PRO H 42 -42.91 19.18 4.33
N PRO H 43 -44.13 18.65 4.30
CA PRO H 43 -45.28 19.46 3.90
C PRO H 43 -45.50 20.63 4.84
N GLY H 44 -45.41 21.85 4.29
CA GLY H 44 -45.64 23.04 5.07
C GLY H 44 -44.57 23.38 6.08
N LYS H 45 -43.37 22.83 5.92
CA LYS H 45 -42.25 23.09 6.82
C LYS H 45 -41.10 23.71 6.04
N GLY H 46 -40.04 24.07 6.76
CA GLY H 46 -38.86 24.64 6.16
C GLY H 46 -37.94 23.60 5.55
N LEU H 47 -36.74 24.04 5.21
CA LEU H 47 -35.76 23.18 4.57
C LEU H 47 -34.86 22.53 5.61
N GLU H 48 -34.58 21.24 5.41
CA GLU H 48 -33.72 20.48 6.31
C GLU H 48 -32.63 19.81 5.49
N TRP H 49 -31.38 20.18 5.74
CA TRP H 49 -30.25 19.63 5.01
C TRP H 49 -29.93 18.23 5.54
N ILE H 50 -29.97 17.24 4.65
CA ILE H 50 -29.72 15.86 5.07
C ILE H 50 -28.23 15.57 5.11
N GLY H 51 -27.54 15.81 4.01
CA GLY H 51 -26.12 15.56 3.96
C GLY H 51 -25.51 16.08 2.68
N SER H 52 -24.22 15.78 2.50
CA SER H 52 -23.49 16.21 1.32
C SER H 52 -22.24 15.35 1.17
N VAL H 53 -21.83 15.12 -0.07
CA VAL H 53 -20.68 14.29 -0.37
C VAL H 53 -19.82 14.95 -1.43
N TYR H 54 -18.53 14.65 -1.38
CA TYR H 54 -17.55 15.08 -2.36
C TYR H 54 -17.30 13.94 -3.35
N TYR H 55 -16.85 14.32 -4.56
CA TYR H 55 -16.71 13.32 -5.62
C TYR H 55 -15.72 12.22 -5.26
N SER H 56 -14.79 12.49 -4.34
CA SER H 56 -13.88 11.43 -3.89
C SER H 56 -14.58 10.44 -2.98
N GLY H 57 -15.60 10.88 -2.24
CA GLY H 57 -16.32 9.99 -1.36
C GLY H 57 -16.48 10.54 0.04
N GLY H 58 -16.00 11.77 0.27
CA GLY H 58 -16.08 12.39 1.57
C GLY H 58 -17.51 12.69 2.00
N ALA H 59 -18.05 11.87 2.90
CA ALA H 59 -19.42 12.01 3.34
C ALA H 59 -19.54 13.02 4.48
N SER H 60 -20.74 13.58 4.61
CA SER H 60 -21.06 14.52 5.68
C SER H 60 -22.57 14.53 5.85
N TYR H 61 -23.04 14.43 7.10
CA TYR H 61 -24.45 14.28 7.36
C TYR H 61 -24.88 15.17 8.51
N ASN H 62 -26.20 15.36 8.62
CA ASN H 62 -26.86 16.03 9.73
C ASN H 62 -26.93 15.10 10.93
N PRO H 63 -26.70 15.61 12.15
CA PRO H 63 -26.63 14.70 13.31
C PRO H 63 -27.87 13.86 13.53
N SER H 64 -29.07 14.40 13.24
CA SER H 64 -30.28 13.63 13.46
C SER H 64 -30.41 12.48 12.46
N LEU H 65 -30.04 12.73 11.21
CA LEU H 65 -30.17 11.73 10.15
C LEU H 65 -28.90 10.94 9.90
N LYS H 66 -27.79 11.30 10.56
CA LYS H 66 -26.54 10.58 10.35
C LYS H 66 -26.68 9.11 10.71
N SER H 67 -27.60 8.78 11.61
CA SER H 67 -27.83 7.40 12.01
C SER H 67 -28.54 6.59 10.92
N ARG H 68 -29.14 7.25 9.94
CA ARG H 68 -29.95 6.59 8.93
C ARG H 68 -29.50 6.86 7.51
N ALA H 69 -29.16 8.11 7.19
CA ALA H 69 -28.84 8.48 5.81
C ALA H 69 -27.42 8.06 5.45
N THR H 70 -27.28 7.56 4.22
CA THR H 70 -25.97 7.23 3.65
C THR H 70 -25.99 7.68 2.20
N ILE H 71 -25.16 8.67 1.87
CA ILE H 71 -25.10 9.26 0.54
C ILE H 71 -23.84 8.78 -0.16
N SER H 72 -23.99 8.24 -1.37
CA SER H 72 -22.89 7.73 -2.16
C SER H 72 -22.85 8.42 -3.52
N VAL H 73 -21.67 8.41 -4.14
CA VAL H 73 -21.46 9.05 -5.43
C VAL H 73 -21.03 7.99 -6.43
N ASP H 74 -21.40 8.20 -7.69
CA ASP H 74 -21.07 7.29 -8.79
C ASP H 74 -20.45 8.12 -9.91
N THR H 75 -19.12 8.12 -9.99
CA THR H 75 -18.43 8.92 -10.99
C THR H 75 -18.67 8.38 -12.40
N SER H 76 -18.71 7.06 -12.55
CA SER H 76 -18.87 6.47 -13.88
C SER H 76 -20.24 6.76 -14.47
N LYS H 77 -21.26 6.95 -13.62
CA LYS H 77 -22.59 7.26 -14.08
C LYS H 77 -22.95 8.75 -13.92
N ASN H 78 -22.07 9.53 -13.31
CA ASN H 78 -22.25 10.97 -13.13
C ASN H 78 -23.53 11.27 -12.34
N GLN H 79 -23.59 10.74 -11.12
CA GLN H 79 -24.76 10.89 -10.27
C GLN H 79 -24.36 10.58 -8.84
N PHE H 80 -25.22 11.02 -7.91
CA PHE H 80 -25.05 10.73 -6.49
C PHE H 80 -26.39 10.36 -5.89
N SER H 81 -26.39 9.40 -4.97
CA SER H 81 -27.60 8.79 -4.47
C SER H 81 -27.68 8.89 -2.95
N LEU H 82 -28.92 8.94 -2.45
CA LEU H 82 -29.22 9.00 -1.03
C LEU H 82 -29.97 7.74 -0.61
N ASN H 83 -29.61 7.19 0.54
CA ASN H 83 -30.25 6.00 1.09
C ASN H 83 -30.63 6.27 2.54
N LEU H 84 -31.94 6.45 2.78
CA LEU H 84 -32.47 6.77 4.09
C LEU H 84 -33.13 5.52 4.67
N ASP H 85 -32.44 4.85 5.57
CA ASP H 85 -32.91 3.58 6.12
C ASP H 85 -33.99 3.82 7.17
N SER H 86 -34.80 2.79 7.40
CA SER H 86 -35.86 2.77 8.42
C SER H 86 -36.74 4.01 8.32
N VAL H 87 -37.34 4.19 7.15
CA VAL H 87 -38.14 5.37 6.88
C VAL H 87 -39.43 5.32 7.69
N SER H 88 -39.86 6.48 8.17
CA SER H 88 -41.08 6.60 8.97
C SER H 88 -42.02 7.60 8.33
N ALA H 89 -43.22 7.71 8.91
CA ALA H 89 -44.22 8.63 8.37
C ALA H 89 -43.76 10.07 8.45
N ALA H 90 -42.90 10.40 9.41
CA ALA H 90 -42.38 11.76 9.55
C ALA H 90 -41.39 12.12 8.46
N ASP H 91 -40.95 11.15 7.65
CA ASP H 91 -40.01 11.40 6.58
C ASP H 91 -40.67 11.71 5.25
N THR H 92 -42.00 11.82 5.21
CA THR H 92 -42.70 12.23 4.00
C THR H 92 -42.36 13.69 3.70
N ALA H 93 -41.70 13.93 2.58
CA ALA H 93 -41.23 15.25 2.24
C ALA H 93 -40.97 15.34 0.74
N ILE H 94 -40.49 16.50 0.32
CA ILE H 94 -40.05 16.74 -1.06
C ILE H 94 -38.54 16.85 -1.03
N TYR H 95 -37.86 15.86 -1.60
CA TYR H 95 -36.41 15.74 -1.50
C TYR H 95 -35.74 16.45 -2.67
N TYR H 96 -34.98 17.49 -2.37
CA TYR H 96 -34.25 18.26 -3.38
C TYR H 96 -32.77 17.89 -3.33
N CYS H 97 -32.18 17.65 -4.49
CA CYS H 97 -30.73 17.50 -4.60
C CYS H 97 -30.16 18.78 -5.20
N ALA H 98 -29.04 19.24 -4.63
CA ALA H 98 -28.48 20.52 -5.00
C ALA H 98 -26.97 20.39 -5.18
N SER H 99 -26.41 21.33 -5.94
CA SER H 99 -24.97 21.43 -6.15
C SER H 99 -24.44 22.57 -5.29
N ILE H 100 -23.51 22.25 -4.39
CA ILE H 100 -22.93 23.23 -3.47
C ILE H 100 -21.59 23.67 -4.03
N TYR H 101 -21.52 24.91 -4.52
CA TYR H 101 -20.28 25.45 -5.05
C TYR H 101 -19.38 25.91 -3.92
N GLY H 102 -18.09 25.57 -4.01
CA GLY H 102 -17.15 25.94 -2.98
C GLY H 102 -15.89 26.57 -3.53
N SER H 103 -15.54 27.74 -2.99
CA SER H 103 -14.30 28.42 -3.34
C SER H 103 -13.69 28.97 -2.07
N GLY H 104 -12.37 28.84 -1.93
CA GLY H 104 -11.71 29.30 -0.73
C GLY H 104 -10.20 29.20 -0.74
N THR H 105 -9.55 30.19 -0.13
CA THR H 105 -8.10 30.13 0.02
C THR H 105 -7.70 29.29 1.23
N PHE H 106 -8.35 29.52 2.37
CA PHE H 106 -8.07 28.76 3.58
C PHE H 106 -9.01 27.56 3.70
N TYR H 107 -10.31 27.81 3.74
CA TYR H 107 -11.31 26.76 3.62
C TYR H 107 -12.41 27.23 2.67
N TYR H 108 -13.13 26.26 2.11
CA TYR H 108 -14.11 26.57 1.08
C TYR H 108 -15.30 27.33 1.66
N TYR H 109 -15.75 28.35 0.93
CA TYR H 109 -16.97 29.09 1.24
C TYR H 109 -18.06 28.58 0.31
N PHE H 110 -19.18 28.13 0.89
CA PHE H 110 -20.18 27.37 0.17
C PHE H 110 -21.44 28.19 -0.08
N TYR H 111 -22.07 27.93 -1.24
CA TYR H 111 -23.43 28.36 -1.53
C TYR H 111 -23.99 27.41 -2.58
N MET H 112 -25.25 27.02 -2.42
CA MET H 112 -25.85 25.97 -3.25
C MET H 112 -26.27 26.55 -4.60
N ASP H 113 -25.35 26.45 -5.56
CA ASP H 113 -25.49 27.03 -6.90
C ASP H 113 -26.79 26.61 -7.60
N VAL H 114 -26.89 25.33 -7.97
CA VAL H 114 -28.02 24.83 -8.72
C VAL H 114 -28.80 23.84 -7.87
N TRP H 115 -30.11 23.81 -8.07
CA TRP H 115 -31.00 22.91 -7.36
C TRP H 115 -31.72 21.98 -8.34
N GLY H 116 -32.27 20.90 -7.80
CA GLY H 116 -33.03 19.94 -8.59
C GLY H 116 -34.50 20.31 -8.67
N LYS H 117 -35.27 19.38 -9.24
CA LYS H 117 -36.71 19.61 -9.40
C LYS H 117 -37.47 19.24 -8.13
N GLY H 118 -37.09 18.14 -7.49
CA GLY H 118 -37.73 17.71 -6.25
C GLY H 118 -38.58 16.46 -6.49
N SER H 119 -38.53 15.54 -5.53
CA SER H 119 -39.27 14.29 -5.59
C SER H 119 -40.22 14.22 -4.41
N THR H 120 -41.52 14.11 -4.70
CA THR H 120 -42.54 14.02 -3.66
C THR H 120 -42.59 12.60 -3.13
N VAL H 121 -41.90 12.35 -2.03
CA VAL H 121 -41.83 11.03 -1.42
C VAL H 121 -42.91 10.92 -0.35
N THR H 122 -43.75 9.89 -0.46
CA THR H 122 -44.83 9.64 0.49
C THR H 122 -44.58 8.31 1.17
N VAL H 123 -44.48 8.32 2.50
CA VAL H 123 -44.22 7.13 3.29
C VAL H 123 -45.56 6.58 3.75
N SER H 124 -46.02 5.53 3.08
CA SER H 124 -47.30 4.91 3.42
C SER H 124 -47.30 3.47 2.97
N SER H 125 -48.08 2.64 3.70
CA SER H 125 -48.24 1.25 3.33
C SER H 125 -49.32 1.04 2.28
N ALA H 126 -50.09 2.07 1.96
CA ALA H 126 -51.15 1.94 0.97
C ALA H 126 -50.56 1.74 -0.43
N SER H 127 -51.35 1.09 -1.29
CA SER H 127 -50.89 0.77 -2.63
C SER H 127 -51.15 1.95 -3.58
N THR H 128 -50.48 1.90 -4.73
CA THR H 128 -50.58 2.95 -5.73
C THR H 128 -51.89 2.82 -6.51
N LYS H 129 -52.46 3.96 -6.90
CA LYS H 129 -53.68 3.99 -7.69
C LYS H 129 -53.60 5.13 -8.70
N GLY H 130 -53.88 4.82 -9.96
CA GLY H 130 -53.86 5.80 -11.01
C GLY H 130 -55.13 6.63 -11.04
N PRO H 131 -55.07 7.80 -11.66
CA PRO H 131 -56.21 8.72 -11.63
C PRO H 131 -57.20 8.49 -12.77
N SER H 132 -58.37 9.09 -12.63
CA SER H 132 -59.40 9.07 -13.65
C SER H 132 -59.72 10.52 -14.02
N VAL H 133 -59.62 10.85 -15.30
CA VAL H 133 -59.80 12.21 -15.78
C VAL H 133 -61.19 12.36 -16.36
N PHE H 134 -61.92 13.38 -15.90
CA PHE H 134 -63.24 13.69 -16.39
C PHE H 134 -63.30 15.14 -16.86
N PRO H 135 -64.06 15.44 -17.91
CA PRO H 135 -64.06 16.80 -18.44
C PRO H 135 -65.06 17.69 -17.72
N LEU H 136 -64.68 18.97 -17.61
CA LEU H 136 -65.54 20.01 -17.06
C LEU H 136 -66.01 20.89 -18.22
N ALA H 137 -67.04 20.42 -18.91
CA ALA H 137 -67.46 21.05 -20.16
C ALA H 137 -68.06 22.42 -19.87
N PRO H 138 -67.78 23.42 -20.71
CA PRO H 138 -68.39 24.74 -20.53
C PRO H 138 -69.76 24.81 -21.16
N SER H 139 -70.52 25.82 -20.75
CA SER H 139 -71.86 26.03 -21.28
C SER H 139 -72.21 27.52 -21.31
N GLY H 146 -68.57 37.01 -21.93
CA GLY H 146 -67.65 36.97 -23.05
C GLY H 146 -66.50 35.99 -22.85
N THR H 147 -66.38 35.47 -21.63
CA THR H 147 -65.34 34.52 -21.28
C THR H 147 -65.97 33.31 -20.60
N ALA H 148 -65.61 32.12 -21.06
CA ALA H 148 -66.11 30.86 -20.52
C ALA H 148 -64.96 30.04 -19.98
N ALA H 149 -65.24 29.23 -18.96
CA ALA H 149 -64.23 28.43 -18.28
C ALA H 149 -64.47 26.95 -18.51
N LEU H 150 -63.38 26.18 -18.51
CA LEU H 150 -63.42 24.74 -18.71
C LEU H 150 -62.21 24.13 -18.04
N GLY H 151 -62.29 22.84 -17.75
CA GLY H 151 -61.18 22.21 -17.05
C GLY H 151 -61.29 20.70 -17.06
N CYS H 152 -60.49 20.09 -16.19
CA CYS H 152 -60.41 18.64 -16.05
C CYS H 152 -60.45 18.27 -14.57
N LEU H 153 -61.02 17.10 -14.28
CA LEU H 153 -61.14 16.59 -12.92
C LEU H 153 -60.29 15.33 -12.79
N VAL H 154 -59.27 15.40 -11.95
CA VAL H 154 -58.33 14.30 -11.75
C VAL H 154 -58.71 13.65 -10.42
N LYS H 155 -59.59 12.66 -10.47
CA LYS H 155 -60.19 12.08 -9.28
C LYS H 155 -59.57 10.73 -8.94
N ASP H 156 -59.41 10.48 -7.65
CA ASP H 156 -59.04 9.16 -7.10
C ASP H 156 -57.68 8.70 -7.59
N TYR H 157 -56.64 9.32 -7.03
CA TYR H 157 -55.27 8.91 -7.30
C TYR H 157 -54.47 8.94 -6.00
N PHE H 158 -53.40 8.15 -5.98
CA PHE H 158 -52.50 8.07 -4.83
C PHE H 158 -51.19 7.41 -5.24
N PRO H 159 -50.05 8.00 -4.81
CA PRO H 159 -49.97 9.24 -4.03
C PRO H 159 -49.76 10.47 -4.90
N GLU H 160 -49.37 11.57 -4.29
CA GLU H 160 -49.02 12.77 -5.03
C GLU H 160 -47.66 12.55 -5.71
N PRO H 161 -47.37 13.33 -6.77
CA PRO H 161 -48.17 14.39 -7.37
C PRO H 161 -48.78 14.05 -8.73
N VAL H 162 -49.56 14.98 -9.27
CA VAL H 162 -50.05 14.92 -10.64
C VAL H 162 -49.79 16.26 -11.29
N THR H 163 -49.29 16.23 -12.52
CA THR H 163 -48.97 17.44 -13.28
C THR H 163 -49.92 17.53 -14.46
N VAL H 164 -50.70 18.60 -14.52
CA VAL H 164 -51.69 18.82 -15.57
C VAL H 164 -51.22 19.97 -16.45
N SER H 165 -50.93 19.66 -17.71
CA SER H 165 -50.65 20.67 -18.71
C SER H 165 -51.88 20.91 -19.57
N TRP H 166 -51.80 21.91 -20.43
CA TRP H 166 -52.91 22.29 -21.30
C TRP H 166 -52.42 22.52 -22.71
N ASN H 167 -53.03 21.81 -23.66
CA ASN H 167 -52.65 21.89 -25.08
C ASN H 167 -51.15 21.64 -25.27
N SER H 168 -50.63 20.67 -24.53
CA SER H 168 -49.22 20.27 -24.61
C SER H 168 -48.28 21.42 -24.27
N GLY H 169 -48.67 22.22 -23.28
CA GLY H 169 -47.85 23.32 -22.82
C GLY H 169 -48.06 24.63 -23.55
N ALA H 170 -48.81 24.63 -24.66
CA ALA H 170 -49.03 25.88 -25.39
C ALA H 170 -49.93 26.83 -24.61
N LEU H 171 -51.00 26.31 -24.01
CA LEU H 171 -51.92 27.13 -23.24
C LEU H 171 -51.38 27.31 -21.83
N THR H 172 -51.09 28.56 -21.46
CA THR H 172 -50.51 28.87 -20.16
C THR H 172 -51.25 30.00 -19.43
N SER H 173 -51.69 31.02 -20.15
CA SER H 173 -52.32 32.17 -19.51
C SER H 173 -53.70 31.80 -18.98
N GLY H 174 -54.00 32.24 -17.77
CA GLY H 174 -55.32 32.00 -17.19
C GLY H 174 -55.58 30.56 -16.78
N VAL H 175 -54.52 29.77 -16.55
CA VAL H 175 -54.66 28.38 -16.15
C VAL H 175 -54.47 28.30 -14.64
N HIS H 176 -55.40 27.65 -13.96
CA HIS H 176 -55.36 27.51 -12.50
C HIS H 176 -55.49 26.02 -12.16
N THR H 177 -54.40 25.45 -11.65
CA THR H 177 -54.38 24.05 -11.21
C THR H 177 -54.49 24.02 -9.70
N PHE H 178 -55.67 23.64 -9.20
CA PHE H 178 -55.93 23.71 -7.77
C PHE H 178 -55.13 22.66 -7.01
N PRO H 179 -54.78 22.93 -5.76
CA PRO H 179 -54.06 21.93 -4.96
C PRO H 179 -54.94 20.72 -4.67
N ALA H 180 -54.29 19.57 -4.55
CA ALA H 180 -55.01 18.32 -4.30
C ALA H 180 -55.62 18.31 -2.91
N VAL H 181 -56.71 17.57 -2.77
CA VAL H 181 -57.40 17.39 -1.49
C VAL H 181 -57.60 15.90 -1.27
N LEU H 182 -57.25 15.43 -0.07
CA LEU H 182 -57.39 14.03 0.27
C LEU H 182 -58.83 13.75 0.68
N GLN H 183 -59.48 12.83 -0.04
CA GLN H 183 -60.86 12.51 0.20
C GLN H 183 -60.99 11.51 1.35
N SER H 184 -62.25 11.21 1.71
CA SER H 184 -62.48 10.24 2.78
C SER H 184 -62.00 8.86 2.39
N SER H 185 -61.90 8.57 1.10
CA SER H 185 -61.42 7.27 0.65
C SER H 185 -59.92 7.10 0.82
N GLY H 186 -59.20 8.15 1.23
CA GLY H 186 -57.77 8.12 1.30
C GLY H 186 -57.06 8.45 0.00
N LEU H 187 -57.80 8.81 -1.04
CA LEU H 187 -57.23 9.13 -2.34
C LEU H 187 -57.34 10.63 -2.59
N TYR H 188 -56.44 11.14 -3.42
CA TYR H 188 -56.42 12.55 -3.75
C TYR H 188 -57.34 12.85 -4.94
N SER H 189 -57.79 14.09 -5.01
CA SER H 189 -58.60 14.57 -6.12
C SER H 189 -58.17 15.98 -6.47
N LEU H 190 -57.92 16.23 -7.75
CA LEU H 190 -57.39 17.50 -8.22
C LEU H 190 -58.27 18.04 -9.33
N SER H 191 -58.27 19.35 -9.49
CA SER H 191 -59.03 20.02 -10.53
C SER H 191 -58.17 21.12 -11.14
N SER H 192 -58.23 21.24 -12.47
CA SER H 192 -57.42 22.21 -13.21
C SER H 192 -58.29 22.83 -14.28
N VAL H 193 -58.51 24.15 -14.20
CA VAL H 193 -59.39 24.87 -15.10
C VAL H 193 -58.61 25.97 -15.80
N VAL H 194 -59.23 26.51 -16.87
CA VAL H 194 -58.64 27.59 -17.65
C VAL H 194 -59.77 28.44 -18.20
N THR H 195 -59.57 29.76 -18.20
CA THR H 195 -60.55 30.70 -18.71
C THR H 195 -60.08 31.22 -20.06
N VAL H 196 -60.85 30.93 -21.11
CA VAL H 196 -60.54 31.36 -22.47
C VAL H 196 -61.74 32.11 -23.02
N PRO H 197 -61.53 32.99 -24.00
CA PRO H 197 -62.65 33.74 -24.57
C PRO H 197 -63.66 32.81 -25.23
N SER H 198 -64.94 33.21 -25.14
CA SER H 198 -66.02 32.39 -25.67
C SER H 198 -65.97 32.28 -27.20
N SER H 199 -65.34 33.24 -27.88
CA SER H 199 -65.28 33.20 -29.33
C SER H 199 -64.42 32.03 -29.82
N SER H 200 -63.35 31.73 -29.10
CA SER H 200 -62.45 30.64 -29.48
C SER H 200 -62.98 29.27 -29.08
N LEU H 201 -64.19 29.19 -28.53
CA LEU H 201 -64.72 27.92 -28.06
C LEU H 201 -64.94 26.96 -29.23
N GLY H 202 -65.53 27.45 -30.32
CA GLY H 202 -65.83 26.58 -31.44
C GLY H 202 -64.59 26.25 -32.27
N THR H 203 -63.77 27.27 -32.53
CA THR H 203 -62.60 27.10 -33.39
C THR H 203 -61.51 26.31 -32.70
N GLN H 204 -60.90 26.88 -31.66
CA GLN H 204 -59.74 26.26 -31.03
C GLN H 204 -60.15 25.04 -30.22
N THR H 205 -59.29 24.02 -30.23
CA THR H 205 -59.48 22.80 -29.47
C THR H 205 -58.65 22.84 -28.19
N TYR H 206 -59.17 22.21 -27.14
CA TYR H 206 -58.53 22.24 -25.83
C TYR H 206 -58.37 20.83 -25.29
N ILE H 207 -57.15 20.52 -24.82
CA ILE H 207 -56.84 19.23 -24.22
C ILE H 207 -55.97 19.46 -22.99
N CYS H 208 -56.20 18.68 -21.95
CA CYS H 208 -55.41 18.73 -20.73
C CYS H 208 -54.51 17.51 -20.65
N ASN H 209 -53.22 17.72 -20.44
CA ASN H 209 -52.22 16.65 -20.41
C ASN H 209 -51.98 16.26 -18.96
N VAL H 210 -52.79 15.32 -18.47
CA VAL H 210 -52.67 14.84 -17.10
C VAL H 210 -51.58 13.78 -17.05
N ASN H 211 -50.69 13.89 -16.07
CA ASN H 211 -49.59 12.94 -15.92
C ASN H 211 -49.42 12.60 -14.45
N HIS H 212 -49.41 11.30 -14.15
CA HIS H 212 -49.25 10.79 -12.78
C HIS H 212 -48.04 9.86 -12.78
N LYS H 213 -46.88 10.42 -12.46
CA LYS H 213 -45.64 9.64 -12.50
C LYS H 213 -45.62 8.45 -11.54
N PRO H 214 -46.08 8.56 -10.28
CA PRO H 214 -46.01 7.38 -9.39
C PRO H 214 -46.70 6.14 -9.94
N SER H 215 -47.73 6.30 -10.78
CA SER H 215 -48.41 5.16 -11.38
C SER H 215 -48.09 5.00 -12.86
N ASN H 216 -47.24 5.88 -13.42
CA ASN H 216 -46.89 5.86 -14.83
C ASN H 216 -48.14 5.93 -15.72
N THR H 217 -48.92 6.98 -15.49
CA THR H 217 -50.17 7.19 -16.21
C THR H 217 -50.14 8.56 -16.88
N LYS H 218 -50.49 8.60 -18.17
CA LYS H 218 -50.56 9.83 -18.93
C LYS H 218 -51.85 9.81 -19.74
N VAL H 219 -52.76 10.74 -19.44
CA VAL H 219 -54.08 10.77 -20.07
C VAL H 219 -54.24 12.12 -20.77
N ASP H 220 -54.70 12.08 -22.01
CA ASP H 220 -54.94 13.27 -22.82
C ASP H 220 -56.44 13.35 -23.08
N LYS H 221 -57.15 14.06 -22.20
CA LYS H 221 -58.60 14.18 -22.31
C LYS H 221 -58.97 15.41 -23.13
N LYS H 222 -59.91 15.23 -24.06
CA LYS H 222 -60.40 16.31 -24.91
C LYS H 222 -61.65 16.90 -24.27
N VAL H 223 -61.63 18.20 -24.00
CA VAL H 223 -62.74 18.91 -23.38
C VAL H 223 -63.54 19.60 -24.47
N GLU H 224 -64.80 19.22 -24.61
CA GLU H 224 -65.70 19.78 -25.61
C GLU H 224 -66.99 20.25 -24.94
N PRO H 225 -67.63 21.27 -25.47
CA PRO H 225 -68.88 21.76 -24.87
C PRO H 225 -70.01 20.77 -25.09
N LYS H 226 -71.09 20.99 -24.34
CA LYS H 226 -72.26 20.13 -24.41
C LYS H 226 -73.19 20.54 -25.54
N GLY I 23 39.09 42.28 10.24
CA GLY I 23 38.44 43.57 10.10
C GLY I 23 37.47 43.89 11.22
N THR I 24 36.25 44.26 10.87
CA THR I 24 35.22 44.61 11.83
C THR I 24 33.89 44.00 11.41
N LEU I 25 33.08 43.62 12.41
CA LEU I 25 31.77 43.01 12.18
C LEU I 25 30.69 44.03 12.53
N GLN I 26 29.91 44.41 11.52
CA GLN I 26 28.83 45.38 11.73
C GLN I 26 27.63 44.73 12.42
N LYS I 27 27.04 43.72 11.77
CA LYS I 27 25.90 43.00 12.31
C LYS I 27 26.21 41.51 12.38
N THR I 28 25.43 40.80 13.20
CA THR I 28 25.59 39.36 13.33
C THR I 28 25.17 38.60 12.09
N GLU I 29 24.47 39.24 11.16
CA GLU I 29 24.11 38.60 9.90
C GLU I 29 25.28 38.53 8.93
N ASP I 30 26.31 39.36 9.13
CA ASP I 30 27.42 39.40 8.18
C ASP I 30 28.36 38.21 8.33
N VAL I 31 28.38 37.55 9.48
CA VAL I 31 29.23 36.38 9.66
C VAL I 31 28.54 35.18 9.01
N HIS I 32 29.21 34.57 8.05
CA HIS I 32 28.66 33.47 7.26
C HIS I 32 29.51 32.22 7.41
N LEU I 33 28.84 31.07 7.30
CA LEU I 33 29.50 29.76 7.35
C LEU I 33 29.29 29.08 6.01
N MET I 34 30.36 28.94 5.24
CA MET I 34 30.30 28.36 3.90
C MET I 34 30.75 26.91 3.94
N GLY I 35 29.90 26.02 3.43
CA GLY I 35 30.25 24.62 3.32
C GLY I 35 30.90 24.29 1.99
N PHE I 36 32.14 23.82 2.02
CA PHE I 36 32.87 23.45 0.82
C PHE I 36 32.90 21.93 0.68
N THR I 37 32.48 21.45 -0.50
CA THR I 37 32.39 20.01 -0.72
C THR I 37 33.77 19.38 -0.86
N LEU I 38 33.85 18.11 -0.48
CA LEU I 38 35.08 17.36 -0.70
C LEU I 38 35.34 17.10 -2.18
N SER I 39 34.32 17.30 -3.03
CA SER I 39 34.53 17.15 -4.47
C SER I 39 35.55 18.17 -4.98
N GLY I 40 35.48 19.40 -4.47
CA GLY I 40 36.44 20.41 -4.83
C GLY I 40 37.84 20.17 -4.30
N GLN I 41 37.96 19.34 -3.26
CA GLN I 41 39.26 18.94 -2.73
C GLN I 41 39.92 17.83 -3.54
N LYS I 42 39.42 17.55 -4.74
CA LYS I 42 39.99 16.54 -5.64
C LYS I 42 39.96 15.15 -5.00
N VAL I 43 38.87 14.84 -4.30
CA VAL I 43 38.67 13.55 -3.68
C VAL I 43 37.78 12.72 -4.58
N ALA I 44 37.85 11.40 -4.45
CA ALA I 44 37.09 10.49 -5.29
C ALA I 44 35.59 10.72 -5.12
N ASP I 45 34.93 11.08 -6.22
CA ASP I 45 33.49 11.27 -6.24
C ASP I 45 32.72 9.98 -6.49
N SER I 46 33.40 8.90 -6.87
CA SER I 46 32.72 7.65 -7.18
C SER I 46 32.05 7.10 -5.93
N PRO I 47 30.84 6.56 -6.03
CA PRO I 47 30.15 6.06 -4.83
C PRO I 47 30.86 4.88 -4.18
N LEU I 48 31.60 4.08 -4.94
CA LEU I 48 32.32 2.95 -4.36
C LEU I 48 33.43 3.44 -3.43
N GLU I 49 34.23 4.39 -3.91
CA GLU I 49 35.30 4.92 -3.07
C GLU I 49 34.75 5.83 -1.98
N ALA I 50 33.62 6.50 -2.24
CA ALA I 50 33.00 7.33 -1.21
C ALA I 50 32.39 6.48 -0.11
N SER I 51 31.87 5.29 -0.45
CA SER I 51 31.31 4.41 0.56
C SER I 51 32.37 3.87 1.50
N LYS I 52 33.64 3.91 1.11
CA LYS I 52 34.72 3.49 1.99
C LYS I 52 35.06 4.55 3.04
N ARG I 53 34.46 5.72 2.97
CA ARG I 53 34.73 6.82 3.90
C ARG I 53 33.73 6.87 5.06
N TRP I 54 32.71 6.03 5.06
CA TRP I 54 31.70 6.03 6.11
C TRP I 54 31.66 4.66 6.78
N ALA I 55 31.18 4.65 8.03
CA ALA I 55 31.09 3.41 8.80
C ALA I 55 30.10 3.61 9.94
N PHE I 56 29.55 2.51 10.42
CA PHE I 56 28.61 2.52 11.52
C PHE I 56 29.34 2.37 12.84
N ARG I 57 28.85 3.06 13.87
CA ARG I 57 29.41 2.86 15.20
C ARG I 57 28.35 3.17 16.25
N THR I 58 28.29 2.32 17.28
CA THR I 58 27.40 2.50 18.42
C THR I 58 28.07 3.36 19.50
N GLY I 59 27.25 4.13 20.21
CA GLY I 59 27.73 4.89 21.36
C GLY I 59 28.20 6.30 21.08
N VAL I 60 27.78 6.92 19.99
CA VAL I 60 28.14 8.28 19.66
C VAL I 60 26.88 9.06 19.31
N PRO I 61 26.59 10.17 19.98
CA PRO I 61 25.38 10.93 19.68
C PRO I 61 25.55 11.76 18.41
N PRO I 62 24.48 11.95 17.64
CA PRO I 62 24.60 12.77 16.44
C PRO I 62 24.38 14.25 16.73
N LYS I 63 25.24 15.11 16.18
CA LYS I 63 25.14 16.54 16.37
C LYS I 63 25.03 17.25 15.02
N ASN I 64 24.40 18.43 15.03
CA ASN I 64 24.14 19.18 13.81
C ASN I 64 24.51 20.63 14.01
N VAL I 65 25.00 21.26 12.94
CA VAL I 65 25.34 22.67 12.91
C VAL I 65 24.76 23.28 11.64
N GLU I 66 24.05 24.39 11.78
CA GLU I 66 23.49 25.08 10.63
C GLU I 66 24.51 26.05 10.07
N TYR I 67 24.55 26.16 8.74
CA TYR I 67 25.41 27.09 8.04
C TYR I 67 24.59 27.91 7.05
N THR I 68 25.21 28.94 6.48
CA THR I 68 24.52 29.91 5.65
C THR I 68 24.65 29.61 4.16
N GLU I 69 25.86 29.45 3.65
CA GLU I 69 26.09 29.23 2.23
C GLU I 69 26.85 27.92 2.02
N GLY I 70 26.80 27.44 0.77
CA GLY I 70 27.47 26.20 0.41
C GLY I 70 27.83 26.17 -1.05
N GLU I 71 28.68 25.22 -1.40
CA GLU I 71 29.17 25.06 -2.75
C GLU I 71 28.24 24.15 -3.56
N GLU I 72 28.22 24.35 -4.86
CA GLU I 72 27.48 23.45 -5.75
C GLU I 72 28.23 22.13 -5.85
N ALA I 73 27.55 21.04 -5.48
CA ALA I 73 28.20 19.74 -5.37
C ALA I 73 28.33 19.08 -6.73
N LYS I 74 29.44 18.35 -6.92
CA LYS I 74 29.65 17.62 -8.17
C LYS I 74 28.92 16.28 -8.15
N THR I 75 28.92 15.59 -7.01
CA THR I 75 28.23 14.32 -6.87
C THR I 75 27.50 14.29 -5.53
N CYS I 76 26.24 13.87 -5.56
CA CYS I 76 25.43 13.68 -4.37
C CYS I 76 24.94 12.23 -4.32
N TYR I 77 24.58 11.79 -3.12
CA TYR I 77 24.26 10.39 -2.88
C TYR I 77 22.95 10.29 -2.10
N ASN I 78 22.07 9.38 -2.54
CA ASN I 78 20.81 9.08 -1.89
C ASN I 78 20.83 7.60 -1.56
N ILE I 79 21.30 7.26 -0.35
CA ILE I 79 21.62 5.88 0.03
C ILE I 79 20.52 5.35 0.94
N SER I 80 20.34 4.02 0.89
CA SER I 80 19.37 3.32 1.74
C SER I 80 19.97 1.97 2.12
N VAL I 81 20.70 1.95 3.23
CA VAL I 81 21.32 0.73 3.74
C VAL I 81 20.31 0.02 4.64
N THR I 82 20.09 -1.27 4.38
CA THR I 82 19.04 -2.02 5.05
C THR I 82 19.58 -3.30 5.65
N ASP I 83 18.89 -3.76 6.70
CA ASP I 83 19.12 -5.09 7.26
C ASP I 83 18.71 -6.14 6.23
N PRO I 84 19.27 -7.35 6.32
CA PRO I 84 18.75 -8.43 5.47
C PRO I 84 17.27 -8.69 5.68
N SER I 85 16.72 -8.35 6.85
CA SER I 85 15.28 -8.46 7.06
C SER I 85 14.53 -7.34 6.35
N GLY I 86 15.15 -6.17 6.21
CA GLY I 86 14.51 -5.03 5.56
C GLY I 86 14.58 -3.77 6.40
N LYS I 87 15.04 -3.91 7.64
CA LYS I 87 15.15 -2.78 8.56
C LYS I 87 16.23 -1.82 8.07
N SER I 88 15.86 -0.56 7.86
CA SER I 88 16.83 0.46 7.47
C SER I 88 17.65 0.88 8.68
N LEU I 89 18.97 0.89 8.51
CA LEU I 89 19.88 1.19 9.61
C LEU I 89 20.19 2.67 9.75
N LEU I 90 19.75 3.50 8.80
CA LEU I 90 20.02 4.93 8.88
C LEU I 90 19.05 5.61 9.84
N LEU I 91 19.50 6.72 10.40
CA LEU I 91 18.70 7.43 11.39
C LEU I 91 17.52 8.14 10.74
N ASP I 92 16.50 8.40 11.55
CA ASP I 92 15.34 9.15 11.11
C ASP I 92 15.70 10.63 11.02
N PRO I 93 15.49 11.28 9.89
CA PRO I 93 15.87 12.69 9.75
C PRO I 93 14.89 13.58 10.48
N PRO I 94 15.39 14.52 11.30
CA PRO I 94 14.50 15.53 11.88
C PRO I 94 13.95 16.45 10.81
N SER I 95 12.94 17.24 11.21
CA SER I 95 12.21 18.05 10.26
C SER I 95 13.11 19.05 9.54
N ASN I 96 14.08 19.62 10.27
CA ASN I 96 14.95 20.65 9.70
C ASN I 96 15.87 20.11 8.62
N ILE I 97 16.09 18.79 8.56
CA ILE I 97 17.00 18.21 7.59
C ILE I 97 16.28 18.10 6.25
N ARG I 98 16.85 18.70 5.22
CA ARG I 98 16.31 18.63 3.87
C ARG I 98 17.42 18.32 2.88
N ASP I 99 16.97 17.97 1.67
CA ASP I 99 17.86 17.58 0.60
C ASP I 99 18.84 18.69 0.25
N TYR I 100 20.06 18.31 -0.12
CA TYR I 100 21.05 19.28 -0.55
C TYR I 100 20.56 20.00 -1.80
N PRO I 101 20.70 21.33 -1.87
CA PRO I 101 20.06 22.09 -2.95
C PRO I 101 20.59 21.80 -4.35
N LYS I 102 21.90 21.95 -4.57
CA LYS I 102 22.48 21.91 -5.90
C LYS I 102 23.43 20.72 -6.01
N CYS I 103 23.10 19.80 -6.93
CA CYS I 103 23.93 18.64 -7.21
C CYS I 103 24.01 18.45 -8.71
N LYS I 104 25.21 18.10 -9.21
CA LYS I 104 25.36 17.82 -10.63
C LYS I 104 24.83 16.43 -10.98
N THR I 105 25.18 15.43 -10.17
CA THR I 105 24.70 14.07 -10.35
C THR I 105 24.36 13.47 -9.00
N VAL I 106 23.24 12.75 -8.94
CA VAL I 106 22.74 12.16 -7.71
C VAL I 106 22.77 10.64 -7.87
N HIS I 107 23.65 9.99 -7.11
CA HIS I 107 23.77 8.53 -7.16
C HIS I 107 22.72 7.91 -6.23
N HIS I 108 21.83 7.11 -6.81
CA HIS I 108 20.82 6.36 -6.06
C HIS I 108 21.32 4.94 -5.86
N ILE I 109 21.74 4.62 -4.64
CA ILE I 109 22.30 3.31 -4.34
C ILE I 109 21.55 2.70 -3.15
N GLN I 110 21.49 1.37 -3.14
CA GLN I 110 20.78 0.62 -2.10
C GLN I 110 21.70 -0.49 -1.60
N GLY I 111 22.10 -0.41 -0.33
CA GLY I 111 23.04 -1.34 0.24
C GLY I 111 22.43 -2.24 1.31
N GLN I 112 23.29 -3.10 1.86
CA GLN I 112 22.91 -4.05 2.89
C GLN I 112 24.05 -4.20 3.88
N ASN I 113 23.71 -4.36 5.16
CA ASN I 113 24.71 -4.58 6.20
C ASN I 113 24.07 -5.30 7.38
N PRO I 114 24.36 -6.60 7.56
CA PRO I 114 23.73 -7.33 8.66
C PRO I 114 24.41 -7.08 10.00
N HIS I 115 25.73 -6.93 9.99
CA HIS I 115 26.48 -6.72 11.22
C HIS I 115 26.33 -5.31 11.77
N ALA I 116 25.81 -4.38 10.97
CA ALA I 116 25.83 -2.97 11.33
C ALA I 116 25.07 -2.71 12.62
N GLN I 117 25.67 -1.89 13.50
CA GLN I 117 25.02 -1.40 14.70
C GLN I 117 25.31 0.08 14.84
N GLY I 118 24.51 0.74 15.66
CA GLY I 118 24.75 2.17 15.89
C GLY I 118 24.30 3.00 14.72
N ILE I 119 25.11 4.01 14.37
CA ILE I 119 24.75 4.99 13.36
C ILE I 119 25.98 5.25 12.47
N ALA I 120 25.71 5.71 11.26
CA ALA I 120 26.75 5.94 10.27
C ALA I 120 27.47 7.25 10.55
N LEU I 121 28.80 7.19 10.59
CA LEU I 121 29.63 8.37 10.83
C LEU I 121 30.64 8.50 9.70
N HIS I 122 31.33 9.63 9.68
CA HIS I 122 32.36 9.90 8.68
C HIS I 122 33.73 9.54 9.25
N LEU I 123 34.48 8.72 8.53
CA LEU I 123 35.78 8.28 9.00
C LEU I 123 36.83 9.36 8.93
N TRP I 124 36.67 10.35 8.04
CA TRP I 124 37.63 11.42 7.90
C TRP I 124 37.41 12.54 8.91
N GLY I 125 36.24 12.60 9.53
CA GLY I 125 35.87 13.73 10.35
C GLY I 125 35.09 14.81 9.63
N ALA I 126 34.80 14.62 8.35
CA ALA I 126 33.99 15.58 7.60
C ALA I 126 32.53 15.48 8.03
N PHE I 127 31.70 16.32 7.43
CA PHE I 127 30.28 16.39 7.78
C PHE I 127 29.43 16.04 6.58
N PHE I 128 28.29 15.41 6.85
CA PHE I 128 27.28 15.13 5.83
C PHE I 128 26.47 16.40 5.61
N LEU I 129 26.75 17.10 4.52
CA LEU I 129 26.13 18.40 4.27
C LEU I 129 24.71 18.22 3.74
N TYR I 130 23.75 18.73 4.50
CA TYR I 130 22.38 18.88 4.05
C TYR I 130 22.08 20.35 3.83
N ASP I 131 20.86 20.65 3.41
CA ASP I 131 20.47 22.03 3.16
C ASP I 131 20.62 22.86 4.42
N ARG I 132 21.62 23.75 4.43
CA ARG I 132 21.87 24.67 5.54
C ARG I 132 22.08 23.96 6.87
N VAL I 133 22.41 22.67 6.83
CA VAL I 133 22.73 21.88 8.02
C VAL I 133 23.89 20.96 7.70
N ALA I 134 24.88 20.92 8.58
CA ALA I 134 25.96 19.94 8.52
C ALA I 134 25.78 18.95 9.66
N SER I 135 25.92 17.67 9.37
CA SER I 135 25.55 16.62 10.31
C SER I 135 26.71 15.67 10.56
N THR I 136 26.74 15.11 11.76
CA THR I 136 27.68 14.04 12.09
C THR I 136 27.25 12.72 11.48
N THR I 137 25.96 12.51 11.31
CA THR I 137 25.38 11.27 10.81
C THR I 137 24.62 11.55 9.52
N MET I 138 24.63 10.59 8.60
CA MET I 138 23.81 10.69 7.40
C MET I 138 22.44 10.09 7.67
N TYR I 139 21.40 10.88 7.39
CA TYR I 139 20.03 10.50 7.70
C TYR I 139 19.40 9.71 6.57
N ARG I 140 18.33 8.99 6.91
CA ARG I 140 17.69 8.09 5.95
C ARG I 140 16.93 8.88 4.88
N GLY I 141 17.17 8.52 3.63
CA GLY I 141 16.39 9.07 2.52
C GLY I 141 16.52 10.56 2.32
N LYS I 142 17.73 11.10 2.47
CA LYS I 142 17.99 12.51 2.26
C LYS I 142 19.32 12.66 1.55
N VAL I 143 19.33 13.38 0.42
CA VAL I 143 20.57 13.52 -0.32
C VAL I 143 21.54 14.39 0.47
N PHE I 144 22.83 14.21 0.21
CA PHE I 144 23.87 14.90 0.95
C PHE I 144 25.13 14.94 0.09
N THR I 145 26.15 15.61 0.60
CA THR I 145 27.46 15.61 -0.01
C THR I 145 28.51 15.77 1.08
N GLU I 146 29.67 15.15 0.86
CA GLU I 146 30.75 15.25 1.82
C GLU I 146 31.40 16.62 1.74
N GLY I 147 31.60 17.24 2.89
CA GLY I 147 32.21 18.56 2.90
C GLY I 147 32.43 19.05 4.31
N ASN I 148 33.06 20.22 4.40
CA ASN I 148 33.30 20.91 5.66
C ASN I 148 32.87 22.35 5.52
N ILE I 149 32.72 23.03 6.67
CA ILE I 149 32.30 24.42 6.68
C ILE I 149 33.43 25.29 7.23
N ALA I 150 33.37 26.57 6.89
CA ALA I 150 34.39 27.53 7.30
C ALA I 150 33.72 28.84 7.71
N ALA I 151 34.25 29.47 8.75
CA ALA I 151 33.70 30.72 9.25
C ALA I 151 34.39 31.91 8.58
N MET I 152 33.59 32.87 8.13
CA MET I 152 34.12 34.04 7.45
C MET I 152 33.13 35.19 7.58
N ILE I 153 33.61 36.39 7.31
CA ILE I 153 32.82 37.61 7.43
C ILE I 153 32.78 38.29 6.06
N VAL I 154 31.58 38.54 5.56
CA VAL I 154 31.36 39.34 4.36
C VAL I 154 30.21 40.29 4.64
N ASN I 155 30.45 41.58 4.42
CA ASN I 155 29.43 42.54 4.78
C ASN I 155 28.35 42.60 3.70
N LYS I 156 27.31 43.37 3.98
CA LYS I 156 26.13 43.38 3.12
C LYS I 156 26.48 43.78 1.69
N THR I 157 27.42 44.71 1.53
CA THR I 157 27.79 45.17 0.19
C THR I 157 28.57 44.11 -0.57
N VAL I 158 29.42 43.36 0.12
CA VAL I 158 30.18 42.29 -0.55
C VAL I 158 29.26 41.15 -0.95
N HIS I 159 28.31 40.81 -0.09
CA HIS I 159 27.41 39.69 -0.36
C HIS I 159 26.58 39.95 -1.61
N ARG I 160 26.18 41.20 -1.84
CA ARG I 160 25.38 41.51 -3.01
C ARG I 160 26.21 41.46 -4.30
N MET I 161 27.51 41.76 -4.22
CA MET I 161 28.33 41.77 -5.42
C MET I 161 28.65 40.35 -5.89
N ILE I 162 28.83 39.43 -4.94
CA ILE I 162 29.23 38.06 -5.29
C ILE I 162 28.09 37.36 -6.04
N PHE I 163 26.88 37.46 -5.53
CA PHE I 163 25.73 36.74 -6.06
C PHE I 163 24.98 37.51 -7.14
N SER I 164 25.52 38.64 -7.59
CA SER I 164 24.92 39.45 -8.65
C SER I 164 23.47 39.84 -8.34
N SER J 36 39.03 35.25 13.29
CA SER J 36 38.05 35.05 12.23
C SER J 36 38.37 35.88 11.00
N PRO J 37 38.54 35.23 9.85
CA PRO J 37 38.89 35.94 8.63
C PRO J 37 37.70 36.69 8.06
N SER J 38 37.95 37.44 6.99
CA SER J 38 36.91 38.23 6.34
C SER J 38 37.28 38.45 4.88
N PHE J 39 36.28 38.42 4.00
CA PHE J 39 36.47 38.65 2.58
C PHE J 39 35.85 39.98 2.20
N ASN J 40 36.61 40.79 1.45
CA ASN J 40 36.17 42.12 1.05
C ASN J 40 36.65 42.39 -0.37
N THR J 41 36.16 43.49 -0.93
CA THR J 41 36.52 43.89 -2.29
C THR J 41 37.96 44.39 -2.36
N SER J 54 37.54 40.16 -8.04
CA SER J 54 38.10 41.31 -7.33
C SER J 54 37.77 41.23 -5.83
N LEU J 55 38.17 40.13 -5.20
CA LEU J 55 37.92 39.90 -3.78
C LEU J 55 39.24 39.60 -3.07
N THR J 56 39.24 39.85 -1.77
CA THR J 56 40.42 39.65 -0.93
C THR J 56 40.00 39.03 0.39
N PHE J 57 40.71 37.97 0.80
CA PHE J 57 40.44 37.28 2.06
C PHE J 57 41.61 37.47 3.01
N SER J 58 41.29 37.75 4.27
CA SER J 58 42.32 37.94 5.28
C SER J 58 42.63 36.63 6.00
N ASN J 75 47.01 22.34 -7.37
CA ASN J 75 47.58 21.03 -7.14
C ASN J 75 46.58 20.11 -6.43
N ASP J 76 45.85 20.67 -5.49
CA ASP J 76 44.87 19.92 -4.71
C ASP J 76 43.49 20.56 -4.74
N CYS J 77 43.41 21.90 -4.76
CA CYS J 77 42.13 22.59 -4.71
C CYS J 77 41.52 22.69 -6.11
N ASP J 78 40.26 23.14 -6.14
CA ASP J 78 39.53 23.36 -7.38
C ASP J 78 39.48 24.85 -7.67
N ALA J 79 39.69 25.21 -8.94
CA ALA J 79 39.73 26.62 -9.32
C ALA J 79 38.36 27.28 -9.20
N GLU J 80 37.38 26.76 -9.92
CA GLU J 80 36.05 27.34 -9.91
C GLU J 80 35.36 27.07 -8.58
N LEU J 81 34.49 28.00 -8.17
CA LEU J 81 33.79 27.91 -6.90
C LEU J 81 32.40 28.52 -7.09
N ARG J 82 31.40 27.67 -7.29
CA ARG J 82 30.01 28.10 -7.43
C ARG J 82 29.30 27.95 -6.08
N ILE J 83 28.65 29.04 -5.65
CA ILE J 83 28.07 29.11 -4.31
C ILE J 83 26.59 29.46 -4.45
N TRP J 84 25.80 29.00 -3.48
CA TRP J 84 24.38 29.33 -3.39
C TRP J 84 24.09 29.96 -2.03
N SER J 85 23.06 30.81 -2.00
CA SER J 85 22.67 31.51 -0.78
C SER J 85 21.15 31.68 -0.77
N VAL J 86 20.65 32.48 0.18
CA VAL J 86 19.23 32.67 0.37
C VAL J 86 18.83 34.14 0.24
N GLN J 87 19.64 35.05 0.77
CA GLN J 87 19.29 36.46 0.78
C GLN J 87 19.16 37.03 -0.62
N GLU J 88 18.22 37.94 -0.80
CA GLU J 88 17.97 38.58 -2.09
C GLU J 88 17.64 40.04 -1.87
N ASP J 89 17.84 40.84 -2.91
CA ASP J 89 17.58 42.26 -2.85
C ASP J 89 16.09 42.55 -3.14
N ASP J 90 15.72 43.82 -2.97
CA ASP J 90 14.34 44.24 -3.19
C ASP J 90 13.92 44.08 -4.64
N GLY J 94 8.82 43.80 -2.94
CA GLY J 94 7.56 44.33 -2.44
C GLY J 94 6.71 43.30 -1.73
N LEU J 95 6.37 42.23 -2.46
CA LEU J 95 5.57 41.13 -1.91
C LEU J 95 6.39 39.89 -1.59
N SER J 96 7.68 39.87 -1.96
CA SER J 96 8.46 38.65 -1.86
C SER J 96 8.73 38.25 -0.41
N TRP J 97 8.74 39.21 0.51
CA TRP J 97 9.09 38.92 1.89
C TRP J 97 8.00 38.11 2.60
N ILE J 98 6.76 38.17 2.13
CA ILE J 98 5.68 37.41 2.75
C ILE J 98 5.90 35.92 2.50
N PRO J 99 5.77 35.07 3.52
CA PRO J 99 6.07 33.63 3.31
C PRO J 99 5.20 32.97 2.28
N PHE J 100 3.91 33.31 2.22
CA PHE J 100 3.03 32.73 1.20
C PHE J 100 3.50 33.09 -0.20
N PHE J 101 3.93 34.32 -0.39
CA PHE J 101 4.42 34.77 -1.69
C PHE J 101 5.93 34.54 -1.76
N GLY J 102 6.56 35.08 -2.81
CA GLY J 102 7.98 34.93 -2.99
C GLY J 102 8.37 33.51 -3.33
N PRO J 103 9.56 33.10 -2.88
CA PRO J 103 10.06 31.77 -3.23
C PRO J 103 9.47 30.68 -2.36
N GLY J 104 9.63 29.44 -2.84
CA GLY J 104 9.28 28.28 -2.07
C GLY J 104 10.53 27.52 -1.67
N ILE J 105 10.62 26.24 -2.06
CA ILE J 105 11.84 25.46 -1.88
C ILE J 105 12.64 25.31 -3.16
N GLU J 106 12.05 25.64 -4.32
CA GLU J 106 12.73 25.51 -5.60
C GLU J 106 13.54 26.77 -5.92
N GLY J 107 12.85 27.87 -6.20
CA GLY J 107 13.52 29.11 -6.54
C GLY J 107 13.94 29.92 -5.34
N LEU J 108 14.52 29.24 -4.33
CA LEU J 108 14.93 29.90 -3.11
C LEU J 108 16.40 30.30 -3.13
N TYR J 109 17.24 29.56 -3.82
CA TYR J 109 18.69 29.75 -3.78
C TYR J 109 19.15 30.62 -4.95
N THR J 110 20.11 31.50 -4.67
CA THR J 110 20.68 32.39 -5.66
C THR J 110 22.11 31.97 -5.96
N ALA J 111 22.48 32.01 -7.24
CA ALA J 111 23.78 31.52 -7.68
C ALA J 111 24.86 32.58 -7.48
N GLY J 112 26.06 32.12 -7.17
CA GLY J 112 27.20 32.99 -7.01
C GLY J 112 28.46 32.33 -7.50
N LEU J 113 29.50 33.14 -7.70
CA LEU J 113 30.77 32.65 -8.22
C LEU J 113 31.90 33.45 -7.57
N ILE J 114 32.93 32.73 -7.13
CA ILE J 114 34.12 33.34 -6.52
C ILE J 114 35.33 32.90 -7.33
N LYS J 115 36.09 33.87 -7.83
CA LYS J 115 37.26 33.59 -8.64
C LYS J 115 38.50 33.43 -7.77
N ASN J 116 39.39 32.55 -8.19
CA ASN J 116 40.62 32.25 -7.45
C ASN J 116 41.66 33.30 -7.78
N GLN J 117 41.80 34.30 -6.89
CA GLN J 117 42.78 35.37 -7.04
C GLN J 117 43.85 35.17 -5.97
N ASN J 118 45.04 34.76 -6.40
CA ASN J 118 46.15 34.42 -5.50
C ASN J 118 45.72 33.32 -4.52
N ASN J 119 45.43 32.15 -5.09
CA ASN J 119 44.87 31.00 -4.37
C ASN J 119 43.84 31.43 -3.34
N LEU J 120 42.85 32.21 -3.80
CA LEU J 120 41.79 32.68 -2.91
C LEU J 120 40.87 31.53 -2.52
N VAL J 121 40.36 30.80 -3.52
CA VAL J 121 39.46 29.68 -3.24
C VAL J 121 40.19 28.60 -2.45
N CYS J 122 41.48 28.39 -2.75
CA CYS J 122 42.24 27.36 -2.06
C CYS J 122 42.42 27.68 -0.58
N ARG J 123 42.62 28.96 -0.25
CA ARG J 123 42.70 29.35 1.15
C ARG J 123 41.34 29.22 1.84
N LEU J 124 40.25 29.36 1.09
CA LEU J 124 38.92 29.11 1.65
C LEU J 124 38.71 27.62 1.89
N ARG J 125 39.10 26.79 0.92
CA ARG J 125 38.86 25.35 1.03
C ARG J 125 39.74 24.72 2.11
N ARG J 126 40.98 25.19 2.24
CA ARG J 126 41.87 24.67 3.27
C ARG J 126 41.47 25.17 4.66
N LEU J 127 40.66 26.23 4.73
CA LEU J 127 40.16 26.71 6.03
C LEU J 127 39.08 25.76 6.56
N ALA J 128 38.14 25.35 5.70
CA ALA J 128 37.11 24.42 6.13
C ALA J 128 37.69 23.07 6.50
N ASN J 129 38.74 22.65 5.78
CA ASN J 129 39.40 21.39 6.09
C ASN J 129 40.04 21.42 7.46
N GLN J 130 40.40 22.60 7.96
CA GLN J 130 41.04 22.75 9.26
C GLN J 130 40.04 23.07 10.36
N THR J 131 39.10 23.98 10.10
CA THR J 131 38.15 24.39 11.14
C THR J 131 37.22 23.25 11.55
N ALA J 132 37.06 22.23 10.72
CA ALA J 132 36.20 21.10 11.09
C ALA J 132 36.80 20.30 12.24
N LYS J 133 38.13 20.31 12.38
CA LYS J 133 38.77 19.55 13.45
C LYS J 133 38.44 20.13 14.82
N SER J 134 38.34 21.45 14.91
CA SER J 134 37.89 22.07 16.16
C SER J 134 36.39 22.04 16.30
N LEU J 135 35.67 22.14 15.17
CA LEU J 135 34.21 22.14 15.21
C LEU J 135 33.67 20.82 15.74
N GLU J 136 34.33 19.71 15.40
CA GLU J 136 33.90 18.41 15.90
C GLU J 136 34.03 18.33 17.42
N LEU J 137 35.13 18.84 17.96
CA LEU J 137 35.31 18.84 19.41
C LEU J 137 34.34 19.80 20.10
N LEU J 138 34.03 20.94 19.46
CA LEU J 138 33.08 21.88 20.03
C LEU J 138 31.68 21.30 20.09
N LEU J 139 31.38 20.26 19.32
CA LEU J 139 30.07 19.64 19.31
C LEU J 139 29.93 18.52 20.34
N ARG J 140 31.04 17.96 20.81
CA ARG J 140 30.96 16.88 21.79
C ARG J 140 30.34 17.34 23.11
N VAL J 141 30.55 18.61 23.48
CA VAL J 141 30.10 19.08 24.78
C VAL J 141 28.59 19.31 24.79
N THR J 142 28.05 19.89 23.72
CA THR J 142 26.61 20.17 23.67
C THR J 142 25.83 18.88 23.48
N THR J 143 24.82 18.68 24.32
CA THR J 143 24.03 17.45 24.30
C THR J 143 22.83 17.54 23.36
N GLU J 144 22.48 18.73 22.88
CA GLU J 144 21.32 18.87 22.02
C GLU J 144 21.57 18.19 20.68
N GLU J 145 20.65 17.31 20.29
CA GLU J 145 20.74 16.65 19.00
C GLU J 145 20.28 17.54 17.85
N ARG J 146 19.45 18.54 18.12
CA ARG J 146 18.92 19.43 17.10
C ARG J 146 20.00 20.42 16.65
N THR J 147 19.61 21.39 15.82
CA THR J 147 20.55 22.36 15.29
C THR J 147 21.11 23.24 16.38
N PHE J 148 22.33 23.72 16.17
CA PHE J 148 23.06 24.56 17.11
C PHE J 148 23.58 25.77 16.36
N SER J 149 23.14 26.97 16.75
CA SER J 149 23.50 28.19 16.04
C SER J 149 24.96 28.54 16.32
N LEU J 150 25.79 28.49 15.28
CA LEU J 150 27.20 28.81 15.40
C LEU J 150 27.50 30.27 15.13
N ILE J 151 26.66 30.95 14.36
CA ILE J 151 26.92 32.35 14.02
C ILE J 151 26.83 33.24 15.25
N ASN J 152 25.97 32.88 16.21
CA ASN J 152 25.84 33.70 17.42
C ASN J 152 27.08 33.58 18.30
N ARG J 153 27.73 32.42 18.29
CA ARG J 153 28.93 32.25 19.10
C ARG J 153 30.14 32.93 18.48
N HIS J 154 30.25 32.92 17.14
CA HIS J 154 31.33 33.65 16.49
C HIS J 154 31.24 35.14 16.77
N ALA J 155 30.03 35.68 16.80
CA ALA J 155 29.85 37.11 17.08
C ALA J 155 30.33 37.45 18.48
N ILE J 156 29.93 36.64 19.47
CA ILE J 156 30.34 36.94 20.85
C ILE J 156 31.81 36.61 21.06
N ASP J 157 32.35 35.65 20.31
CA ASP J 157 33.79 35.44 20.35
C ASP J 157 34.54 36.62 19.72
N PHE J 158 33.95 37.24 18.70
CA PHE J 158 34.56 38.42 18.09
C PHE J 158 34.53 39.60 19.05
N LEU J 159 33.46 39.73 19.84
CA LEU J 159 33.38 40.82 20.81
C LEU J 159 34.27 40.59 22.02
N LEU J 160 34.43 39.34 22.44
CA LEU J 160 35.29 39.04 23.59
C LEU J 160 36.77 39.13 23.25
N THR J 161 37.15 38.85 22.00
CA THR J 161 38.55 38.93 21.61
C THR J 161 39.00 40.36 21.33
N ARG J 162 38.06 41.30 21.16
CA ARG J 162 38.40 42.70 20.99
C ARG J 162 38.18 43.54 22.23
N TRP J 163 37.37 43.09 23.17
CA TRP J 163 37.10 43.85 24.39
C TRP J 163 37.18 42.96 25.64
N ILE K 2 19.19 -1.43 -16.53
CA ILE K 2 19.11 -0.58 -17.71
C ILE K 2 19.71 -1.29 -18.92
N GLN K 3 21.02 -1.53 -18.88
CA GLN K 3 21.73 -2.22 -19.94
C GLN K 3 23.12 -2.63 -19.49
N MET K 4 23.42 -3.92 -19.51
CA MET K 4 24.74 -4.43 -19.15
C MET K 4 25.28 -5.22 -20.34
N THR K 5 26.42 -4.79 -20.87
CA THR K 5 26.99 -5.36 -22.08
C THR K 5 28.41 -5.84 -21.83
N GLN K 6 28.86 -6.76 -22.69
CA GLN K 6 30.20 -7.30 -22.60
C GLN K 6 30.69 -7.60 -24.01
N SER K 7 31.78 -6.99 -24.41
CA SER K 7 32.31 -7.16 -25.77
C SER K 7 33.78 -7.62 -25.72
N PRO K 8 34.18 -8.48 -26.66
CA PRO K 8 33.33 -9.04 -27.73
C PRO K 8 32.51 -10.25 -27.29
N SER K 9 31.59 -10.68 -28.14
CA SER K 9 30.78 -11.87 -27.83
C SER K 9 31.63 -13.13 -27.88
N SER K 10 32.43 -13.29 -28.93
CA SER K 10 33.31 -14.42 -29.10
C SER K 10 34.72 -13.92 -29.37
N LEU K 11 35.70 -14.80 -29.17
CA LEU K 11 37.09 -14.44 -29.35
C LEU K 11 37.89 -15.68 -29.72
N SER K 12 38.93 -15.46 -30.53
CA SER K 12 39.82 -16.54 -30.95
C SER K 12 41.22 -15.96 -31.10
N ALA K 13 42.12 -16.34 -30.20
CA ALA K 13 43.49 -15.82 -30.19
C ALA K 13 44.47 -16.93 -29.87
N SER K 14 45.62 -16.90 -30.52
CA SER K 14 46.62 -17.96 -30.37
C SER K 14 47.20 -17.94 -28.96
N VAL K 15 47.82 -19.06 -28.60
CA VAL K 15 48.43 -19.20 -27.28
C VAL K 15 49.60 -18.23 -27.14
N GLY K 16 49.70 -17.58 -25.99
CA GLY K 16 50.72 -16.59 -25.73
C GLY K 16 50.32 -15.17 -26.07
N ASP K 17 49.13 -14.96 -26.60
CA ASP K 17 48.66 -13.63 -26.98
C ASP K 17 48.02 -12.93 -25.79
N ARG K 18 48.19 -11.61 -25.74
CA ARG K 18 47.59 -10.78 -24.71
C ARG K 18 46.17 -10.41 -25.13
N VAL K 19 45.18 -10.82 -24.32
CA VAL K 19 43.78 -10.62 -24.64
C VAL K 19 43.16 -9.73 -23.57
N THR K 20 42.43 -8.71 -24.01
CA THR K 20 41.68 -7.85 -23.11
C THR K 20 40.21 -7.83 -23.53
N ILE K 21 39.32 -7.84 -22.55
CA ILE K 21 37.88 -7.81 -22.79
C ILE K 21 37.27 -6.71 -21.95
N THR K 22 36.14 -6.17 -22.42
CA THR K 22 35.50 -5.03 -21.80
C THR K 22 34.14 -5.41 -21.24
N CYS K 23 33.74 -4.70 -20.18
CA CYS K 23 32.46 -4.89 -19.52
C CYS K 23 31.88 -3.53 -19.18
N GLN K 24 30.58 -3.37 -19.40
CA GLN K 24 29.89 -2.11 -19.13
C GLN K 24 28.76 -2.36 -18.15
N ALA K 25 28.85 -1.73 -16.98
CA ALA K 25 27.84 -1.88 -15.95
C ALA K 25 26.60 -1.06 -16.28
N SER K 26 25.49 -1.41 -15.62
CA SER K 26 24.24 -0.71 -15.86
C SER K 26 24.31 0.75 -15.39
N GLN K 27 24.97 0.99 -14.25
CA GLN K 27 25.11 2.33 -13.71
C GLN K 27 26.56 2.48 -13.23
N VAL K 28 26.85 3.61 -12.59
CA VAL K 28 28.17 3.83 -12.03
C VAL K 28 28.39 2.87 -10.87
N ILE K 29 29.58 2.27 -10.82
CA ILE K 29 29.86 1.19 -9.87
C ILE K 29 29.70 1.70 -8.45
N SER K 30 29.00 0.91 -7.61
CA SER K 30 28.86 1.21 -6.20
C SER K 30 29.24 0.05 -5.29
N ASN K 31 29.31 -1.18 -5.81
CA ASN K 31 29.78 -2.34 -5.07
C ASN K 31 30.80 -3.07 -5.94
N TYR K 32 31.44 -4.08 -5.34
CA TYR K 32 32.52 -4.80 -6.02
C TYR K 32 32.07 -5.30 -7.39
N LEU K 33 32.91 -5.04 -8.40
CA LEU K 33 32.75 -5.61 -9.72
C LEU K 33 33.77 -6.74 -9.87
N ASN K 34 33.29 -7.93 -10.20
CA ASN K 34 34.12 -9.13 -10.18
C ASN K 34 34.14 -9.78 -11.55
N TRP K 35 35.08 -10.71 -11.72
CA TRP K 35 35.27 -11.43 -12.97
C TRP K 35 35.34 -12.92 -12.68
N TYR K 36 34.59 -13.71 -13.45
CA TYR K 36 34.48 -15.15 -13.24
C TYR K 36 34.93 -15.90 -14.49
N GLN K 37 35.52 -17.07 -14.27
CA GLN K 37 35.96 -17.96 -15.34
C GLN K 37 35.19 -19.26 -15.21
N GLN K 38 34.48 -19.63 -16.28
CA GLN K 38 33.66 -20.85 -16.28
C GLN K 38 34.13 -21.75 -17.43
N LYS K 39 34.90 -22.77 -17.10
CA LYS K 39 35.30 -23.75 -18.10
C LYS K 39 34.10 -24.60 -18.50
N PRO K 40 34.11 -25.17 -19.71
CA PRO K 40 32.93 -25.92 -20.20
C PRO K 40 32.58 -27.07 -19.27
N GLY K 41 31.32 -27.07 -18.80
CA GLY K 41 30.80 -28.09 -17.93
C GLY K 41 30.94 -27.79 -16.45
N LYS K 42 31.96 -27.01 -16.06
CA LYS K 42 32.22 -26.73 -14.66
C LYS K 42 31.49 -25.47 -14.23
N ALA K 43 31.58 -25.16 -12.93
CA ALA K 43 30.95 -24.00 -12.33
C ALA K 43 31.88 -22.79 -12.39
N PRO K 44 31.33 -21.57 -12.34
CA PRO K 44 32.18 -20.38 -12.40
C PRO K 44 33.11 -20.29 -11.20
N LYS K 45 34.25 -19.64 -11.42
CA LYS K 45 35.27 -19.43 -10.39
C LYS K 45 35.80 -18.03 -10.53
N LEU K 46 35.66 -17.20 -9.50
CA LEU K 46 36.10 -15.82 -9.60
C LEU K 46 37.62 -15.74 -9.57
N LEU K 47 38.17 -14.87 -10.41
CA LEU K 47 39.59 -14.60 -10.46
C LEU K 47 39.95 -13.23 -9.91
N ILE K 48 39.17 -12.20 -10.26
CA ILE K 48 39.43 -10.83 -9.87
C ILE K 48 38.20 -10.28 -9.15
N TYR K 49 38.43 -9.59 -8.04
CA TYR K 49 37.38 -8.93 -7.29
C TYR K 49 37.76 -7.46 -7.08
N ASP K 50 36.74 -6.61 -7.01
CA ASP K 50 36.92 -5.16 -6.91
C ASP K 50 37.79 -4.64 -8.05
N THR K 51 37.45 -5.07 -9.26
CA THR K 51 38.05 -4.60 -10.52
C THR K 51 39.53 -4.93 -10.66
N SER K 52 40.31 -4.74 -9.59
CA SER K 52 41.76 -4.90 -9.66
C SER K 52 42.28 -6.10 -8.88
N ASN K 53 41.89 -6.24 -7.62
CA ASN K 53 42.42 -7.30 -6.78
C ASN K 53 42.02 -8.67 -7.31
N LEU K 54 42.90 -9.65 -7.08
CA LEU K 54 42.65 -11.02 -7.50
C LEU K 54 42.70 -11.97 -6.32
N LYS K 55 41.96 -13.06 -6.42
CA LYS K 55 41.87 -14.03 -5.33
C LYS K 55 43.17 -14.81 -5.21
N THR K 56 43.44 -15.28 -3.99
CA THR K 56 44.65 -16.07 -3.74
C THR K 56 44.61 -17.37 -4.51
N GLY K 57 45.69 -17.67 -5.22
CA GLY K 57 45.77 -18.85 -6.06
C GLY K 57 45.62 -18.59 -7.53
N VAL K 58 44.97 -17.49 -7.90
CA VAL K 58 44.81 -17.13 -9.31
C VAL K 58 46.17 -16.77 -9.90
N PRO K 59 46.51 -17.25 -11.09
CA PRO K 59 47.83 -16.93 -11.67
C PRO K 59 48.03 -15.44 -11.86
N SER K 60 49.29 -15.01 -11.85
CA SER K 60 49.62 -13.60 -12.00
C SER K 60 49.32 -13.08 -13.39
N ARG K 61 49.13 -13.96 -14.38
CA ARG K 61 48.86 -13.51 -15.73
C ARG K 61 47.49 -12.85 -15.88
N PHE K 62 46.58 -13.12 -14.95
CA PHE K 62 45.27 -12.47 -14.98
C PHE K 62 45.34 -11.10 -14.30
N SER K 63 44.69 -10.12 -14.93
CA SER K 63 44.69 -8.76 -14.41
C SER K 63 43.40 -8.07 -14.82
N GLY K 64 43.11 -6.96 -14.15
CA GLY K 64 41.90 -6.20 -14.44
C GLY K 64 42.05 -4.78 -13.97
N SER K 65 41.34 -3.87 -14.65
CA SER K 65 41.38 -2.46 -14.31
C SER K 65 40.13 -1.79 -14.87
N GLY K 66 39.90 -0.57 -14.44
CA GLY K 66 38.76 0.20 -14.91
C GLY K 66 38.27 1.15 -13.83
N SER K 67 37.30 1.98 -14.22
CA SER K 67 36.74 2.97 -13.32
C SER K 67 35.36 3.37 -13.84
N GLY K 68 34.56 3.95 -12.94
CA GLY K 68 33.25 4.43 -13.33
C GLY K 68 32.35 3.28 -13.75
N THR K 69 31.85 3.35 -14.98
CA THR K 69 30.96 2.32 -15.52
C THR K 69 31.64 1.45 -16.57
N ASP K 70 32.89 1.71 -16.91
CA ASP K 70 33.63 0.97 -17.93
C ASP K 70 34.79 0.23 -17.27
N PHE K 71 34.97 -1.04 -17.62
CA PHE K 71 36.00 -1.86 -16.98
C PHE K 71 36.58 -2.83 -18.01
N THR K 72 37.79 -3.31 -17.71
CA THR K 72 38.51 -4.20 -18.61
C THR K 72 39.07 -5.40 -17.85
N PHE K 73 39.26 -6.49 -18.58
CA PHE K 73 39.83 -7.72 -18.04
C PHE K 73 40.94 -8.18 -18.99
N THR K 74 42.17 -8.27 -18.47
CA THR K 74 43.33 -8.50 -19.30
C THR K 74 44.11 -9.72 -18.80
N ILE K 75 44.56 -10.55 -19.74
CA ILE K 75 45.43 -11.69 -19.46
C ILE K 75 46.75 -11.46 -20.19
N SER K 76 47.86 -11.57 -19.44
CA SER K 76 49.16 -11.19 -20.00
C SER K 76 49.61 -12.17 -21.07
N SER K 77 49.66 -13.47 -20.73
CA SER K 77 50.13 -14.49 -21.65
C SER K 77 49.13 -15.65 -21.64
N LEU K 78 48.36 -15.79 -22.72
CA LEU K 78 47.34 -16.81 -22.80
C LEU K 78 47.98 -18.20 -22.84
N GLN K 79 47.37 -19.15 -22.15
CA GLN K 79 47.80 -20.54 -22.08
C GLN K 79 46.62 -21.44 -22.40
N PRO K 80 46.87 -22.69 -22.81
CA PRO K 80 45.75 -23.57 -23.18
C PRO K 80 44.79 -23.85 -22.04
N GLU K 81 45.20 -23.65 -20.79
CA GLU K 81 44.32 -23.90 -19.65
C GLU K 81 43.31 -22.78 -19.42
N ASP K 82 43.38 -21.69 -20.18
CA ASP K 82 42.58 -20.50 -19.92
C ASP K 82 41.37 -20.39 -20.85
N ILE K 83 41.01 -21.46 -21.55
CA ILE K 83 39.86 -21.40 -22.46
C ILE K 83 38.58 -21.60 -21.66
N ALA K 84 37.72 -20.59 -21.69
CA ALA K 84 36.47 -20.59 -20.92
C ALA K 84 35.65 -19.38 -21.33
N THR K 85 34.43 -19.31 -20.81
CA THR K 85 33.55 -18.16 -20.99
C THR K 85 33.65 -17.28 -19.76
N TYR K 86 34.02 -16.03 -19.94
CA TYR K 86 34.32 -15.11 -18.84
C TYR K 86 33.16 -14.14 -18.63
N TYR K 87 32.74 -13.99 -17.38
CA TYR K 87 31.63 -13.12 -17.01
C TYR K 87 32.10 -12.06 -16.03
N CYS K 88 31.40 -10.93 -16.03
CA CYS K 88 31.64 -9.85 -15.09
C CYS K 88 30.40 -9.63 -14.24
N GLN K 89 30.61 -9.48 -12.93
CA GLN K 89 29.52 -9.39 -11.97
C GLN K 89 29.35 -7.95 -11.49
N GLN K 90 28.10 -7.59 -11.23
CA GLN K 90 27.74 -6.26 -10.73
C GLN K 90 26.63 -6.42 -9.70
N TYR K 91 26.75 -5.72 -8.58
CA TYR K 91 25.74 -5.75 -7.52
C TYR K 91 25.22 -4.33 -7.32
N GLU K 92 24.10 -4.02 -7.96
CA GLU K 92 23.44 -2.73 -7.84
C GLU K 92 21.95 -2.93 -7.62
N ASN K 93 21.37 -2.10 -6.77
CA ASN K 93 19.94 -2.14 -6.47
C ASN K 93 19.51 -3.52 -5.95
N LEU K 94 20.31 -4.06 -5.02
CA LEU K 94 20.03 -5.34 -4.38
C LEU K 94 19.85 -6.47 -5.40
N GLN K 95 20.56 -6.39 -6.52
CA GLN K 95 20.47 -7.40 -7.57
C GLN K 95 21.87 -7.76 -8.05
N PHE K 96 22.18 -9.05 -8.06
CA PHE K 96 23.40 -9.56 -8.67
C PHE K 96 23.12 -9.82 -10.15
N THR K 97 23.77 -9.05 -11.01
CA THR K 97 23.59 -9.17 -12.45
C THR K 97 24.89 -9.57 -13.10
N PHE K 98 24.85 -10.63 -13.91
CA PHE K 98 26.02 -11.13 -14.62
C PHE K 98 26.01 -10.63 -16.06
N GLY K 99 27.20 -10.36 -16.58
CA GLY K 99 27.33 -9.89 -17.94
C GLY K 99 27.02 -10.97 -18.95
N PRO K 100 26.84 -10.59 -20.22
CA PRO K 100 26.54 -11.58 -21.26
C PRO K 100 27.61 -12.66 -21.38
N GLY K 101 28.87 -12.32 -21.16
CA GLY K 101 29.93 -13.31 -21.23
C GLY K 101 30.73 -13.18 -22.50
N THR K 102 32.01 -13.56 -22.41
CA THR K 102 32.92 -13.53 -23.54
C THR K 102 33.58 -14.89 -23.69
N LYS K 103 33.32 -15.56 -24.81
CA LYS K 103 33.96 -16.83 -25.11
C LYS K 103 35.34 -16.57 -25.74
N VAL K 104 36.37 -17.17 -25.15
CA VAL K 104 37.73 -17.06 -25.67
C VAL K 104 38.16 -18.45 -26.17
N ASP K 105 38.71 -18.49 -27.37
CA ASP K 105 39.19 -19.72 -27.97
C ASP K 105 40.64 -19.53 -28.40
N ILE K 106 41.33 -20.66 -28.60
CA ILE K 106 42.75 -20.66 -28.92
C ILE K 106 42.91 -20.98 -30.40
N LYS K 107 43.70 -20.17 -31.10
CA LYS K 107 44.06 -20.45 -32.49
C LYS K 107 45.23 -21.42 -32.53
N ARG K 108 45.03 -22.57 -33.17
CA ARG K 108 46.01 -23.64 -33.18
C ARG K 108 46.40 -23.96 -34.62
N THR K 109 47.55 -24.62 -34.75
CA THR K 109 47.98 -25.10 -36.06
C THR K 109 47.05 -26.21 -36.53
N VAL K 110 46.75 -26.20 -37.84
CA VAL K 110 45.75 -27.11 -38.40
C VAL K 110 46.19 -28.56 -38.16
N ALA K 111 45.35 -29.32 -37.48
CA ALA K 111 45.65 -30.70 -37.13
C ALA K 111 44.73 -31.65 -37.87
N ALA K 112 45.26 -32.86 -38.16
CA ALA K 112 44.53 -33.89 -38.90
C ALA K 112 43.82 -34.84 -37.93
N PRO K 113 42.59 -35.24 -38.25
CA PRO K 113 41.83 -36.10 -37.35
C PRO K 113 42.22 -37.57 -37.48
N SER K 114 42.17 -38.26 -36.35
CA SER K 114 42.34 -39.72 -36.30
C SER K 114 40.95 -40.35 -36.38
N VAL K 115 40.65 -40.97 -37.52
CA VAL K 115 39.31 -41.48 -37.78
C VAL K 115 39.21 -42.93 -37.33
N PHE K 116 38.14 -43.26 -36.62
CA PHE K 116 37.86 -44.61 -36.16
C PHE K 116 36.38 -44.91 -36.41
N ILE K 117 36.09 -46.13 -36.84
CA ILE K 117 34.73 -46.58 -37.07
C ILE K 117 34.47 -47.81 -36.21
N PHE K 118 33.32 -47.81 -35.52
CA PHE K 118 32.96 -48.88 -34.58
C PHE K 118 31.69 -49.57 -35.05
N PRO K 119 31.71 -50.87 -35.30
CA PRO K 119 30.48 -51.58 -35.68
C PRO K 119 29.57 -51.76 -34.47
N PRO K 120 28.27 -51.99 -34.69
CA PRO K 120 27.36 -52.16 -33.56
C PRO K 120 27.61 -53.46 -32.82
N SER K 121 27.46 -53.41 -31.50
CA SER K 121 27.75 -54.56 -30.66
C SER K 121 26.68 -55.63 -30.81
N ASP K 122 27.06 -56.87 -30.46
CA ASP K 122 26.11 -57.98 -30.55
C ASP K 122 24.98 -57.82 -29.55
N GLU K 123 25.25 -57.20 -28.40
CA GLU K 123 24.19 -56.98 -27.41
C GLU K 123 23.13 -56.02 -27.96
N GLN K 124 23.55 -54.94 -28.62
CA GLN K 124 22.59 -53.99 -29.17
C GLN K 124 21.79 -54.61 -30.30
N LEU K 125 22.45 -55.39 -31.17
CA LEU K 125 21.74 -56.04 -32.26
C LEU K 125 20.71 -57.03 -31.75
N LYS K 126 20.98 -57.67 -30.61
CA LYS K 126 20.00 -58.58 -30.02
C LYS K 126 18.79 -57.82 -29.49
N SER K 127 18.99 -56.57 -29.05
CA SER K 127 17.87 -55.79 -28.54
C SER K 127 16.94 -55.33 -29.65
N GLY K 128 17.46 -55.19 -30.86
CA GLY K 128 16.62 -54.83 -32.00
C GLY K 128 17.00 -53.52 -32.66
N THR K 129 18.15 -52.97 -32.31
CA THR K 129 18.62 -51.72 -32.89
C THR K 129 20.12 -51.81 -33.12
N ALA K 130 20.62 -50.97 -34.03
CA ALA K 130 22.03 -51.00 -34.41
C ALA K 130 22.57 -49.58 -34.51
N SER K 131 23.69 -49.33 -33.85
CA SER K 131 24.32 -48.01 -33.83
C SER K 131 25.77 -48.14 -34.29
N VAL K 132 26.11 -47.42 -35.35
CA VAL K 132 27.47 -47.37 -35.88
C VAL K 132 28.03 -45.98 -35.60
N VAL K 133 29.21 -45.94 -34.96
CA VAL K 133 29.82 -44.69 -34.52
C VAL K 133 31.05 -44.41 -35.36
N CYS K 134 31.26 -43.14 -35.70
CA CYS K 134 32.43 -42.67 -36.44
C CYS K 134 33.10 -41.60 -35.60
N LEU K 135 34.32 -41.88 -35.14
CA LEU K 135 35.04 -41.00 -34.24
C LEU K 135 36.10 -40.20 -35.00
N LEU K 136 36.18 -38.91 -34.72
CA LEU K 136 37.17 -38.01 -35.31
C LEU K 136 37.95 -37.36 -34.16
N ASN K 137 39.17 -37.84 -33.94
CA ASN K 137 39.93 -37.49 -32.75
C ASN K 137 40.86 -36.31 -33.02
N ASN K 138 40.75 -35.27 -32.19
CA ASN K 138 41.72 -34.18 -32.08
C ASN K 138 42.02 -33.55 -33.45
N PHE K 139 41.06 -32.74 -33.90
CA PHE K 139 41.18 -32.05 -35.18
C PHE K 139 40.87 -30.57 -35.02
N TYR K 140 41.68 -29.74 -35.70
CA TYR K 140 41.45 -28.30 -35.73
C TYR K 140 41.44 -27.84 -37.20
N PRO K 141 40.53 -26.91 -37.55
CA PRO K 141 39.54 -26.27 -36.69
C PRO K 141 38.28 -27.10 -36.49
N ARG K 142 37.27 -26.52 -35.85
CA ARG K 142 36.06 -27.27 -35.51
C ARG K 142 35.30 -27.72 -36.74
N GLU K 143 35.45 -27.02 -37.85
CA GLU K 143 34.67 -27.32 -39.05
C GLU K 143 35.15 -28.62 -39.69
N ALA K 144 34.24 -29.60 -39.75
CA ALA K 144 34.54 -30.89 -40.39
C ALA K 144 33.24 -31.48 -40.91
N LYS K 145 33.36 -32.23 -42.01
CA LYS K 145 32.22 -32.84 -42.67
C LYS K 145 32.33 -34.36 -42.58
N VAL K 146 31.27 -35.00 -42.11
CA VAL K 146 31.21 -36.47 -42.02
C VAL K 146 30.00 -36.93 -42.82
N GLN K 147 30.21 -37.91 -43.69
CA GLN K 147 29.15 -38.47 -44.52
C GLN K 147 29.12 -39.98 -44.35
N TRP K 148 27.94 -40.51 -44.03
CA TRP K 148 27.75 -41.95 -43.91
C TRP K 148 27.35 -42.53 -45.26
N LYS K 149 28.05 -43.59 -45.68
CA LYS K 149 27.81 -44.25 -46.95
C LYS K 149 27.57 -45.72 -46.71
N VAL K 150 26.33 -46.16 -46.91
CA VAL K 150 25.96 -47.57 -46.77
C VAL K 150 25.93 -48.17 -48.16
N ASP K 151 26.83 -49.12 -48.42
CA ASP K 151 27.01 -49.72 -49.74
C ASP K 151 27.27 -48.64 -50.79
N ASN K 152 28.20 -47.74 -50.46
CA ASN K 152 28.59 -46.62 -51.33
C ASN K 152 27.36 -45.83 -51.79
N ALA K 153 26.48 -45.53 -50.85
CA ALA K 153 25.29 -44.73 -51.09
C ALA K 153 25.10 -43.79 -49.90
N LEU K 154 24.95 -42.49 -50.20
CA LEU K 154 24.86 -41.50 -49.15
C LEU K 154 23.62 -41.73 -48.28
N GLN K 155 23.75 -41.39 -47.00
CA GLN K 155 22.67 -41.50 -46.03
C GLN K 155 22.48 -40.14 -45.36
N SER K 156 21.22 -39.80 -45.10
CA SER K 156 20.89 -38.50 -44.52
C SER K 156 19.70 -38.64 -43.59
N GLY K 157 19.76 -37.95 -42.45
CA GLY K 157 18.68 -37.89 -41.51
C GLY K 157 18.77 -38.88 -40.36
N ASN K 158 19.30 -40.08 -40.62
CA ASN K 158 19.35 -41.14 -39.63
C ASN K 158 20.65 -41.14 -38.83
N SER K 159 21.38 -40.04 -38.83
CA SER K 159 22.63 -39.93 -38.09
C SER K 159 22.77 -38.53 -37.51
N GLN K 160 23.24 -38.46 -36.27
CA GLN K 160 23.50 -37.19 -35.60
C GLN K 160 24.86 -37.23 -34.94
N GLU K 161 25.57 -36.11 -35.01
CA GLU K 161 26.93 -36.01 -34.52
C GLU K 161 27.01 -35.10 -33.30
N SER K 162 28.13 -35.19 -32.58
CA SER K 162 28.36 -34.39 -31.39
C SER K 162 29.84 -34.07 -31.30
N VAL K 163 30.16 -32.81 -31.03
CA VAL K 163 31.53 -32.33 -30.97
C VAL K 163 31.84 -31.91 -29.54
N THR K 164 33.04 -32.27 -29.08
CA THR K 164 33.49 -31.87 -27.75
C THR K 164 33.96 -30.42 -27.76
N GLU K 165 34.06 -29.85 -26.57
CA GLU K 165 34.61 -28.51 -26.43
C GLU K 165 36.13 -28.58 -26.58
N GLN K 166 36.73 -27.43 -26.92
CA GLN K 166 38.15 -27.39 -27.22
C GLN K 166 38.97 -27.88 -26.03
N ASP K 167 40.02 -28.66 -26.35
CA ASP K 167 40.80 -29.31 -25.32
C ASP K 167 41.60 -28.29 -24.50
N SER K 168 41.92 -28.67 -23.28
CA SER K 168 42.73 -27.85 -22.40
C SER K 168 44.22 -28.16 -22.48
N LYS K 169 44.61 -29.20 -23.21
CA LYS K 169 46.00 -29.60 -23.34
C LYS K 169 46.55 -29.36 -24.74
N ASP K 170 45.91 -29.93 -25.77
CA ASP K 170 46.34 -29.74 -27.14
C ASP K 170 45.42 -28.83 -27.95
N SER K 171 44.35 -28.31 -27.34
CA SER K 171 43.48 -27.31 -27.96
C SER K 171 42.85 -27.82 -29.25
N THR K 172 42.40 -29.07 -29.24
CA THR K 172 41.79 -29.69 -30.41
C THR K 172 40.40 -30.21 -30.08
N TYR K 173 39.54 -30.25 -31.10
CA TYR K 173 38.18 -30.74 -30.97
C TYR K 173 38.09 -32.22 -31.36
N SER K 174 37.02 -32.87 -30.92
CA SER K 174 36.76 -34.26 -31.24
C SER K 174 35.30 -34.44 -31.58
N LEU K 175 35.02 -35.24 -32.61
CA LEU K 175 33.68 -35.43 -33.14
C LEU K 175 33.26 -36.89 -32.99
N SER K 176 31.94 -37.12 -33.00
CA SER K 176 31.39 -38.46 -32.91
C SER K 176 30.04 -38.48 -33.61
N SER K 177 29.98 -39.07 -34.79
CA SER K 177 28.74 -39.21 -35.54
C SER K 177 28.24 -40.65 -35.40
N THR K 178 26.96 -40.80 -35.07
CA THR K 178 26.36 -42.10 -34.81
C THR K 178 25.22 -42.33 -35.79
N LEU K 179 25.39 -43.33 -36.65
CA LEU K 179 24.34 -43.75 -37.57
C LEU K 179 23.51 -44.85 -36.91
N THR K 180 22.21 -44.63 -36.78
CA THR K 180 21.31 -45.54 -36.10
C THR K 180 20.30 -46.11 -37.08
N LEU K 181 20.21 -47.44 -37.12
CA LEU K 181 19.25 -48.14 -37.97
C LEU K 181 18.71 -49.35 -37.22
N SER K 182 17.57 -49.85 -37.69
CA SER K 182 16.98 -51.04 -37.10
C SER K 182 17.80 -52.27 -37.46
N LYS K 183 17.59 -53.35 -36.68
CA LYS K 183 18.32 -54.58 -36.93
C LYS K 183 17.97 -55.16 -38.30
N ALA K 184 16.71 -54.99 -38.73
CA ALA K 184 16.32 -55.48 -40.05
C ALA K 184 16.99 -54.67 -41.16
N ASP K 185 17.09 -53.35 -40.98
CA ASP K 185 17.76 -52.53 -41.98
C ASP K 185 19.27 -52.74 -41.98
N TYR K 186 19.84 -53.09 -40.83
CA TYR K 186 21.27 -53.36 -40.77
C TYR K 186 21.64 -54.67 -41.46
N GLU K 187 20.72 -55.65 -41.44
CA GLU K 187 20.96 -56.91 -42.10
C GLU K 187 20.81 -56.84 -43.61
N LYS K 188 20.17 -55.78 -44.12
CA LYS K 188 19.93 -55.67 -45.55
C LYS K 188 21.17 -55.28 -46.34
N HIS K 189 22.19 -54.74 -45.69
CA HIS K 189 23.38 -54.26 -46.36
C HIS K 189 24.62 -54.91 -45.76
N LYS K 190 25.77 -54.63 -46.38
CA LYS K 190 27.03 -55.23 -45.96
C LYS K 190 28.09 -54.20 -45.62
N VAL K 191 28.28 -53.19 -46.46
CA VAL K 191 29.37 -52.22 -46.30
C VAL K 191 28.83 -50.96 -45.62
N TYR K 192 29.52 -50.54 -44.56
CA TYR K 192 29.21 -49.30 -43.84
C TYR K 192 30.49 -48.49 -43.71
N ALA K 193 30.44 -47.22 -44.11
CA ALA K 193 31.62 -46.37 -44.08
C ALA K 193 31.21 -44.93 -43.78
N CYS K 194 32.16 -44.17 -43.26
CA CYS K 194 31.96 -42.74 -42.99
C CYS K 194 33.11 -41.95 -43.62
N GLU K 195 32.77 -41.08 -44.56
CA GLU K 195 33.74 -40.28 -45.29
C GLU K 195 34.00 -38.99 -44.53
N VAL K 196 35.27 -38.74 -44.18
CA VAL K 196 35.67 -37.57 -43.42
C VAL K 196 36.32 -36.57 -44.37
N THR K 197 35.75 -35.37 -44.43
CA THR K 197 36.25 -34.29 -45.27
C THR K 197 36.68 -33.14 -44.38
N HIS K 198 38.00 -32.91 -44.30
CA HIS K 198 38.56 -31.89 -43.42
C HIS K 198 39.53 -31.01 -44.21
N GLN K 199 39.65 -29.76 -43.78
CA GLN K 199 40.55 -28.83 -44.44
C GLN K 199 42.01 -29.14 -44.19
N GLY K 200 42.31 -29.90 -43.14
CA GLY K 200 43.67 -30.32 -42.87
C GLY K 200 43.92 -31.75 -43.32
N LEU K 201 43.12 -32.22 -44.28
CA LEU K 201 43.20 -33.57 -44.80
C LEU K 201 43.26 -33.48 -46.32
N ARG K 202 44.40 -33.86 -46.90
CA ARG K 202 44.58 -33.72 -48.33
C ARG K 202 43.63 -34.63 -49.12
N SER K 203 43.35 -35.81 -48.59
CA SER K 203 42.44 -36.73 -49.24
C SER K 203 41.29 -37.09 -48.30
N PRO K 204 40.05 -37.12 -48.81
CA PRO K 204 38.91 -37.47 -47.94
C PRO K 204 39.01 -38.88 -47.39
N VAL K 205 39.49 -39.00 -46.15
CA VAL K 205 39.73 -40.31 -45.55
C VAL K 205 38.40 -40.98 -45.23
N THR K 206 38.29 -42.26 -45.59
CA THR K 206 37.09 -43.06 -45.32
C THR K 206 37.50 -44.39 -44.71
N LYS K 207 36.79 -44.80 -43.67
CA LYS K 207 37.01 -46.06 -42.99
C LYS K 207 35.73 -46.88 -43.02
N SER K 208 35.86 -48.18 -43.29
CA SER K 208 34.70 -49.02 -43.56
C SER K 208 34.84 -50.36 -42.85
N PHE K 209 33.78 -51.15 -42.94
CA PHE K 209 33.77 -52.53 -42.47
C PHE K 209 32.62 -53.26 -43.18
N ASN K 210 32.53 -54.56 -42.95
CA ASN K 210 31.55 -55.40 -43.63
C ASN K 210 30.62 -56.07 -42.60
N ARG K 211 29.70 -56.87 -43.13
CA ARG K 211 28.70 -57.61 -42.34
C ARG K 211 27.69 -56.68 -41.68
N GLN L 1 38.36 -25.38 4.34
CA GLN L 1 37.90 -24.89 3.04
C GLN L 1 36.41 -25.14 2.85
N LEU L 2 35.70 -24.12 2.37
CA LEU L 2 34.27 -24.26 2.12
C LEU L 2 34.01 -25.12 0.91
N GLN L 3 32.94 -25.93 1.00
CA GLN L 3 32.53 -26.80 -0.10
C GLN L 3 31.02 -26.93 -0.08
N LEU L 4 30.36 -26.49 -1.14
CA LEU L 4 28.92 -26.58 -1.26
C LEU L 4 28.54 -27.72 -2.19
N GLN L 5 27.46 -28.42 -1.86
CA GLN L 5 27.00 -29.57 -2.64
C GLN L 5 25.50 -29.50 -2.79
N GLU L 6 25.02 -29.47 -4.03
CA GLU L 6 23.59 -29.46 -4.30
C GLU L 6 23.01 -30.87 -4.18
N SER L 7 21.70 -30.93 -3.95
CA SER L 7 21.00 -32.21 -3.83
C SER L 7 19.55 -31.96 -4.25
N GLY L 8 19.28 -32.12 -5.54
CA GLY L 8 17.96 -31.90 -6.08
C GLY L 8 17.35 -33.16 -6.68
N PRO L 9 16.16 -33.02 -7.27
CA PRO L 9 15.48 -34.19 -7.84
C PRO L 9 15.97 -34.53 -9.24
N GLY L 10 16.37 -33.52 -10.01
CA GLY L 10 16.82 -33.70 -11.37
C GLY L 10 15.73 -33.51 -12.41
N LEU L 11 14.54 -34.05 -12.15
CA LEU L 11 13.41 -33.92 -13.06
C LEU L 11 12.18 -33.49 -12.28
N VAL L 12 11.51 -32.44 -12.77
CA VAL L 12 10.27 -31.95 -12.18
C VAL L 12 9.25 -31.77 -13.30
N LYS L 13 8.02 -32.19 -13.04
CA LYS L 13 6.96 -32.10 -14.04
C LYS L 13 6.49 -30.65 -14.17
N PRO L 14 5.90 -30.29 -15.31
CA PRO L 14 5.46 -28.90 -15.49
C PRO L 14 4.37 -28.51 -14.51
N SER L 15 4.32 -27.20 -14.21
CA SER L 15 3.36 -26.60 -13.28
C SER L 15 3.56 -27.08 -11.84
N GLU L 16 4.51 -27.99 -11.63
CA GLU L 16 4.80 -28.48 -10.30
C GLU L 16 5.74 -27.51 -9.59
N THR L 17 6.44 -27.96 -8.56
CA THR L 17 7.38 -27.13 -7.84
C THR L 17 8.73 -27.81 -7.76
N LEU L 18 9.80 -27.02 -7.85
CA LEU L 18 11.16 -27.51 -7.81
C LEU L 18 11.77 -27.19 -6.45
N SER L 19 12.50 -28.17 -5.89
CA SER L 19 13.11 -28.00 -4.57
C SER L 19 14.54 -28.56 -4.62
N LEU L 20 15.51 -27.68 -4.35
CA LEU L 20 16.92 -28.06 -4.28
C LEU L 20 17.46 -27.67 -2.91
N THR L 21 18.45 -28.43 -2.43
CA THR L 21 19.07 -28.18 -1.14
C THR L 21 20.58 -28.17 -1.31
N CYS L 22 21.22 -27.16 -0.71
CA CYS L 22 22.66 -26.94 -0.82
C CYS L 22 23.27 -27.07 0.56
N THR L 23 24.07 -28.11 0.78
CA THR L 23 24.67 -28.38 2.07
C THR L 23 26.09 -27.84 2.09
N VAL L 24 26.37 -26.96 3.03
CA VAL L 24 27.70 -26.38 3.18
C VAL L 24 28.54 -27.27 4.08
N SER L 25 29.81 -27.46 3.70
CA SER L 25 30.73 -28.31 4.44
C SER L 25 32.06 -27.60 4.60
N GLY L 26 32.74 -27.87 5.72
CA GLY L 26 33.98 -27.19 6.02
C GLY L 26 33.80 -25.80 6.59
N GLY L 27 32.60 -25.46 7.04
CA GLY L 27 32.33 -24.14 7.60
C GLY L 27 30.86 -23.95 7.91
N SER L 28 30.57 -23.18 8.95
CA SER L 28 29.20 -23.00 9.40
C SER L 28 28.44 -22.06 8.48
N ILE L 29 27.16 -22.39 8.24
CA ILE L 29 26.29 -21.51 7.49
C ILE L 29 25.92 -20.28 8.30
N SER L 30 26.08 -20.34 9.62
CA SER L 30 25.69 -19.23 10.51
C SER L 30 26.90 -18.34 10.76
N SER L 31 27.34 -17.68 9.70
CA SER L 31 28.46 -16.76 9.76
C SER L 31 28.00 -15.36 9.41
N SER L 32 28.64 -14.36 10.03
CA SER L 32 28.25 -12.98 9.81
C SER L 32 28.68 -12.47 8.43
N SER L 33 29.75 -13.05 7.87
CA SER L 33 30.38 -12.51 6.67
C SER L 33 29.91 -13.18 5.39
N TYR L 34 28.83 -13.94 5.41
CA TYR L 34 28.41 -14.69 4.24
C TYR L 34 26.92 -14.57 3.99
N TYR L 35 26.57 -14.44 2.70
CA TYR L 35 25.22 -14.63 2.19
C TYR L 35 25.23 -15.86 1.29
N TRP L 36 24.11 -16.58 1.29
CA TRP L 36 23.99 -17.84 0.55
C TRP L 36 22.92 -17.69 -0.52
N GLY L 37 23.29 -17.92 -1.78
CA GLY L 37 22.42 -17.63 -2.89
C GLY L 37 22.36 -18.77 -3.89
N TRP L 38 21.47 -18.61 -4.86
CA TRP L 38 21.24 -19.57 -5.93
C TRP L 38 21.35 -18.86 -7.27
N ILE L 39 22.06 -19.47 -8.22
CA ILE L 39 22.20 -18.94 -9.56
C ILE L 39 21.96 -20.10 -10.54
N ARG L 40 21.10 -19.87 -11.53
CA ARG L 40 20.78 -20.86 -12.53
C ARG L 40 21.33 -20.44 -13.89
N GLN L 41 21.66 -21.43 -14.70
CA GLN L 41 22.23 -21.20 -16.03
C GLN L 41 21.46 -22.05 -17.05
N PRO L 42 20.62 -21.44 -17.88
CA PRO L 42 19.88 -22.20 -18.89
C PRO L 42 20.84 -22.78 -19.93
N PRO L 43 20.38 -23.76 -20.72
CA PRO L 43 21.27 -24.37 -21.72
C PRO L 43 21.72 -23.34 -22.75
N GLY L 44 23.04 -23.14 -22.82
CA GLY L 44 23.60 -22.20 -23.77
C GLY L 44 23.33 -20.75 -23.46
N LYS L 45 22.98 -20.43 -22.22
CA LYS L 45 22.69 -19.07 -21.80
C LYS L 45 23.65 -18.65 -20.69
N GLY L 46 23.55 -17.39 -20.29
CA GLY L 46 24.39 -16.85 -19.24
C GLY L 46 23.86 -17.20 -17.85
N LEU L 47 24.43 -16.52 -16.86
CA LEU L 47 24.08 -16.77 -15.47
C LEU L 47 22.98 -15.81 -15.03
N GLU L 48 22.00 -16.35 -14.30
CA GLU L 48 20.89 -15.57 -13.78
C GLU L 48 20.80 -15.80 -12.28
N TRP L 49 20.97 -14.74 -11.50
CA TRP L 49 20.91 -14.82 -10.04
C TRP L 49 19.47 -14.92 -9.59
N ILE L 50 19.14 -16.00 -8.89
CA ILE L 50 17.77 -16.21 -8.42
C ILE L 50 17.51 -15.42 -7.14
N GLY L 51 18.29 -15.70 -6.10
CA GLY L 51 18.11 -15.01 -4.85
C GLY L 51 19.27 -15.28 -3.92
N SER L 52 19.13 -14.79 -2.69
CA SER L 52 20.16 -14.98 -1.65
C SER L 52 19.53 -14.74 -0.29
N VAL L 53 20.03 -15.46 0.71
CA VAL L 53 19.51 -15.38 2.07
C VAL L 53 20.65 -15.25 3.06
N TYR L 54 20.37 -14.61 4.19
CA TYR L 54 21.28 -14.50 5.32
C TYR L 54 20.89 -15.53 6.37
N TYR L 55 21.87 -15.93 7.19
CA TYR L 55 21.65 -17.04 8.11
C TYR L 55 20.53 -16.73 9.10
N SER L 56 20.26 -15.44 9.36
CA SER L 56 19.13 -15.11 10.22
C SER L 56 17.80 -15.37 9.54
N GLY L 57 17.76 -15.26 8.21
CA GLY L 57 16.54 -15.50 7.47
C GLY L 57 16.20 -14.39 6.50
N GLY L 58 17.10 -13.41 6.38
CA GLY L 58 16.87 -12.28 5.49
C GLY L 58 16.90 -12.68 4.02
N ALA L 59 15.73 -12.76 3.40
CA ALA L 59 15.62 -13.20 2.02
C ALA L 59 15.79 -12.03 1.06
N SER L 60 16.19 -12.37 -0.17
CA SER L 60 16.36 -11.39 -1.25
C SER L 60 16.26 -12.15 -2.57
N TYR L 61 15.47 -11.62 -3.50
CA TYR L 61 15.19 -12.34 -4.74
C TYR L 61 15.30 -11.42 -5.95
N ASN L 62 15.42 -12.06 -7.11
CA ASN L 62 15.35 -11.34 -8.37
C ASN L 62 13.90 -10.96 -8.67
N PRO L 63 13.66 -9.76 -9.20
CA PRO L 63 12.26 -9.32 -9.42
C PRO L 63 11.43 -10.27 -10.26
N SER L 64 12.03 -10.88 -11.29
CA SER L 64 11.25 -11.78 -12.15
C SER L 64 10.87 -13.05 -11.42
N LEU L 65 11.77 -13.59 -10.60
CA LEU L 65 11.52 -14.84 -9.88
C LEU L 65 11.01 -14.63 -8.47
N LYS L 66 10.93 -13.38 -7.99
CA LYS L 66 10.46 -13.14 -6.63
C LYS L 66 9.04 -13.63 -6.43
N SER L 67 8.25 -13.69 -7.50
CA SER L 67 6.88 -14.18 -7.40
C SER L 67 6.81 -15.68 -7.18
N ARG L 68 7.89 -16.40 -7.44
CA ARG L 68 7.88 -17.87 -7.36
C ARG L 68 8.92 -18.43 -6.42
N ALA L 69 10.13 -17.88 -6.42
CA ALA L 69 11.22 -18.45 -5.64
C ALA L 69 11.11 -18.06 -4.17
N THR L 70 11.36 -19.04 -3.29
CA THR L 70 11.40 -18.82 -1.85
C THR L 70 12.56 -19.62 -1.30
N ILE L 71 13.60 -18.93 -0.83
CA ILE L 71 14.82 -19.57 -0.34
C ILE L 71 14.81 -19.53 1.18
N SER L 72 14.98 -20.69 1.81
CA SER L 72 15.00 -20.81 3.25
C SER L 72 16.32 -21.43 3.70
N VAL L 73 16.69 -21.17 4.95
CA VAL L 73 17.94 -21.65 5.52
C VAL L 73 17.60 -22.55 6.72
N ASP L 74 18.46 -23.54 6.95
CA ASP L 74 18.32 -24.48 8.06
C ASP L 74 19.65 -24.51 8.81
N THR L 75 19.70 -23.81 9.95
CA THR L 75 20.95 -23.73 10.71
C THR L 75 21.28 -25.06 11.38
N SER L 76 20.26 -25.78 11.86
CA SER L 76 20.50 -27.03 12.56
C SER L 76 21.03 -28.12 11.62
N LYS L 77 20.76 -28.03 10.31
CA LYS L 77 21.27 -28.98 9.34
C LYS L 77 22.41 -28.42 8.50
N ASN L 78 22.72 -27.13 8.63
CA ASN L 78 23.83 -26.49 7.93
C ASN L 78 23.63 -26.57 6.42
N GLN L 79 22.51 -26.01 5.96
CA GLN L 79 22.15 -26.03 4.55
C GLN L 79 21.10 -24.97 4.28
N PHE L 80 20.94 -24.62 3.01
CA PHE L 80 19.93 -23.67 2.57
C PHE L 80 19.28 -24.18 1.30
N SER L 81 17.97 -24.02 1.18
CA SER L 81 17.18 -24.66 0.14
C SER L 81 16.41 -23.64 -0.68
N LEU L 82 16.16 -23.97 -1.94
CA LEU L 82 15.42 -23.15 -2.87
C LEU L 82 14.14 -23.86 -3.29
N ASN L 83 13.04 -23.10 -3.35
CA ASN L 83 11.74 -23.64 -3.75
C ASN L 83 11.15 -22.73 -4.82
N LEU L 84 11.09 -23.22 -6.06
CA LEU L 84 10.62 -22.46 -7.21
C LEU L 84 9.26 -23.03 -7.61
N ASP L 85 8.18 -22.33 -7.23
CA ASP L 85 6.84 -22.83 -7.43
C ASP L 85 6.39 -22.63 -8.87
N SER L 86 5.43 -23.46 -9.29
CA SER L 86 4.82 -23.41 -10.63
C SER L 86 5.88 -23.38 -11.72
N VAL L 87 6.74 -24.40 -11.71
CA VAL L 87 7.87 -24.44 -12.63
C VAL L 87 7.37 -24.68 -14.06
N SER L 88 8.06 -24.07 -15.02
CA SER L 88 7.71 -24.17 -16.43
C SER L 88 8.91 -24.70 -17.21
N ALA L 89 8.67 -24.93 -18.51
CA ALA L 89 9.73 -25.46 -19.36
C ALA L 89 10.89 -24.49 -19.48
N ALA L 90 10.63 -23.19 -19.35
CA ALA L 90 11.68 -22.19 -19.45
C ALA L 90 12.61 -22.19 -18.25
N ASP L 91 12.31 -22.95 -17.20
CA ASP L 91 13.14 -23.02 -16.01
C ASP L 91 14.11 -24.20 -16.04
N THR L 92 14.21 -24.89 -17.16
CA THR L 92 15.22 -25.95 -17.31
C THR L 92 16.60 -25.32 -17.35
N ALA L 93 17.42 -25.61 -16.35
CA ALA L 93 18.73 -24.97 -16.24
C ALA L 93 19.62 -25.80 -15.32
N ILE L 94 20.83 -25.30 -15.11
CA ILE L 94 21.79 -25.89 -14.18
C ILE L 94 21.87 -24.95 -12.99
N TYR L 95 21.34 -25.38 -11.84
CA TYR L 95 21.22 -24.53 -10.68
C TYR L 95 22.48 -24.65 -9.82
N TYR L 96 23.22 -23.55 -9.70
CA TYR L 96 24.41 -23.48 -8.87
C TYR L 96 24.07 -22.76 -7.57
N CYS L 97 24.50 -23.33 -6.45
CA CYS L 97 24.44 -22.63 -5.17
C CYS L 97 25.83 -22.13 -4.81
N ALA L 98 25.88 -20.88 -4.34
CA ALA L 98 27.16 -20.20 -4.13
C ALA L 98 27.15 -19.49 -2.79
N SER L 99 28.36 -19.26 -2.27
CA SER L 99 28.58 -18.51 -1.05
C SER L 99 29.05 -17.10 -1.41
N ILE L 100 28.30 -16.10 -0.99
CA ILE L 100 28.60 -14.70 -1.30
C ILE L 100 29.29 -14.09 -0.09
N TYR L 101 30.58 -13.81 -0.22
CA TYR L 101 31.34 -13.21 0.86
C TYR L 101 31.05 -11.72 0.93
N GLY L 102 30.82 -11.22 2.14
CA GLY L 102 30.53 -9.82 2.34
C GLY L 102 31.35 -9.18 3.44
N SER L 103 32.01 -8.07 3.12
CA SER L 103 32.79 -7.31 4.08
C SER L 103 32.57 -5.83 3.79
N GLY L 104 32.38 -5.04 4.86
CA GLY L 104 32.14 -3.63 4.66
C GLY L 104 32.08 -2.80 5.91
N THR L 105 32.60 -1.57 5.83
CA THR L 105 32.50 -0.63 6.94
C THR L 105 31.12 0.03 6.96
N PHE L 106 30.66 0.51 5.81
CA PHE L 106 29.34 1.14 5.69
C PHE L 106 28.29 0.13 5.27
N TYR L 107 28.45 -0.48 4.09
CA TYR L 107 27.65 -1.62 3.68
C TYR L 107 28.58 -2.69 3.10
N TYR L 108 28.08 -3.93 3.10
CA TYR L 108 28.89 -5.06 2.68
C TYR L 108 29.18 -5.02 1.18
N TYR L 109 30.44 -5.26 0.83
CA TYR L 109 30.86 -5.43 -0.56
C TYR L 109 30.95 -6.92 -0.85
N PHE L 110 30.27 -7.36 -1.90
CA PHE L 110 30.03 -8.78 -2.13
C PHE L 110 30.84 -9.32 -3.30
N TYR L 111 31.26 -10.57 -3.16
CA TYR L 111 31.79 -11.38 -4.26
C TYR L 111 31.58 -12.85 -3.89
N MET L 112 31.17 -13.65 -4.88
CA MET L 112 30.75 -15.03 -4.64
C MET L 112 31.96 -15.92 -4.51
N ASP L 113 32.44 -16.07 -3.27
CA ASP L 113 33.65 -16.81 -2.93
C ASP L 113 33.69 -18.21 -3.51
N VAL L 114 32.85 -19.10 -3.00
CA VAL L 114 32.83 -20.50 -3.39
C VAL L 114 31.53 -20.80 -4.12
N TRP L 115 31.59 -21.74 -5.05
CA TRP L 115 30.44 -22.18 -5.83
C TRP L 115 30.22 -23.68 -5.67
N GLY L 116 29.01 -24.12 -5.97
CA GLY L 116 28.65 -25.52 -5.92
C GLY L 116 28.96 -26.24 -7.21
N LYS L 117 28.54 -27.51 -7.27
CA LYS L 117 28.80 -28.32 -8.45
C LYS L 117 27.79 -28.07 -9.55
N GLY L 118 26.53 -27.86 -9.20
CA GLY L 118 25.49 -27.60 -10.17
C GLY L 118 24.58 -28.80 -10.32
N SER L 119 23.28 -28.54 -10.43
CA SER L 119 22.26 -29.57 -10.58
C SER L 119 21.53 -29.36 -11.90
N THR L 120 21.58 -30.37 -12.76
CA THR L 120 20.90 -30.34 -14.06
C THR L 120 19.43 -30.65 -13.84
N VAL L 121 18.60 -29.61 -13.76
CA VAL L 121 17.16 -29.75 -13.55
C VAL L 121 16.46 -29.68 -14.90
N THR L 122 15.65 -30.70 -15.20
CA THR L 122 14.91 -30.78 -16.46
C THR L 122 13.42 -30.75 -16.13
N VAL L 123 12.71 -29.79 -16.72
CA VAL L 123 11.28 -29.63 -16.48
C VAL L 123 10.55 -30.32 -17.63
N SER L 124 10.01 -31.51 -17.35
CA SER L 124 9.34 -32.28 -18.38
C SER L 124 8.34 -33.22 -17.74
N SER L 125 7.27 -33.49 -18.47
CA SER L 125 6.27 -34.47 -18.03
C SER L 125 6.67 -35.91 -18.33
N ALA L 126 7.71 -36.10 -19.14
CA ALA L 126 8.15 -37.45 -19.50
C ALA L 126 8.76 -38.16 -18.29
N SER L 127 8.67 -39.48 -18.30
CA SER L 127 9.15 -40.28 -17.19
C SER L 127 10.64 -40.55 -17.31
N THR L 128 11.23 -40.98 -16.18
CA THR L 128 12.65 -41.27 -16.13
C THR L 128 12.95 -42.60 -16.82
N LYS L 129 14.09 -42.67 -17.49
CA LYS L 129 14.53 -43.89 -18.15
C LYS L 129 16.04 -44.05 -17.96
N GLY L 130 16.44 -45.24 -17.50
CA GLY L 130 17.85 -45.54 -17.32
C GLY L 130 18.53 -45.88 -18.63
N PRO L 131 19.86 -45.80 -18.65
CA PRO L 131 20.60 -45.98 -19.90
C PRO L 131 20.95 -47.43 -20.16
N SER L 132 21.38 -47.68 -21.39
CA SER L 132 21.91 -48.97 -21.82
C SER L 132 23.31 -48.75 -22.36
N VAL L 133 24.29 -49.46 -21.79
CA VAL L 133 25.69 -49.27 -22.13
C VAL L 133 26.11 -50.39 -23.09
N PHE L 134 26.74 -49.99 -24.20
CA PHE L 134 27.26 -50.93 -25.19
C PHE L 134 28.73 -50.63 -25.45
N PRO L 135 29.55 -51.65 -25.65
CA PRO L 135 30.98 -51.42 -25.85
C PRO L 135 31.32 -51.06 -27.29
N LEU L 136 32.35 -50.24 -27.45
CA LEU L 136 32.90 -49.87 -28.75
C LEU L 136 34.25 -50.56 -28.88
N ALA L 137 34.21 -51.84 -29.26
CA ALA L 137 35.41 -52.67 -29.24
C ALA L 137 36.40 -52.19 -30.30
N PRO L 138 37.69 -52.18 -29.98
CA PRO L 138 38.70 -51.80 -30.98
C PRO L 138 39.09 -52.97 -31.86
N SER L 139 39.70 -52.64 -32.99
CA SER L 139 40.16 -53.66 -33.94
C SER L 139 41.35 -53.16 -34.75
N SER L 144 45.05 -47.35 -35.54
CA SER L 144 45.86 -46.77 -36.61
C SER L 144 47.02 -45.97 -36.05
N GLY L 145 48.23 -46.28 -36.52
CA GLY L 145 49.42 -45.58 -36.07
C GLY L 145 49.93 -46.02 -34.70
N GLY L 146 49.89 -47.32 -34.42
CA GLY L 146 50.29 -47.82 -33.12
C GLY L 146 49.34 -47.50 -31.98
N THR L 147 48.23 -46.83 -32.26
CA THR L 147 47.26 -46.43 -31.24
C THR L 147 45.88 -46.84 -31.69
N ALA L 148 45.13 -47.49 -30.80
CA ALA L 148 43.77 -47.93 -31.08
C ALA L 148 42.81 -47.27 -30.10
N ALA L 149 41.58 -47.04 -30.56
CA ALA L 149 40.58 -46.34 -29.78
C ALA L 149 39.44 -47.28 -29.40
N LEU L 150 38.88 -47.06 -28.22
CA LEU L 150 37.77 -47.84 -27.70
C LEU L 150 36.91 -46.94 -26.83
N GLY L 151 35.67 -47.32 -26.64
CA GLY L 151 34.77 -46.49 -25.85
C GLY L 151 33.52 -47.23 -25.43
N CYS L 152 32.56 -46.45 -24.92
CA CYS L 152 31.26 -46.95 -24.49
C CYS L 152 30.16 -46.07 -25.06
N LEU L 153 29.03 -46.70 -25.36
CA LEU L 153 27.86 -46.02 -25.93
C LEU L 153 26.74 -46.04 -24.92
N VAL L 154 26.35 -44.86 -24.44
CA VAL L 154 25.31 -44.73 -23.41
C VAL L 154 24.05 -44.31 -24.14
N LYS L 155 23.24 -45.29 -24.53
CA LYS L 155 22.08 -45.04 -25.39
C LYS L 155 20.78 -45.11 -24.60
N ASP L 156 19.84 -44.24 -24.98
CA ASP L 156 18.47 -44.26 -24.48
C ASP L 156 18.37 -44.03 -22.98
N TYR L 157 18.57 -42.78 -22.55
CA TYR L 157 18.41 -42.41 -21.15
C TYR L 157 17.73 -41.04 -21.08
N PHE L 158 17.08 -40.79 -19.95
CA PHE L 158 16.38 -39.54 -19.71
C PHE L 158 16.12 -39.38 -18.21
N PRO L 159 16.43 -38.19 -17.66
CA PRO L 159 16.99 -37.04 -18.36
C PRO L 159 18.52 -36.91 -18.23
N GLU L 160 19.04 -35.75 -18.61
CA GLU L 160 20.44 -35.40 -18.45
C GLU L 160 20.70 -35.18 -16.95
N PRO L 161 21.93 -35.45 -16.47
CA PRO L 161 23.17 -35.88 -17.14
C PRO L 161 23.63 -37.30 -16.86
N VAL L 162 24.72 -37.68 -17.52
CA VAL L 162 25.38 -38.96 -17.32
C VAL L 162 26.87 -38.70 -17.23
N THR L 163 27.51 -39.28 -16.20
CA THR L 163 28.94 -39.11 -15.97
C THR L 163 29.62 -40.46 -16.21
N VAL L 164 30.59 -40.47 -17.12
CA VAL L 164 31.31 -41.68 -17.48
C VAL L 164 32.76 -41.52 -17.04
N SER L 165 33.22 -42.41 -16.18
CA SER L 165 34.61 -42.51 -15.79
C SER L 165 35.24 -43.71 -16.49
N TRP L 166 36.57 -43.81 -16.39
CA TRP L 166 37.31 -44.88 -17.03
C TRP L 166 38.29 -45.51 -16.04
N ASN L 167 38.21 -46.83 -15.91
CA ASN L 167 39.04 -47.59 -14.97
C ASN L 167 38.93 -47.02 -13.56
N SER L 168 37.71 -46.65 -13.18
CA SER L 168 37.41 -46.09 -11.85
C SER L 168 38.23 -44.83 -11.58
N GLY L 169 38.43 -44.01 -12.61
CA GLY L 169 39.12 -42.75 -12.48
C GLY L 169 40.61 -42.81 -12.72
N ALA L 170 41.20 -44.00 -12.82
CA ALA L 170 42.63 -44.10 -13.06
C ALA L 170 42.99 -43.63 -14.47
N LEU L 171 42.21 -44.04 -15.47
CA LEU L 171 42.45 -43.66 -16.85
C LEU L 171 41.85 -42.28 -17.09
N THR L 172 42.70 -41.30 -17.36
CA THR L 172 42.25 -39.92 -17.57
C THR L 172 42.81 -39.30 -18.84
N SER L 173 44.06 -39.62 -19.20
CA SER L 173 44.67 -39.01 -20.37
C SER L 173 44.04 -39.54 -21.65
N GLY L 174 43.79 -38.63 -22.59
CA GLY L 174 43.26 -39.02 -23.87
C GLY L 174 41.83 -39.51 -23.86
N VAL L 175 41.05 -39.14 -22.84
CA VAL L 175 39.65 -39.54 -22.74
C VAL L 175 38.79 -38.39 -23.25
N HIS L 176 37.88 -38.70 -24.18
CA HIS L 176 36.96 -37.72 -24.75
C HIS L 176 35.55 -38.20 -24.53
N THR L 177 34.80 -37.49 -23.68
CA THR L 177 33.40 -37.80 -23.41
C THR L 177 32.54 -36.80 -24.16
N PHE L 178 31.92 -37.24 -25.25
CA PHE L 178 31.18 -36.35 -26.12
C PHE L 178 29.90 -35.87 -25.45
N PRO L 179 29.44 -34.66 -25.79
CA PRO L 179 28.17 -34.19 -25.24
C PRO L 179 27.00 -35.02 -25.73
N ALA L 180 25.96 -35.09 -24.90
CA ALA L 180 24.79 -35.90 -25.22
C ALA L 180 24.00 -35.27 -26.37
N VAL L 181 23.24 -36.12 -27.05
CA VAL L 181 22.38 -35.69 -28.16
C VAL L 181 21.01 -36.30 -27.96
N LEU L 182 19.97 -35.51 -28.22
CA LEU L 182 18.59 -35.96 -28.05
C LEU L 182 18.11 -36.60 -29.34
N GLN L 183 17.71 -37.87 -29.26
CA GLN L 183 17.20 -38.60 -30.42
C GLN L 183 15.73 -38.23 -30.67
N SER L 184 15.23 -38.64 -31.83
CA SER L 184 13.83 -38.38 -32.15
C SER L 184 12.88 -39.01 -31.13
N SER L 185 13.33 -40.03 -30.40
CA SER L 185 12.52 -40.67 -29.38
C SER L 185 12.38 -39.83 -28.11
N GLY L 186 13.06 -38.68 -28.03
CA GLY L 186 13.05 -37.87 -26.84
C GLY L 186 14.03 -38.27 -25.76
N LEU L 187 14.87 -39.27 -26.03
CA LEU L 187 15.87 -39.75 -25.07
C LEU L 187 17.25 -39.30 -25.51
N TYR L 188 18.15 -39.17 -24.53
CA TYR L 188 19.51 -38.75 -24.80
C TYR L 188 20.40 -39.94 -25.08
N SER L 189 21.49 -39.69 -25.80
CA SER L 189 22.47 -40.71 -26.13
C SER L 189 23.85 -40.10 -26.08
N LEU L 190 24.78 -40.75 -25.36
CA LEU L 190 26.11 -40.21 -25.13
C LEU L 190 27.14 -41.26 -25.52
N SER L 191 28.34 -40.78 -25.89
CA SER L 191 29.45 -41.65 -26.25
C SER L 191 30.72 -41.11 -25.62
N SER L 192 31.54 -42.02 -25.11
CA SER L 192 32.80 -41.66 -24.46
C SER L 192 33.88 -42.65 -24.89
N VAL L 193 34.93 -42.14 -25.51
CA VAL L 193 35.99 -42.97 -26.07
C VAL L 193 37.32 -42.56 -25.45
N VAL L 194 38.33 -43.42 -25.64
CA VAL L 194 39.68 -43.17 -25.14
C VAL L 194 40.67 -43.81 -26.12
N THR L 195 41.78 -43.13 -26.36
CA THR L 195 42.83 -43.60 -27.26
C THR L 195 44.01 -44.09 -26.43
N VAL L 196 44.29 -45.38 -26.50
CA VAL L 196 45.40 -45.99 -25.77
C VAL L 196 46.30 -46.72 -26.75
N PRO L 197 47.57 -46.92 -26.41
CA PRO L 197 48.48 -47.63 -27.33
C PRO L 197 48.01 -49.05 -27.59
N SER L 198 48.24 -49.51 -28.82
CA SER L 198 47.80 -50.84 -29.23
C SER L 198 48.50 -51.96 -28.48
N SER L 199 49.67 -51.69 -27.90
CA SER L 199 50.41 -52.74 -27.20
C SER L 199 49.71 -53.14 -25.91
N SER L 200 49.10 -52.18 -25.21
CA SER L 200 48.45 -52.45 -23.94
C SER L 200 47.06 -53.06 -24.08
N LEU L 201 46.60 -53.31 -25.32
CA LEU L 201 45.25 -53.84 -25.51
C LEU L 201 45.10 -55.21 -24.85
N GLY L 202 46.07 -56.10 -25.05
CA GLY L 202 45.97 -57.42 -24.47
C GLY L 202 46.24 -57.44 -22.97
N THR L 203 47.26 -56.69 -22.53
CA THR L 203 47.67 -56.70 -21.13
C THR L 203 46.65 -55.99 -20.26
N GLN L 204 46.60 -54.66 -20.34
CA GLN L 204 45.77 -53.89 -19.43
C GLN L 204 44.29 -54.05 -19.77
N THR L 205 43.46 -54.04 -18.73
CA THR L 205 42.01 -54.13 -18.86
C THR L 205 41.40 -52.74 -18.76
N TYR L 206 40.29 -52.54 -19.48
CA TYR L 206 39.62 -51.24 -19.55
C TYR L 206 38.16 -51.41 -19.20
N ILE L 207 37.66 -50.53 -18.33
CA ILE L 207 36.25 -50.50 -17.96
C ILE L 207 35.80 -49.05 -17.89
N CYS L 208 34.56 -48.79 -18.33
CA CYS L 208 33.97 -47.47 -18.26
C CYS L 208 32.93 -47.44 -17.15
N ASN L 209 33.03 -46.45 -16.26
CA ASN L 209 32.15 -46.33 -15.10
C ASN L 209 31.03 -45.34 -15.45
N VAL L 210 29.95 -45.86 -16.03
CA VAL L 210 28.81 -45.03 -16.38
C VAL L 210 27.90 -44.89 -15.17
N ASN L 211 27.44 -43.66 -14.91
CA ASN L 211 26.61 -43.37 -13.76
C ASN L 211 25.50 -42.41 -14.18
N HIS L 212 24.26 -42.78 -13.90
CA HIS L 212 23.08 -41.97 -14.23
C HIS L 212 22.35 -41.70 -12.91
N LYS L 213 22.66 -40.56 -12.30
CA LYS L 213 22.04 -40.22 -11.01
C LYS L 213 20.52 -40.08 -11.08
N PRO L 214 19.91 -39.43 -12.07
CA PRO L 214 18.45 -39.29 -12.07
C PRO L 214 17.69 -40.61 -12.00
N SER L 215 18.27 -41.70 -12.52
CA SER L 215 17.64 -43.01 -12.46
C SER L 215 18.32 -43.94 -11.47
N ASN L 216 19.37 -43.48 -10.79
CA ASN L 216 20.11 -44.28 -9.82
C ASN L 216 20.63 -45.57 -10.45
N THR L 217 21.34 -45.42 -11.56
CA THR L 217 21.88 -46.54 -12.32
C THR L 217 23.39 -46.39 -12.46
N LYS L 218 24.12 -47.43 -12.09
CA LYS L 218 25.58 -47.46 -12.19
C LYS L 218 25.98 -48.73 -12.91
N VAL L 219 26.61 -48.58 -14.07
CA VAL L 219 26.99 -49.71 -14.93
C VAL L 219 28.50 -49.67 -15.13
N ASP L 220 29.15 -50.80 -14.93
CA ASP L 220 30.59 -50.95 -15.11
C ASP L 220 30.81 -51.96 -16.24
N LYS L 221 30.87 -51.46 -17.46
CA LYS L 221 30.97 -52.31 -18.64
C LYS L 221 32.43 -52.57 -19.01
N LYS L 222 32.74 -53.82 -19.31
CA LYS L 222 34.07 -54.24 -19.69
C LYS L 222 34.19 -54.22 -21.21
N VAL L 223 35.14 -53.45 -21.73
CA VAL L 223 35.36 -53.33 -23.17
C VAL L 223 36.51 -54.26 -23.55
N GLU L 224 36.22 -55.21 -24.44
CA GLU L 224 37.20 -56.18 -24.89
C GLU L 224 37.23 -56.21 -26.41
N PRO L 225 38.39 -56.51 -26.99
CA PRO L 225 38.49 -56.52 -28.46
C PRO L 225 37.77 -57.70 -29.07
N LYS L 226 37.62 -57.65 -30.40
CA LYS L 226 36.94 -58.67 -31.18
C LYS L 226 35.51 -58.93 -30.69
N GLY M 23 37.55 40.05 36.90
CA GLY M 23 38.09 39.11 35.95
C GLY M 23 37.71 39.42 34.51
N THR M 24 38.17 38.57 33.59
CA THR M 24 37.89 38.74 32.17
C THR M 24 37.59 37.38 31.55
N LEU M 25 36.73 37.39 30.53
CA LEU M 25 36.34 36.19 29.80
C LEU M 25 36.99 36.22 28.42
N GLN M 26 37.85 35.24 28.15
CA GLN M 26 38.54 35.19 26.86
C GLN M 26 37.62 34.69 25.76
N LYS M 27 37.19 33.44 25.84
CA LYS M 27 36.27 32.85 24.88
C LYS M 27 35.00 32.42 25.59
N THR M 28 33.92 32.31 24.82
CA THR M 28 32.65 31.87 25.37
C THR M 28 32.64 30.40 25.74
N GLU M 29 33.64 29.62 25.30
CA GLU M 29 33.75 28.25 25.78
C GLU M 29 34.29 28.20 27.21
N ASP M 30 34.89 29.29 27.69
CA ASP M 30 35.50 29.29 29.01
C ASP M 30 34.48 29.38 30.14
N VAL M 31 33.30 29.93 29.89
CA VAL M 31 32.26 29.99 30.91
C VAL M 31 31.63 28.61 31.05
N HIS M 32 31.68 28.07 32.26
CA HIS M 32 31.22 26.71 32.53
C HIS M 32 30.13 26.72 33.60
N LEU M 33 29.23 25.74 33.51
CA LEU M 33 28.15 25.56 34.46
C LEU M 33 28.36 24.22 35.16
N MET M 34 28.70 24.27 36.45
CA MET M 34 29.00 23.08 37.22
C MET M 34 27.81 22.69 38.08
N GLY M 35 27.37 21.44 37.94
CA GLY M 35 26.29 20.93 38.76
C GLY M 35 26.79 20.26 40.03
N PHE M 36 26.36 20.78 41.18
CA PHE M 36 26.78 20.26 42.47
C PHE M 36 25.62 19.49 43.10
N THR M 37 25.88 18.25 43.50
CA THR M 37 24.84 17.40 44.04
C THR M 37 24.40 17.87 45.43
N LEU M 38 23.15 17.57 45.77
CA LEU M 38 22.69 17.78 47.14
C LEU M 38 23.36 16.83 48.11
N SER M 39 24.00 15.77 47.62
CA SER M 39 24.76 14.89 48.50
C SER M 39 25.90 15.65 49.17
N GLY M 40 26.56 16.54 48.43
CA GLY M 40 27.61 17.37 49.00
C GLY M 40 27.09 18.38 50.01
N GLN M 41 25.81 18.76 49.92
CA GLN M 41 25.19 19.62 50.91
C GLN M 41 24.77 18.86 52.16
N LYS M 42 25.14 17.59 52.26
CA LYS M 42 24.87 16.76 53.44
C LYS M 42 23.39 16.71 53.76
N VAL M 43 22.58 16.44 52.74
CA VAL M 43 21.16 16.17 52.90
C VAL M 43 20.97 14.66 52.86
N ALA M 44 19.79 14.22 53.29
CA ALA M 44 19.52 12.78 53.41
C ALA M 44 19.60 12.11 52.05
N ASP M 45 20.52 11.14 51.93
CA ASP M 45 20.70 10.39 50.70
C ASP M 45 19.78 9.17 50.60
N SER M 46 19.09 8.82 51.67
CA SER M 46 18.24 7.63 51.65
C SER M 46 17.08 7.83 50.68
N PRO M 47 16.72 6.80 49.91
CA PRO M 47 15.62 6.95 48.94
C PRO M 47 14.28 7.23 49.60
N LEU M 48 14.10 6.82 50.86
CA LEU M 48 12.84 7.12 51.56
C LEU M 48 12.73 8.60 51.87
N GLU M 49 13.77 9.19 52.44
CA GLU M 49 13.75 10.62 52.72
C GLU M 49 13.87 11.45 51.45
N ALA M 50 14.51 10.91 50.41
CA ALA M 50 14.61 11.64 49.16
C ALA M 50 13.28 11.65 48.41
N SER M 51 12.50 10.58 48.51
CA SER M 51 11.20 10.53 47.84
C SER M 51 10.21 11.51 48.45
N LYS M 52 10.42 11.93 49.70
CA LYS M 52 9.58 12.94 50.30
C LYS M 52 9.85 14.35 49.77
N ARG M 53 10.91 14.51 48.99
CA ARG M 53 11.30 15.81 48.43
C ARG M 53 10.70 16.07 47.05
N TRP M 54 9.98 15.10 46.49
CA TRP M 54 9.38 15.24 45.16
C TRP M 54 7.88 15.05 45.27
N ALA M 55 7.16 15.60 44.28
CA ALA M 55 5.71 15.50 44.24
C ALA M 55 5.24 15.76 42.82
N PHE M 56 4.03 15.28 42.53
CA PHE M 56 3.42 15.45 41.22
C PHE M 56 2.53 16.68 41.21
N ARG M 57 2.60 17.45 40.12
CA ARG M 57 1.73 18.62 39.98
C ARG M 57 1.33 18.78 38.52
N THR M 58 0.04 19.02 38.28
CA THR M 58 -0.48 19.32 36.96
C THR M 58 -0.42 20.82 36.66
N GLY M 59 -0.22 21.15 35.39
CA GLY M 59 -0.25 22.53 34.97
C GLY M 59 1.06 23.27 34.98
N VAL M 60 2.19 22.56 34.92
CA VAL M 60 3.50 23.18 34.92
C VAL M 60 4.32 22.56 33.79
N PRO M 61 4.85 23.34 32.85
CA PRO M 61 5.64 22.78 31.75
C PRO M 61 7.03 22.40 32.22
N PRO M 62 7.62 21.35 31.66
CA PRO M 62 8.97 20.97 32.04
C PRO M 62 10.01 21.77 31.26
N LYS M 63 11.04 22.23 31.97
CA LYS M 63 12.10 23.03 31.39
C LYS M 63 13.44 22.35 31.60
N ASN M 64 14.38 22.58 30.68
CA ASN M 64 15.69 21.95 30.73
C ASN M 64 16.77 22.98 30.48
N VAL M 65 17.91 22.80 31.16
CA VAL M 65 19.09 23.64 31.00
C VAL M 65 20.30 22.72 30.92
N GLU M 66 21.15 22.92 29.93
CA GLU M 66 22.37 22.15 29.79
C GLU M 66 23.51 22.80 30.55
N TYR M 67 24.33 21.97 31.19
CA TYR M 67 25.53 22.44 31.87
C TYR M 67 26.73 21.65 31.36
N THR M 68 27.92 22.10 31.77
CA THR M 68 29.16 21.57 31.23
C THR M 68 29.78 20.49 32.13
N GLU M 69 29.94 20.78 33.43
CA GLU M 69 30.58 19.86 34.35
C GLU M 69 29.65 19.55 35.51
N GLY M 70 29.95 18.45 36.21
CA GLY M 70 29.14 18.03 37.33
C GLY M 70 29.96 17.27 38.35
N GLU M 71 29.38 17.11 39.54
CA GLU M 71 30.04 16.43 40.64
C GLU M 71 29.74 14.94 40.60
N GLU M 72 30.65 14.15 41.16
CA GLU M 72 30.43 12.72 41.31
C GLU M 72 29.40 12.49 42.42
N ALA M 73 28.28 11.85 42.07
CA ALA M 73 27.16 11.72 42.98
C ALA M 73 27.37 10.57 43.95
N LYS M 74 26.89 10.74 45.18
CA LYS M 74 26.98 9.69 46.17
C LYS M 74 25.85 8.67 46.02
N THR M 75 24.65 9.14 45.71
CA THR M 75 23.49 8.27 45.54
C THR M 75 22.69 8.70 44.33
N CYS M 76 22.32 7.74 43.49
CA CYS M 76 21.49 7.98 42.32
C CYS M 76 20.26 7.09 42.38
N TYR M 77 19.22 7.47 41.64
CA TYR M 77 17.94 6.79 41.71
C TYR M 77 17.40 6.50 40.31
N ASN M 78 16.90 5.28 40.13
CA ASN M 78 16.24 4.84 38.90
C ASN M 78 14.84 4.42 39.31
N ILE M 79 13.89 5.36 39.26
CA ILE M 79 12.56 5.15 39.81
C ILE M 79 11.57 4.89 38.69
N SER M 80 10.51 4.15 39.01
CA SER M 80 9.44 3.82 38.06
C SER M 80 8.12 3.83 38.83
N VAL M 81 7.48 5.00 38.89
CA VAL M 81 6.20 5.16 39.56
C VAL M 81 5.09 4.86 38.58
N THR M 82 4.17 3.97 38.95
CA THR M 82 3.15 3.48 38.05
C THR M 82 1.76 3.63 38.67
N ASP M 83 0.76 3.74 37.79
CA ASP M 83 -0.63 3.65 38.20
C ASP M 83 -0.92 2.23 38.68
N PRO M 84 -1.94 2.06 39.52
CA PRO M 84 -2.37 0.69 39.88
C PRO M 84 -2.75 -0.14 38.67
N SER M 85 -3.17 0.50 37.56
CA SER M 85 -3.41 -0.25 36.34
C SER M 85 -2.11 -0.65 35.66
N GLY M 86 -1.07 0.18 35.78
CA GLY M 86 0.23 -0.13 35.20
C GLY M 86 0.81 1.03 34.39
N LYS M 87 0.01 2.06 34.17
CA LYS M 87 0.46 3.21 33.39
C LYS M 87 1.52 3.98 34.17
N SER M 88 2.69 4.16 33.56
CA SER M 88 3.77 4.88 34.21
C SER M 88 3.50 6.38 34.19
N LEU M 89 3.59 7.01 35.36
CA LEU M 89 3.26 8.42 35.51
C LEU M 89 4.42 9.35 35.17
N LEU M 90 5.63 8.82 35.03
CA LEU M 90 6.78 9.67 34.71
C LEU M 90 6.77 10.05 33.24
N LEU M 91 7.37 11.20 32.93
CA LEU M 91 7.38 11.69 31.57
C LEU M 91 8.33 10.88 30.70
N ASP M 92 8.05 10.89 29.40
CA ASP M 92 8.92 10.25 28.44
C ASP M 92 10.18 11.08 28.23
N PRO M 93 11.36 10.51 28.40
CA PRO M 93 12.59 11.31 28.28
C PRO M 93 12.91 11.60 26.82
N PRO M 94 13.21 12.85 26.50
CA PRO M 94 13.65 13.17 25.13
C PRO M 94 15.01 12.55 24.84
N SER M 95 15.41 12.63 23.57
CA SER M 95 16.63 11.96 23.12
C SER M 95 17.86 12.47 23.85
N ASN M 96 17.92 13.78 24.12
CA ASN M 96 19.11 14.36 24.72
C ASN M 96 19.30 13.95 26.18
N ILE M 97 18.25 13.49 26.84
CA ILE M 97 18.35 13.10 28.25
C ILE M 97 18.99 11.72 28.35
N ARG M 98 20.07 11.63 29.13
CA ARG M 98 20.77 10.36 29.32
C ARG M 98 21.12 10.21 30.80
N ASP M 99 21.47 8.97 31.15
CA ASP M 99 21.76 8.64 32.54
C ASP M 99 22.90 9.49 33.09
N TYR M 100 22.87 9.71 34.40
CA TYR M 100 23.94 10.46 35.05
C TYR M 100 25.24 9.67 34.96
N PRO M 101 26.36 10.33 34.65
CA PRO M 101 27.62 9.62 34.37
C PRO M 101 28.17 8.83 35.56
N LYS M 102 28.38 9.50 36.69
CA LYS M 102 29.11 8.89 37.81
C LYS M 102 28.20 8.82 39.03
N CYS M 103 27.94 7.61 39.51
CA CYS M 103 27.17 7.37 40.72
C CYS M 103 27.86 6.31 41.57
N LYS M 104 27.89 6.53 42.88
CA LYS M 104 28.46 5.52 43.77
C LYS M 104 27.50 4.35 43.98
N THR M 105 26.23 4.66 44.23
CA THR M 105 25.19 3.64 44.38
C THR M 105 23.94 4.11 43.68
N VAL M 106 23.28 3.20 42.97
CA VAL M 106 22.07 3.49 42.22
C VAL M 106 20.93 2.71 42.83
N HIS M 107 19.97 3.42 43.43
CA HIS M 107 18.81 2.78 44.04
C HIS M 107 17.77 2.47 42.96
N HIS M 108 17.45 1.18 42.80
CA HIS M 108 16.41 0.73 41.88
C HIS M 108 15.14 0.51 42.67
N ILE M 109 14.18 1.41 42.54
CA ILE M 109 12.94 1.36 43.28
C ILE M 109 11.76 1.47 42.32
N GLN M 110 10.65 0.85 42.70
CA GLN M 110 9.42 0.84 41.91
C GLN M 110 8.26 1.23 42.81
N GLY M 111 7.64 2.38 42.52
CA GLY M 111 6.57 2.90 43.34
C GLY M 111 5.20 2.86 42.67
N GLN M 112 4.21 3.30 43.44
CA GLN M 112 2.83 3.37 42.98
C GLN M 112 2.18 4.64 43.52
N ASN M 113 1.34 5.25 42.71
CA ASN M 113 0.57 6.41 43.14
C ASN M 113 -0.73 6.49 42.34
N PRO M 114 -1.87 6.17 42.96
CA PRO M 114 -3.14 6.22 42.22
C PRO M 114 -3.69 7.64 42.06
N HIS M 115 -3.52 8.47 43.08
CA HIS M 115 -4.03 9.84 43.04
C HIS M 115 -3.19 10.75 42.14
N ALA M 116 -2.02 10.28 41.69
CA ALA M 116 -1.07 11.16 41.02
C ALA M 116 -1.66 11.78 39.76
N GLN M 117 -1.43 13.08 39.60
CA GLN M 117 -1.77 13.82 38.40
C GLN M 117 -0.55 14.64 37.97
N GLY M 118 -0.51 14.97 36.68
CA GLY M 118 0.57 15.84 36.20
C GLY M 118 1.90 15.12 36.15
N ILE M 119 2.95 15.82 36.60
CA ILE M 119 4.33 15.34 36.47
C ILE M 119 5.08 15.61 37.77
N ALA M 120 6.13 14.83 37.98
CA ALA M 120 6.92 14.93 39.20
C ALA M 120 7.83 16.15 39.17
N LEU M 121 7.75 16.97 40.22
CA LEU M 121 8.56 18.16 40.36
C LEU M 121 9.32 18.11 41.68
N HIS M 122 10.24 19.06 41.85
CA HIS M 122 11.06 19.15 43.05
C HIS M 122 10.43 20.15 44.02
N LEU M 123 10.22 19.72 45.26
CA LEU M 123 9.61 20.57 46.27
C LEU M 123 10.56 21.66 46.77
N TRP M 124 11.87 21.42 46.71
CA TRP M 124 12.84 22.40 47.18
C TRP M 124 13.19 23.44 46.13
N GLY M 125 12.89 23.17 44.85
CA GLY M 125 13.34 24.01 43.78
C GLY M 125 14.63 23.56 43.12
N ALA M 126 15.21 22.45 43.57
CA ALA M 126 16.41 21.93 42.95
C ALA M 126 16.08 21.29 41.60
N PHE M 127 17.11 20.79 40.94
CA PHE M 127 16.97 20.22 39.60
C PHE M 127 17.35 18.75 39.61
N PHE M 128 16.66 17.97 38.78
CA PHE M 128 17.00 16.56 38.57
C PHE M 128 18.14 16.51 37.56
N LEU M 129 19.35 16.25 38.05
CA LEU M 129 20.54 16.33 37.22
C LEU M 129 20.68 15.10 36.34
N TYR M 130 20.77 15.31 35.04
CA TYR M 130 21.11 14.29 34.06
C TYR M 130 22.42 14.68 33.38
N ASP M 131 22.90 13.80 32.50
CA ASP M 131 24.16 14.04 31.81
C ASP M 131 24.13 15.37 31.08
N ARG M 132 24.92 16.33 31.57
CA ARG M 132 25.05 17.66 30.97
C ARG M 132 23.71 18.38 30.85
N VAL M 133 22.70 17.96 31.61
CA VAL M 133 21.36 18.53 31.55
C VAL M 133 20.78 18.58 32.97
N ALA M 134 20.21 19.72 33.34
CA ALA M 134 19.42 19.86 34.54
C ALA M 134 17.96 20.00 34.16
N SER M 135 17.08 19.29 34.86
CA SER M 135 15.69 19.20 34.47
C SER M 135 14.77 19.61 35.61
N THR M 136 13.61 20.14 35.25
CA THR M 136 12.56 20.47 36.21
C THR M 136 11.77 19.22 36.60
N THR M 137 11.69 18.25 35.70
CA THR M 137 10.87 17.05 35.89
C THR M 137 11.74 15.81 35.88
N MET M 138 11.31 14.78 36.61
CA MET M 138 11.97 13.49 36.64
C MET M 138 11.45 12.64 35.49
N TYR M 139 12.36 12.16 34.64
CA TYR M 139 11.98 11.42 33.46
C TYR M 139 11.97 9.91 33.74
N ARG M 140 11.21 9.19 32.91
CA ARG M 140 11.00 7.76 33.12
C ARG M 140 12.24 6.97 32.75
N GLY M 141 12.64 6.07 33.63
CA GLY M 141 13.71 5.13 33.31
C GLY M 141 15.06 5.76 33.04
N LYS M 142 15.41 6.80 33.80
CA LYS M 142 16.70 7.47 33.66
C LYS M 142 17.21 7.83 35.04
N VAL M 143 18.44 7.40 35.34
CA VAL M 143 19.01 7.67 36.66
C VAL M 143 19.36 9.15 36.78
N PHE M 144 19.25 9.67 38.01
CA PHE M 144 19.42 11.09 38.25
C PHE M 144 20.03 11.30 39.63
N THR M 145 20.29 12.55 39.96
CA THR M 145 20.70 12.94 41.30
C THR M 145 20.21 14.36 41.56
N GLU M 146 19.87 14.63 42.82
CA GLU M 146 19.42 15.96 43.21
C GLU M 146 20.61 16.90 43.29
N GLY M 147 20.47 18.08 42.69
CA GLY M 147 21.56 19.03 42.72
C GLY M 147 21.17 20.33 42.06
N ASN M 148 22.10 21.29 42.11
CA ASN M 148 21.95 22.59 41.48
C ASN M 148 23.20 22.90 40.68
N ILE M 149 23.10 23.87 39.78
CA ILE M 149 24.21 24.26 38.94
C ILE M 149 24.62 25.69 39.30
N ALA M 150 25.88 26.02 38.96
CA ALA M 150 26.44 27.33 39.24
C ALA M 150 27.27 27.78 38.05
N ALA M 151 27.18 29.08 37.74
CA ALA M 151 27.92 29.67 36.63
C ALA M 151 29.27 30.16 37.11
N MET M 152 30.33 29.82 36.36
CA MET M 152 31.67 30.20 36.72
C MET M 152 32.52 30.26 35.45
N ILE M 153 33.70 30.87 35.59
CA ILE M 153 34.63 31.05 34.48
C ILE M 153 35.96 30.40 34.84
N VAL M 154 36.40 29.48 33.99
CA VAL M 154 37.74 28.90 34.09
C VAL M 154 38.32 28.80 32.69
N ASN M 155 39.53 29.35 32.50
CA ASN M 155 40.08 29.46 31.16
C ASN M 155 40.66 28.11 30.73
N LYS M 156 41.12 28.07 29.48
CA LYS M 156 41.57 26.81 28.88
C LYS M 156 42.75 26.21 29.64
N THR M 157 43.65 27.06 30.16
CA THR M 157 44.83 26.57 30.83
C THR M 157 44.49 25.96 32.19
N VAL M 158 43.54 26.55 32.90
CA VAL M 158 43.13 26.01 34.20
C VAL M 158 42.36 24.70 34.01
N HIS M 159 41.52 24.63 32.98
CA HIS M 159 40.69 23.45 32.76
C HIS M 159 41.55 22.21 32.50
N ARG M 160 42.53 22.34 31.61
CA ARG M 160 43.37 21.19 31.27
C ARG M 160 44.29 20.78 32.42
N MET M 161 44.52 21.66 33.39
CA MET M 161 45.38 21.34 34.52
C MET M 161 44.60 20.68 35.66
N ILE M 162 43.39 21.17 35.94
CA ILE M 162 42.62 20.63 37.06
C ILE M 162 42.19 19.19 36.78
N PHE M 163 41.84 18.90 35.53
CA PHE M 163 41.49 17.54 35.13
C PHE M 163 42.70 16.72 34.70
N SER M 164 43.90 17.31 34.74
CA SER M 164 45.16 16.62 34.47
C SER M 164 45.15 15.89 33.12
N SER N 36 29.43 37.78 37.60
CA SER N 36 29.81 36.39 37.41
C SER N 36 31.20 36.13 37.99
N PRO N 37 31.30 35.14 38.88
CA PRO N 37 32.60 34.81 39.48
C PRO N 37 33.50 34.07 38.49
N SER N 38 34.76 33.93 38.89
CA SER N 38 35.75 33.24 38.08
C SER N 38 36.77 32.58 38.99
N PHE N 39 37.07 31.32 38.73
CA PHE N 39 38.05 30.57 39.51
C PHE N 39 39.39 30.57 38.78
N ASN N 40 40.43 31.03 39.45
CA ASN N 40 41.75 31.13 38.86
C ASN N 40 42.77 30.48 39.78
N THR N 41 43.89 30.06 39.19
CA THR N 41 44.99 29.46 39.94
C THR N 41 45.76 30.51 40.72
N LEU N 55 44.32 27.36 43.84
CA LEU N 55 43.13 27.81 43.15
C LEU N 55 42.42 28.87 43.98
N THR N 56 41.85 29.85 43.30
CA THR N 56 41.16 30.97 43.95
C THR N 56 39.91 31.32 43.16
N PHE N 57 38.81 31.57 43.88
CA PHE N 57 37.55 31.98 43.28
C PHE N 57 37.17 33.38 43.76
N SER N 58 36.69 34.20 42.84
CA SER N 58 36.28 35.56 43.16
C SER N 58 34.80 35.62 43.52
N ASP N 76 28.33 22.15 56.99
CA ASP N 76 27.22 21.84 56.11
C ASP N 76 27.75 21.32 54.77
N CYS N 77 28.78 21.98 54.25
CA CYS N 77 29.35 21.61 52.97
C CYS N 77 30.24 20.37 53.12
N ASP N 78 30.63 19.82 51.98
CA ASP N 78 31.54 18.68 51.91
C ASP N 78 32.92 19.17 51.47
N ALA N 79 33.96 18.62 52.10
CA ALA N 79 35.32 19.05 51.80
C ALA N 79 35.75 18.63 50.40
N GLU N 80 35.73 17.33 50.13
CA GLU N 80 36.18 16.83 48.84
C GLU N 80 35.16 17.16 47.74
N LEU N 81 35.67 17.40 46.54
CA LEU N 81 34.84 17.77 45.39
C LEU N 81 35.43 17.12 44.14
N ARG N 82 34.84 16.01 43.71
CA ARG N 82 35.25 15.31 42.50
C ARG N 82 34.34 15.74 41.35
N ILE N 83 34.95 16.09 40.21
CA ILE N 83 34.24 16.67 39.08
C ILE N 83 34.59 15.88 37.82
N TRP N 84 33.67 15.92 36.85
CA TRP N 84 33.87 15.29 35.56
C TRP N 84 33.60 16.29 34.44
N SER N 85 34.33 16.16 33.35
CA SER N 85 34.21 17.08 32.21
C SER N 85 34.26 16.26 30.93
N VAL N 86 34.34 16.97 29.79
CA VAL N 86 34.40 16.32 28.49
C VAL N 86 35.63 16.78 27.73
N GLY N 94 45.26 13.34 17.96
CA GLY N 94 45.49 13.20 16.53
C GLY N 94 44.30 12.67 15.78
N LEU N 95 43.80 11.50 16.22
CA LEU N 95 42.63 10.89 15.63
C LEU N 95 41.41 10.93 16.54
N SER N 96 41.55 11.42 17.77
CA SER N 96 40.44 11.37 18.73
C SER N 96 39.32 12.32 18.38
N TRP N 97 39.62 13.41 17.66
CA TRP N 97 38.60 14.40 17.34
C TRP N 97 37.55 13.89 16.37
N ILE N 98 37.89 12.88 15.57
CA ILE N 98 36.91 12.30 14.63
C ILE N 98 35.82 11.59 15.43
N PRO N 99 34.54 11.81 15.10
CA PRO N 99 33.48 11.19 15.92
C PRO N 99 33.50 9.67 15.90
N PHE N 100 33.81 9.05 14.76
CA PHE N 100 33.89 7.60 14.70
C PHE N 100 34.95 7.06 15.65
N PHE N 101 36.12 7.70 15.66
CA PHE N 101 37.20 7.28 16.53
C PHE N 101 37.06 7.98 17.89
N GLY N 102 38.09 7.90 18.71
CA GLY N 102 38.08 8.55 20.00
C GLY N 102 37.09 7.93 20.97
N PRO N 103 36.59 8.73 21.90
CA PRO N 103 35.70 8.21 22.94
C PRO N 103 34.28 8.01 22.41
N GLY N 104 33.52 7.21 23.16
CA GLY N 104 32.11 7.04 22.89
C GLY N 104 31.28 7.69 23.97
N ILE N 105 30.45 6.91 24.65
CA ILE N 105 29.70 7.40 25.81
C ILE N 105 30.29 6.91 27.12
N GLU N 106 31.16 5.91 27.10
CA GLU N 106 31.77 5.37 28.32
C GLU N 106 33.02 6.16 28.71
N GLY N 107 34.06 6.05 27.89
CA GLY N 107 35.30 6.73 28.18
C GLY N 107 35.36 8.16 27.68
N LEU N 108 34.27 8.91 27.91
CA LEU N 108 34.17 10.30 27.47
C LEU N 108 34.54 11.29 28.57
N TYR N 109 34.30 10.94 29.83
CA TYR N 109 34.43 11.89 30.93
C TYR N 109 35.80 11.77 31.59
N THR N 110 36.37 12.91 31.94
CA THR N 110 37.68 12.98 32.59
C THR N 110 37.51 13.41 34.04
N ALA N 111 38.23 12.74 34.93
CA ALA N 111 38.09 12.99 36.36
C ALA N 111 38.85 14.25 36.79
N GLY N 112 38.32 14.90 37.82
CA GLY N 112 38.94 16.10 38.36
C GLY N 112 38.72 16.19 39.85
N LEU N 113 39.53 17.03 40.50
CA LEU N 113 39.47 17.19 41.94
C LEU N 113 39.76 18.63 42.30
N ILE N 114 38.87 19.24 43.10
CA ILE N 114 39.00 20.62 43.54
C ILE N 114 39.17 20.63 45.05
N LYS N 115 40.23 21.29 45.51
CA LYS N 115 40.57 21.31 46.93
C LYS N 115 39.95 22.53 47.61
N ASN N 116 39.46 22.33 48.83
CA ASN N 116 38.83 23.39 49.60
C ASN N 116 39.91 24.27 50.21
N GLN N 117 40.13 25.43 49.60
CA GLN N 117 41.14 26.40 50.06
C GLN N 117 40.42 27.67 50.46
N ASN N 118 40.34 27.91 51.78
CA ASN N 118 39.57 29.01 52.35
C ASN N 118 38.09 28.86 51.98
N ASN N 119 37.50 27.77 52.47
CA ASN N 119 36.15 27.31 52.12
C ASN N 119 35.83 27.57 50.64
N LEU N 120 36.71 27.05 49.79
CA LEU N 120 36.55 27.22 48.35
C LEU N 120 35.37 26.42 47.83
N VAL N 121 35.34 25.12 48.13
CA VAL N 121 34.25 24.27 47.66
C VAL N 121 32.93 24.69 48.30
N CYS N 122 32.97 25.17 49.54
CA CYS N 122 31.75 25.61 50.22
C CYS N 122 31.17 26.85 49.56
N ARG N 123 32.03 27.76 49.08
CA ARG N 123 31.52 28.93 48.36
C ARG N 123 30.97 28.54 46.99
N LEU N 124 31.52 27.49 46.37
CA LEU N 124 30.95 26.99 45.13
C LEU N 124 29.60 26.33 45.37
N ARG N 125 29.49 25.55 46.45
CA ARG N 125 28.24 24.83 46.73
C ARG N 125 27.13 25.78 47.15
N ARG N 126 27.47 26.84 47.88
CA ARG N 126 26.47 27.84 48.26
C ARG N 126 26.09 28.75 47.10
N LEU N 127 26.91 28.79 46.05
CA LEU N 127 26.55 29.56 44.86
C LEU N 127 25.45 28.86 44.07
N ALA N 128 25.60 27.54 43.86
CA ALA N 128 24.58 26.78 43.14
C ALA N 128 23.28 26.75 43.92
N ASN N 129 23.36 26.67 45.24
CA ASN N 129 22.15 26.71 46.07
C ASN N 129 21.40 28.02 45.93
N GLN N 130 22.11 29.11 45.61
CA GLN N 130 21.51 30.42 45.46
C GLN N 130 21.15 30.76 44.03
N THR N 131 21.98 30.37 43.06
CA THR N 131 21.73 30.69 41.66
C THR N 131 20.52 29.95 41.11
N ALA N 132 20.13 28.82 41.72
CA ALA N 132 18.97 28.08 41.23
C ALA N 132 17.68 28.85 41.41
N LYS N 133 17.62 29.72 42.43
CA LYS N 133 16.39 30.48 42.69
C LYS N 133 16.09 31.46 41.58
N SER N 134 17.13 32.03 40.95
CA SER N 134 16.91 32.90 39.80
C SER N 134 16.79 32.10 38.51
N LEU N 135 17.52 30.98 38.41
CA LEU N 135 17.46 30.14 37.22
C LEU N 135 16.06 29.59 36.99
N GLU N 136 15.36 29.25 38.07
CA GLU N 136 14.00 28.76 37.95
C GLU N 136 13.08 29.81 37.34
N LEU N 137 13.22 31.06 37.78
CA LEU N 137 12.41 32.13 37.22
C LEU N 137 12.83 32.45 35.79
N LEU N 138 14.12 32.29 35.46
CA LEU N 138 14.58 32.50 34.10
C LEU N 138 14.06 31.44 33.14
N LEU N 139 13.63 30.29 33.66
CA LEU N 139 13.08 29.23 32.82
C LEU N 139 11.57 29.36 32.60
N ARG N 140 10.87 30.08 33.46
CA ARG N 140 9.43 30.24 33.29
C ARG N 140 9.08 30.98 32.00
N VAL N 141 9.93 31.93 31.59
CA VAL N 141 9.59 32.75 30.43
C VAL N 141 9.77 31.98 29.13
N THR N 142 10.83 31.19 29.02
CA THR N 142 11.08 30.44 27.80
C THR N 142 10.10 29.27 27.69
N THR N 143 9.44 29.16 26.54
CA THR N 143 8.43 28.14 26.33
C THR N 143 9.01 26.81 25.85
N GLU N 144 10.24 26.81 25.35
CA GLU N 144 10.82 25.61 24.76
C GLU N 144 11.06 24.56 25.86
N GLU N 145 10.51 23.37 25.64
CA GLU N 145 10.75 22.26 26.57
C GLU N 145 12.15 21.68 26.38
N ARG N 146 12.71 21.82 25.20
CA ARG N 146 14.00 21.22 24.88
C ARG N 146 15.13 21.98 25.58
N THR N 147 16.37 21.62 25.24
CA THR N 147 17.54 22.20 25.88
C THR N 147 17.65 23.68 25.57
N PHE N 148 18.11 24.45 26.57
CA PHE N 148 18.30 25.89 26.44
C PHE N 148 19.74 26.23 26.83
N SER N 149 20.48 26.81 25.90
CA SER N 149 21.89 27.12 26.14
C SER N 149 22.02 28.32 27.09
N LEU N 150 22.59 28.08 28.27
CA LEU N 150 22.76 29.14 29.26
C LEU N 150 24.12 29.82 29.19
N ILE N 151 25.13 29.13 28.65
CA ILE N 151 26.47 29.71 28.58
C ILE N 151 26.50 30.88 27.61
N ASN N 152 25.69 30.85 26.55
CA ASN N 152 25.63 31.97 25.63
C ASN N 152 24.98 33.19 26.27
N ARG N 153 24.10 32.96 27.25
CA ARG N 153 23.42 34.08 27.91
C ARG N 153 24.30 34.73 28.97
N HIS N 154 25.09 33.94 29.69
CA HIS N 154 26.01 34.50 30.67
C HIS N 154 27.12 35.29 30.01
N ALA N 155 27.52 34.90 28.80
CA ALA N 155 28.61 35.60 28.11
C ALA N 155 28.17 36.97 27.63
N ILE N 156 26.96 37.08 27.07
CA ILE N 156 26.49 38.37 26.58
C ILE N 156 26.08 39.27 27.75
N ASP N 157 25.63 38.68 28.86
CA ASP N 157 25.40 39.47 30.06
C ASP N 157 26.71 40.03 30.60
N PHE N 158 27.81 39.27 30.45
CA PHE N 158 29.11 39.76 30.88
C PHE N 158 29.57 40.92 30.01
N LEU N 159 29.31 40.86 28.70
CA LEU N 159 29.69 41.95 27.81
C LEU N 159 28.83 43.19 28.05
N LEU N 160 27.55 43.00 28.36
CA LEU N 160 26.66 44.13 28.56
C LEU N 160 26.92 44.83 29.90
N THR N 161 27.29 44.06 30.94
CA THR N 161 27.55 44.66 32.24
C THR N 161 28.90 45.38 32.30
N ARG N 162 29.81 45.11 31.37
CA ARG N 162 31.11 45.77 31.34
C ARG N 162 31.20 46.88 30.31
N TRP N 163 30.32 46.89 29.30
CA TRP N 163 30.36 47.88 28.24
C TRP N 163 28.96 48.39 27.98
N GLY N 164 28.82 49.72 27.93
CA GLY N 164 27.53 50.34 27.69
C GLY N 164 27.07 50.22 26.25
N ILE O 2 15.81 -10.90 47.99
CA ILE O 2 17.13 -11.50 48.14
C ILE O 2 17.19 -12.28 49.46
N GLN O 3 17.04 -11.56 50.57
CA GLN O 3 17.08 -12.17 51.89
C GLN O 3 16.55 -11.20 52.95
N MET O 4 15.50 -11.59 53.66
CA MET O 4 14.94 -10.80 54.75
C MET O 4 14.96 -11.64 56.01
N THR O 5 15.66 -11.17 57.05
CA THR O 5 15.86 -11.93 58.27
C THR O 5 15.36 -11.14 59.47
N GLN O 6 15.10 -11.88 60.55
CA GLN O 6 14.64 -11.29 61.81
C GLN O 6 15.23 -12.11 62.95
N SER O 7 16.03 -11.48 63.79
CA SER O 7 16.67 -12.17 64.90
C SER O 7 16.32 -11.52 66.24
N PRO O 8 16.16 -12.34 67.30
CA PRO O 8 16.28 -13.80 67.26
C PRO O 8 15.00 -14.49 66.79
N SER O 9 15.08 -15.81 66.57
CA SER O 9 13.89 -16.56 66.18
C SER O 9 12.93 -16.70 67.35
N SER O 10 13.45 -17.06 68.52
CA SER O 10 12.65 -17.20 69.73
C SER O 10 13.29 -16.39 70.85
N LEU O 11 12.49 -16.12 71.88
CA LEU O 11 12.93 -15.29 72.99
C LEU O 11 12.15 -15.65 74.24
N SER O 12 12.81 -15.53 75.39
CA SER O 12 12.18 -15.81 76.67
C SER O 12 12.76 -14.86 77.70
N ALA O 13 11.95 -13.91 78.18
CA ALA O 13 12.40 -12.91 79.13
C ALA O 13 11.30 -12.66 80.16
N SER O 14 11.71 -12.44 81.41
CA SER O 14 10.75 -12.26 82.49
C SER O 14 10.00 -10.94 82.34
N VAL O 15 8.88 -10.83 83.08
CA VAL O 15 8.06 -9.63 83.02
C VAL O 15 8.82 -8.46 83.60
N GLY O 16 8.72 -7.30 82.92
CA GLY O 16 9.42 -6.10 83.32
C GLY O 16 10.75 -5.88 82.63
N ASP O 17 11.18 -6.79 81.77
CA ASP O 17 12.45 -6.68 81.10
C ASP O 17 12.33 -5.90 79.79
N ARG O 18 13.39 -5.17 79.46
CA ARG O 18 13.47 -4.44 78.21
C ARG O 18 13.98 -5.37 77.11
N VAL O 19 13.19 -5.55 76.06
CA VAL O 19 13.50 -6.49 74.99
C VAL O 19 13.62 -5.71 73.69
N THR O 20 14.68 -5.98 72.94
CA THR O 20 14.88 -5.40 71.62
C THR O 20 15.07 -6.51 70.59
N ILE O 21 14.52 -6.31 69.40
CA ILE O 21 14.63 -7.26 68.30
C ILE O 21 15.07 -6.51 67.06
N THR O 22 15.75 -7.22 66.17
CA THR O 22 16.32 -6.63 64.96
C THR O 22 15.63 -7.19 63.71
N CYS O 23 15.59 -6.36 62.68
CA CYS O 23 15.01 -6.72 61.39
C CYS O 23 15.93 -6.22 60.29
N GLN O 24 16.18 -7.07 59.29
CA GLN O 24 17.05 -6.73 58.18
C GLN O 24 16.26 -6.84 56.88
N ALA O 25 16.09 -5.72 56.19
CA ALA O 25 15.37 -5.70 54.93
C ALA O 25 16.24 -6.27 53.82
N SER O 26 15.57 -6.68 52.72
CA SER O 26 16.30 -7.26 51.59
C SER O 26 17.13 -6.20 50.86
N GLN O 27 16.63 -4.98 50.78
CA GLN O 27 17.34 -3.87 50.14
C GLN O 27 17.26 -2.65 51.04
N VAL O 28 17.84 -1.54 50.57
CA VAL O 28 17.77 -0.29 51.32
C VAL O 28 16.34 0.19 51.35
N ILE O 29 15.88 0.61 52.52
CA ILE O 29 14.47 0.96 52.70
C ILE O 29 14.09 2.12 51.79
N SER O 30 12.95 1.98 51.12
CA SER O 30 12.40 3.03 50.27
C SER O 30 10.94 3.35 50.57
N ASN O 31 10.23 2.47 51.28
CA ASN O 31 8.86 2.72 51.72
C ASN O 31 8.78 2.37 53.20
N TYR O 32 7.63 2.70 53.81
CA TYR O 32 7.46 2.53 55.25
C TYR O 32 7.80 1.11 55.70
N LEU O 33 8.60 1.00 56.76
CA LEU O 33 8.81 -0.25 57.45
C LEU O 33 7.95 -0.25 58.72
N ASN O 34 7.16 -1.31 58.89
CA ASN O 34 6.17 -1.36 59.95
C ASN O 34 6.40 -2.59 60.82
N TRP O 35 5.81 -2.56 62.01
CA TRP O 35 5.94 -3.63 63.00
C TRP O 35 4.55 -4.09 63.41
N TYR O 36 4.34 -5.40 63.39
CA TYR O 36 3.04 -5.99 63.69
C TYR O 36 3.13 -6.92 64.89
N GLN O 37 2.06 -6.97 65.66
CA GLN O 37 1.93 -7.85 66.82
C GLN O 37 0.77 -8.80 66.58
N GLN O 38 1.05 -10.11 66.59
CA GLN O 38 0.04 -11.13 66.38
C GLN O 38 0.02 -12.07 67.57
N LYS O 39 -0.95 -11.88 68.46
CA LYS O 39 -1.16 -12.81 69.55
C LYS O 39 -1.65 -14.15 69.01
N PRO O 40 -1.41 -15.24 69.73
CA PRO O 40 -1.78 -16.57 69.22
C PRO O 40 -3.28 -16.67 68.94
N GLY O 41 -3.62 -16.97 67.70
CA GLY O 41 -5.01 -17.14 67.30
C GLY O 41 -5.59 -15.94 66.58
N LYS O 42 -5.27 -14.74 67.05
CA LYS O 42 -5.85 -13.53 66.49
C LYS O 42 -5.07 -13.09 65.25
N ALA O 43 -5.49 -11.96 64.68
CA ALA O 43 -4.90 -11.37 63.49
C ALA O 43 -3.83 -10.35 63.87
N PRO O 44 -2.87 -10.10 62.98
CA PRO O 44 -1.81 -9.13 63.30
C PRO O 44 -2.36 -7.72 63.48
N LYS O 45 -1.64 -6.93 64.29
CA LYS O 45 -1.99 -5.55 64.58
C LYS O 45 -0.71 -4.73 64.58
N LEU O 46 -0.64 -3.71 63.73
CA LEU O 46 0.57 -2.91 63.65
C LEU O 46 0.66 -1.97 64.85
N LEU O 47 1.88 -1.82 65.36
CA LEU O 47 2.16 -0.90 66.47
C LEU O 47 2.99 0.29 66.04
N ILE O 48 4.03 0.08 65.24
CA ILE O 48 4.93 1.13 64.80
C ILE O 48 4.93 1.17 63.27
N TYR O 49 4.87 2.37 62.71
CA TYR O 49 4.96 2.57 61.27
C TYR O 49 6.04 3.60 60.96
N ASP O 50 6.68 3.44 59.81
CA ASP O 50 7.80 4.29 59.38
C ASP O 50 8.93 4.25 60.44
N THR O 51 9.27 3.03 60.85
CA THR O 51 10.38 2.74 61.76
C THR O 51 10.21 3.36 63.16
N SER O 52 9.78 4.61 63.24
CA SER O 52 9.72 5.33 64.51
C SER O 52 8.30 5.58 65.00
N ASN O 53 7.45 6.17 64.16
CA ASN O 53 6.11 6.57 64.59
C ASN O 53 5.27 5.36 64.99
N LEU O 54 4.34 5.59 65.91
CA LEU O 54 3.45 4.53 66.39
C LEU O 54 2.00 4.95 66.23
N LYS O 55 1.13 3.95 66.05
CA LYS O 55 -0.28 4.20 65.81
C LYS O 55 -0.97 4.68 67.09
N THR O 56 -2.06 5.41 66.91
CA THR O 56 -2.83 5.91 68.04
C THR O 56 -3.46 4.75 68.80
N GLY O 57 -3.26 4.72 70.12
CA GLY O 57 -3.77 3.67 70.98
C GLY O 57 -2.72 2.69 71.44
N VAL O 58 -1.61 2.57 70.71
CA VAL O 58 -0.53 1.66 71.11
C VAL O 58 0.13 2.18 72.37
N PRO O 59 0.42 1.32 73.36
CA PRO O 59 1.04 1.82 74.59
C PRO O 59 2.39 2.47 74.35
N SER O 60 2.76 3.38 75.25
CA SER O 60 4.01 4.12 75.12
C SER O 60 5.24 3.24 75.30
N ARG O 61 5.08 2.06 75.91
CA ARG O 61 6.22 1.18 76.15
C ARG O 61 6.81 0.62 74.87
N PHE O 62 6.05 0.63 73.77
CA PHE O 62 6.56 0.17 72.49
C PHE O 62 7.32 1.30 71.79
N SER O 63 8.44 0.94 71.17
CA SER O 63 9.27 1.91 70.47
C SER O 63 10.02 1.21 69.36
N GLY O 64 10.56 2.00 68.44
CA GLY O 64 11.32 1.46 67.33
C GLY O 64 12.24 2.51 66.75
N SER O 65 13.33 2.04 66.15
CA SER O 65 14.31 2.93 65.52
C SER O 65 15.10 2.12 64.51
N GLY O 66 15.81 2.83 63.64
CA GLY O 66 16.63 2.19 62.64
C GLY O 66 16.76 3.05 61.40
N SER O 67 17.66 2.63 60.52
CA SER O 67 17.91 3.34 59.27
C SER O 67 18.61 2.40 58.31
N GLY O 68 18.50 2.72 57.02
CA GLY O 68 19.22 1.94 56.02
C GLY O 68 18.61 0.55 55.91
N THR O 69 19.43 -0.47 56.15
CA THR O 69 19.02 -1.86 56.08
C THR O 69 18.91 -2.52 57.45
N ASP O 70 19.27 -1.83 58.52
CA ASP O 70 19.22 -2.36 59.87
C ASP O 70 18.18 -1.59 60.68
N PHE O 71 17.33 -2.33 61.40
CA PHE O 71 16.26 -1.73 62.17
C PHE O 71 16.07 -2.49 63.47
N THR O 72 15.50 -1.80 64.46
CA THR O 72 15.30 -2.36 65.79
C THR O 72 13.89 -2.05 66.28
N PHE O 73 13.38 -2.95 67.13
CA PHE O 73 12.08 -2.78 67.78
C PHE O 73 12.27 -3.05 69.26
N THR O 74 11.92 -2.06 70.09
CA THR O 74 12.23 -2.10 71.52
C THR O 74 10.97 -1.89 72.34
N ILE O 75 10.82 -2.67 73.40
CA ILE O 75 9.76 -2.51 74.39
C ILE O 75 10.39 -2.17 75.72
N SER O 76 9.93 -1.08 76.33
CA SER O 76 10.58 -0.55 77.53
C SER O 76 10.37 -1.47 78.73
N SER O 77 9.12 -1.79 79.04
CA SER O 77 8.79 -2.63 80.20
C SER O 77 7.80 -3.70 79.76
N LEU O 78 8.28 -4.95 79.70
CA LEU O 78 7.45 -6.05 79.25
C LEU O 78 6.33 -6.33 80.25
N GLN O 79 5.15 -6.62 79.74
CA GLN O 79 3.96 -6.93 80.51
C GLN O 79 3.37 -8.24 80.00
N PRO O 80 2.55 -8.92 80.81
CA PRO O 80 2.04 -10.24 80.39
C PRO O 80 1.17 -10.21 79.15
N GLU O 81 0.59 -9.06 78.78
CA GLU O 81 -0.25 -8.97 77.60
C GLU O 81 0.55 -8.76 76.32
N ASP O 82 1.87 -8.71 76.40
CA ASP O 82 2.71 -8.44 75.24
C ASP O 82 3.31 -9.71 74.63
N ILE O 83 2.81 -10.88 75.00
CA ILE O 83 3.33 -12.14 74.45
C ILE O 83 2.67 -12.39 73.10
N ALA O 84 3.47 -12.39 72.04
CA ALA O 84 2.98 -12.55 70.68
C ALA O 84 4.17 -12.74 69.75
N THR O 85 3.87 -13.07 68.50
CA THR O 85 4.88 -13.19 67.46
C THR O 85 4.91 -11.87 66.68
N TYR O 86 6.08 -11.24 66.64
CA TYR O 86 6.23 -9.91 66.06
C TYR O 86 6.87 -10.02 64.68
N TYR O 87 6.29 -9.31 63.71
CA TYR O 87 6.78 -9.31 62.33
C TYR O 87 7.12 -7.89 61.91
N CYS O 88 8.07 -7.76 60.99
CA CYS O 88 8.43 -6.49 60.38
C CYS O 88 8.09 -6.53 58.90
N GLN O 89 7.43 -5.48 58.41
CA GLN O 89 6.94 -5.41 57.04
C GLN O 89 7.85 -4.53 56.20
N GLN O 90 7.95 -4.89 54.92
CA GLN O 90 8.77 -4.16 53.96
C GLN O 90 8.06 -4.16 52.61
N TYR O 91 7.99 -3.00 51.97
CA TYR O 91 7.36 -2.85 50.65
C TYR O 91 8.41 -2.37 49.67
N GLU O 92 9.02 -3.31 48.93
CA GLU O 92 10.00 -3.02 47.91
C GLU O 92 9.68 -3.80 46.65
N ASN O 93 9.87 -3.16 45.49
CA ASN O 93 9.63 -3.77 44.19
C ASN O 93 8.19 -4.25 44.07
N LEU O 94 7.25 -3.40 44.50
CA LEU O 94 5.81 -3.68 44.43
C LEU O 94 5.44 -4.97 45.16
N GLN O 95 6.17 -5.31 46.22
CA GLN O 95 5.92 -6.54 46.98
C GLN O 95 5.94 -6.24 48.46
N PHE O 96 4.87 -6.64 49.16
CA PHE O 96 4.81 -6.59 50.61
C PHE O 96 5.42 -7.88 51.15
N THR O 97 6.57 -7.76 51.81
CA THR O 97 7.29 -8.91 52.33
C THR O 97 7.36 -8.81 53.85
N PHE O 98 6.94 -9.86 54.54
CA PHE O 98 6.96 -9.93 55.99
C PHE O 98 8.19 -10.70 56.46
N GLY O 99 8.72 -10.28 57.61
CA GLY O 99 9.85 -10.94 58.20
C GLY O 99 9.50 -12.32 58.72
N PRO O 100 10.51 -13.14 59.01
CA PRO O 100 10.23 -14.48 59.54
C PRO O 100 9.43 -14.48 60.83
N GLY O 101 9.64 -13.50 61.70
CA GLY O 101 8.86 -13.40 62.92
C GLY O 101 9.68 -13.79 64.14
N THR O 102 9.34 -13.17 65.27
CA THR O 102 10.01 -13.42 66.53
C THR O 102 8.97 -13.70 67.61
N LYS O 103 9.00 -14.90 68.17
CA LYS O 103 8.09 -15.29 69.24
C LYS O 103 8.74 -14.96 70.58
N VAL O 104 8.09 -14.11 71.37
CA VAL O 104 8.59 -13.70 72.68
C VAL O 104 7.76 -14.40 73.75
N ASP O 105 8.43 -14.94 74.76
CA ASP O 105 7.80 -15.62 75.87
C ASP O 105 8.23 -14.97 77.19
N ILE O 106 7.44 -15.21 78.23
CA ILE O 106 7.66 -14.61 79.54
C ILE O 106 8.23 -15.68 80.47
N LYS O 107 9.31 -15.34 81.17
CA LYS O 107 9.87 -16.21 82.19
C LYS O 107 9.12 -16.00 83.50
N ARG O 108 8.54 -17.08 84.02
CA ARG O 108 7.67 -17.02 85.19
C ARG O 108 8.22 -17.94 86.28
N THR O 109 7.78 -17.69 87.51
CA THR O 109 8.12 -18.57 88.62
C THR O 109 7.48 -19.94 88.43
N VAL O 110 8.22 -20.99 88.80
CA VAL O 110 7.77 -22.37 88.55
C VAL O 110 6.45 -22.60 89.27
N ALA O 111 5.43 -22.99 88.51
CA ALA O 111 4.09 -23.20 89.02
C ALA O 111 3.72 -24.68 88.92
N ALA O 112 2.85 -25.13 89.87
CA ALA O 112 2.37 -26.51 89.96
C ALA O 112 1.04 -26.67 89.26
N PRO O 113 0.86 -27.76 88.52
CA PRO O 113 -0.40 -27.96 87.79
C PRO O 113 -1.52 -28.47 88.68
N SER O 114 -2.73 -28.03 88.35
CA SER O 114 -3.95 -28.52 88.99
C SER O 114 -4.50 -29.66 88.14
N VAL O 115 -4.39 -30.89 88.63
CA VAL O 115 -4.73 -32.08 87.86
C VAL O 115 -6.20 -32.44 88.08
N PHE O 116 -6.90 -32.72 86.99
CA PHE O 116 -8.30 -33.17 87.04
C PHE O 116 -8.46 -34.32 86.06
N ILE O 117 -9.24 -35.32 86.45
CA ILE O 117 -9.54 -36.47 85.60
C ILE O 117 -11.05 -36.55 85.42
N PHE O 118 -11.49 -36.73 84.18
CA PHE O 118 -12.90 -36.74 83.84
C PHE O 118 -13.29 -38.08 83.24
N PRO O 119 -14.29 -38.77 83.78
CA PRO O 119 -14.74 -40.04 83.20
C PRO O 119 -15.57 -39.80 81.96
N PRO O 120 -15.72 -40.81 81.10
CA PRO O 120 -16.50 -40.62 79.87
C PRO O 120 -17.98 -40.51 80.16
N SER O 121 -18.66 -39.68 79.37
CA SER O 121 -20.08 -39.44 79.56
C SER O 121 -20.90 -40.65 79.12
N ASP O 122 -22.12 -40.74 79.65
CA ASP O 122 -23.01 -41.83 79.29
C ASP O 122 -23.44 -41.74 77.82
N GLU O 123 -23.52 -40.52 77.28
CA GLU O 123 -23.89 -40.37 75.87
C GLU O 123 -22.82 -40.96 74.96
N GLN O 124 -21.54 -40.70 75.27
CA GLN O 124 -20.46 -41.22 74.44
C GLN O 124 -20.39 -42.75 74.54
N LEU O 125 -20.56 -43.30 75.74
CA LEU O 125 -20.53 -44.75 75.90
C LEU O 125 -21.66 -45.42 75.14
N LYS O 126 -22.81 -44.76 75.03
CA LYS O 126 -23.91 -45.31 74.27
C LYS O 126 -23.61 -45.33 72.77
N SER O 127 -22.79 -44.39 72.29
CA SER O 127 -22.44 -44.37 70.88
C SER O 127 -21.44 -45.47 70.52
N GLY O 128 -20.65 -45.93 71.49
CA GLY O 128 -19.75 -47.04 71.26
C GLY O 128 -18.28 -46.72 71.45
N THR O 129 -17.98 -45.58 72.05
CA THR O 129 -16.60 -45.16 72.30
C THR O 129 -16.51 -44.47 73.64
N ALA O 130 -15.29 -44.43 74.19
CA ALA O 130 -15.05 -43.83 75.50
C ALA O 130 -13.75 -43.05 75.46
N SER O 131 -13.81 -41.81 75.93
CA SER O 131 -12.65 -40.91 75.95
C SER O 131 -12.50 -40.33 77.35
N VAL O 132 -11.34 -40.55 77.96
CA VAL O 132 -11.01 -40.02 79.27
C VAL O 132 -9.95 -38.94 79.10
N VAL O 133 -10.20 -37.78 79.69
CA VAL O 133 -9.30 -36.63 79.56
C VAL O 133 -8.64 -36.36 80.91
N CYS O 134 -7.38 -35.96 80.87
CA CYS O 134 -6.59 -35.62 82.04
C CYS O 134 -6.12 -34.19 81.88
N LEU O 135 -6.61 -33.29 82.73
CA LEU O 135 -6.40 -31.86 82.58
C LEU O 135 -5.30 -31.39 83.54
N LEU O 136 -4.39 -30.56 83.03
CA LEU O 136 -3.31 -29.96 83.80
C LEU O 136 -3.43 -28.44 83.68
N ASN O 137 -3.89 -27.80 84.75
CA ASN O 137 -4.26 -26.38 84.72
C ASN O 137 -3.09 -25.52 85.18
N ASN O 138 -2.70 -24.56 84.34
CA ASN O 138 -1.79 -23.48 84.69
C ASN O 138 -0.50 -23.97 85.33
N PHE O 139 0.43 -24.49 84.52
CA PHE O 139 1.70 -25.00 84.99
C PHE O 139 2.83 -24.42 84.16
N TYR O 140 3.91 -24.03 84.83
CA TYR O 140 5.12 -23.53 84.18
C TYR O 140 6.31 -24.35 84.68
N PRO O 141 7.23 -24.72 83.78
CA PRO O 141 7.26 -24.41 82.35
C PRO O 141 6.41 -25.35 81.51
N ARG O 142 6.51 -25.23 80.18
CA ARG O 142 5.66 -26.01 79.28
C ARG O 142 5.94 -27.50 79.37
N GLU O 143 7.16 -27.88 79.76
CA GLU O 143 7.54 -29.29 79.75
C GLU O 143 6.85 -30.04 80.87
N ALA O 144 6.05 -31.04 80.51
CA ALA O 144 5.38 -31.91 81.46
C ALA O 144 5.11 -33.25 80.81
N LYS O 145 5.11 -34.30 81.65
CA LYS O 145 4.93 -35.66 81.19
C LYS O 145 3.68 -36.25 81.83
N VAL O 146 2.83 -36.86 81.01
CA VAL O 146 1.59 -37.49 81.46
C VAL O 146 1.60 -38.94 80.99
N GLN O 147 1.31 -39.86 81.91
CA GLN O 147 1.27 -41.28 81.61
C GLN O 147 -0.06 -41.86 82.08
N TRP O 148 -0.71 -42.62 81.21
CA TRP O 148 -1.98 -43.27 81.53
C TRP O 148 -1.72 -44.66 82.09
N LYS O 149 -2.39 -44.98 83.20
CA LYS O 149 -2.27 -46.29 83.83
C LYS O 149 -3.66 -46.86 84.02
N VAL O 150 -3.99 -47.92 83.29
CA VAL O 150 -5.26 -48.62 83.39
C VAL O 150 -5.05 -49.86 84.25
N ASP O 151 -5.67 -49.87 85.44
CA ASP O 151 -5.49 -50.94 86.43
C ASP O 151 -4.02 -51.11 86.78
N ASN O 152 -3.35 -49.98 87.05
CA ASN O 152 -1.93 -49.96 87.40
C ASN O 152 -1.07 -50.64 86.34
N ALA O 153 -1.38 -50.38 85.07
CA ALA O 153 -0.63 -50.91 83.95
C ALA O 153 -0.49 -49.82 82.90
N LEU O 154 0.75 -49.57 82.47
CA LEU O 154 1.01 -48.47 81.54
C LEU O 154 0.32 -48.71 80.21
N GLN O 155 -0.09 -47.62 79.58
CA GLN O 155 -0.74 -47.63 78.27
C GLN O 155 0.03 -46.72 77.32
N SER O 156 0.14 -47.14 76.06
CA SER O 156 0.90 -46.39 75.07
C SER O 156 0.22 -46.49 73.71
N GLY O 157 0.20 -45.37 72.99
CA GLY O 157 -0.27 -45.31 71.62
C GLY O 157 -1.70 -44.82 71.48
N ASN O 158 -2.57 -45.09 72.46
CA ASN O 158 -3.98 -44.79 72.36
C ASN O 158 -4.36 -43.45 72.98
N SER O 159 -3.40 -42.52 73.10
CA SER O 159 -3.67 -41.22 73.70
C SER O 159 -2.84 -40.15 73.02
N GLN O 160 -3.44 -38.97 72.84
CA GLN O 160 -2.76 -37.81 72.29
C GLN O 160 -3.12 -36.58 73.11
N GLU O 161 -2.15 -35.70 73.32
CA GLU O 161 -2.30 -34.54 74.20
C GLU O 161 -2.20 -33.25 73.41
N SER O 162 -2.61 -32.15 74.05
CA SER O 162 -2.60 -30.84 73.43
C SER O 162 -2.34 -29.79 74.50
N VAL O 163 -1.45 -28.84 74.19
CA VAL O 163 -1.03 -27.80 75.13
C VAL O 163 -1.46 -26.45 74.59
N THR O 164 -1.98 -25.59 75.47
CA THR O 164 -2.38 -24.25 75.09
C THR O 164 -1.16 -23.34 74.98
N GLU O 165 -1.38 -22.18 74.36
CA GLU O 165 -0.36 -21.16 74.32
C GLU O 165 -0.31 -20.41 75.64
N GLN O 166 0.83 -19.78 75.91
CA GLN O 166 1.05 -19.14 77.20
C GLN O 166 -0.01 -18.07 77.48
N ASP O 167 -0.46 -18.03 78.73
CA ASP O 167 -1.57 -17.15 79.10
C ASP O 167 -1.14 -15.68 79.04
N SER O 168 -2.14 -14.81 78.90
CA SER O 168 -1.93 -13.38 78.88
C SER O 168 -2.12 -12.72 80.23
N LYS O 169 -2.59 -13.45 81.23
CA LYS O 169 -2.82 -12.92 82.57
C LYS O 169 -1.83 -13.48 83.59
N ASP O 170 -1.75 -14.80 83.72
CA ASP O 170 -0.82 -15.43 84.65
C ASP O 170 0.35 -16.12 83.96
N SER O 171 0.41 -16.07 82.62
CA SER O 171 1.57 -16.54 81.85
C SER O 171 1.86 -18.01 82.11
N THR O 172 0.80 -18.83 82.10
CA THR O 172 0.94 -20.26 82.35
C THR O 172 0.30 -21.06 81.22
N TYR O 173 0.80 -22.28 81.03
CA TYR O 173 0.30 -23.20 80.02
C TYR O 173 -0.71 -24.16 80.63
N SER O 174 -1.47 -24.82 79.76
CA SER O 174 -2.45 -25.81 80.18
C SER O 174 -2.44 -26.99 79.21
N LEU O 175 -2.51 -28.20 79.75
CA LEU O 175 -2.40 -29.42 78.96
C LEU O 175 -3.68 -30.22 79.05
N SER O 176 -3.89 -31.08 78.04
CA SER O 176 -5.08 -31.92 77.98
C SER O 176 -4.76 -33.15 77.15
N SER O 177 -4.69 -34.31 77.79
CA SER O 177 -4.43 -35.58 77.12
C SER O 177 -5.71 -36.40 77.10
N THR O 178 -6.03 -36.98 75.93
CA THR O 178 -7.27 -37.71 75.72
C THR O 178 -6.94 -39.17 75.37
N LEU O 179 -7.30 -40.07 76.26
CA LEU O 179 -7.15 -41.51 76.04
C LEU O 179 -8.47 -42.06 75.51
N THR O 180 -8.41 -42.69 74.34
CA THR O 180 -9.61 -43.18 73.66
C THR O 180 -9.58 -44.70 73.56
N LEU O 181 -10.65 -45.34 74.00
CA LEU O 181 -10.82 -46.78 73.92
C LEU O 181 -12.26 -47.10 73.55
N SER O 182 -12.47 -48.33 73.05
CA SER O 182 -13.81 -48.76 72.70
C SER O 182 -14.64 -49.01 73.96
N LYS O 183 -15.95 -49.07 73.78
CA LYS O 183 -16.84 -49.34 74.90
C LYS O 183 -16.60 -50.72 75.48
N ALA O 184 -16.27 -51.69 74.63
CA ALA O 184 -15.98 -53.04 75.11
C ALA O 184 -14.71 -53.07 75.94
N ASP O 185 -13.68 -52.33 75.52
CA ASP O 185 -12.43 -52.31 76.27
C ASP O 185 -12.55 -51.50 77.55
N TYR O 186 -13.43 -50.49 77.58
CA TYR O 186 -13.64 -49.73 78.80
C TYR O 186 -14.39 -50.55 79.85
N GLU O 187 -15.25 -51.47 79.41
CA GLU O 187 -15.97 -52.34 80.34
C GLU O 187 -15.05 -53.39 80.96
N LYS O 188 -13.91 -53.69 80.34
CA LYS O 188 -13.04 -54.75 80.83
C LYS O 188 -12.27 -54.36 82.08
N HIS O 189 -12.17 -53.07 82.38
CA HIS O 189 -11.37 -52.59 83.49
C HIS O 189 -12.22 -51.69 84.39
N LYS O 190 -11.63 -51.29 85.52
CA LYS O 190 -12.37 -50.51 86.51
C LYS O 190 -11.62 -49.24 86.91
N VAL O 191 -10.33 -49.36 87.22
CA VAL O 191 -9.54 -48.24 87.73
C VAL O 191 -8.78 -47.60 86.57
N TYR O 192 -8.90 -46.27 86.46
CA TYR O 192 -8.23 -45.50 85.41
C TYR O 192 -7.54 -44.31 86.06
N ALA O 193 -6.27 -44.10 85.73
CA ALA O 193 -5.50 -43.03 86.34
C ALA O 193 -4.52 -42.45 85.34
N CYS O 194 -4.13 -41.20 85.57
CA CYS O 194 -3.13 -40.51 84.76
C CYS O 194 -2.07 -39.91 85.66
N GLU O 195 -0.82 -40.30 85.45
CA GLU O 195 0.30 -39.86 86.27
C GLU O 195 0.91 -38.60 85.69
N VAL O 196 0.99 -37.54 86.51
CA VAL O 196 1.55 -36.26 86.10
C VAL O 196 2.93 -36.11 86.71
N THR O 197 3.94 -35.92 85.86
CA THR O 197 5.32 -35.74 86.30
C THR O 197 5.77 -34.36 85.83
N HIS O 198 5.96 -33.44 86.77
CA HIS O 198 6.31 -32.07 86.47
C HIS O 198 7.51 -31.64 87.31
N GLN O 199 8.34 -30.75 86.74
CA GLN O 199 9.52 -30.28 87.45
C GLN O 199 9.15 -29.41 88.66
N GLY O 200 7.97 -28.79 88.65
CA GLY O 200 7.51 -28.02 89.79
C GLY O 200 6.63 -28.84 90.71
N LEU O 201 6.75 -30.17 90.61
CA LEU O 201 5.96 -31.10 91.39
C LEU O 201 6.92 -32.05 92.10
N ARG O 202 6.97 -31.98 93.44
CA ARG O 202 7.90 -32.80 94.19
C ARG O 202 7.56 -34.28 94.06
N SER O 203 6.27 -34.63 94.11
CA SER O 203 5.84 -36.00 93.96
C SER O 203 4.96 -36.16 92.73
N PRO O 204 5.15 -37.22 91.94
CA PRO O 204 4.32 -37.43 90.75
C PRO O 204 2.85 -37.62 91.11
N VAL O 205 2.07 -36.54 91.03
CA VAL O 205 0.66 -36.58 91.41
C VAL O 205 -0.12 -37.42 90.41
N THR O 206 -0.94 -38.33 90.93
CA THR O 206 -1.79 -39.19 90.11
C THR O 206 -3.22 -39.11 90.63
N LYS O 207 -4.17 -38.98 89.70
CA LYS O 207 -5.59 -38.92 90.03
C LYS O 207 -6.31 -40.05 89.30
N SER O 208 -7.24 -40.71 90.00
CA SER O 208 -7.90 -41.90 89.47
C SER O 208 -9.40 -41.84 89.76
N PHE O 209 -10.11 -42.83 89.22
CA PHE O 209 -11.53 -43.00 89.46
C PHE O 209 -11.88 -44.46 89.17
N ASN O 210 -13.09 -44.84 89.54
CA ASN O 210 -13.59 -46.21 89.37
C ASN O 210 -14.83 -46.21 88.48
N ARG O 211 -15.48 -47.38 88.41
CA ARG O 211 -16.71 -47.61 87.65
C ARG O 211 -16.48 -47.50 86.15
N GLN P 1 -15.10 3.73 62.36
CA GLN P 1 -14.00 2.78 62.40
C GLN P 1 -14.17 1.69 61.35
N LEU P 2 -13.08 1.37 60.65
CA LEU P 2 -13.10 0.35 59.62
C LEU P 2 -13.12 -1.05 60.24
N GLN P 3 -13.88 -1.95 59.62
CA GLN P 3 -14.00 -3.32 60.09
C GLN P 3 -14.17 -4.23 58.88
N LEU P 4 -13.24 -5.15 58.68
CA LEU P 4 -13.30 -6.10 57.59
C LEU P 4 -13.76 -7.46 58.10
N GLN P 5 -14.54 -8.17 57.27
CA GLN P 5 -15.09 -9.46 57.64
C GLN P 5 -14.99 -10.39 56.44
N GLU P 6 -14.29 -11.51 56.61
CA GLU P 6 -14.18 -12.51 55.56
C GLU P 6 -15.42 -13.39 55.52
N SER P 7 -15.64 -14.01 54.37
CA SER P 7 -16.77 -14.93 54.19
C SER P 7 -16.39 -15.91 53.08
N GLY P 8 -15.75 -17.01 53.47
CA GLY P 8 -15.31 -18.01 52.53
C GLY P 8 -16.01 -19.34 52.73
N PRO P 9 -15.58 -20.35 51.98
CA PRO P 9 -16.22 -21.68 52.09
C PRO P 9 -15.68 -22.50 53.25
N GLY P 10 -14.40 -22.33 53.56
CA GLY P 10 -13.73 -23.08 54.62
C GLY P 10 -13.06 -24.35 54.14
N LEU P 11 -13.71 -25.10 53.25
CA LEU P 11 -13.17 -26.33 52.69
C LEU P 11 -13.31 -26.29 51.17
N VAL P 12 -12.20 -26.51 50.48
CA VAL P 12 -12.18 -26.61 49.02
C VAL P 12 -11.39 -27.85 48.64
N LYS P 13 -11.91 -28.61 47.68
CA LYS P 13 -11.29 -29.84 47.28
C LYS P 13 -10.03 -29.56 46.44
N PRO P 14 -9.10 -30.52 46.37
CA PRO P 14 -7.88 -30.29 45.58
C PRO P 14 -8.18 -30.07 44.11
N SER P 15 -7.29 -29.32 43.46
CA SER P 15 -7.37 -28.98 42.04
C SER P 15 -8.58 -28.10 41.74
N GLU P 16 -9.38 -27.80 42.76
CA GLU P 16 -10.54 -26.92 42.59
C GLU P 16 -10.11 -25.46 42.68
N THR P 17 -11.05 -24.58 42.97
CA THR P 17 -10.77 -23.15 43.12
C THR P 17 -11.32 -22.66 44.45
N LEU P 18 -10.60 -21.73 45.06
CA LEU P 18 -10.96 -21.13 46.34
C LEU P 18 -11.45 -19.70 46.10
N SER P 19 -12.55 -19.34 46.77
CA SER P 19 -13.14 -18.02 46.62
C SER P 19 -13.52 -17.48 47.98
N LEU P 20 -12.91 -16.36 48.37
CA LEU P 20 -13.21 -15.68 49.62
C LEU P 20 -13.64 -14.25 49.32
N THR P 21 -14.53 -13.72 50.16
CA THR P 21 -15.04 -12.36 50.01
C THR P 21 -14.86 -11.61 51.31
N CYS P 22 -14.30 -10.39 51.22
CA CYS P 22 -14.03 -9.55 52.39
C CYS P 22 -14.91 -8.31 52.27
N THR P 23 -15.86 -8.18 53.20
CA THR P 23 -16.81 -7.07 53.20
C THR P 23 -16.35 -6.00 54.17
N VAL P 24 -16.13 -4.79 53.67
CA VAL P 24 -15.71 -3.66 54.49
C VAL P 24 -16.95 -2.98 55.06
N SER P 25 -16.89 -2.60 56.34
CA SER P 25 -17.98 -1.95 57.03
C SER P 25 -17.46 -0.76 57.81
N GLY P 26 -18.30 0.26 57.95
CA GLY P 26 -17.89 1.49 58.59
C GLY P 26 -17.06 2.40 57.72
N GLY P 27 -17.07 2.20 56.41
CA GLY P 27 -16.29 3.00 55.50
C GLY P 27 -16.35 2.48 54.08
N SER P 28 -16.30 3.38 53.10
CA SER P 28 -16.44 2.99 51.71
C SER P 28 -15.16 2.37 51.17
N ILE P 29 -15.32 1.33 50.35
CA ILE P 29 -14.18 0.72 49.67
C ILE P 29 -13.62 1.65 48.60
N SER P 30 -14.41 2.63 48.16
CA SER P 30 -13.99 3.54 47.09
C SER P 30 -13.32 4.77 47.69
N SER P 31 -12.14 4.54 48.25
CA SER P 31 -11.35 5.58 48.88
C SER P 31 -10.04 5.77 48.12
N SER P 32 -9.60 7.02 48.03
CA SER P 32 -8.37 7.32 47.30
C SER P 32 -7.13 6.85 48.04
N SER P 33 -7.19 6.80 49.37
CA SER P 33 -6.01 6.54 50.19
C SER P 33 -5.90 5.09 50.65
N TYR P 34 -6.62 4.17 50.02
CA TYR P 34 -6.67 2.79 50.50
C TYR P 34 -6.45 1.79 49.37
N TYR P 35 -5.63 0.79 49.66
CA TYR P 35 -5.52 -0.43 48.88
C TYR P 35 -6.03 -1.60 49.71
N TRP P 36 -6.65 -2.56 49.05
CA TRP P 36 -7.27 -3.69 49.73
C TRP P 36 -6.58 -4.98 49.29
N GLY P 37 -6.02 -5.71 50.26
CA GLY P 37 -5.17 -6.84 49.95
C GLY P 37 -5.56 -8.08 50.72
N TRP P 38 -4.89 -9.19 50.37
CA TRP P 38 -5.09 -10.48 50.99
C TRP P 38 -3.75 -11.05 51.44
N ILE P 39 -3.71 -11.57 52.66
CA ILE P 39 -2.50 -12.19 53.21
C ILE P 39 -2.91 -13.52 53.85
N ARG P 40 -2.16 -14.57 53.55
CA ARG P 40 -2.42 -15.89 54.10
C ARG P 40 -1.30 -16.30 55.04
N GLN P 41 -1.66 -17.10 56.04
CA GLN P 41 -0.72 -17.60 57.04
C GLN P 41 -0.87 -19.11 57.17
N PRO P 42 0.07 -19.89 56.64
CA PRO P 42 -0.02 -21.35 56.77
C PRO P 42 0.10 -21.78 58.22
N PRO P 43 -0.28 -23.01 58.55
CA PRO P 43 -0.18 -23.48 59.95
C PRO P 43 1.26 -23.46 60.45
N GLY P 44 1.50 -22.68 61.50
CA GLY P 44 2.82 -22.60 62.08
C GLY P 44 3.85 -21.89 61.24
N LYS P 45 3.42 -21.11 60.25
CA LYS P 45 4.32 -20.35 59.37
C LYS P 45 4.02 -18.87 59.49
N GLY P 46 4.84 -18.07 58.80
CA GLY P 46 4.70 -16.63 58.82
C GLY P 46 3.62 -16.15 57.86
N LEU P 47 3.64 -14.85 57.62
CA LEU P 47 2.65 -14.20 56.76
C LEU P 47 3.15 -14.11 55.33
N GLU P 48 2.28 -14.42 54.38
CA GLU P 48 2.58 -14.33 52.96
C GLU P 48 1.53 -13.46 52.28
N TRP P 49 1.98 -12.34 51.72
CA TRP P 49 1.08 -11.40 51.04
C TRP P 49 0.71 -11.96 49.67
N ILE P 50 -0.59 -12.16 49.44
CA ILE P 50 -1.06 -12.71 48.17
C ILE P 50 -1.15 -11.62 47.12
N GLY P 51 -1.91 -10.57 47.39
CA GLY P 51 -2.06 -9.49 46.44
C GLY P 51 -2.77 -8.32 47.06
N SER P 52 -3.08 -7.33 46.21
CA SER P 52 -3.78 -6.14 46.63
C SER P 52 -4.37 -5.46 45.41
N VAL P 53 -5.52 -4.81 45.60
CA VAL P 53 -6.22 -4.14 44.51
C VAL P 53 -6.68 -2.76 44.96
N TYR P 54 -6.82 -1.87 44.00
CA TYR P 54 -7.35 -0.52 44.20
C TYR P 54 -8.81 -0.50 43.78
N TYR P 55 -9.56 0.47 44.33
CA TYR P 55 -11.01 0.49 44.08
C TYR P 55 -11.35 0.68 42.62
N SER P 56 -10.44 1.25 41.83
CA SER P 56 -10.68 1.36 40.40
C SER P 56 -10.53 0.02 39.70
N GLY P 57 -9.67 -0.86 40.21
CA GLY P 57 -9.48 -2.17 39.61
C GLY P 57 -8.02 -2.52 39.40
N GLY P 58 -7.12 -1.65 39.85
CA GLY P 58 -5.70 -1.89 39.71
C GLY P 58 -5.22 -3.05 40.55
N ALA P 59 -4.96 -4.19 39.91
CA ALA P 59 -4.56 -5.39 40.61
C ALA P 59 -3.04 -5.43 40.79
N SER P 60 -2.62 -6.20 41.79
CA SER P 60 -1.20 -6.41 42.08
C SER P 60 -1.08 -7.70 42.85
N TYR P 61 -0.11 -8.54 42.49
CA TYR P 61 0.00 -9.87 43.08
C TYR P 61 1.46 -10.20 43.38
N ASN P 62 1.63 -11.24 44.21
CA ASN P 62 2.93 -11.82 44.52
C ASN P 62 3.37 -12.70 43.35
N PRO P 63 4.66 -12.68 42.99
CA PRO P 63 5.10 -13.42 41.79
C PRO P 63 4.79 -14.90 41.81
N SER P 64 4.83 -15.55 42.98
CA SER P 64 4.55 -16.98 43.03
C SER P 64 3.08 -17.28 42.81
N LEU P 65 2.20 -16.43 43.33
CA LEU P 65 0.76 -16.64 43.23
C LEU P 65 0.12 -15.85 42.09
N LYS P 66 0.88 -15.00 41.40
CA LYS P 66 0.32 -14.22 40.30
C LYS P 66 -0.24 -15.12 39.19
N SER P 67 0.32 -16.32 39.04
CA SER P 67 -0.15 -17.23 38.01
C SER P 67 -1.52 -17.82 38.34
N ARG P 68 -1.95 -17.73 39.59
CA ARG P 68 -3.21 -18.35 40.03
C ARG P 68 -4.19 -17.35 40.64
N ALA P 69 -3.72 -16.44 41.48
CA ALA P 69 -4.61 -15.56 42.23
C ALA P 69 -5.14 -14.43 41.35
N THR P 70 -6.43 -14.14 41.51
CA THR P 70 -7.09 -13.04 40.81
C THR P 70 -8.03 -12.36 41.80
N ILE P 71 -7.69 -11.13 42.18
CA ILE P 71 -8.46 -10.37 43.18
C ILE P 71 -9.26 -9.30 42.46
N SER P 72 -10.57 -9.28 42.71
CA SER P 72 -11.47 -8.30 42.12
C SER P 72 -12.19 -7.52 43.21
N VAL P 73 -12.67 -6.34 42.85
CA VAL P 73 -13.36 -5.46 43.78
C VAL P 73 -14.78 -5.24 43.29
N ASP P 74 -15.70 -5.03 44.24
CA ASP P 74 -17.11 -4.79 43.96
C ASP P 74 -17.52 -3.54 44.71
N THR P 75 -17.58 -2.40 44.00
CA THR P 75 -17.90 -1.14 44.65
C THR P 75 -19.36 -1.08 45.07
N SER P 76 -20.27 -1.60 44.23
CA SER P 76 -21.69 -1.56 44.55
C SER P 76 -22.02 -2.39 45.77
N LYS P 77 -21.24 -3.44 46.04
CA LYS P 77 -21.45 -4.28 47.22
C LYS P 77 -20.48 -3.95 48.35
N ASN P 78 -19.52 -3.06 48.12
CA ASN P 78 -18.56 -2.62 49.14
C ASN P 78 -17.78 -3.80 49.71
N GLN P 79 -17.10 -4.50 48.79
CA GLN P 79 -16.33 -5.69 49.17
C GLN P 79 -15.32 -5.99 48.07
N PHE P 80 -14.33 -6.81 48.43
CA PHE P 80 -13.33 -7.27 47.48
C PHE P 80 -13.07 -8.76 47.73
N SER P 81 -12.89 -9.51 46.65
CA SER P 81 -12.84 -10.96 46.70
C SER P 81 -11.55 -11.50 46.11
N LEU P 82 -11.12 -12.65 46.63
CA LEU P 82 -9.93 -13.35 46.17
C LEU P 82 -10.33 -14.68 45.53
N ASN P 83 -9.70 -15.01 44.41
CA ASN P 83 -9.97 -16.26 43.69
C ASN P 83 -8.64 -16.95 43.41
N LEU P 84 -8.37 -18.02 44.15
CA LEU P 84 -7.11 -18.77 44.04
C LEU P 84 -7.42 -20.06 43.28
N ASP P 85 -7.14 -20.06 41.98
CA ASP P 85 -7.47 -21.20 41.13
C ASP P 85 -6.44 -22.31 41.28
N SER P 86 -6.87 -23.53 40.96
CA SER P 86 -6.04 -24.73 41.03
C SER P 86 -5.35 -24.85 42.39
N VAL P 87 -6.18 -24.87 43.43
CA VAL P 87 -5.66 -24.91 44.79
C VAL P 87 -5.05 -26.28 45.07
N SER P 88 -4.00 -26.29 45.88
CA SER P 88 -3.28 -27.49 46.25
C SER P 88 -3.25 -27.63 47.76
N ALA P 89 -2.67 -28.73 48.24
CA ALA P 89 -2.61 -28.98 49.67
C ALA P 89 -1.73 -27.96 50.38
N ALA P 90 -0.72 -27.43 49.69
CA ALA P 90 0.19 -26.47 50.30
C ALA P 90 -0.45 -25.11 50.54
N ASP P 91 -1.64 -24.87 50.02
CA ASP P 91 -2.34 -23.60 50.18
C ASP P 91 -3.28 -23.59 51.37
N THR P 92 -3.27 -24.64 52.20
CA THR P 92 -4.07 -24.67 53.41
C THR P 92 -3.52 -23.64 54.40
N ALA P 93 -4.30 -22.60 54.69
CA ALA P 93 -3.83 -21.50 55.52
C ALA P 93 -5.03 -20.75 56.08
N ILE P 94 -4.74 -19.71 56.85
CA ILE P 94 -5.74 -18.79 57.38
C ILE P 94 -5.59 -17.48 56.62
N TYR P 95 -6.58 -17.16 55.79
CA TYR P 95 -6.49 -16.03 54.88
C TYR P 95 -7.04 -14.77 55.54
N TYR P 96 -6.18 -13.77 55.72
CA TYR P 96 -6.56 -12.48 56.29
C TYR P 96 -6.70 -11.45 55.19
N CYS P 97 -7.79 -10.70 55.22
CA CYS P 97 -7.95 -9.53 54.36
C CYS P 97 -7.71 -8.27 55.18
N ALA P 98 -6.97 -7.33 54.60
CA ALA P 98 -6.53 -6.15 55.32
C ALA P 98 -6.72 -4.91 54.46
N SER P 99 -6.76 -3.77 55.13
CA SER P 99 -6.85 -2.47 54.48
C SER P 99 -5.50 -1.79 54.54
N ILE P 100 -4.93 -1.48 53.39
CA ILE P 100 -3.60 -0.89 53.28
C ILE P 100 -3.77 0.61 53.05
N TYR P 101 -3.45 1.41 54.06
CA TYR P 101 -3.52 2.86 53.92
C TYR P 101 -2.31 3.38 53.17
N GLY P 102 -2.56 4.28 52.22
CA GLY P 102 -1.49 4.87 51.44
C GLY P 102 -1.57 6.38 51.34
N SER P 103 -0.46 7.05 51.64
CA SER P 103 -0.36 8.49 51.52
C SER P 103 1.03 8.83 51.00
N GLY P 104 1.10 9.77 50.06
CA GLY P 104 2.38 10.14 49.49
C GLY P 104 2.34 11.29 48.53
N THR P 105 3.41 12.10 48.53
CA THR P 105 3.53 13.19 47.58
C THR P 105 4.04 12.70 46.23
N PHE P 106 5.08 11.86 46.24
CA PHE P 106 5.63 11.28 45.02
C PHE P 106 5.02 9.91 44.74
N TYR P 107 5.18 8.97 45.66
CA TYR P 107 4.45 7.71 45.63
C TYR P 107 3.93 7.40 47.02
N TYR P 108 2.89 6.57 47.07
CA TYR P 108 2.21 6.29 48.33
C TYR P 108 3.11 5.47 49.26
N TYR P 109 3.06 5.84 50.55
CA TYR P 109 3.72 5.09 51.61
C TYR P 109 2.66 4.27 52.33
N PHE P 110 2.87 2.96 52.42
CA PHE P 110 1.82 2.03 52.82
C PHE P 110 2.06 1.45 54.21
N TYR P 111 0.94 1.20 54.90
CA TYR P 111 0.93 0.40 56.12
C TYR P 111 -0.49 -0.15 56.30
N MET P 112 -0.59 -1.42 56.68
CA MET P 112 -1.87 -2.13 56.70
C MET P 112 -2.67 -1.72 57.92
N ASP P 113 -3.52 -0.70 57.74
CA ASP P 113 -4.30 -0.07 58.79
C ASP P 113 -5.12 -1.08 59.60
N VAL P 114 -6.16 -1.64 59.00
CA VAL P 114 -7.07 -2.55 59.69
C VAL P 114 -6.95 -3.93 59.06
N TRP P 115 -7.17 -4.96 59.87
CA TRP P 115 -7.11 -6.35 59.44
C TRP P 115 -8.44 -7.03 59.67
N GLY P 116 -8.62 -8.17 59.00
CA GLY P 116 -9.82 -8.97 59.13
C GLY P 116 -9.69 -10.00 60.24
N LYS P 117 -10.72 -10.85 60.34
CA LYS P 117 -10.72 -11.88 61.37
C LYS P 117 -9.92 -13.10 60.95
N GLY P 118 -10.03 -13.50 59.70
CA GLY P 118 -9.30 -14.66 59.19
C GLY P 118 -10.24 -15.81 58.92
N SER P 119 -9.97 -16.53 57.82
CA SER P 119 -10.77 -17.67 57.41
C SER P 119 -9.86 -18.89 57.32
N THR P 120 -10.18 -19.92 58.11
CA THR P 120 -9.40 -21.15 58.11
C THR P 120 -9.82 -22.01 56.93
N VAL P 121 -9.03 -21.98 55.86
CA VAL P 121 -9.31 -22.71 54.64
C VAL P 121 -8.52 -24.01 54.65
N THR P 122 -9.22 -25.13 54.48
CA THR P 122 -8.61 -26.46 54.47
C THR P 122 -8.80 -27.07 53.09
N VAL P 123 -7.69 -27.42 52.44
CA VAL P 123 -7.72 -28.01 51.10
C VAL P 123 -7.68 -29.52 51.27
N SER P 124 -8.82 -30.17 51.13
CA SER P 124 -8.91 -31.62 51.30
C SER P 124 -10.08 -32.16 50.50
N SER P 125 -9.93 -33.40 50.03
CA SER P 125 -11.01 -34.10 49.35
C SER P 125 -12.01 -34.72 50.32
N ALA P 126 -11.68 -34.77 51.60
CA ALA P 126 -12.58 -35.36 52.58
C ALA P 126 -13.82 -34.50 52.77
N SER P 127 -14.92 -35.15 53.17
CA SER P 127 -16.19 -34.46 53.31
C SER P 127 -16.30 -33.79 54.68
N THR P 128 -17.25 -32.87 54.78
CA THR P 128 -17.50 -32.15 56.02
C THR P 128 -18.24 -33.04 57.01
N LYS P 129 -17.92 -32.88 58.29
CA LYS P 129 -18.58 -33.63 59.35
C LYS P 129 -18.79 -32.72 60.56
N GLY P 130 -20.02 -32.70 61.07
CA GLY P 130 -20.35 -31.91 62.24
C GLY P 130 -19.84 -32.55 63.51
N PRO P 131 -19.71 -31.77 64.58
CA PRO P 131 -19.15 -32.27 65.83
C PRO P 131 -20.20 -32.88 66.75
N SER P 132 -19.70 -33.60 67.75
CA SER P 132 -20.52 -34.15 68.82
C SER P 132 -19.98 -33.64 70.15
N VAL P 133 -20.86 -33.02 70.95
CA VAL P 133 -20.47 -32.37 72.18
C VAL P 133 -20.85 -33.26 73.36
N PHE P 134 -19.89 -33.53 74.24
CA PHE P 134 -20.10 -34.33 75.44
C PHE P 134 -19.66 -33.55 76.66
N PRO P 135 -20.37 -33.67 77.78
CA PRO P 135 -20.02 -32.90 78.97
C PRO P 135 -18.92 -33.55 79.79
N LEU P 136 -18.14 -32.70 80.45
CA LEU P 136 -17.08 -33.16 81.33
C LEU P 136 -17.40 -32.85 82.79
N CYS P 152 -16.38 -29.27 78.15
CA CYS P 152 -17.07 -29.88 77.02
C CYS P 152 -16.09 -30.58 76.08
N LEU P 153 -16.50 -31.72 75.53
CA LEU P 153 -15.69 -32.53 74.64
C LEU P 153 -16.29 -32.46 73.23
N VAL P 154 -15.58 -31.82 72.31
CA VAL P 154 -16.05 -31.62 70.95
C VAL P 154 -15.31 -32.64 70.08
N LYS P 155 -15.92 -33.81 69.90
CA LYS P 155 -15.27 -34.94 69.25
C LYS P 155 -15.80 -35.13 67.84
N ASP P 156 -14.89 -35.52 66.94
CA ASP P 156 -15.22 -35.97 65.58
C ASP P 156 -15.90 -34.87 64.77
N TYR P 157 -15.07 -33.92 64.33
CA TYR P 157 -15.53 -32.87 63.42
C TYR P 157 -14.47 -32.59 62.38
N PHE P 158 -14.91 -32.10 61.23
CA PHE P 158 -14.01 -31.76 60.12
C PHE P 158 -14.71 -30.83 59.14
N PRO P 159 -14.03 -29.76 58.71
CA PRO P 159 -12.67 -29.39 59.15
C PRO P 159 -12.67 -28.36 60.27
N GLU P 160 -11.52 -27.74 60.50
CA GLU P 160 -11.41 -26.66 61.48
C GLU P 160 -12.04 -25.39 60.91
N PRO P 161 -12.43 -24.45 61.78
CA PRO P 161 -12.31 -24.44 63.24
C PRO P 161 -13.63 -24.65 63.99
N VAL P 162 -13.52 -24.68 65.31
CA VAL P 162 -14.67 -24.73 66.21
C VAL P 162 -14.46 -23.70 67.30
N THR P 163 -15.48 -22.86 67.53
CA THR P 163 -15.42 -21.81 68.54
C THR P 163 -16.38 -22.16 69.67
N VAL P 164 -15.83 -22.28 70.89
CA VAL P 164 -16.60 -22.66 72.07
C VAL P 164 -16.69 -21.46 72.99
N SER P 165 -17.90 -20.98 73.24
CA SER P 165 -18.16 -19.96 74.24
C SER P 165 -18.73 -20.61 75.50
N TRP P 166 -18.83 -19.80 76.56
CA TRP P 166 -19.31 -20.30 77.85
C TRP P 166 -20.34 -19.33 78.41
N ASN P 167 -21.52 -19.86 78.73
CA ASN P 167 -22.63 -19.08 79.29
C ASN P 167 -22.96 -17.89 78.38
N SER P 168 -22.96 -18.14 77.08
CA SER P 168 -23.28 -17.13 76.06
C SER P 168 -22.32 -15.95 76.13
N GLY P 169 -21.06 -16.22 76.43
CA GLY P 169 -20.03 -15.21 76.50
C GLY P 169 -19.86 -14.54 77.85
N ALA P 170 -20.75 -14.79 78.81
CA ALA P 170 -20.63 -14.17 80.12
C ALA P 170 -19.44 -14.74 80.89
N LEU P 171 -19.26 -16.06 80.84
CA LEU P 171 -18.14 -16.70 81.53
C LEU P 171 -16.90 -16.61 80.66
N THR P 172 -15.89 -15.88 81.14
CA THR P 172 -14.66 -15.68 80.39
C THR P 172 -13.41 -15.97 81.21
N SER P 173 -13.42 -15.64 82.50
CA SER P 173 -12.23 -15.83 83.33
C SER P 173 -12.00 -17.31 83.61
N GLY P 174 -10.74 -17.74 83.51
CA GLY P 174 -10.38 -19.10 83.79
C GLY P 174 -10.83 -20.12 82.76
N VAL P 175 -11.11 -19.68 81.53
CA VAL P 175 -11.54 -20.57 80.47
C VAL P 175 -10.35 -20.92 79.60
N HIS P 176 -10.13 -22.22 79.39
CA HIS P 176 -9.03 -22.71 78.56
C HIS P 176 -9.61 -23.60 77.46
N THR P 177 -9.53 -23.12 76.22
CA THR P 177 -9.99 -23.87 75.05
C THR P 177 -8.76 -24.47 74.38
N PHE P 178 -8.56 -25.77 74.55
CA PHE P 178 -7.36 -26.43 74.07
C PHE P 178 -7.37 -26.52 72.54
N PRO P 179 -6.19 -26.53 71.91
CA PRO P 179 -6.14 -26.70 70.46
C PRO P 179 -6.59 -28.09 70.04
N ALA P 180 -7.15 -28.16 68.85
CA ALA P 180 -7.65 -29.43 68.33
C ALA P 180 -6.51 -30.38 67.99
N VAL P 181 -6.80 -31.67 68.03
CA VAL P 181 -5.87 -32.72 67.66
C VAL P 181 -6.52 -33.62 66.64
N LEU P 182 -5.80 -33.95 65.58
CA LEU P 182 -6.33 -34.81 64.52
C LEU P 182 -6.16 -36.27 64.92
N GLN P 183 -7.28 -37.00 64.93
CA GLN P 183 -7.29 -38.40 65.30
C GLN P 183 -6.92 -39.28 64.11
N SER P 184 -6.74 -40.57 64.37
CA SER P 184 -6.42 -41.51 63.29
C SER P 184 -7.53 -41.60 62.26
N SER P 185 -8.77 -41.25 62.62
CA SER P 185 -9.90 -41.26 61.70
C SER P 185 -9.89 -40.10 60.72
N GLY P 186 -8.95 -39.16 60.86
CA GLY P 186 -8.92 -37.98 60.03
C GLY P 186 -9.78 -36.84 60.53
N LEU P 187 -10.40 -36.97 61.69
CA LEU P 187 -11.25 -35.95 62.27
C LEU P 187 -10.57 -35.31 63.46
N TYR P 188 -10.92 -34.05 63.72
CA TYR P 188 -10.35 -33.31 64.84
C TYR P 188 -11.16 -33.53 66.11
N SER P 189 -10.50 -33.31 67.25
CA SER P 189 -11.13 -33.42 68.55
C SER P 189 -10.62 -32.30 69.44
N LEU P 190 -11.54 -31.55 70.05
CA LEU P 190 -11.21 -30.37 70.82
C LEU P 190 -11.82 -30.48 72.21
N SER P 191 -11.20 -29.80 73.17
CA SER P 191 -11.67 -29.78 74.55
C SER P 191 -11.55 -28.37 75.11
N SER P 192 -12.58 -27.94 75.83
CA SER P 192 -12.62 -26.61 76.42
C SER P 192 -13.16 -26.71 77.83
N VAL P 193 -12.36 -26.31 78.81
CA VAL P 193 -12.71 -26.46 80.22
C VAL P 193 -12.67 -25.08 80.89
N VAL P 194 -13.20 -25.03 82.12
CA VAL P 194 -13.23 -23.80 82.90
C VAL P 194 -13.19 -24.18 84.37
N THR P 195 -12.42 -23.41 85.15
CA THR P 195 -12.28 -23.63 86.59
C THR P 195 -13.09 -22.59 87.35
N VAL P 196 -14.11 -23.04 88.05
CA VAL P 196 -14.99 -22.17 88.83
C VAL P 196 -14.98 -22.66 90.27
N PRO P 197 -15.30 -21.77 91.22
CA PRO P 197 -15.31 -22.20 92.62
C PRO P 197 -16.33 -23.29 92.88
N SER P 198 -16.01 -24.17 93.84
CA SER P 198 -16.87 -25.31 94.13
C SER P 198 -18.21 -24.89 94.73
N SER P 199 -18.28 -23.70 95.33
CA SER P 199 -19.52 -23.26 95.96
C SER P 199 -20.62 -22.95 94.94
N SER P 200 -20.25 -22.42 93.78
CA SER P 200 -21.20 -22.05 92.74
C SER P 200 -21.68 -23.23 91.91
N LEU P 201 -21.23 -24.44 92.21
CA LEU P 201 -21.61 -25.60 91.40
C LEU P 201 -23.12 -25.85 91.45
N GLY P 202 -23.70 -25.82 92.65
CA GLY P 202 -25.13 -26.07 92.77
C GLY P 202 -25.98 -24.91 92.30
N THR P 203 -25.59 -23.68 92.66
CA THR P 203 -26.37 -22.51 92.34
C THR P 203 -26.28 -22.14 90.86
N GLN P 204 -25.10 -21.72 90.41
CA GLN P 204 -24.95 -21.23 89.05
C GLN P 204 -25.00 -22.37 88.04
N THR P 205 -25.61 -22.10 86.89
CA THR P 205 -25.70 -23.04 85.79
C THR P 205 -24.64 -22.71 84.74
N TYR P 206 -24.12 -23.74 84.07
CA TYR P 206 -23.04 -23.59 83.11
C TYR P 206 -23.42 -24.27 81.80
N ILE P 207 -23.22 -23.54 80.70
CA ILE P 207 -23.47 -24.06 79.35
C ILE P 207 -22.32 -23.62 78.45
N CYS P 208 -21.90 -24.51 77.55
CA CYS P 208 -20.87 -24.20 76.57
C CYS P 208 -21.52 -24.04 75.20
N ASN P 209 -21.21 -22.94 74.52
CA ASN P 209 -21.80 -22.61 73.22
C ASN P 209 -20.81 -23.04 72.14
N VAL P 210 -20.91 -24.29 71.71
CA VAL P 210 -20.06 -24.82 70.66
C VAL P 210 -20.65 -24.43 69.31
N ASN P 211 -19.79 -23.96 68.40
CA ASN P 211 -20.21 -23.54 67.08
C ASN P 211 -19.21 -24.02 66.04
N HIS P 212 -19.73 -24.71 65.01
CA HIS P 212 -18.91 -25.25 63.92
C HIS P 212 -19.45 -24.65 62.62
N LYS P 213 -18.84 -23.55 62.19
CA LYS P 213 -19.31 -22.86 60.99
C LYS P 213 -19.19 -23.69 59.70
N PRO P 214 -18.11 -24.44 59.45
CA PRO P 214 -18.04 -25.20 58.19
C PRO P 214 -19.21 -26.16 57.99
N SER P 215 -19.79 -26.69 59.07
CA SER P 215 -20.95 -27.58 58.97
C SER P 215 -22.24 -26.89 59.38
N ASN P 216 -22.17 -25.62 59.81
CA ASN P 216 -23.34 -24.86 60.26
C ASN P 216 -24.04 -25.59 61.41
N THR P 217 -23.28 -25.88 62.46
CA THR P 217 -23.77 -26.59 63.63
C THR P 217 -23.56 -25.73 64.87
N LYS P 218 -24.61 -25.55 65.66
CA LYS P 218 -24.56 -24.78 66.89
C LYS P 218 -25.19 -25.61 68.01
N VAL P 219 -24.39 -25.98 69.01
CA VAL P 219 -24.83 -26.86 70.08
C VAL P 219 -24.61 -26.15 71.42
N ASP P 220 -25.64 -26.14 72.25
CA ASP P 220 -25.61 -25.53 73.58
C ASP P 220 -25.79 -26.66 74.60
N LYS P 221 -24.68 -27.25 75.02
CA LYS P 221 -24.70 -28.37 75.95
C LYS P 221 -24.65 -27.88 77.39
N LYS P 222 -25.49 -28.48 78.23
CA LYS P 222 -25.61 -28.13 79.64
C LYS P 222 -24.79 -29.12 80.46
N VAL P 223 -23.81 -28.60 81.21
CA VAL P 223 -22.90 -29.42 82.00
C VAL P 223 -23.41 -29.44 83.44
N GLU P 224 -23.71 -30.63 83.94
CA GLU P 224 -24.23 -30.81 85.30
C GLU P 224 -23.41 -31.84 86.05
N PRO P 225 -23.29 -31.70 87.37
CA PRO P 225 -22.48 -32.63 88.15
C PRO P 225 -23.15 -33.99 88.27
N LYS P 226 -22.35 -34.96 88.71
CA LYS P 226 -22.78 -36.35 88.89
C LYS P 226 -23.36 -36.95 87.62
#